data_9JAW
#
_entry.id   9JAW
#
_cell.length_a   83.330
_cell.length_b   203.530
_cell.length_c   254.940
_cell.angle_alpha   90.00
_cell.angle_beta   90.00
_cell.angle_gamma   90.00
#
_symmetry.space_group_name_H-M   'P 21 21 21'
#
loop_
_entity.id
_entity.type
_entity.pdbx_description
1 polymer 'NAD-dependent methanol dehydrogenase'
2 non-polymer 'MANGANESE (II) ION'
3 non-polymer 'SODIUM ION'
4 water water
#
_entity_poly.entity_id   1
_entity_poly.type   'polypeptide(L)'
_entity_poly.pdbx_seq_one_letter_code
;MTNTQSAFFMPSVNLFGAGSVNEVGTRLADLGVKKALLVTDAGLHGLGLSEKISSIIRAAGVEVSIFPKAEPNPTDKNVA
EGLEAYNAENCDSIVTLGGGSSHDAGKAIALVAANGGKIHDYEGVDVSKEPMVPLIAINTTAGTGSELTKFTIITDTERK
VKMAIVDKHVTPTLSINDPELMVGMPPSLTAATGLDALTHAIEAYVSTGATPITDALAIQAIKIISKYLPRAVANGKDIE
AREQMAFAQSLAGMAFNNAGLGYVHAIAHQLGGFYNFPHGVCNAVLLPYVCRFNLISKVERYAEIAAFLGENVDGLSTYD
AAEKAIKAIERMAKDLNIPKGFKELGAKEEDIETLAKNAMKDACALTNPRKPKLEEVIQIIKNAMLEHHHHHH
;
_entity_poly.pdbx_strand_id   A,B,C,D,E,F,G,H,I,J
#
loop_
_chem_comp.id
_chem_comp.type
_chem_comp.name
_chem_comp.formula
MN non-polymer 'MANGANESE (II) ION' 'Mn 2'
NA non-polymer 'SODIUM ION' 'Na 1'
#
# COMPACT_ATOMS: atom_id res chain seq x y z
N ASN A 3 -17.27 -24.95 37.28
CA ASN A 3 -17.68 -23.55 37.42
C ASN A 3 -16.66 -22.64 36.70
N THR A 4 -17.03 -21.38 36.46
CA THR A 4 -16.19 -20.34 35.90
C THR A 4 -15.42 -19.53 36.96
N GLN A 5 -15.20 -20.09 38.13
CA GLN A 5 -14.55 -19.37 39.21
C GLN A 5 -13.03 -19.45 39.08
N SER A 6 -12.35 -18.39 39.53
CA SER A 6 -10.89 -18.36 39.52
C SER A 6 -10.45 -17.50 40.68
N ALA A 7 -9.13 -17.46 40.87
CA ALA A 7 -8.53 -16.73 41.97
C ALA A 7 -7.15 -16.24 41.56
N PHE A 8 -6.73 -15.14 42.18
CA PHE A 8 -5.40 -14.58 41.97
C PHE A 8 -4.67 -14.56 43.32
N PHE A 9 -3.49 -15.16 43.36
CA PHE A 9 -2.70 -15.31 44.58
C PHE A 9 -1.40 -14.55 44.41
N MET A 10 -0.95 -13.92 45.48
CA MET A 10 0.29 -13.15 45.44
C MET A 10 0.71 -12.74 46.84
N PRO A 11 2.00 -12.54 47.12
CA PRO A 11 2.34 -11.94 48.42
C PRO A 11 1.73 -10.55 48.53
N SER A 12 1.35 -10.18 49.75
CA SER A 12 0.71 -8.87 49.96
C SER A 12 1.66 -7.71 49.67
N VAL A 13 2.96 -7.90 49.86
CA VAL A 13 3.94 -6.86 49.64
C VAL A 13 5.09 -7.42 48.82
N ASN A 14 5.39 -6.73 47.71
CA ASN A 14 6.41 -7.15 46.77
C ASN A 14 7.26 -5.95 46.45
N LEU A 15 8.52 -5.98 46.86
CA LEU A 15 9.43 -4.85 46.76
C LEU A 15 10.26 -5.00 45.49
N PHE A 16 10.47 -3.90 44.79
CA PHE A 16 11.24 -3.88 43.55
C PHE A 16 12.23 -2.74 43.62
N GLY A 17 13.26 -2.83 42.78
CA GLY A 17 14.12 -1.71 42.54
C GLY A 17 15.46 -1.84 43.24
N ALA A 18 16.43 -1.08 42.73
CA ALA A 18 17.79 -1.11 43.26
C ALA A 18 17.80 -0.71 44.73
N GLY A 19 18.33 -1.59 45.57
CA GLY A 19 18.45 -1.36 46.99
C GLY A 19 17.33 -1.90 47.84
N SER A 20 16.31 -2.53 47.23
CA SER A 20 15.14 -3.00 47.99
C SER A 20 15.54 -4.00 49.08
N VAL A 21 16.69 -4.67 48.91
CA VAL A 21 17.09 -5.69 49.85
C VAL A 21 17.39 -5.06 51.19
N ASN A 22 17.73 -3.77 51.22
CA ASN A 22 18.08 -3.11 52.47
C ASN A 22 16.86 -3.08 53.39
N GLU A 23 15.72 -3.60 52.95
CA GLU A 23 14.54 -3.55 53.79
C GLU A 23 14.27 -4.86 54.50
N VAL A 24 14.99 -5.92 54.12
CA VAL A 24 14.66 -7.26 54.60
C VAL A 24 14.63 -7.28 56.13
N GLY A 25 15.64 -6.68 56.76
CA GLY A 25 15.71 -6.72 58.21
C GLY A 25 14.49 -6.08 58.85
N THR A 26 14.17 -4.83 58.46
CA THR A 26 12.99 -4.22 59.09
C THR A 26 11.75 -5.04 58.82
N ARG A 27 11.59 -5.55 57.58
CA ARG A 27 10.36 -6.29 57.28
C ARG A 27 10.27 -7.53 58.14
N LEU A 28 11.39 -8.23 58.32
CA LEU A 28 11.37 -9.42 59.15
C LEU A 28 11.00 -9.05 60.58
N ALA A 29 11.53 -7.95 61.09
CA ALA A 29 11.20 -7.55 62.45
C ALA A 29 9.73 -7.19 62.57
N ASP A 30 9.14 -6.64 61.50
CA ASP A 30 7.72 -6.30 61.52
C ASP A 30 6.87 -7.55 61.68
N LEU A 31 7.34 -8.70 61.21
CA LEU A 31 6.57 -9.92 61.36
C LEU A 31 6.60 -10.45 62.78
N GLY A 32 7.51 -9.94 63.61
CA GLY A 32 7.65 -10.39 64.97
C GLY A 32 8.45 -11.65 65.15
N VAL A 33 9.26 -12.03 64.17
CA VAL A 33 10.05 -13.25 64.22
C VAL A 33 11.39 -12.94 64.86
N LYS A 34 12.08 -13.99 65.33
CA LYS A 34 13.30 -13.75 66.11
C LYS A 34 14.56 -14.37 65.52
N LYS A 35 14.45 -15.54 64.89
CA LYS A 35 15.60 -16.17 64.26
C LYS A 35 15.19 -16.78 62.93
N ALA A 36 15.95 -16.42 61.91
CA ALA A 36 15.65 -16.83 60.56
C ALA A 36 16.78 -17.72 60.03
N LEU A 37 16.37 -18.78 59.33
CA LEU A 37 17.29 -19.62 58.59
C LEU A 37 17.45 -18.99 57.21
N LEU A 38 18.67 -18.59 56.88
CA LEU A 38 18.98 -17.99 55.59
C LEU A 38 19.32 -19.13 54.63
N VAL A 39 18.39 -19.47 53.76
CA VAL A 39 18.57 -20.53 52.77
C VAL A 39 19.12 -19.92 51.50
N THR A 40 20.31 -20.34 51.10
CA THR A 40 20.94 -19.83 49.88
C THR A 40 21.74 -20.98 49.26
N ASP A 41 22.48 -20.69 48.19
CA ASP A 41 23.35 -21.68 47.56
C ASP A 41 24.82 -21.37 47.86
N ALA A 42 25.68 -22.34 47.52
CA ALA A 42 27.11 -22.25 47.86
C ALA A 42 27.82 -21.10 47.16
N GLY A 43 27.38 -20.72 45.96
CA GLY A 43 28.03 -19.63 45.25
C GLY A 43 27.83 -18.28 45.93
N LEU A 44 26.59 -17.95 46.29
CA LEU A 44 26.32 -16.66 46.91
C LEU A 44 26.92 -16.60 48.30
N HIS A 45 26.99 -17.75 48.97
CA HIS A 45 27.66 -17.80 50.25
C HIS A 45 29.16 -17.58 50.10
N GLY A 46 29.78 -18.19 49.08
CA GLY A 46 31.20 -17.99 48.84
C GLY A 46 31.58 -16.60 48.37
N LEU A 47 30.64 -15.85 47.79
CA LEU A 47 30.89 -14.48 47.37
C LEU A 47 30.72 -13.48 48.50
N GLY A 48 30.15 -13.88 49.64
CA GLY A 48 30.00 -13.02 50.78
C GLY A 48 28.66 -12.33 50.89
N LEU A 49 27.76 -12.55 49.91
CA LEU A 49 26.47 -11.88 49.91
C LEU A 49 25.64 -12.31 51.13
N SER A 50 25.78 -13.58 51.51
CA SER A 50 25.09 -14.11 52.68
C SER A 50 25.36 -13.22 53.88
N GLU A 51 26.62 -12.83 54.06
CA GLU A 51 26.99 -12.06 55.23
C GLU A 51 26.48 -10.62 55.16
N LYS A 52 26.48 -10.02 53.98
CA LYS A 52 25.93 -8.66 53.90
C LYS A 52 24.46 -8.67 54.33
N ILE A 53 23.67 -9.64 53.84
CA ILE A 53 22.26 -9.72 54.25
C ILE A 53 22.12 -10.12 55.72
N SER A 54 22.97 -11.02 56.21
CA SER A 54 22.87 -11.39 57.62
C SER A 54 23.11 -10.18 58.52
N SER A 55 24.05 -9.31 58.15
CA SER A 55 24.26 -8.08 58.92
C SER A 55 23.02 -7.20 58.88
N ILE A 56 22.45 -7.01 57.69
CA ILE A 56 21.24 -6.20 57.58
C ILE A 56 20.13 -6.76 58.46
N ILE A 57 19.99 -8.09 58.51
CA ILE A 57 18.94 -8.70 59.33
C ILE A 57 19.27 -8.54 60.81
N ARG A 58 20.53 -8.82 61.18
CA ARG A 58 20.91 -8.79 62.58
C ARG A 58 20.80 -7.39 63.17
N ALA A 59 21.04 -6.35 62.37
CA ALA A 59 20.91 -4.97 62.86
C ALA A 59 19.47 -4.56 63.12
N ALA A 60 18.52 -5.46 62.91
CA ALA A 60 17.13 -5.16 63.14
C ALA A 60 16.57 -6.04 64.25
N GLY A 61 17.43 -6.76 64.95
CA GLY A 61 17.01 -7.56 66.07
C GLY A 61 16.62 -8.97 65.74
N VAL A 62 16.90 -9.45 64.53
CA VAL A 62 16.59 -10.82 64.17
C VAL A 62 17.91 -11.56 63.98
N GLU A 63 17.98 -12.78 64.49
CA GLU A 63 19.16 -13.61 64.35
C GLU A 63 19.12 -14.39 63.04
N VAL A 64 20.30 -14.80 62.60
CA VAL A 64 20.46 -15.46 61.31
C VAL A 64 21.31 -16.70 61.47
N SER A 65 20.86 -17.80 60.88
CA SER A 65 21.67 -19.00 60.74
C SER A 65 21.70 -19.36 59.26
N ILE A 66 22.88 -19.35 58.65
CA ILE A 66 23.00 -19.55 57.21
C ILE A 66 23.01 -21.03 56.90
N PHE A 67 22.15 -21.43 55.95
CA PHE A 67 22.08 -22.77 55.38
C PHE A 67 22.39 -22.63 53.90
N PRO A 68 23.64 -22.64 53.52
CA PRO A 68 24.02 -22.38 52.13
C PRO A 68 24.08 -23.67 51.32
N LYS A 69 23.10 -24.57 51.54
CA LYS A 69 23.19 -25.91 50.98
C LYS A 69 22.12 -26.20 49.92
N ALA A 70 21.46 -25.17 49.36
CA ALA A 70 20.56 -25.41 48.24
C ALA A 70 21.33 -25.65 46.95
N GLU A 71 20.99 -26.72 46.28
CA GLU A 71 21.74 -27.06 45.08
C GLU A 71 20.90 -26.71 43.87
N PRO A 72 21.47 -26.33 42.72
CA PRO A 72 20.65 -26.21 41.51
C PRO A 72 19.86 -27.49 41.31
N ASN A 73 18.52 -27.37 41.14
CA ASN A 73 17.57 -28.50 41.25
C ASN A 73 17.60 -29.03 42.68
N PRO A 74 16.98 -28.31 43.62
CA PRO A 74 17.04 -28.72 45.02
C PRO A 74 16.42 -30.09 45.23
N THR A 75 16.95 -30.83 46.18
CA THR A 75 16.61 -32.23 46.39
C THR A 75 15.86 -32.42 47.70
N ASP A 76 15.22 -33.60 47.82
CA ASP A 76 14.57 -33.97 49.08
C ASP A 76 15.58 -34.05 50.21
N LYS A 77 16.82 -34.47 49.92
CA LYS A 77 17.83 -34.50 50.97
C LYS A 77 18.18 -33.07 51.42
N ASN A 78 18.26 -32.13 50.47
CA ASN A 78 18.47 -30.73 50.84
C ASN A 78 17.40 -30.26 51.81
N VAL A 79 16.14 -30.65 51.57
CA VAL A 79 15.05 -30.19 52.40
C VAL A 79 15.14 -30.82 53.79
N ALA A 80 15.42 -32.13 53.84
CA ALA A 80 15.55 -32.81 55.14
C ALA A 80 16.69 -32.19 55.96
N GLU A 81 17.85 -31.97 55.32
CA GLU A 81 18.96 -31.31 55.99
C GLU A 81 18.58 -29.94 56.48
N GLY A 82 17.83 -29.20 55.67
CA GLY A 82 17.44 -27.86 56.04
C GLY A 82 16.50 -27.84 57.22
N LEU A 83 15.56 -28.77 57.26
CA LEU A 83 14.67 -28.87 58.41
C LEU A 83 15.44 -29.21 59.68
N GLU A 84 16.43 -30.10 59.57
CA GLU A 84 17.28 -30.40 60.74
C GLU A 84 17.96 -29.13 61.22
N ALA A 85 18.49 -28.34 60.29
CA ALA A 85 19.13 -27.08 60.65
C ALA A 85 18.14 -26.09 61.27
N TYR A 86 16.96 -25.97 60.66
CA TYR A 86 15.90 -25.08 61.14
C TYR A 86 15.62 -25.37 62.60
N ASN A 87 15.55 -26.65 62.97
CA ASN A 87 15.25 -27.03 64.34
C ASN A 87 16.47 -26.88 65.26
N ALA A 88 17.65 -27.26 64.79
CA ALA A 88 18.84 -27.19 65.63
C ALA A 88 19.20 -25.77 66.03
N GLU A 89 19.00 -24.80 65.14
CA GLU A 89 19.31 -23.40 65.42
C GLU A 89 18.12 -22.65 66.00
N ASN A 90 17.06 -23.35 66.39
CA ASN A 90 15.89 -22.74 67.01
C ASN A 90 15.38 -21.57 66.19
N CYS A 91 15.07 -21.86 64.93
CA CYS A 91 14.58 -20.84 64.02
C CYS A 91 13.07 -20.78 64.03
N ASP A 92 12.54 -19.57 63.82
CA ASP A 92 11.10 -19.40 63.69
C ASP A 92 10.72 -18.82 62.33
N SER A 93 11.69 -18.53 61.46
CA SER A 93 11.37 -17.96 60.15
C SER A 93 12.43 -18.38 59.13
N ILE A 94 12.14 -18.09 57.87
CA ILE A 94 13.06 -18.40 56.77
C ILE A 94 13.20 -17.20 55.86
N VAL A 95 14.44 -16.93 55.43
CA VAL A 95 14.75 -15.98 54.37
C VAL A 95 15.47 -16.74 53.28
N THR A 96 14.92 -16.73 52.08
CA THR A 96 15.55 -17.35 50.91
C THR A 96 16.31 -16.28 50.14
N LEU A 97 17.54 -16.58 49.75
CA LEU A 97 18.39 -15.66 49.01
C LEU A 97 18.96 -16.38 47.80
N GLY A 98 18.55 -15.94 46.61
CA GLY A 98 19.09 -16.56 45.42
C GLY A 98 18.08 -16.75 44.32
N GLY A 99 18.24 -17.84 43.57
CA GLY A 99 17.36 -18.18 42.49
C GLY A 99 16.31 -19.15 42.94
N GLY A 100 15.70 -19.82 41.96
CA GLY A 100 14.58 -20.70 42.26
C GLY A 100 14.94 -21.84 43.18
N SER A 101 16.19 -22.32 43.12
CA SER A 101 16.59 -23.40 44.02
C SER A 101 16.53 -22.96 45.48
N SER A 102 16.95 -21.72 45.77
CA SER A 102 16.88 -21.24 47.14
C SER A 102 15.44 -20.98 47.56
N HIS A 103 14.64 -20.37 46.68
CA HIS A 103 13.25 -20.09 47.01
C HIS A 103 12.49 -21.39 47.27
N ASP A 104 12.66 -22.38 46.40
CA ASP A 104 11.92 -23.64 46.53
C ASP A 104 12.44 -24.47 47.70
N ALA A 105 13.76 -24.50 47.93
CA ALA A 105 14.27 -25.19 49.12
C ALA A 105 13.68 -24.58 50.39
N GLY A 106 13.74 -23.24 50.50
CA GLY A 106 13.20 -22.60 51.68
C GLY A 106 11.71 -22.82 51.85
N LYS A 107 10.93 -22.71 50.75
CA LYS A 107 9.49 -22.95 50.81
C LYS A 107 9.18 -24.34 51.32
N ALA A 108 9.92 -25.34 50.82
CA ALA A 108 9.70 -26.72 51.23
C ALA A 108 10.04 -26.90 52.71
N ILE A 109 11.19 -26.36 53.14
CA ILE A 109 11.55 -26.42 54.55
C ILE A 109 10.48 -25.79 55.41
N ALA A 110 9.97 -24.63 54.99
CA ALA A 110 8.96 -23.94 55.80
C ALA A 110 7.66 -24.74 55.86
N LEU A 111 7.26 -25.35 54.74
CA LEU A 111 6.04 -26.12 54.73
C LEU A 111 6.16 -27.35 55.63
N VAL A 112 7.26 -28.09 55.52
CA VAL A 112 7.41 -29.24 56.40
C VAL A 112 7.56 -28.82 57.87
N ALA A 113 8.22 -27.69 58.13
CA ALA A 113 8.34 -27.22 59.51
C ALA A 113 7.00 -26.79 60.09
N ALA A 114 5.99 -26.56 59.26
CA ALA A 114 4.69 -26.18 59.82
C ALA A 114 3.66 -27.28 59.73
N ASN A 115 3.89 -28.29 58.90
CA ASN A 115 2.92 -29.35 58.67
C ASN A 115 3.40 -30.73 59.08
N GLY A 116 4.69 -30.94 59.27
CA GLY A 116 5.21 -32.23 59.64
C GLY A 116 5.34 -33.13 58.42
N GLY A 117 5.74 -34.36 58.68
CA GLY A 117 5.89 -35.34 57.62
C GLY A 117 7.13 -35.13 56.78
N LYS A 118 7.02 -35.34 55.48
CA LYS A 118 8.14 -35.17 54.59
C LYS A 118 7.65 -34.49 53.32
N ILE A 119 8.58 -33.82 52.63
CA ILE A 119 8.21 -33.01 51.47
C ILE A 119 7.42 -33.80 50.44
N HIS A 120 7.69 -35.11 50.34
CA HIS A 120 7.04 -35.93 49.34
C HIS A 120 5.54 -35.99 49.53
N ASP A 121 5.06 -35.73 50.74
CA ASP A 121 3.65 -35.84 51.04
C ASP A 121 2.83 -34.74 50.40
N TYR A 122 3.49 -33.69 49.89
CA TYR A 122 2.77 -32.54 49.36
C TYR A 122 2.88 -32.42 47.85
N GLU A 123 3.40 -33.43 47.16
CA GLU A 123 3.37 -33.40 45.71
C GLU A 123 1.92 -33.39 45.27
N GLY A 124 1.58 -32.42 44.43
CA GLY A 124 0.21 -32.25 43.97
C GLY A 124 -0.31 -30.85 44.14
N VAL A 125 -1.61 -30.71 44.38
CA VAL A 125 -2.27 -29.40 44.42
C VAL A 125 -2.95 -29.24 45.77
N ASP A 126 -2.53 -28.21 46.52
CA ASP A 126 -3.15 -27.83 47.79
C ASP A 126 -3.29 -29.04 48.71
N VAL A 127 -2.17 -29.75 48.88
CA VAL A 127 -2.23 -30.97 49.69
C VAL A 127 -2.00 -30.70 51.17
N SER A 128 -1.41 -29.56 51.54
CA SER A 128 -1.06 -29.33 52.93
C SER A 128 -2.22 -28.69 53.68
N LYS A 129 -2.13 -28.70 55.01
CA LYS A 129 -3.21 -28.20 55.84
C LYS A 129 -2.92 -26.88 56.51
N GLU A 130 -1.67 -26.62 56.84
CA GLU A 130 -1.32 -25.40 57.50
C GLU A 130 -0.47 -24.49 56.61
N PRO A 131 -0.57 -23.17 56.76
CA PRO A 131 0.36 -22.28 56.03
C PRO A 131 1.78 -22.50 56.52
N MET A 132 2.74 -22.23 55.64
CA MET A 132 4.13 -22.43 56.01
C MET A 132 4.60 -21.35 56.98
N VAL A 133 5.75 -21.57 57.59
CA VAL A 133 6.27 -20.64 58.59
C VAL A 133 6.64 -19.36 57.84
N PRO A 134 6.69 -18.19 58.50
CA PRO A 134 7.04 -16.95 57.80
C PRO A 134 8.30 -17.09 56.96
N LEU A 135 8.23 -16.60 55.73
CA LEU A 135 9.32 -16.69 54.77
C LEU A 135 9.36 -15.43 53.93
N ILE A 136 10.55 -14.84 53.83
CA ILE A 136 10.79 -13.69 52.95
C ILE A 136 11.76 -14.11 51.85
N ALA A 137 11.40 -13.84 50.61
CA ALA A 137 12.18 -14.29 49.47
C ALA A 137 12.91 -13.15 48.79
N ILE A 138 14.23 -13.23 48.70
CA ILE A 138 15.08 -12.26 48.01
C ILE A 138 15.58 -12.92 46.73
N ASN A 139 15.15 -12.37 45.59
CA ASN A 139 15.41 -12.97 44.29
C ASN A 139 16.67 -12.36 43.66
N THR A 140 17.57 -13.22 43.16
CA THR A 140 18.79 -12.76 42.52
C THR A 140 18.96 -13.27 41.11
N THR A 141 18.01 -14.02 40.57
CA THR A 141 18.05 -14.44 39.18
C THR A 141 16.86 -13.86 38.42
N ALA A 142 17.01 -13.72 37.10
CA ALA A 142 15.91 -13.12 36.37
C ALA A 142 15.16 -14.19 35.59
N GLY A 143 14.61 -15.13 36.34
CA GLY A 143 13.75 -16.20 35.91
C GLY A 143 13.04 -16.69 37.14
N THR A 144 12.35 -17.80 36.99
CA THR A 144 11.46 -18.40 37.97
C THR A 144 10.34 -17.58 38.59
N GLY A 145 10.59 -16.42 39.19
CA GLY A 145 9.45 -15.79 39.85
C GLY A 145 9.01 -16.43 41.16
N SER A 146 9.79 -17.37 41.71
CA SER A 146 9.36 -18.14 42.88
C SER A 146 9.11 -17.29 44.12
N GLU A 147 9.72 -16.12 44.21
CA GLU A 147 9.47 -15.20 45.32
C GLU A 147 8.01 -14.78 45.39
N LEU A 148 7.18 -15.08 44.36
CA LEU A 148 5.80 -14.63 44.27
C LEU A 148 4.80 -15.77 44.05
N THR A 149 5.26 -17.01 43.92
CA THR A 149 4.41 -18.11 43.47
C THR A 149 4.07 -19.07 44.60
N LYS A 150 3.05 -19.90 44.33
CA LYS A 150 2.67 -20.98 45.21
C LYS A 150 3.23 -22.33 44.72
N PHE A 151 4.40 -22.31 44.06
CA PHE A 151 5.05 -23.51 43.51
C PHE A 151 6.38 -23.76 44.20
N THR A 152 6.62 -25.03 44.52
CA THR A 152 7.96 -25.44 44.89
C THR A 152 8.28 -26.77 44.21
N ILE A 153 9.39 -26.79 43.48
CA ILE A 153 9.83 -27.95 42.68
C ILE A 153 10.99 -28.57 43.44
N ILE A 154 10.75 -29.71 44.09
CA ILE A 154 11.76 -30.41 44.87
C ILE A 154 12.03 -31.77 44.26
N THR A 155 13.29 -32.18 44.21
CA THR A 155 13.67 -33.41 43.51
C THR A 155 13.57 -34.59 44.47
N ASP A 156 12.76 -35.58 44.11
CA ASP A 156 12.76 -36.93 44.68
C ASP A 156 13.95 -37.67 44.07
N THR A 157 15.03 -37.88 44.86
CA THR A 157 16.24 -38.46 44.30
C THR A 157 16.00 -39.91 43.90
N GLU A 158 15.12 -40.60 44.63
CA GLU A 158 14.90 -42.02 44.41
C GLU A 158 14.07 -42.28 43.16
N ARG A 159 12.87 -41.68 43.07
CA ARG A 159 12.09 -41.76 41.85
C ARG A 159 12.71 -40.99 40.70
N LYS A 160 13.73 -40.16 41.01
CA LYS A 160 14.39 -39.32 40.01
C LYS A 160 13.38 -38.39 39.33
N VAL A 161 12.54 -37.75 40.13
CA VAL A 161 11.47 -36.91 39.63
C VAL A 161 11.51 -35.56 40.35
N LYS A 162 11.55 -34.47 39.59
CA LYS A 162 11.38 -33.13 40.20
C LYS A 162 9.90 -32.96 40.50
N MET A 163 9.50 -33.17 41.77
CA MET A 163 8.10 -33.06 42.15
C MET A 163 7.66 -31.60 42.23
N ALA A 164 6.43 -31.38 41.77
CA ALA A 164 5.78 -30.08 41.74
C ALA A 164 4.74 -30.03 42.86
N ILE A 165 5.04 -29.25 43.90
CA ILE A 165 4.12 -28.96 44.99
C ILE A 165 3.48 -27.62 44.69
N VAL A 166 2.20 -27.63 44.34
CA VAL A 166 1.43 -26.43 44.02
C VAL A 166 0.49 -26.21 45.18
N ASP A 167 0.86 -25.31 46.09
CA ASP A 167 0.10 -25.15 47.33
C ASP A 167 -0.05 -23.67 47.64
N LYS A 168 -1.29 -23.24 47.88
CA LYS A 168 -1.51 -21.85 48.28
C LYS A 168 -0.75 -21.51 49.57
N HIS A 169 -0.33 -22.51 50.35
CA HIS A 169 0.32 -22.32 51.63
C HIS A 169 1.81 -22.04 51.51
N VAL A 170 2.38 -22.09 50.31
CA VAL A 170 3.78 -21.77 50.14
C VAL A 170 3.98 -20.42 49.43
N THR A 171 2.94 -19.62 49.33
CA THR A 171 3.10 -18.26 48.83
C THR A 171 3.94 -17.50 49.86
N PRO A 172 5.11 -16.94 49.49
CA PRO A 172 5.94 -16.25 50.48
C PRO A 172 5.16 -15.13 51.16
N THR A 173 5.63 -14.76 52.34
CA THR A 173 5.01 -13.66 53.07
C THR A 173 5.29 -12.33 52.39
N LEU A 174 6.53 -12.13 51.95
CA LEU A 174 6.95 -10.90 51.30
C LEU A 174 8.02 -11.24 50.28
N SER A 175 8.07 -10.44 49.22
CA SER A 175 9.04 -10.69 48.17
C SER A 175 9.90 -9.46 47.95
N ILE A 176 11.15 -9.71 47.56
CA ILE A 176 12.14 -8.68 47.25
C ILE A 176 12.80 -9.01 45.91
N ASN A 177 12.77 -8.06 44.99
CA ASN A 177 13.35 -8.17 43.66
C ASN A 177 14.37 -7.06 43.45
N ASP A 178 15.59 -7.24 43.98
CA ASP A 178 16.61 -6.20 43.87
C ASP A 178 17.48 -6.47 42.66
N PRO A 179 17.41 -5.63 41.62
CA PRO A 179 18.22 -5.90 40.42
C PRO A 179 19.71 -5.76 40.65
N GLU A 180 20.16 -5.05 41.69
CA GLU A 180 21.59 -4.96 41.93
C GLU A 180 22.19 -6.31 42.29
N LEU A 181 21.38 -7.22 42.80
CA LEU A 181 21.84 -8.55 43.15
C LEU A 181 21.90 -9.46 41.94
N MET A 182 21.46 -8.97 40.77
CA MET A 182 21.42 -9.81 39.57
C MET A 182 22.54 -9.48 38.60
N VAL A 183 23.32 -8.43 38.86
CA VAL A 183 24.42 -8.03 37.99
C VAL A 183 25.43 -9.15 37.86
N GLY A 184 25.56 -9.97 38.89
CA GLY A 184 26.60 -10.98 38.85
C GLY A 184 26.30 -12.24 38.08
N MET A 185 25.10 -12.41 37.55
CA MET A 185 24.79 -13.60 36.76
C MET A 185 25.69 -13.74 35.53
N PRO A 186 26.44 -14.84 35.40
CA PRO A 186 27.21 -15.06 34.18
C PRO A 186 26.29 -15.25 33.00
N PRO A 187 26.79 -15.06 31.77
CA PRO A 187 25.89 -15.10 30.61
C PRO A 187 25.03 -16.36 30.52
N SER A 188 25.59 -17.55 30.78
CA SER A 188 24.79 -18.78 30.69
C SER A 188 23.65 -18.81 31.70
N LEU A 189 23.90 -18.36 32.93
CA LEU A 189 22.83 -18.34 33.93
C LEU A 189 21.76 -17.33 33.56
N THR A 190 22.18 -16.16 33.08
CA THR A 190 21.26 -15.14 32.58
C THR A 190 20.38 -15.71 31.47
N ALA A 191 20.99 -16.41 30.51
CA ALA A 191 20.25 -16.96 29.38
C ALA A 191 19.27 -18.03 29.83
N ALA A 192 19.70 -18.95 30.69
CA ALA A 192 18.83 -20.04 31.09
C ALA A 192 17.66 -19.54 31.92
N THR A 193 17.94 -18.65 32.90
CA THR A 193 16.86 -18.10 33.71
C THR A 193 15.90 -17.22 32.89
N GLY A 194 16.43 -16.42 31.96
CA GLY A 194 15.57 -15.61 31.11
C GLY A 194 14.67 -16.46 30.22
N LEU A 195 15.20 -17.58 29.71
CA LEU A 195 14.35 -18.44 28.88
C LEU A 195 13.39 -19.24 29.73
N ASP A 196 13.69 -19.46 31.00
CA ASP A 196 12.67 -20.04 31.87
C ASP A 196 11.53 -19.05 32.08
N ALA A 197 11.84 -17.75 32.18
CA ALA A 197 10.80 -16.75 32.29
C ALA A 197 9.97 -16.63 31.02
N LEU A 198 10.63 -16.71 29.85
CA LEU A 198 9.89 -16.71 28.59
C LEU A 198 8.96 -17.92 28.49
N THR A 199 9.43 -19.08 28.95
CA THR A 199 8.60 -20.26 28.99
C THR A 199 7.42 -20.08 29.92
N HIS A 200 7.64 -19.46 31.08
CA HIS A 200 6.55 -19.19 31.99
C HIS A 200 5.48 -18.34 31.33
N ALA A 201 5.89 -17.27 30.63
CA ALA A 201 4.90 -16.38 30.03
C ALA A 201 4.14 -17.06 28.91
N ILE A 202 4.85 -17.83 28.06
CA ILE A 202 4.19 -18.48 26.92
C ILE A 202 3.24 -19.57 27.41
N GLU A 203 3.69 -20.41 28.34
CA GLU A 203 2.79 -21.45 28.82
C GLU A 203 1.60 -20.87 29.56
N ALA A 204 1.80 -19.74 30.27
CA ALA A 204 0.66 -19.07 30.90
C ALA A 204 -0.29 -18.49 29.87
N TYR A 205 0.26 -17.97 28.77
CA TYR A 205 -0.58 -17.37 27.75
C TYR A 205 -1.43 -18.40 27.04
N VAL A 206 -0.90 -19.62 26.82
CA VAL A 206 -1.70 -20.61 26.11
C VAL A 206 -2.38 -21.58 27.06
N SER A 207 -2.26 -21.38 28.38
CA SER A 207 -2.84 -22.30 29.34
C SER A 207 -4.36 -22.27 29.33
N THR A 208 -4.97 -23.41 29.64
CA THR A 208 -6.41 -23.45 29.78
C THR A 208 -6.88 -22.71 31.01
N GLY A 209 -5.99 -22.33 31.91
CA GLY A 209 -6.44 -21.62 33.08
C GLY A 209 -6.19 -20.14 32.95
N ALA A 210 -5.95 -19.67 31.71
CA ALA A 210 -5.72 -18.26 31.49
C ALA A 210 -6.98 -17.45 31.77
N THR A 211 -6.77 -16.23 32.24
CA THR A 211 -7.75 -15.19 32.52
C THR A 211 -7.23 -13.92 31.88
N PRO A 212 -8.09 -12.90 31.71
CA PRO A 212 -7.61 -11.58 31.22
C PRO A 212 -6.48 -10.97 32.06
N ILE A 213 -6.44 -11.23 33.37
CA ILE A 213 -5.35 -10.68 34.19
C ILE A 213 -4.03 -11.38 33.87
N THR A 214 -4.04 -12.70 33.91
CA THR A 214 -2.84 -13.45 33.53
C THR A 214 -2.42 -13.13 32.10
N ASP A 215 -3.39 -12.96 31.20
CA ASP A 215 -3.06 -12.59 29.83
C ASP A 215 -2.27 -11.28 29.80
N ALA A 216 -2.76 -10.26 30.52
CA ALA A 216 -2.08 -8.98 30.55
C ALA A 216 -0.62 -9.15 30.98
N LEU A 217 -0.41 -9.89 32.08
CA LEU A 217 0.95 -10.02 32.58
C LEU A 217 1.85 -10.79 31.61
N ALA A 218 1.33 -11.88 31.04
CA ALA A 218 2.15 -12.69 30.15
C ALA A 218 2.54 -11.92 28.89
N ILE A 219 1.60 -11.14 28.33
CA ILE A 219 1.91 -10.38 27.13
C ILE A 219 3.05 -9.42 27.40
N GLN A 220 2.97 -8.67 28.51
CA GLN A 220 4.05 -7.73 28.81
C GLN A 220 5.39 -8.46 28.99
N ALA A 221 5.39 -9.59 29.68
CA ALA A 221 6.65 -10.31 29.89
C ALA A 221 7.28 -10.73 28.56
N ILE A 222 6.46 -11.26 27.63
CA ILE A 222 7.03 -11.68 26.35
C ILE A 222 7.63 -10.49 25.63
N LYS A 223 6.93 -9.34 25.61
CA LYS A 223 7.48 -8.19 24.89
C LYS A 223 8.79 -7.72 25.52
N ILE A 224 8.87 -7.73 26.85
CA ILE A 224 10.07 -7.22 27.50
C ILE A 224 11.23 -8.19 27.32
N ILE A 225 10.96 -9.49 27.46
CA ILE A 225 12.03 -10.47 27.31
C ILE A 225 12.57 -10.40 25.90
N SER A 226 11.66 -10.32 24.91
CA SER A 226 12.07 -10.26 23.51
C SER A 226 13.00 -9.07 23.27
N LYS A 227 12.83 -8.00 24.05
CA LYS A 227 13.71 -6.85 23.82
C LYS A 227 14.99 -6.89 24.64
N TYR A 228 14.91 -7.33 25.88
CA TYR A 228 16.03 -7.15 26.80
C TYR A 228 16.81 -8.41 27.17
N LEU A 229 16.26 -9.61 27.02
CA LEU A 229 17.04 -10.78 27.38
C LEU A 229 18.32 -10.88 26.56
N PRO A 230 18.32 -10.69 25.24
CA PRO A 230 19.60 -10.74 24.52
C PRO A 230 20.59 -9.70 24.98
N ARG A 231 20.11 -8.53 25.44
CA ARG A 231 21.06 -7.53 25.89
C ARG A 231 21.67 -7.90 27.24
N ALA A 232 20.88 -8.53 28.11
CA ALA A 232 21.40 -8.92 29.41
C ALA A 232 22.38 -10.07 29.27
N VAL A 233 22.15 -10.95 28.29
CA VAL A 233 23.11 -12.01 28.07
C VAL A 233 24.38 -11.45 27.44
N ALA A 234 24.25 -10.44 26.59
CA ALA A 234 25.41 -9.89 25.91
C ALA A 234 26.30 -9.06 26.83
N ASN A 235 25.71 -8.36 27.80
CA ASN A 235 26.47 -7.55 28.75
C ASN A 235 25.71 -7.54 30.07
N GLY A 236 26.22 -8.30 31.06
CA GLY A 236 25.55 -8.39 32.33
C GLY A 236 25.59 -7.14 33.17
N LYS A 237 26.36 -6.14 32.75
CA LYS A 237 26.42 -4.86 33.44
C LYS A 237 25.49 -3.80 32.85
N ASP A 238 24.69 -4.17 31.85
CA ASP A 238 23.64 -3.33 31.28
C ASP A 238 22.51 -3.21 32.31
N ILE A 239 22.50 -2.10 33.04
CA ILE A 239 21.60 -1.97 34.18
C ILE A 239 20.14 -1.92 33.73
N GLU A 240 19.85 -1.24 32.62
CA GLU A 240 18.49 -1.20 32.12
C GLU A 240 17.98 -2.59 31.77
N ALA A 241 18.80 -3.39 31.09
CA ALA A 241 18.38 -4.75 30.76
C ALA A 241 18.15 -5.57 32.03
N ARG A 242 18.99 -5.42 33.04
CA ARG A 242 18.81 -6.18 34.26
C ARG A 242 17.51 -5.80 34.95
N GLU A 243 17.21 -4.50 34.99
CA GLU A 243 15.98 -4.07 35.65
C GLU A 243 14.75 -4.49 34.86
N GLN A 244 14.83 -4.40 33.54
CA GLN A 244 13.70 -4.81 32.72
C GLN A 244 13.47 -6.32 32.83
N MET A 245 14.54 -7.11 32.91
CA MET A 245 14.39 -8.55 33.08
C MET A 245 13.86 -8.88 34.47
N ALA A 246 14.19 -8.07 35.47
CA ALA A 246 13.61 -8.29 36.80
C ALA A 246 12.10 -8.07 36.77
N PHE A 247 11.66 -7.06 36.04
CA PHE A 247 10.22 -6.88 35.86
C PHE A 247 9.62 -8.03 35.04
N ALA A 248 10.30 -8.45 33.98
CA ALA A 248 9.74 -9.47 33.10
C ALA A 248 9.56 -10.81 33.82
N GLN A 249 10.56 -11.19 34.61
CA GLN A 249 10.44 -12.42 35.37
C GLN A 249 9.29 -12.32 36.37
N SER A 250 9.09 -11.14 37.00
CA SER A 250 7.99 -11.06 37.96
C SER A 250 6.65 -11.11 37.26
N LEU A 251 6.54 -10.46 36.10
CA LEU A 251 5.31 -10.53 35.32
C LEU A 251 5.00 -11.98 34.95
N ALA A 252 6.00 -12.71 34.48
CA ALA A 252 5.79 -14.09 34.06
C ALA A 252 5.43 -14.98 35.25
N GLY A 253 6.06 -14.72 36.40
CA GLY A 253 5.70 -15.47 37.59
C GLY A 253 4.27 -15.22 38.02
N MET A 254 3.86 -13.96 38.07
CA MET A 254 2.48 -13.64 38.38
C MET A 254 1.52 -14.31 37.42
N ALA A 255 1.88 -14.38 36.14
CA ALA A 255 0.98 -14.96 35.15
C ALA A 255 0.86 -16.47 35.33
N PHE A 256 2.00 -17.17 35.40
CA PHE A 256 1.95 -18.63 35.44
C PHE A 256 1.46 -19.12 36.79
N ASN A 257 1.75 -18.40 37.88
CA ASN A 257 1.26 -18.80 39.18
C ASN A 257 -0.26 -18.93 39.21
N ASN A 258 -0.96 -18.12 38.42
CA ASN A 258 -2.41 -18.07 38.47
C ASN A 258 -3.08 -18.63 37.23
N ALA A 259 -2.33 -18.89 36.17
CA ALA A 259 -2.88 -19.52 34.98
C ALA A 259 -2.50 -20.97 34.85
N GLY A 260 -1.30 -21.35 35.27
CA GLY A 260 -0.82 -22.70 35.09
C GLY A 260 0.27 -22.75 34.04
N LEU A 261 0.93 -23.90 33.96
CA LEU A 261 1.96 -24.09 32.96
C LEU A 261 1.47 -25.09 31.92
N GLY A 262 2.37 -25.91 31.38
CA GLY A 262 2.00 -26.89 30.38
C GLY A 262 3.05 -27.97 30.25
N TYR A 263 3.09 -28.62 29.07
CA TYR A 263 3.92 -29.80 28.96
C TYR A 263 5.40 -29.50 28.83
N VAL A 264 5.79 -28.26 28.55
CA VAL A 264 7.19 -27.90 28.62
C VAL A 264 7.73 -28.17 30.01
N HIS A 265 7.08 -27.62 31.03
CA HIS A 265 7.53 -27.82 32.39
C HIS A 265 7.31 -29.26 32.84
N ALA A 266 6.22 -29.88 32.41
CA ALA A 266 5.93 -31.26 32.78
C ALA A 266 7.05 -32.20 32.31
N ILE A 267 7.57 -32.00 31.10
CA ILE A 267 8.67 -32.84 30.62
C ILE A 267 10.01 -32.37 31.18
N ALA A 268 10.22 -31.05 31.30
CA ALA A 268 11.49 -30.55 31.81
C ALA A 268 11.75 -31.03 33.22
N HIS A 269 10.70 -31.14 34.04
CA HIS A 269 10.89 -31.62 35.39
C HIS A 269 11.40 -33.04 35.40
N GLN A 270 11.04 -33.84 34.39
CA GLN A 270 11.54 -35.21 34.39
C GLN A 270 12.97 -35.27 33.86
N LEU A 271 13.29 -34.50 32.82
CA LEU A 271 14.68 -34.51 32.40
C LEU A 271 15.61 -33.94 33.47
N GLY A 272 15.13 -32.98 34.27
CA GLY A 272 15.95 -32.45 35.33
C GLY A 272 16.06 -33.38 36.53
N GLY A 273 14.98 -34.10 36.85
CA GLY A 273 15.07 -35.10 37.89
C GLY A 273 15.89 -36.32 37.52
N PHE A 274 16.03 -36.60 36.21
CA PHE A 274 16.82 -37.73 35.74
C PHE A 274 18.28 -37.40 35.51
N TYR A 275 18.58 -36.24 34.93
CA TYR A 275 19.95 -35.96 34.52
C TYR A 275 20.50 -34.70 35.14
N ASN A 276 19.73 -34.03 36.02
CA ASN A 276 20.16 -32.82 36.71
C ASN A 276 20.59 -31.71 35.76
N PHE A 277 19.97 -31.61 34.57
CA PHE A 277 20.22 -30.48 33.67
C PHE A 277 19.69 -29.19 34.26
N PRO A 278 20.23 -28.04 33.82
CA PRO A 278 19.66 -26.76 34.26
C PRO A 278 18.22 -26.63 33.77
N HIS A 279 17.35 -26.17 34.68
CA HIS A 279 15.92 -26.05 34.40
C HIS A 279 15.65 -25.24 33.15
N GLY A 280 16.30 -24.07 33.05
CA GLY A 280 16.06 -23.20 31.90
C GLY A 280 16.52 -23.77 30.58
N VAL A 281 17.58 -24.58 30.60
CA VAL A 281 18.04 -25.23 29.37
C VAL A 281 17.04 -26.29 28.90
N CYS A 282 16.48 -27.07 29.84
CA CYS A 282 15.43 -28.03 29.49
C CYS A 282 14.23 -27.33 28.86
N ASN A 283 13.80 -26.24 29.49
CA ASN A 283 12.66 -25.50 28.97
C ASN A 283 12.96 -24.97 27.58
N ALA A 284 14.17 -24.42 27.37
CA ALA A 284 14.48 -23.84 26.07
C ALA A 284 14.58 -24.89 24.98
N VAL A 285 15.13 -26.07 25.29
CA VAL A 285 15.21 -27.11 24.27
C VAL A 285 13.80 -27.61 23.93
N LEU A 286 12.92 -27.74 24.93
CA LEU A 286 11.61 -28.35 24.68
C LEU A 286 10.58 -27.37 24.08
N LEU A 287 10.67 -26.10 24.43
CA LEU A 287 9.66 -25.11 24.06
C LEU A 287 9.21 -25.19 22.62
N PRO A 288 10.08 -25.15 21.61
CA PRO A 288 9.57 -25.23 20.23
C PRO A 288 8.81 -26.53 19.95
N TYR A 289 9.23 -27.66 20.53
CA TYR A 289 8.58 -28.92 20.21
C TYR A 289 7.19 -28.97 20.82
N VAL A 290 7.05 -28.50 22.07
CA VAL A 290 5.76 -28.51 22.72
C VAL A 290 4.85 -27.47 22.07
N CYS A 291 5.41 -26.35 21.63
CA CYS A 291 4.61 -25.35 20.94
C CYS A 291 4.04 -25.89 19.61
N ARG A 292 4.88 -26.53 18.80
CA ARG A 292 4.34 -27.15 17.59
C ARG A 292 3.26 -28.16 17.95
N PHE A 293 3.49 -28.97 18.98
CA PHE A 293 2.46 -29.92 19.35
C PHE A 293 1.16 -29.20 19.74
N ASN A 294 1.27 -28.05 20.42
CA ASN A 294 0.10 -27.35 20.91
C ASN A 294 -0.55 -26.44 19.88
N LEU A 295 0.12 -26.20 18.74
CA LEU A 295 -0.30 -25.17 17.80
C LEU A 295 -1.78 -25.26 17.44
N ILE A 296 -2.27 -26.45 17.08
CA ILE A 296 -3.65 -26.56 16.60
C ILE A 296 -4.67 -26.22 17.68
N SER A 297 -4.26 -26.19 18.95
CA SER A 297 -5.22 -25.87 19.99
C SER A 297 -5.32 -24.37 20.25
N LYS A 298 -4.26 -23.59 20.00
CA LYS A 298 -4.23 -22.16 20.32
C LYS A 298 -3.52 -21.36 19.21
N VAL A 299 -3.94 -21.56 17.95
CA VAL A 299 -3.18 -20.98 16.84
C VAL A 299 -3.23 -19.45 16.87
N GLU A 300 -4.35 -18.85 17.27
CA GLU A 300 -4.39 -17.38 17.31
C GLU A 300 -3.46 -16.83 18.36
N ARG A 301 -3.35 -17.49 19.50
CA ARG A 301 -2.49 -16.95 20.53
C ARG A 301 -1.03 -17.15 20.16
N TYR A 302 -0.70 -18.21 19.44
CA TYR A 302 0.67 -18.32 18.98
C TYR A 302 0.99 -17.29 17.90
N ALA A 303 0.01 -16.95 17.06
CA ALA A 303 0.23 -15.88 16.10
C ALA A 303 0.44 -14.53 16.78
N GLU A 304 -0.31 -14.29 17.85
CA GLU A 304 -0.09 -13.07 18.61
C GLU A 304 1.29 -13.09 19.25
N ILE A 305 1.73 -14.24 19.76
CA ILE A 305 3.06 -14.30 20.37
C ILE A 305 4.12 -13.97 19.33
N ALA A 306 3.90 -14.40 18.09
CA ALA A 306 4.84 -14.04 17.02
C ALA A 306 4.96 -12.53 16.92
N ALA A 307 3.83 -11.82 17.05
CA ALA A 307 3.92 -10.37 17.01
C ALA A 307 4.64 -9.82 18.26
N PHE A 308 4.32 -10.37 19.44
CA PHE A 308 4.95 -9.93 20.68
C PHE A 308 6.46 -10.08 20.63
N LEU A 309 6.96 -11.06 19.89
CA LEU A 309 8.38 -11.35 19.79
C LEU A 309 9.05 -10.53 18.71
N GLY A 310 8.36 -9.56 18.11
CA GLY A 310 8.97 -8.68 17.15
C GLY A 310 8.90 -9.11 15.70
N GLU A 311 8.23 -10.21 15.38
CA GLU A 311 8.18 -10.72 14.01
C GLU A 311 7.19 -9.92 13.18
N ASN A 312 7.46 -9.83 11.88
CA ASN A 312 6.52 -9.21 10.98
C ASN A 312 5.57 -10.30 10.46
N VAL A 313 4.27 -10.10 10.66
CA VAL A 313 3.25 -11.08 10.32
C VAL A 313 2.29 -10.56 9.24
N ASP A 314 2.69 -9.51 8.53
CA ASP A 314 1.83 -8.84 7.58
C ASP A 314 1.51 -9.75 6.39
N GLY A 315 0.24 -9.89 6.06
CA GLY A 315 -0.12 -10.67 4.89
C GLY A 315 -0.05 -12.17 5.04
N LEU A 316 -0.02 -12.69 6.26
CA LEU A 316 0.13 -14.11 6.50
C LEU A 316 -1.13 -14.65 7.16
N SER A 317 -1.42 -15.92 6.89
CA SER A 317 -2.49 -16.56 7.62
C SER A 317 -2.07 -16.68 9.08
N THR A 318 -3.08 -16.84 9.94
CA THR A 318 -2.81 -17.02 11.36
C THR A 318 -1.88 -18.20 11.57
N TYR A 319 -2.02 -19.23 10.75
CA TYR A 319 -1.21 -20.43 10.92
C TYR A 319 0.25 -20.11 10.62
N ASP A 320 0.50 -19.41 9.52
CA ASP A 320 1.87 -19.09 9.14
C ASP A 320 2.53 -18.17 10.16
N ALA A 321 1.74 -17.28 10.77
CA ALA A 321 2.30 -16.41 11.78
C ALA A 321 2.66 -17.20 13.04
N ALA A 322 1.83 -18.16 13.44
CA ALA A 322 2.19 -19.00 14.57
C ALA A 322 3.49 -19.77 14.29
N GLU A 323 3.71 -20.16 13.03
CA GLU A 323 4.98 -20.83 12.78
C GLU A 323 6.13 -19.83 12.85
N LYS A 324 5.92 -18.59 12.42
CA LYS A 324 6.99 -17.61 12.62
C LYS A 324 7.29 -17.39 14.10
N ALA A 325 6.30 -17.63 14.97
CA ALA A 325 6.62 -17.50 16.40
C ALA A 325 7.54 -18.62 16.86
N ILE A 326 7.28 -19.86 16.44
CA ILE A 326 8.21 -20.93 16.80
C ILE A 326 9.59 -20.68 16.23
N LYS A 327 9.66 -20.19 15.00
CA LYS A 327 10.98 -19.94 14.42
C LYS A 327 11.69 -18.83 15.20
N ALA A 328 10.96 -17.83 15.69
CA ALA A 328 11.61 -16.77 16.44
C ALA A 328 12.14 -17.28 17.79
N ILE A 329 11.39 -18.19 18.45
CA ILE A 329 11.88 -18.80 19.68
C ILE A 329 13.15 -19.61 19.41
N GLU A 330 13.16 -20.36 18.31
CA GLU A 330 14.36 -21.15 17.99
C GLU A 330 15.56 -20.23 17.76
N ARG A 331 15.34 -19.10 17.08
CA ARG A 331 16.43 -18.19 16.84
C ARG A 331 16.93 -17.56 18.14
N MET A 332 16.03 -17.24 19.06
CA MET A 332 16.48 -16.70 20.35
C MET A 332 17.33 -17.73 21.10
N ALA A 333 16.87 -18.99 21.14
CA ALA A 333 17.64 -20.03 21.85
C ALA A 333 19.01 -20.23 21.23
N LYS A 334 19.10 -20.20 19.90
CA LYS A 334 20.38 -20.41 19.26
C LYS A 334 21.30 -19.22 19.52
N ASP A 335 20.75 -18.00 19.53
CA ASP A 335 21.59 -16.82 19.74
C ASP A 335 22.07 -16.69 21.18
N LEU A 336 21.42 -17.37 22.12
CA LEU A 336 21.84 -17.38 23.51
C LEU A 336 22.60 -18.65 23.85
N ASN A 337 23.05 -19.35 22.81
CA ASN A 337 23.90 -20.53 22.91
C ASN A 337 23.25 -21.64 23.74
N ILE A 338 21.98 -21.91 23.46
CA ILE A 338 21.29 -23.02 24.12
C ILE A 338 21.45 -24.30 23.30
N PRO A 339 21.77 -25.45 23.90
CA PRO A 339 21.85 -26.70 23.13
C PRO A 339 20.59 -26.97 22.30
N LYS A 340 20.75 -27.67 21.17
CA LYS A 340 19.60 -27.90 20.30
C LYS A 340 18.80 -29.10 20.78
N GLY A 341 19.42 -29.98 21.56
CA GLY A 341 18.77 -31.20 22.01
C GLY A 341 19.48 -31.73 23.24
N PHE A 342 18.99 -32.86 23.72
CA PHE A 342 19.43 -33.44 24.99
C PHE A 342 20.44 -34.57 24.88
N LYS A 343 20.60 -35.17 23.70
CA LYS A 343 21.57 -36.25 23.56
C LYS A 343 22.99 -35.76 23.86
N GLU A 344 23.38 -34.63 23.28
CA GLU A 344 24.71 -34.05 23.50
C GLU A 344 24.98 -33.77 24.97
N LEU A 345 23.94 -33.56 25.77
CA LEU A 345 24.06 -33.33 27.20
C LEU A 345 24.10 -34.63 28.01
N GLY A 346 23.68 -35.75 27.42
CA GLY A 346 23.82 -37.04 28.06
C GLY A 346 22.54 -37.85 28.26
N ALA A 347 21.42 -37.40 27.71
CA ALA A 347 20.15 -38.09 27.93
C ALA A 347 20.14 -39.43 27.20
N LYS A 348 19.44 -40.41 27.76
CA LYS A 348 19.48 -41.77 27.23
C LYS A 348 18.09 -42.19 26.76
N GLU A 349 18.03 -42.91 25.65
CA GLU A 349 16.75 -43.28 25.04
C GLU A 349 15.97 -44.28 25.89
N GLU A 350 16.66 -45.18 26.58
CA GLU A 350 16.03 -46.18 27.42
C GLU A 350 15.20 -45.58 28.55
N ASP A 351 15.28 -44.26 28.77
CA ASP A 351 14.59 -43.63 29.88
C ASP A 351 13.36 -42.87 29.41
N ILE A 352 13.14 -42.78 28.09
CA ILE A 352 12.08 -41.93 27.55
C ILE A 352 10.70 -42.40 28.03
N GLU A 353 10.44 -43.69 27.98
CA GLU A 353 9.11 -44.16 28.37
C GLU A 353 8.83 -43.79 29.82
N THR A 354 9.83 -43.91 30.70
CA THR A 354 9.61 -43.47 32.07
C THR A 354 9.41 -41.96 32.13
N LEU A 355 10.27 -41.21 31.44
CA LEU A 355 10.16 -39.76 31.46
C LEU A 355 8.75 -39.34 31.05
N ALA A 356 8.23 -39.93 29.98
CA ALA A 356 6.91 -39.54 29.51
C ALA A 356 5.86 -39.89 30.55
N LYS A 357 5.94 -41.08 31.14
CA LYS A 357 4.89 -41.44 32.07
C LYS A 357 4.93 -40.51 33.26
N ASN A 358 6.15 -40.17 33.74
CA ASN A 358 6.21 -39.26 34.88
C ASN A 358 5.73 -37.86 34.49
N ALA A 359 5.97 -37.46 33.24
CA ALA A 359 5.52 -36.14 32.82
C ALA A 359 4.01 -36.05 32.83
N MET A 360 3.33 -37.15 32.51
CA MET A 360 1.88 -37.06 32.49
C MET A 360 1.28 -37.04 33.88
N LYS A 361 2.13 -37.21 34.92
CA LYS A 361 1.64 -37.13 36.28
C LYS A 361 1.95 -35.79 36.94
N ASP A 362 2.73 -34.95 36.29
CA ASP A 362 3.06 -33.64 36.82
C ASP A 362 1.83 -32.73 36.78
N ALA A 363 1.72 -31.85 37.77
CA ALA A 363 0.53 -30.99 37.86
C ALA A 363 0.51 -29.96 36.73
N CYS A 364 1.68 -29.56 36.23
CA CYS A 364 1.70 -28.60 35.13
C CYS A 364 1.00 -29.15 33.90
N ALA A 365 1.00 -30.48 33.77
CA ALA A 365 0.35 -31.09 32.63
C ALA A 365 -1.14 -30.85 32.64
N LEU A 366 -1.70 -30.47 33.79
CA LEU A 366 -3.13 -30.31 33.86
C LEU A 366 -3.62 -29.15 33.00
N THR A 367 -2.80 -28.12 32.76
CA THR A 367 -3.34 -26.96 32.05
C THR A 367 -2.92 -26.83 30.59
N ASN A 368 -2.16 -27.79 30.07
CA ASN A 368 -1.75 -27.73 28.66
C ASN A 368 -2.97 -27.68 27.74
N PRO A 369 -2.94 -26.84 26.70
CA PRO A 369 -4.11 -26.69 25.83
C PRO A 369 -4.43 -27.92 24.97
N ARG A 370 -3.44 -28.73 24.60
CA ARG A 370 -3.66 -29.96 23.87
C ARG A 370 -3.48 -31.15 24.82
N LYS A 371 -4.46 -32.05 24.84
CA LYS A 371 -4.39 -33.19 25.75
C LYS A 371 -3.76 -34.37 25.02
N PRO A 372 -2.56 -34.80 25.37
CA PRO A 372 -1.88 -35.82 24.57
C PRO A 372 -2.17 -37.25 25.04
N LYS A 373 -1.70 -38.19 24.24
CA LYS A 373 -1.63 -39.60 24.56
C LYS A 373 -0.19 -39.90 24.93
N LEU A 374 0.01 -40.99 25.68
CA LEU A 374 1.37 -41.30 26.11
C LEU A 374 2.34 -41.30 24.93
N GLU A 375 1.91 -41.88 23.79
CA GLU A 375 2.75 -41.95 22.60
C GLU A 375 3.17 -40.56 22.11
N GLU A 376 2.29 -39.56 22.22
CA GLU A 376 2.66 -38.23 21.74
C GLU A 376 3.68 -37.56 22.67
N VAL A 377 3.55 -37.78 23.99
CA VAL A 377 4.56 -37.30 24.92
C VAL A 377 5.90 -37.97 24.64
N ILE A 378 5.86 -39.27 24.33
CA ILE A 378 7.07 -39.99 23.97
C ILE A 378 7.70 -39.40 22.71
N GLN A 379 6.89 -39.12 21.69
CA GLN A 379 7.45 -38.54 20.46
C GLN A 379 8.07 -37.18 20.71
N ILE A 380 7.43 -36.34 21.54
CA ILE A 380 8.01 -35.04 21.86
C ILE A 380 9.38 -35.20 22.50
N ILE A 381 9.49 -36.09 23.49
CA ILE A 381 10.79 -36.26 24.14
C ILE A 381 11.81 -36.79 23.14
N LYS A 382 11.39 -37.70 22.24
CA LYS A 382 12.30 -38.26 21.23
C LYS A 382 12.77 -37.19 20.26
N ASN A 383 11.89 -36.29 19.86
CA ASN A 383 12.30 -35.19 18.99
C ASN A 383 13.26 -34.25 19.70
N ALA A 384 13.05 -34.06 21.00
CA ALA A 384 13.93 -33.16 21.72
C ALA A 384 15.23 -33.84 22.10
N MET A 385 15.34 -35.14 21.87
CA MET A 385 16.63 -35.79 22.06
C MET A 385 17.55 -35.50 20.88
N LEU A 386 17.06 -35.71 19.66
CA LEU A 386 17.75 -35.39 18.40
C LEU A 386 18.13 -33.89 18.30
N ASN B 3 15.86 7.51 44.31
CA ASN B 3 15.99 6.12 43.89
C ASN B 3 14.90 5.68 42.93
N THR B 4 15.20 4.58 42.24
CA THR B 4 14.28 3.88 41.34
C THR B 4 13.49 2.77 42.04
N GLN B 5 13.25 2.86 43.35
CA GLN B 5 12.60 1.77 44.05
C GLN B 5 11.09 1.90 43.88
N SER B 6 10.41 0.75 43.86
CA SER B 6 8.95 0.73 43.77
C SER B 6 8.44 -0.54 44.43
N ALA B 7 7.12 -0.64 44.55
CA ALA B 7 6.51 -1.78 45.21
C ALA B 7 5.13 -2.04 44.63
N PHE B 8 4.71 -3.30 44.71
CA PHE B 8 3.38 -3.71 44.26
C PHE B 8 2.65 -4.33 45.44
N PHE B 9 1.46 -3.81 45.73
CA PHE B 9 0.63 -4.20 46.88
C PHE B 9 -0.71 -4.73 46.38
N MET B 10 -1.21 -5.77 47.03
CA MET B 10 -2.54 -6.29 46.75
C MET B 10 -2.87 -7.34 47.81
N PRO B 11 -4.15 -7.62 48.02
CA PRO B 11 -4.50 -8.70 48.96
C PRO B 11 -3.88 -10.01 48.49
N SER B 12 -3.49 -10.82 49.47
CA SER B 12 -2.85 -12.08 49.12
C SER B 12 -3.80 -13.04 48.42
N VAL B 13 -5.11 -12.94 48.67
CA VAL B 13 -6.10 -13.80 48.03
C VAL B 13 -7.23 -12.97 47.46
N ASN B 14 -7.53 -13.20 46.19
CA ASN B 14 -8.53 -12.45 45.44
C ASN B 14 -9.39 -13.44 44.67
N LEU B 15 -10.68 -13.53 45.02
CA LEU B 15 -11.59 -14.49 44.40
C LEU B 15 -12.34 -13.82 43.27
N PHE B 16 -12.53 -14.55 42.18
CA PHE B 16 -13.22 -14.05 41.01
C PHE B 16 -14.22 -15.09 40.53
N GLY B 17 -15.16 -14.65 39.70
CA GLY B 17 -16.07 -15.58 39.08
C GLY B 17 -17.43 -15.62 39.73
N ALA B 18 -18.39 -16.18 38.99
CA ALA B 18 -19.75 -16.29 39.49
C ALA B 18 -19.81 -17.30 40.64
N GLY B 19 -20.33 -16.88 41.78
CA GLY B 19 -20.46 -17.75 42.92
C GLY B 19 -19.40 -17.59 43.98
N SER B 20 -18.35 -16.81 43.72
CA SER B 20 -17.24 -16.64 44.67
C SER B 20 -17.73 -16.15 46.04
N VAL B 21 -18.88 -15.48 46.09
CA VAL B 21 -19.36 -14.90 47.33
C VAL B 21 -19.75 -15.98 48.32
N ASN B 22 -20.06 -17.17 47.83
CA ASN B 22 -20.43 -18.26 48.70
C ASN B 22 -19.25 -18.72 49.55
N GLU B 23 -18.08 -18.10 49.42
CA GLU B 23 -16.97 -18.55 50.25
C GLU B 23 -16.74 -17.62 51.42
N VAL B 24 -17.41 -16.46 51.43
CA VAL B 24 -17.05 -15.43 52.41
C VAL B 24 -17.07 -16.00 53.82
N GLY B 25 -18.11 -16.77 54.17
CA GLY B 25 -18.20 -17.26 55.53
C GLY B 25 -17.00 -18.13 55.90
N THR B 26 -16.73 -19.15 55.09
CA THR B 26 -15.60 -20.01 55.41
C THR B 26 -14.31 -19.21 55.47
N ARG B 27 -14.13 -18.27 54.51
CA ARG B 27 -12.88 -17.52 54.49
C ARG B 27 -12.75 -16.70 55.76
N LEU B 28 -13.86 -16.09 56.19
CA LEU B 28 -13.86 -15.32 57.41
C LEU B 28 -13.53 -16.22 58.60
N ALA B 29 -14.09 -17.43 58.60
CA ALA B 29 -13.80 -18.34 59.70
C ALA B 29 -12.32 -18.69 59.72
N ASP B 30 -11.71 -18.82 58.53
CA ASP B 30 -10.28 -19.16 58.46
C ASP B 30 -9.42 -18.08 59.13
N LEU B 31 -9.90 -16.84 59.18
CA LEU B 31 -9.13 -15.77 59.83
C LEU B 31 -9.15 -15.86 61.35
N GLY B 32 -10.03 -16.67 61.92
CA GLY B 32 -10.14 -16.74 63.36
C GLY B 32 -10.91 -15.59 63.96
N VAL B 33 -11.76 -14.95 63.17
CA VAL B 33 -12.55 -13.81 63.62
C VAL B 33 -13.84 -14.33 64.24
N LYS B 34 -14.51 -13.48 64.99
CA LYS B 34 -15.66 -13.97 65.74
C LYS B 34 -16.93 -13.18 65.42
N LYS B 35 -16.83 -11.85 65.33
CA LYS B 35 -17.94 -10.98 64.96
C LYS B 35 -17.52 -9.98 63.87
N ALA B 36 -18.25 -9.95 62.75
CA ALA B 36 -17.91 -9.05 61.66
C ALA B 36 -19.01 -8.00 61.54
N LEU B 37 -18.61 -6.77 61.32
CA LEU B 37 -19.54 -5.69 60.99
C LEU B 37 -19.69 -5.66 59.48
N LEU B 38 -20.91 -5.91 59.00
CA LEU B 38 -21.23 -5.86 57.58
C LEU B 38 -21.55 -4.42 57.20
N VAL B 39 -20.60 -3.78 56.54
CA VAL B 39 -20.74 -2.39 56.10
C VAL B 39 -21.29 -2.44 54.68
N THR B 40 -22.47 -1.86 54.49
CA THR B 40 -23.08 -1.79 53.18
C THR B 40 -23.86 -0.49 53.08
N ASP B 41 -24.55 -0.32 51.96
CA ASP B 41 -25.40 0.84 51.69
C ASP B 41 -26.88 0.47 51.82
N ALA B 42 -27.72 1.50 51.85
CA ALA B 42 -29.14 1.28 52.10
C ALA B 42 -29.83 0.52 50.98
N GLY B 43 -29.38 0.72 49.73
CA GLY B 43 -30.02 0.04 48.61
C GLY B 43 -29.85 -1.47 48.65
N LEU B 44 -28.62 -1.94 48.85
CA LEU B 44 -28.39 -3.38 48.89
C LEU B 44 -29.02 -4.01 50.12
N HIS B 45 -29.11 -3.24 51.21
CA HIS B 45 -29.80 -3.73 52.40
C HIS B 45 -31.30 -3.89 52.15
N GLY B 46 -31.91 -2.95 51.44
CA GLY B 46 -33.31 -3.12 51.12
C GLY B 46 -33.62 -4.22 50.12
N LEU B 47 -32.67 -4.60 49.27
CA LEU B 47 -32.89 -5.71 48.36
C LEU B 47 -32.68 -7.07 49.01
N GLY B 48 -32.12 -7.11 50.21
CA GLY B 48 -31.93 -8.35 50.93
C GLY B 48 -30.55 -8.94 50.81
N LEU B 49 -29.65 -8.28 50.07
CA LEU B 49 -28.33 -8.85 49.83
C LEU B 49 -27.57 -8.95 51.14
N SER B 50 -27.74 -7.94 52.00
CA SER B 50 -27.09 -7.92 53.30
C SER B 50 -27.43 -9.20 54.07
N GLU B 51 -28.71 -9.60 54.07
CA GLU B 51 -29.10 -10.79 54.81
C GLU B 51 -28.62 -12.08 54.14
N LYS B 52 -28.59 -12.14 52.80
CA LYS B 52 -28.03 -13.32 52.13
C LYS B 52 -26.58 -13.56 52.55
N ILE B 53 -25.77 -12.49 52.54
CA ILE B 53 -24.37 -12.63 52.92
C ILE B 53 -24.26 -12.86 54.42
N SER B 54 -25.10 -12.19 55.22
CA SER B 54 -25.08 -12.45 56.66
C SER B 54 -25.37 -13.90 56.95
N SER B 55 -26.29 -14.49 56.17
CA SER B 55 -26.59 -15.90 56.33
C SER B 55 -25.38 -16.76 56.05
N ILE B 56 -24.71 -16.49 54.93
CA ILE B 56 -23.50 -17.23 54.58
C ILE B 56 -22.45 -17.11 55.68
N ILE B 57 -22.28 -15.90 56.24
CA ILE B 57 -21.24 -15.70 57.24
C ILE B 57 -21.61 -16.40 58.55
N ARG B 58 -22.86 -16.27 58.98
CA ARG B 58 -23.25 -16.88 60.25
C ARG B 58 -23.22 -18.40 60.15
N ALA B 59 -23.51 -18.95 58.96
CA ALA B 59 -23.47 -20.40 58.78
C ALA B 59 -22.07 -21.00 58.85
N ALA B 60 -21.05 -20.19 59.14
CA ALA B 60 -19.69 -20.67 59.29
C ALA B 60 -19.20 -20.38 60.68
N GLY B 61 -20.10 -19.93 61.55
CA GLY B 61 -19.82 -19.68 62.95
C GLY B 61 -19.33 -18.29 63.28
N VAL B 62 -19.44 -17.33 62.38
CA VAL B 62 -19.05 -15.97 62.71
C VAL B 62 -20.32 -15.13 62.73
N GLU B 63 -20.47 -14.30 63.76
CA GLU B 63 -21.66 -13.46 63.83
C GLU B 63 -21.44 -12.16 63.09
N VAL B 64 -22.57 -11.59 62.67
CA VAL B 64 -22.61 -10.40 61.84
C VAL B 64 -23.62 -9.47 62.45
N SER B 65 -23.25 -8.20 62.49
CA SER B 65 -24.14 -7.10 62.84
C SER B 65 -24.05 -6.16 61.66
N ILE B 66 -25.19 -5.92 61.02
CA ILE B 66 -25.27 -5.17 59.78
C ILE B 66 -25.32 -3.66 60.06
N PHE B 67 -24.45 -2.92 59.36
CA PHE B 67 -24.35 -1.46 59.36
C PHE B 67 -24.61 -0.94 57.95
N PRO B 68 -25.87 -0.77 57.58
CA PRO B 68 -26.20 -0.35 56.20
C PRO B 68 -26.22 1.15 56.00
N LYS B 69 -25.27 1.86 56.62
CA LYS B 69 -25.27 3.32 56.63
C LYS B 69 -24.17 3.95 55.80
N ALA B 70 -23.55 3.20 54.89
CA ALA B 70 -22.55 3.80 54.00
C ALA B 70 -23.25 4.53 52.86
N GLU B 71 -22.83 5.76 52.63
CA GLU B 71 -23.52 6.57 51.65
C GLU B 71 -22.65 6.79 50.43
N PRO B 72 -23.26 6.87 49.25
CA PRO B 72 -22.50 7.26 48.06
C PRO B 72 -21.70 8.50 48.40
N ASN B 73 -20.41 8.45 48.16
CA ASN B 73 -19.45 9.41 48.68
C ASN B 73 -19.44 9.30 50.21
N PRO B 74 -18.82 8.27 50.81
CA PRO B 74 -18.96 8.10 52.25
C PRO B 74 -18.36 9.28 53.00
N THR B 75 -18.96 9.57 54.16
CA THR B 75 -18.65 10.76 54.95
C THR B 75 -17.97 10.40 56.27
N ASP B 76 -17.34 11.40 56.89
CA ASP B 76 -16.76 11.21 58.21
C ASP B 76 -17.82 10.81 59.24
N LYS B 77 -19.05 11.31 59.11
CA LYS B 77 -20.09 10.87 60.04
C LYS B 77 -20.43 9.41 59.83
N ASN B 78 -20.48 8.94 58.59
CA ASN B 78 -20.66 7.51 58.37
C ASN B 78 -19.58 6.73 59.12
N VAL B 79 -18.34 7.24 59.10
CA VAL B 79 -17.24 6.52 59.73
C VAL B 79 -17.38 6.53 61.25
N ALA B 80 -17.71 7.69 61.83
CA ALA B 80 -17.91 7.78 63.27
C ALA B 80 -19.06 6.88 63.73
N GLU B 81 -20.20 6.96 63.02
CA GLU B 81 -21.34 6.10 63.32
C GLU B 81 -20.98 4.63 63.18
N GLY B 82 -20.17 4.31 62.17
CA GLY B 82 -19.77 2.93 61.97
C GLY B 82 -18.82 2.44 63.05
N LEU B 83 -17.86 3.29 63.44
CA LEU B 83 -16.97 2.92 64.54
C LEU B 83 -17.75 2.72 65.84
N GLU B 84 -18.71 3.60 66.13
CA GLU B 84 -19.52 3.42 67.34
C GLU B 84 -20.31 2.11 67.28
N ALA B 85 -20.85 1.75 66.12
CA ALA B 85 -21.51 0.43 66.00
C ALA B 85 -20.51 -0.71 66.14
N TYR B 86 -19.35 -0.61 65.50
CA TYR B 86 -18.31 -1.63 65.61
C TYR B 86 -17.97 -1.91 67.06
N ASN B 87 -17.87 -0.85 67.86
CA ASN B 87 -17.52 -0.97 69.27
C ASN B 87 -18.69 -1.42 70.12
N ALA B 88 -19.90 -0.93 69.84
CA ALA B 88 -21.02 -1.31 70.68
C ALA B 88 -21.33 -2.79 70.54
N GLU B 89 -21.18 -3.35 69.33
CA GLU B 89 -21.52 -4.76 69.19
C GLU B 89 -20.33 -5.68 69.35
N ASN B 90 -19.20 -5.18 69.85
CA ASN B 90 -18.02 -6.00 70.14
C ASN B 90 -17.61 -6.82 68.92
N CYS B 91 -17.36 -6.10 67.85
CA CYS B 91 -16.94 -6.69 66.60
C CYS B 91 -15.42 -6.71 66.57
N ASP B 92 -14.91 -7.75 65.94
CA ASP B 92 -13.49 -7.91 65.76
C ASP B 92 -13.07 -7.96 64.29
N SER B 93 -14.01 -7.85 63.35
CA SER B 93 -13.67 -7.86 61.93
C SER B 93 -14.69 -7.03 61.16
N ILE B 94 -14.41 -6.80 59.88
CA ILE B 94 -15.28 -6.04 58.99
C ILE B 94 -15.44 -6.78 57.67
N VAL B 95 -16.68 -6.83 57.16
CA VAL B 95 -16.97 -7.30 55.81
C VAL B 95 -17.69 -6.17 55.08
N THR B 96 -17.10 -5.70 53.98
CA THR B 96 -17.73 -4.67 53.16
C THR B 96 -18.50 -5.32 52.01
N LEU B 97 -19.73 -4.88 51.80
CA LEU B 97 -20.57 -5.41 50.72
C LEU B 97 -21.16 -4.25 49.94
N GLY B 98 -20.77 -4.12 48.68
CA GLY B 98 -21.29 -3.06 47.85
C GLY B 98 -20.27 -2.50 46.91
N GLY B 99 -20.37 -1.20 46.65
CA GLY B 99 -19.45 -0.52 45.78
C GLY B 99 -18.32 0.11 46.56
N GLY B 100 -17.65 1.07 45.91
CA GLY B 100 -16.49 1.71 46.52
C GLY B 100 -16.80 2.43 47.80
N SER B 101 -18.02 2.97 47.93
CA SER B 101 -18.40 3.68 49.15
C SER B 101 -18.36 2.75 50.35
N SER B 102 -18.85 1.50 50.18
CA SER B 102 -18.86 0.56 51.30
C SER B 102 -17.45 0.09 51.62
N HIS B 103 -16.65 -0.16 50.60
CA HIS B 103 -15.28 -0.60 50.82
C HIS B 103 -14.54 0.46 51.59
N ASP B 104 -14.70 1.72 51.18
CA ASP B 104 -13.98 2.82 51.79
C ASP B 104 -14.48 3.09 53.21
N ALA B 105 -15.80 3.03 53.42
CA ALA B 105 -16.33 3.19 54.77
C ALA B 105 -15.75 2.14 55.71
N GLY B 106 -15.80 0.86 55.29
CA GLY B 106 -15.24 -0.21 56.11
C GLY B 106 -13.77 -0.08 56.35
N LYS B 107 -13.01 0.29 55.31
CA LYS B 107 -11.58 0.48 55.49
C LYS B 107 -11.32 1.54 56.53
N ALA B 108 -12.07 2.64 56.48
CA ALA B 108 -11.89 3.73 57.44
C ALA B 108 -12.23 3.28 58.85
N ILE B 109 -13.35 2.58 59.01
CA ILE B 109 -13.71 2.05 60.32
C ILE B 109 -12.61 1.15 60.87
N ALA B 110 -12.08 0.27 60.03
CA ALA B 110 -11.05 -0.68 60.48
C ALA B 110 -9.76 0.04 60.86
N LEU B 111 -9.39 1.07 60.09
CA LEU B 111 -8.18 1.81 60.41
C LEU B 111 -8.34 2.55 61.74
N VAL B 112 -9.45 3.28 61.91
CA VAL B 112 -9.64 4.01 63.15
C VAL B 112 -9.80 3.04 64.33
N ALA B 113 -10.38 1.86 64.09
CA ALA B 113 -10.53 0.82 65.11
C ALA B 113 -9.19 0.24 65.51
N ALA B 114 -8.13 0.50 64.74
CA ALA B 114 -6.82 -0.06 65.08
C ALA B 114 -5.81 1.02 65.46
N ASN B 115 -6.07 2.27 65.11
CA ASN B 115 -5.13 3.37 65.33
C ASN B 115 -5.66 4.47 66.25
N GLY B 116 -6.98 4.55 66.46
CA GLY B 116 -7.65 5.47 67.41
C GLY B 116 -8.14 6.91 67.19
N GLY B 117 -7.41 7.73 66.44
CA GLY B 117 -7.80 9.08 66.08
C GLY B 117 -9.15 9.20 65.41
N LYS B 118 -9.25 10.09 64.44
CA LYS B 118 -10.46 10.31 63.67
C LYS B 118 -9.95 10.10 62.25
N ILE B 119 -10.84 9.72 61.34
CA ILE B 119 -10.40 9.41 59.98
C ILE B 119 -9.59 10.58 59.39
N HIS B 120 -9.93 11.83 59.74
CA HIS B 120 -9.23 12.98 59.17
C HIS B 120 -7.73 12.95 59.47
N ASP B 121 -7.29 12.27 60.53
CA ASP B 121 -5.87 12.25 60.82
C ASP B 121 -5.06 11.48 59.78
N TYR B 122 -5.69 10.63 58.99
CA TYR B 122 -4.90 9.77 58.13
C TYR B 122 -4.88 10.24 56.69
N GLU B 123 -5.40 11.44 56.43
CA GLU B 123 -5.33 12.02 55.10
C GLU B 123 -3.87 12.25 54.71
N GLY B 124 -3.49 11.70 53.54
CA GLY B 124 -2.12 11.78 53.08
C GLY B 124 -1.60 10.42 52.66
N VAL B 125 -0.31 10.17 52.84
CA VAL B 125 0.33 8.92 52.42
C VAL B 125 1.00 8.25 53.61
N ASP B 126 0.55 7.03 53.93
CA ASP B 126 1.13 6.14 54.95
C ASP B 126 1.37 6.87 56.27
N VAL B 127 0.34 7.54 56.79
CA VAL B 127 0.52 8.25 58.05
C VAL B 127 0.10 7.43 59.29
N SER B 128 -0.57 6.31 59.11
CA SER B 128 -0.98 5.44 60.20
C SER B 128 0.20 4.59 60.64
N LYS B 129 0.05 3.91 61.79
CA LYS B 129 1.14 3.14 62.35
C LYS B 129 0.85 1.65 62.37
N GLU B 130 -0.39 1.26 62.58
CA GLU B 130 -0.75 -0.15 62.63
C GLU B 130 -1.61 -0.54 61.42
N PRO B 131 -1.62 -1.82 61.02
CA PRO B 131 -2.54 -2.25 59.96
C PRO B 131 -3.95 -2.40 60.54
N MET B 132 -4.92 -2.24 59.67
CA MET B 132 -6.32 -2.25 60.08
C MET B 132 -6.78 -3.67 60.44
N VAL B 133 -7.95 -3.73 61.07
CA VAL B 133 -8.54 -4.96 61.58
C VAL B 133 -8.86 -5.83 60.37
N PRO B 134 -8.92 -7.15 60.52
CA PRO B 134 -9.24 -8.03 59.39
C PRO B 134 -10.48 -7.54 58.64
N LEU B 135 -10.38 -7.51 57.31
CA LEU B 135 -11.43 -7.03 56.44
C LEU B 135 -11.48 -7.85 55.16
N ILE B 136 -12.67 -8.31 54.80
CA ILE B 136 -12.94 -8.98 53.53
C ILE B 136 -13.86 -8.09 52.71
N ALA B 137 -13.48 -7.83 51.45
CA ALA B 137 -14.21 -6.88 50.59
C ALA B 137 -15.00 -7.60 49.50
N ILE B 138 -16.32 -7.42 49.48
CA ILE B 138 -17.17 -8.04 48.46
C ILE B 138 -17.65 -6.96 47.51
N ASN B 139 -17.17 -6.99 46.27
CA ASN B 139 -17.40 -5.92 45.32
C ASN B 139 -18.61 -6.21 44.43
N THR B 140 -19.48 -5.21 44.25
CA THR B 140 -20.68 -5.34 43.44
C THR B 140 -20.80 -4.27 42.35
N THR B 141 -19.83 -3.36 42.20
CA THR B 141 -19.82 -2.45 41.05
C THR B 141 -18.59 -2.73 40.20
N ALA B 142 -18.64 -2.33 38.93
CA ALA B 142 -17.50 -2.49 38.03
C ALA B 142 -16.79 -1.17 37.82
N GLY B 143 -16.20 -0.70 38.94
CA GLY B 143 -15.31 0.44 39.06
C GLY B 143 -14.72 0.42 40.45
N THR B 144 -13.87 1.41 40.74
CA THR B 144 -13.10 1.60 41.98
C THR B 144 -12.01 0.56 42.13
N GLY B 145 -12.34 -0.73 42.19
CA GLY B 145 -11.28 -1.66 42.49
C GLY B 145 -10.89 -1.62 43.94
N SER B 146 -11.65 -0.89 44.75
CA SER B 146 -11.30 -0.64 46.14
C SER B 146 -11.16 -1.92 46.94
N GLU B 147 -11.74 -3.02 46.48
CA GLU B 147 -11.49 -4.29 47.15
C GLU B 147 -10.03 -4.73 47.08
N LEU B 148 -9.19 -4.06 46.29
CA LEU B 148 -7.79 -4.43 46.13
C LEU B 148 -6.79 -3.35 46.51
N THR B 149 -7.23 -2.14 46.81
CA THR B 149 -6.34 -0.98 46.90
C THR B 149 -6.00 -0.59 48.32
N LYS B 150 -4.99 0.27 48.44
CA LYS B 150 -4.64 0.88 49.71
C LYS B 150 -5.18 2.30 49.83
N PHE B 151 -6.34 2.55 49.21
CA PHE B 151 -7.01 3.85 49.13
C PHE B 151 -8.33 3.79 49.88
N THR B 152 -8.62 4.84 50.63
CA THR B 152 -9.98 5.07 51.11
C THR B 152 -10.32 6.55 50.97
N ILE B 153 -11.41 6.84 50.28
CA ILE B 153 -11.82 8.20 49.97
C ILE B 153 -12.98 8.50 50.89
N ILE B 154 -12.73 9.31 51.93
CA ILE B 154 -13.75 9.67 52.91
C ILE B 154 -14.02 11.17 52.83
N THR B 155 -15.28 11.58 52.94
CA THR B 155 -15.59 13.00 52.78
C THR B 155 -15.47 13.71 54.13
N ASP B 156 -14.65 14.77 54.17
CA ASP B 156 -14.68 15.78 55.23
C ASP B 156 -15.84 16.73 54.97
N THR B 157 -16.91 16.58 55.78
CA THR B 157 -18.14 17.37 55.67
C THR B 157 -17.95 18.83 56.04
N GLU B 158 -16.90 19.15 56.80
CA GLU B 158 -16.67 20.51 57.23
C GLU B 158 -15.88 21.30 56.17
N ARG B 159 -14.81 20.71 55.64
CA ARG B 159 -14.08 21.37 54.56
C ARG B 159 -14.70 21.09 53.19
N LYS B 160 -15.70 20.20 53.13
CA LYS B 160 -16.36 19.79 51.87
C LYS B 160 -15.39 19.16 50.88
N VAL B 161 -14.52 18.27 51.36
CA VAL B 161 -13.46 17.70 50.51
C VAL B 161 -13.45 16.18 50.67
N LYS B 162 -13.50 15.47 49.56
CA LYS B 162 -13.33 14.02 49.60
C LYS B 162 -11.84 13.80 49.83
N MET B 163 -11.49 13.50 51.08
CA MET B 163 -10.11 13.25 51.46
C MET B 163 -9.64 11.90 50.93
N ALA B 164 -8.40 11.86 50.49
CA ALA B 164 -7.78 10.66 49.96
C ALA B 164 -6.80 10.15 51.01
N ILE B 165 -7.14 9.03 51.64
CA ILE B 165 -6.23 8.35 52.55
C ILE B 165 -5.57 7.22 51.76
N VAL B 166 -4.29 7.39 51.42
CA VAL B 166 -3.51 6.41 50.67
C VAL B 166 -2.54 5.80 51.65
N ASP B 167 -2.89 4.64 52.21
CA ASP B 167 -2.10 4.03 53.26
C ASP B 167 -2.02 2.51 53.08
N LYS B 168 -0.80 1.97 53.15
CA LYS B 168 -0.60 0.52 53.00
C LYS B 168 -1.34 -0.32 54.03
N HIS B 169 -1.80 0.28 55.12
CA HIS B 169 -2.44 -0.50 56.16
C HIS B 169 -3.91 -0.78 55.91
N VAL B 170 -4.47 -0.25 54.83
CA VAL B 170 -5.87 -0.48 54.49
C VAL B 170 -6.05 -1.42 53.30
N THR B 171 -4.99 -2.11 52.87
CA THR B 171 -5.17 -3.15 51.87
C THR B 171 -6.04 -4.26 52.46
N PRO B 172 -7.20 -4.58 51.87
CA PRO B 172 -8.05 -5.61 52.48
C PRO B 172 -7.31 -6.94 52.61
N THR B 173 -7.79 -7.76 53.56
CA THR B 173 -7.20 -9.07 53.78
C THR B 173 -7.48 -10.02 52.63
N LEU B 174 -8.72 -10.03 52.16
CA LEU B 174 -9.14 -10.91 51.09
C LEU B 174 -10.20 -10.16 50.28
N SER B 175 -10.21 -10.42 48.98
CA SER B 175 -11.16 -9.72 48.11
C SER B 175 -12.03 -10.75 47.40
N ILE B 176 -13.27 -10.36 47.12
CA ILE B 176 -14.24 -11.18 46.40
C ILE B 176 -14.92 -10.35 45.31
N ASN B 177 -14.84 -10.81 44.08
CA ASN B 177 -15.38 -10.18 42.86
C ASN B 177 -16.37 -11.12 42.21
N ASP B 178 -17.62 -11.15 42.71
CA ASP B 178 -18.64 -12.05 42.17
C ASP B 178 -19.46 -11.29 41.13
N PRO B 179 -19.33 -11.59 39.84
CA PRO B 179 -20.09 -10.85 38.82
C PRO B 179 -21.59 -11.07 38.89
N GLU B 180 -22.04 -12.12 39.58
CA GLU B 180 -23.48 -12.32 39.73
C GLU B 180 -24.11 -11.22 40.58
N LEU B 181 -23.31 -10.58 41.40
CA LEU B 181 -23.72 -9.49 42.28
C LEU B 181 -23.75 -8.16 41.54
N MET B 182 -23.34 -8.15 40.26
CA MET B 182 -23.30 -6.89 39.51
C MET B 182 -24.38 -6.75 38.46
N VAL B 183 -25.16 -7.81 38.23
CA VAL B 183 -26.20 -7.79 37.22
C VAL B 183 -27.24 -6.73 37.52
N GLY B 184 -27.45 -6.40 38.79
CA GLY B 184 -28.50 -5.46 39.13
C GLY B 184 -28.14 -4.01 38.97
N MET B 185 -26.91 -3.70 38.58
CA MET B 185 -26.52 -2.32 38.37
C MET B 185 -27.36 -1.69 37.26
N PRO B 186 -28.10 -0.62 37.53
CA PRO B 186 -28.83 0.09 36.45
C PRO B 186 -27.87 0.73 35.46
N PRO B 187 -28.34 1.05 34.25
CA PRO B 187 -27.42 1.54 33.21
C PRO B 187 -26.57 2.73 33.61
N SER B 188 -27.16 3.72 34.30
CA SER B 188 -26.40 4.90 34.65
C SER B 188 -25.27 4.57 35.62
N LEU B 189 -25.54 3.69 36.58
CA LEU B 189 -24.49 3.27 37.50
C LEU B 189 -23.44 2.42 36.77
N THR B 190 -23.88 1.53 35.87
CA THR B 190 -22.93 0.76 35.07
C THR B 190 -21.99 1.67 34.32
N ALA B 191 -22.54 2.72 33.70
CA ALA B 191 -21.71 3.63 32.91
C ALA B 191 -20.75 4.40 33.81
N ALA B 192 -21.23 4.92 34.95
CA ALA B 192 -20.38 5.74 35.80
C ALA B 192 -19.24 4.93 36.42
N THR B 193 -19.57 3.75 36.96
CA THR B 193 -18.50 2.95 37.55
C THR B 193 -17.53 2.49 36.48
N GLY B 194 -18.04 2.12 35.29
CA GLY B 194 -17.15 1.72 34.22
C GLY B 194 -16.25 2.84 33.76
N LEU B 195 -16.77 4.06 33.75
CA LEU B 195 -15.92 5.16 33.36
C LEU B 195 -14.95 5.55 34.47
N ASP B 196 -15.27 5.21 35.72
CA ASP B 196 -14.28 5.36 36.78
C ASP B 196 -13.16 4.35 36.58
N ALA B 197 -13.50 3.14 36.12
CA ALA B 197 -12.44 2.16 35.84
C ALA B 197 -11.56 2.63 34.70
N LEU B 198 -12.18 3.19 33.66
CA LEU B 198 -11.41 3.74 32.55
C LEU B 198 -10.51 4.89 33.01
N THR B 199 -11.02 5.77 33.87
CA THR B 199 -10.19 6.85 34.37
C THR B 199 -9.01 6.29 35.15
N HIS B 200 -9.25 5.26 35.96
CA HIS B 200 -8.16 4.62 36.67
C HIS B 200 -7.10 4.12 35.69
N ALA B 201 -7.53 3.42 34.65
CA ALA B 201 -6.55 2.81 33.77
C ALA B 201 -5.74 3.84 33.01
N ILE B 202 -6.41 4.91 32.52
CA ILE B 202 -5.74 5.94 31.74
C ILE B 202 -4.79 6.76 32.62
N GLU B 203 -5.27 7.19 33.80
CA GLU B 203 -4.42 7.96 34.69
C GLU B 203 -3.26 7.13 35.20
N ALA B 204 -3.48 5.82 35.41
CA ALA B 204 -2.38 4.94 35.80
C ALA B 204 -1.39 4.78 34.66
N TYR B 205 -1.88 4.72 33.43
CA TYR B 205 -0.97 4.54 32.31
C TYR B 205 -0.07 5.76 32.13
N VAL B 206 -0.61 6.97 32.34
CA VAL B 206 0.20 8.17 32.11
C VAL B 206 0.83 8.67 33.37
N SER B 207 0.65 7.97 34.49
CA SER B 207 1.18 8.42 35.77
C SER B 207 2.70 8.40 35.81
N THR B 208 3.27 9.33 36.59
CA THR B 208 4.72 9.36 36.79
C THR B 208 5.20 8.19 37.65
N GLY B 209 4.30 7.46 38.29
CA GLY B 209 4.69 6.33 39.11
C GLY B 209 4.46 5.00 38.40
N ALA B 210 4.28 5.04 37.08
CA ALA B 210 4.00 3.84 36.31
C ALA B 210 5.17 2.87 36.29
N THR B 211 4.84 1.60 36.24
CA THR B 211 5.77 0.47 36.19
C THR B 211 5.41 -0.42 35.01
N PRO B 212 6.34 -1.25 34.52
CA PRO B 212 5.95 -2.22 33.48
C PRO B 212 4.80 -3.13 33.93
N ILE B 213 4.69 -3.41 35.23
CA ILE B 213 3.57 -4.22 35.74
C ILE B 213 2.25 -3.43 35.67
N THR B 214 2.23 -2.23 36.26
CA THR B 214 1.03 -1.41 36.17
C THR B 214 0.67 -1.12 34.72
N ASP B 215 1.66 -0.93 33.85
CA ASP B 215 1.38 -0.74 32.44
C ASP B 215 0.66 -1.96 31.85
N ALA B 216 1.15 -3.16 32.14
CA ALA B 216 0.51 -4.36 31.61
C ALA B 216 -0.96 -4.37 31.99
N LEU B 217 -1.23 -4.14 33.26
CA LEU B 217 -2.62 -4.21 33.72
C LEU B 217 -3.46 -3.11 33.09
N ALA B 218 -2.93 -1.89 33.00
CA ALA B 218 -3.71 -0.76 32.52
C ALA B 218 -4.05 -0.92 31.04
N ILE B 219 -3.08 -1.41 30.26
CA ILE B 219 -3.36 -1.64 28.84
C ILE B 219 -4.50 -2.64 28.67
N GLN B 220 -4.43 -3.76 29.38
CA GLN B 220 -5.50 -4.73 29.25
C GLN B 220 -6.84 -4.15 29.68
N ALA B 221 -6.84 -3.38 30.78
CA ALA B 221 -8.07 -2.81 31.27
C ALA B 221 -8.71 -1.89 30.24
N ILE B 222 -7.91 -1.02 29.62
CA ILE B 222 -8.46 -0.12 28.60
C ILE B 222 -9.05 -0.93 27.45
N LYS B 223 -8.35 -1.96 26.99
CA LYS B 223 -8.88 -2.72 25.85
C LYS B 223 -10.21 -3.39 26.19
N ILE B 224 -10.31 -3.92 27.41
CA ILE B 224 -11.54 -4.62 27.75
C ILE B 224 -12.67 -3.63 27.95
N ILE B 225 -12.40 -2.50 28.61
CA ILE B 225 -13.45 -1.51 28.82
C ILE B 225 -13.95 -1.00 27.48
N SER B 226 -13.02 -0.73 26.56
CA SER B 226 -13.38 -0.23 25.24
C SER B 226 -14.34 -1.18 24.55
N LYS B 227 -14.22 -2.47 24.80
CA LYS B 227 -15.09 -3.38 24.07
C LYS B 227 -16.39 -3.66 24.81
N TYR B 228 -16.34 -3.81 26.13
CA TYR B 228 -17.47 -4.35 26.86
C TYR B 228 -18.28 -3.33 27.64
N LEU B 229 -17.75 -2.14 27.96
CA LEU B 229 -18.56 -1.20 28.73
C LEU B 229 -19.82 -0.76 28.00
N PRO B 230 -19.79 -0.35 26.72
CA PRO B 230 -21.05 -0.02 26.05
C PRO B 230 -22.01 -1.17 26.01
N ARG B 231 -21.52 -2.40 25.98
CA ARG B 231 -22.44 -3.52 25.99
C ARG B 231 -23.08 -3.71 27.36
N ALA B 232 -22.32 -3.51 28.43
CA ALA B 232 -22.90 -3.70 29.74
C ALA B 232 -23.89 -2.61 30.05
N VAL B 233 -23.67 -1.42 29.49
CA VAL B 233 -24.62 -0.34 29.65
C VAL B 233 -25.86 -0.58 28.80
N ALA B 234 -25.68 -1.15 27.61
CA ALA B 234 -26.85 -1.34 26.75
C ALA B 234 -27.75 -2.46 27.23
N ASN B 235 -27.16 -3.50 27.83
CA ASN B 235 -27.92 -4.61 28.37
C ASN B 235 -27.18 -5.16 29.58
N GLY B 236 -27.69 -4.85 30.76
CA GLY B 236 -27.06 -5.30 32.00
C GLY B 236 -27.16 -6.78 32.24
N LYS B 237 -27.94 -7.50 31.44
CA LYS B 237 -28.05 -8.95 31.57
C LYS B 237 -27.12 -9.68 30.61
N ASP B 238 -26.30 -8.95 29.87
CA ASP B 238 -25.22 -9.54 29.08
C ASP B 238 -24.14 -10.04 30.03
N ILE B 239 -24.16 -11.34 30.32
CA ILE B 239 -23.28 -11.86 31.37
C ILE B 239 -21.83 -11.76 30.95
N GLU B 240 -21.53 -12.01 29.69
CA GLU B 240 -20.14 -11.90 29.23
C GLU B 240 -19.61 -10.49 29.48
N ALA B 241 -20.41 -9.46 29.14
CA ALA B 241 -19.97 -8.08 29.38
C ALA B 241 -19.80 -7.79 30.86
N ARG B 242 -20.67 -8.35 31.70
CA ARG B 242 -20.56 -8.12 33.13
C ARG B 242 -19.28 -8.73 33.67
N GLU B 243 -18.95 -9.94 33.20
CA GLU B 243 -17.75 -10.61 33.65
C GLU B 243 -16.50 -9.90 33.14
N GLN B 244 -16.52 -9.45 31.88
CA GLN B 244 -15.35 -8.75 31.38
C GLN B 244 -15.16 -7.41 32.10
N MET B 245 -16.25 -6.72 32.45
CA MET B 245 -16.13 -5.50 33.22
C MET B 245 -15.62 -5.76 34.62
N ALA B 246 -15.97 -6.89 35.22
CA ALA B 246 -15.42 -7.21 36.53
C ALA B 246 -13.91 -7.41 36.46
N PHE B 247 -13.46 -8.09 35.40
CA PHE B 247 -12.02 -8.23 35.19
C PHE B 247 -11.37 -6.87 34.95
N ALA B 248 -12.00 -6.04 34.11
CA ALA B 248 -11.41 -4.75 33.77
C ALA B 248 -11.31 -3.86 34.98
N GLN B 249 -12.34 -3.88 35.84
CA GLN B 249 -12.31 -3.09 37.05
C GLN B 249 -11.15 -3.53 37.94
N SER B 250 -10.91 -4.85 38.04
CA SER B 250 -9.80 -5.32 38.88
C SER B 250 -8.44 -4.95 38.28
N LEU B 251 -8.29 -5.08 36.96
CA LEU B 251 -7.04 -4.71 36.31
C LEU B 251 -6.73 -3.24 36.57
N ALA B 252 -7.73 -2.39 36.39
CA ALA B 252 -7.48 -0.96 36.57
C ALA B 252 -7.19 -0.64 38.02
N GLY B 253 -7.84 -1.35 38.96
CA GLY B 253 -7.52 -1.15 40.35
C GLY B 253 -6.08 -1.50 40.70
N MET B 254 -5.60 -2.67 40.27
CA MET B 254 -4.21 -3.02 40.54
C MET B 254 -3.27 -1.96 39.95
N ALA B 255 -3.64 -1.44 38.77
CA ALA B 255 -2.76 -0.50 38.10
C ALA B 255 -2.70 0.82 38.84
N PHE B 256 -3.86 1.44 39.14
CA PHE B 256 -3.78 2.75 39.79
C PHE B 256 -3.30 2.58 41.23
N ASN B 257 -3.67 1.47 41.89
CA ASN B 257 -3.20 1.26 43.25
C ASN B 257 -1.70 1.33 43.34
N ASN B 258 -1.00 0.89 42.29
CA ASN B 258 0.45 0.84 42.37
C ASN B 258 1.17 1.86 41.49
N ALA B 259 0.47 2.56 40.61
CA ALA B 259 1.08 3.57 39.79
C ALA B 259 0.73 4.98 40.24
N GLY B 260 -0.46 5.17 40.78
CA GLY B 260 -0.94 6.50 41.11
C GLY B 260 -2.00 6.97 40.12
N LEU B 261 -2.65 8.06 40.49
CA LEU B 261 -3.68 8.62 39.63
C LEU B 261 -3.22 9.96 39.08
N GLY B 262 -4.11 10.92 38.91
CA GLY B 262 -3.74 12.23 38.42
C GLY B 262 -4.78 13.28 38.73
N TYR B 263 -4.80 14.33 37.89
CA TYR B 263 -5.66 15.46 38.18
C TYR B 263 -7.13 15.22 37.86
N VAL B 264 -7.48 14.17 37.10
CA VAL B 264 -8.90 13.84 36.97
C VAL B 264 -9.48 13.55 38.35
N HIS B 265 -8.85 12.64 39.08
CA HIS B 265 -9.36 12.30 40.40
C HIS B 265 -9.16 13.46 41.36
N ALA B 266 -8.05 14.19 41.22
CA ALA B 266 -7.79 15.30 42.14
C ALA B 266 -8.89 16.35 42.05
N ILE B 267 -9.37 16.66 40.84
CA ILE B 267 -10.46 17.63 40.72
C ILE B 267 -11.80 16.98 41.05
N ALA B 268 -12.00 15.73 40.63
CA ALA B 268 -13.26 15.05 40.87
C ALA B 268 -13.54 14.92 42.34
N HIS B 269 -12.50 14.74 43.16
CA HIS B 269 -12.72 14.62 44.59
C HIS B 269 -13.28 15.92 45.15
N GLN B 270 -12.92 17.06 44.57
CA GLN B 270 -13.42 18.32 45.08
C GLN B 270 -14.86 18.55 44.61
N LEU B 271 -15.16 18.22 43.35
CA LEU B 271 -16.56 18.39 42.92
C LEU B 271 -17.47 17.46 43.71
N GLY B 272 -16.99 16.26 44.07
CA GLY B 272 -17.81 15.36 44.85
C GLY B 272 -17.94 15.77 46.30
N GLY B 273 -16.91 16.36 46.89
CA GLY B 273 -17.05 16.86 48.24
C GLY B 273 -17.93 18.09 48.31
N PHE B 274 -18.00 18.86 47.21
CA PHE B 274 -18.83 20.06 47.25
C PHE B 274 -20.28 19.81 46.91
N TYR B 275 -20.57 18.93 45.95
CA TYR B 275 -21.92 18.80 45.44
C TYR B 275 -22.48 17.39 45.53
N ASN B 276 -21.74 16.44 46.10
CA ASN B 276 -22.16 15.04 46.21
C ASN B 276 -22.54 14.41 44.88
N PHE B 277 -21.89 14.83 43.80
CA PHE B 277 -22.07 14.24 42.49
C PHE B 277 -21.56 12.80 42.49
N PRO B 278 -22.04 11.97 41.56
CA PRO B 278 -21.45 10.62 41.43
C PRO B 278 -20.00 10.70 41.00
N HIS B 279 -19.15 9.93 41.69
CA HIS B 279 -17.70 9.97 41.43
C HIS B 279 -17.39 9.67 39.97
N GLY B 280 -17.98 8.62 39.44
CA GLY B 280 -17.68 8.24 38.07
C GLY B 280 -18.16 9.29 37.08
N VAL B 281 -19.25 9.98 37.39
CA VAL B 281 -19.70 11.05 36.51
C VAL B 281 -18.72 12.22 36.52
N CYS B 282 -18.18 12.55 37.69
CA CYS B 282 -17.17 13.60 37.76
C CYS B 282 -15.97 13.22 36.91
N ASN B 283 -15.51 11.98 37.06
CA ASN B 283 -14.36 11.51 36.29
C ASN B 283 -14.64 11.51 34.80
N ALA B 284 -15.82 11.07 34.37
CA ALA B 284 -16.12 11.03 32.93
C ALA B 284 -16.21 12.43 32.36
N VAL B 285 -16.76 13.38 33.12
CA VAL B 285 -16.83 14.74 32.66
C VAL B 285 -15.43 15.35 32.55
N LEU B 286 -14.55 15.05 33.50
CA LEU B 286 -13.24 15.71 33.54
C LEU B 286 -12.22 15.08 32.61
N LEU B 287 -12.29 13.76 32.40
CA LEU B 287 -11.26 13.01 31.67
C LEU B 287 -10.75 13.69 30.39
N PRO B 288 -11.59 14.09 29.43
CA PRO B 288 -11.03 14.73 28.21
C PRO B 288 -10.26 16.01 28.50
N TYR B 289 -10.70 16.84 29.44
CA TYR B 289 -10.02 18.12 29.69
C TYR B 289 -8.66 17.91 30.34
N VAL B 290 -8.58 16.98 31.29
CA VAL B 290 -7.29 16.73 31.90
C VAL B 290 -6.39 16.00 30.92
N CYS B 291 -6.95 15.12 30.09
CA CYS B 291 -6.14 14.47 29.06
C CYS B 291 -5.58 15.50 28.10
N ARG B 292 -6.39 16.46 27.68
CA ARG B 292 -5.90 17.53 26.81
C ARG B 292 -4.76 18.27 27.49
N PHE B 293 -4.95 18.65 28.75
CA PHE B 293 -3.91 19.38 29.47
C PHE B 293 -2.63 18.56 29.56
N ASN B 294 -2.74 17.26 29.78
CA ASN B 294 -1.58 16.41 29.96
C ASN B 294 -0.95 15.98 28.65
N LEU B 295 -1.59 16.27 27.51
CA LEU B 295 -1.19 15.66 26.25
C LEU B 295 0.29 15.87 25.96
N ILE B 296 0.79 17.09 26.12
CA ILE B 296 2.18 17.36 25.73
C ILE B 296 3.20 16.62 26.61
N SER B 297 2.82 16.10 27.78
CA SER B 297 3.79 15.41 28.63
C SER B 297 3.92 13.92 28.31
N LYS B 298 2.89 13.31 27.73
CA LYS B 298 2.89 11.89 27.47
C LYS B 298 2.25 11.60 26.10
N VAL B 299 2.74 12.27 25.06
CA VAL B 299 2.04 12.19 23.78
C VAL B 299 2.09 10.78 23.18
N GLU B 300 3.20 10.05 23.39
CA GLU B 300 3.25 8.70 22.85
C GLU B 300 2.28 7.78 23.56
N ARG B 301 2.12 7.95 24.88
CA ARG B 301 1.22 7.04 25.57
C ARG B 301 -0.23 7.37 25.27
N TYR B 302 -0.55 8.63 25.03
CA TYR B 302 -1.91 8.93 24.60
C TYR B 302 -2.18 8.39 23.20
N ALA B 303 -1.17 8.39 22.32
CA ALA B 303 -1.34 7.77 21.01
C ALA B 303 -1.57 6.28 21.14
N GLU B 304 -0.88 5.66 22.10
CA GLU B 304 -1.13 4.24 22.32
C GLU B 304 -2.54 4.00 22.86
N ILE B 305 -3.04 4.87 23.75
CA ILE B 305 -4.40 4.72 24.26
C ILE B 305 -5.41 4.85 23.13
N ALA B 306 -5.12 5.73 22.16
CA ALA B 306 -5.97 5.85 20.99
C ALA B 306 -6.09 4.53 20.28
N ALA B 307 -4.96 3.82 20.15
CA ALA B 307 -5.04 2.49 19.53
C ALA B 307 -5.80 1.51 20.42
N PHE B 308 -5.56 1.53 21.73
CA PHE B 308 -6.29 0.65 22.64
C PHE B 308 -7.81 0.85 22.56
N LEU B 309 -8.26 2.06 22.28
CA LEU B 309 -9.67 2.42 22.23
C LEU B 309 -10.29 2.11 20.87
N GLY B 310 -9.56 1.44 19.99
CA GLY B 310 -10.08 1.03 18.72
C GLY B 310 -9.85 1.98 17.59
N GLU B 311 -9.13 3.09 17.81
CA GLU B 311 -8.97 4.07 16.74
C GLU B 311 -7.90 3.61 15.77
N ASN B 312 -8.08 4.00 14.51
CA ASN B 312 -7.06 3.73 13.51
C ASN B 312 -6.09 4.90 13.50
N VAL B 313 -4.82 4.63 13.70
CA VAL B 313 -3.84 5.72 13.79
C VAL B 313 -2.83 5.63 12.66
N ASP B 314 -3.17 4.89 11.60
CA ASP B 314 -2.25 4.63 10.50
C ASP B 314 -1.96 5.92 9.76
N GLY B 315 -0.69 6.19 9.51
CA GLY B 315 -0.31 7.35 8.73
C GLY B 315 -0.42 8.67 9.46
N LEU B 316 -0.50 8.65 10.78
CA LEU B 316 -0.68 9.87 11.57
C LEU B 316 0.54 10.15 12.42
N SER B 317 0.76 11.44 12.70
CA SER B 317 1.76 11.81 13.68
C SER B 317 1.31 11.37 15.06
N THR B 318 2.27 11.24 15.97
CA THR B 318 1.93 10.91 17.34
C THR B 318 0.93 11.91 17.91
N TYR B 319 1.05 13.18 17.52
CA TYR B 319 0.15 14.19 18.03
C TYR B 319 -1.29 13.95 17.56
N ASP B 320 -1.47 13.64 16.27
CA ASP B 320 -2.80 13.41 15.74
C ASP B 320 -3.45 12.15 16.33
N ALA B 321 -2.66 11.11 16.60
CA ALA B 321 -3.21 9.92 17.23
C ALA B 321 -3.63 10.20 18.67
N ALA B 322 -2.80 10.97 19.41
CA ALA B 322 -3.21 11.34 20.76
C ALA B 322 -4.52 12.13 20.74
N GLU B 323 -4.71 12.94 19.71
CA GLU B 323 -5.96 13.68 19.67
C GLU B 323 -7.12 12.72 19.39
N LYS B 324 -6.88 11.69 18.59
CA LYS B 324 -7.94 10.72 18.36
C LYS B 324 -8.29 10.00 19.65
N ALA B 325 -7.33 9.94 20.61
CA ALA B 325 -7.66 9.30 21.89
C ALA B 325 -8.60 10.17 22.68
N ILE B 326 -8.35 11.47 22.70
CA ILE B 326 -9.28 12.37 23.38
C ILE B 326 -10.65 12.32 22.71
N LYS B 327 -10.69 12.26 21.38
CA LYS B 327 -11.96 12.22 20.67
C LYS B 327 -12.73 10.94 20.97
N ALA B 328 -12.03 9.81 21.11
CA ALA B 328 -12.73 8.56 21.40
C ALA B 328 -13.28 8.55 22.82
N ILE B 329 -12.55 9.15 23.77
CA ILE B 329 -13.06 9.28 25.13
C ILE B 329 -14.32 10.13 25.14
N GLU B 330 -14.31 11.23 24.38
CA GLU B 330 -15.50 12.07 24.34
C GLU B 330 -16.68 11.33 23.75
N ARG B 331 -16.44 10.55 22.68
CA ARG B 331 -17.54 9.84 22.06
C ARG B 331 -18.13 8.78 23.00
N MET B 332 -17.27 8.11 23.77
CA MET B 332 -17.78 7.13 24.72
C MET B 332 -18.61 7.80 25.79
N ALA B 333 -18.15 8.94 26.31
CA ALA B 333 -18.96 9.61 27.34
C ALA B 333 -20.31 10.04 26.77
N LYS B 334 -20.33 10.50 25.52
CA LYS B 334 -21.59 10.94 24.92
C LYS B 334 -22.53 9.76 24.66
N ASP B 335 -21.99 8.61 24.24
CA ASP B 335 -22.84 7.46 23.94
C ASP B 335 -23.44 6.85 25.18
N LEU B 336 -22.82 7.06 26.34
CA LEU B 336 -23.28 6.54 27.62
C LEU B 336 -24.06 7.60 28.42
N ASN B 337 -24.48 8.69 27.76
CA ASN B 337 -25.33 9.74 28.34
C ASN B 337 -24.68 10.37 29.58
N ILE B 338 -23.41 10.70 29.46
CA ILE B 338 -22.73 11.37 30.57
C ILE B 338 -23.02 12.85 30.39
N PRO B 339 -23.36 13.57 31.46
CA PRO B 339 -23.62 15.01 31.34
C PRO B 339 -22.50 15.72 30.60
N LYS B 340 -22.85 16.80 29.91
CA LYS B 340 -21.88 17.50 29.08
C LYS B 340 -20.97 18.39 29.93
N GLY B 341 -21.46 18.90 31.07
CA GLY B 341 -20.63 19.75 31.90
C GLY B 341 -21.17 19.75 33.32
N PHE B 342 -20.50 20.49 34.19
CA PHE B 342 -20.89 20.53 35.60
C PHE B 342 -21.94 21.58 35.93
N LYS B 343 -22.11 22.61 35.09
CA LYS B 343 -23.09 23.63 35.41
C LYS B 343 -24.50 23.04 35.46
N GLU B 344 -24.85 22.19 34.48
CA GLU B 344 -26.17 21.57 34.52
C GLU B 344 -26.38 20.66 35.73
N LEU B 345 -25.31 20.17 36.35
CA LEU B 345 -25.44 19.33 37.52
C LEU B 345 -25.57 20.13 38.81
N GLY B 346 -25.19 21.41 38.78
CA GLY B 346 -25.37 22.29 39.91
C GLY B 346 -24.12 22.99 40.43
N ALA B 347 -23.02 22.89 39.68
CA ALA B 347 -21.78 23.52 40.11
C ALA B 347 -21.92 25.03 39.95
N LYS B 348 -21.22 25.76 40.81
CA LYS B 348 -21.31 27.21 40.89
C LYS B 348 -19.98 27.84 40.51
N GLU B 349 -20.07 28.97 39.81
CA GLU B 349 -18.84 29.63 39.37
C GLU B 349 -18.06 30.19 40.54
N GLU B 350 -18.76 30.62 41.60
CA GLU B 350 -18.11 31.19 42.77
C GLU B 350 -17.21 30.19 43.47
N ASP B 351 -17.30 28.90 43.13
CA ASP B 351 -16.56 27.88 43.81
C ASP B 351 -15.33 27.39 43.05
N ILE B 352 -15.21 27.74 41.76
CA ILE B 352 -14.17 27.14 40.93
C ILE B 352 -12.80 27.27 41.58
N GLU B 353 -12.45 28.47 42.04
CA GLU B 353 -11.12 28.67 42.59
C GLU B 353 -10.88 27.80 43.81
N THR B 354 -11.86 27.71 44.72
CA THR B 354 -11.68 26.85 45.88
C THR B 354 -11.49 25.40 45.45
N LEU B 355 -12.30 24.93 44.49
CA LEU B 355 -12.15 23.57 43.99
C LEU B 355 -10.71 23.39 43.51
N ALA B 356 -10.24 24.37 42.74
CA ALA B 356 -8.90 24.24 42.20
C ALA B 356 -7.87 24.18 43.32
N LYS B 357 -7.98 25.06 44.33
CA LYS B 357 -6.96 25.02 45.37
C LYS B 357 -7.00 23.70 46.11
N ASN B 358 -8.20 23.19 46.41
CA ASN B 358 -8.22 21.93 47.15
C ASN B 358 -7.74 20.79 46.27
N ALA B 359 -7.98 20.90 44.96
CA ALA B 359 -7.52 19.86 44.05
C ALA B 359 -6.00 19.80 44.09
N MET B 360 -5.33 20.94 44.27
CA MET B 360 -3.87 20.86 44.29
C MET B 360 -3.32 20.29 45.59
N LYS B 361 -4.15 20.03 46.59
CA LYS B 361 -3.68 19.43 47.83
C LYS B 361 -3.92 17.95 47.88
N ASP B 362 -4.61 17.40 46.90
CA ASP B 362 -4.88 15.98 46.81
C ASP B 362 -3.63 15.18 46.51
N ALA B 363 -3.54 13.98 47.10
CA ALA B 363 -2.36 13.16 46.87
C ALA B 363 -2.32 12.66 45.42
N CYS B 364 -3.50 12.53 44.81
CA CYS B 364 -3.63 12.06 43.44
C CYS B 364 -2.95 13.01 42.48
N ALA B 365 -2.80 14.27 42.86
CA ALA B 365 -2.13 15.20 41.96
C ALA B 365 -0.63 14.96 41.89
N LEU B 366 -0.08 14.22 42.86
CA LEU B 366 1.37 14.05 42.91
C LEU B 366 1.89 13.26 41.73
N THR B 367 1.08 12.37 41.16
CA THR B 367 1.56 11.53 40.06
C THR B 367 1.11 12.01 38.68
N ASN B 368 0.39 13.12 38.59
CA ASN B 368 0.01 13.64 37.29
C ASN B 368 1.24 13.95 36.44
N PRO B 369 1.26 13.56 35.16
CA PRO B 369 2.48 13.78 34.38
C PRO B 369 2.78 15.23 34.11
N ARG B 370 1.79 16.11 34.03
CA ARG B 370 2.03 17.54 33.85
C ARG B 370 1.77 18.24 35.17
N LYS B 371 2.73 19.04 35.61
CA LYS B 371 2.63 19.72 36.90
C LYS B 371 2.05 21.11 36.70
N PRO B 372 0.82 21.38 37.13
CA PRO B 372 0.20 22.65 36.79
C PRO B 372 0.42 23.70 37.87
N LYS B 373 0.03 24.92 37.55
CA LYS B 373 -0.09 26.03 38.48
C LYS B 373 -1.57 26.29 38.70
N LEU B 374 -1.90 26.97 39.80
CA LEU B 374 -3.30 27.19 40.18
C LEU B 374 -4.17 27.68 39.00
N GLU B 375 -3.64 28.63 38.22
CA GLU B 375 -4.44 29.18 37.12
C GLU B 375 -4.84 28.10 36.12
N GLU B 376 -3.96 27.12 35.87
CA GLU B 376 -4.28 26.08 34.89
C GLU B 376 -5.34 25.10 35.42
N VAL B 377 -5.29 24.77 36.71
CA VAL B 377 -6.35 23.96 37.30
C VAL B 377 -7.68 24.68 37.22
N ILE B 378 -7.66 25.99 37.46
CA ILE B 378 -8.88 26.77 37.36
C ILE B 378 -9.43 26.69 35.94
N GLN B 379 -8.55 26.83 34.96
CA GLN B 379 -8.98 26.78 33.57
C GLN B 379 -9.60 25.43 33.23
N ILE B 380 -9.02 24.33 33.74
CA ILE B 380 -9.59 23.01 33.47
C ILE B 380 -11.02 22.94 34.00
N ILE B 381 -11.23 23.38 35.25
CA ILE B 381 -12.58 23.31 35.82
C ILE B 381 -13.54 24.21 35.04
N LYS B 382 -13.05 25.35 34.56
CA LYS B 382 -13.90 26.23 33.78
C LYS B 382 -14.29 25.56 32.48
N ASN B 383 -13.36 24.84 31.87
CA ASN B 383 -13.68 24.15 30.63
C ASN B 383 -14.72 23.07 30.86
N ALA B 384 -14.72 22.48 32.05
CA ALA B 384 -15.68 21.44 32.40
C ALA B 384 -17.02 21.99 32.87
N MET B 385 -17.16 23.32 32.96
CA MET B 385 -18.47 23.90 33.32
C MET B 385 -19.47 23.80 32.17
N LEU B 386 -19.07 24.19 30.94
CA LEU B 386 -19.85 24.14 29.67
C LEU B 386 -21.28 23.60 29.78
N ASN C 3 -29.79 -21.39 30.09
CA ASN C 3 -29.16 -22.39 29.23
C ASN C 3 -28.75 -21.75 27.90
N THR C 4 -27.83 -22.45 27.24
CA THR C 4 -27.36 -22.16 25.91
C THR C 4 -28.19 -22.90 24.87
N GLN C 5 -29.42 -23.28 25.19
CA GLN C 5 -30.21 -24.06 24.26
C GLN C 5 -30.91 -23.18 23.23
N SER C 6 -31.09 -23.74 22.05
CA SER C 6 -31.77 -23.05 20.99
C SER C 6 -32.47 -24.09 20.12
N ALA C 7 -33.26 -23.60 19.18
CA ALA C 7 -34.03 -24.48 18.32
C ALA C 7 -34.19 -23.82 16.96
N PHE C 8 -34.34 -24.65 15.93
CA PHE C 8 -34.58 -24.18 14.58
C PHE C 8 -35.87 -24.81 14.07
N PHE C 9 -36.81 -23.97 13.64
CA PHE C 9 -38.15 -24.36 13.21
C PHE C 9 -38.29 -23.99 11.74
N MET C 10 -38.97 -24.84 10.98
CA MET C 10 -39.19 -24.60 9.56
C MET C 10 -40.16 -25.60 8.98
N PRO C 11 -40.88 -25.29 7.91
CA PRO C 11 -41.66 -26.35 7.26
C PRO C 11 -40.75 -27.47 6.75
N SER C 12 -41.25 -28.69 6.81
CA SER C 12 -40.43 -29.84 6.39
C SER C 12 -40.14 -29.81 4.89
N VAL C 13 -41.03 -29.23 4.08
CA VAL C 13 -40.82 -29.14 2.63
C VAL C 13 -41.06 -27.71 2.15
N ASN C 14 -40.07 -27.17 1.42
CA ASN C 14 -40.11 -25.81 0.92
C ASN C 14 -39.69 -25.80 -0.55
N LEU C 15 -40.62 -25.42 -1.43
CA LEU C 15 -40.43 -25.45 -2.86
C LEU C 15 -40.05 -24.07 -3.39
N PHE C 16 -39.11 -24.03 -4.34
CA PHE C 16 -38.58 -22.82 -4.97
C PHE C 16 -38.52 -22.93 -6.48
N GLY C 17 -38.48 -21.80 -7.17
CA GLY C 17 -38.22 -21.80 -8.59
C GLY C 17 -39.45 -21.53 -9.44
N ALA C 18 -39.20 -21.14 -10.69
CA ALA C 18 -40.28 -20.86 -11.64
C ALA C 18 -41.12 -22.11 -11.87
N GLY C 19 -42.43 -22.01 -11.62
CA GLY C 19 -43.30 -23.14 -11.83
C GLY C 19 -43.63 -23.93 -10.59
N SER C 20 -43.12 -23.54 -9.41
CA SER C 20 -43.34 -24.33 -8.20
C SER C 20 -44.81 -24.44 -7.82
N VAL C 21 -45.61 -23.45 -8.19
CA VAL C 21 -47.01 -23.46 -7.77
C VAL C 21 -47.74 -24.66 -8.37
N ASN C 22 -47.23 -25.18 -9.47
CA ASN C 22 -47.84 -26.31 -10.14
C ASN C 22 -47.84 -27.59 -9.31
N GLU C 23 -47.29 -27.55 -8.09
CA GLU C 23 -47.30 -28.76 -7.28
C GLU C 23 -48.35 -28.70 -6.17
N VAL C 24 -48.95 -27.52 -5.95
CA VAL C 24 -49.77 -27.32 -4.76
C VAL C 24 -50.84 -28.39 -4.64
N GLY C 25 -51.55 -28.65 -5.74
CA GLY C 25 -52.65 -29.60 -5.69
C GLY C 25 -52.17 -30.97 -5.26
N THR C 26 -51.12 -31.48 -5.91
CA THR C 26 -50.60 -32.79 -5.54
C THR C 26 -50.22 -32.80 -4.07
N ARG C 27 -49.56 -31.73 -3.60
CA ARG C 27 -49.11 -31.71 -2.21
C ARG C 27 -50.31 -31.75 -1.27
N LEU C 28 -51.38 -31.03 -1.63
CA LEU C 28 -52.58 -31.07 -0.81
C LEU C 28 -53.14 -32.47 -0.75
N ALA C 29 -53.12 -33.17 -1.89
CA ALA C 29 -53.61 -34.54 -1.89
C ALA C 29 -52.75 -35.45 -1.03
N ASP C 30 -51.42 -35.24 -1.00
CA ASP C 30 -50.58 -36.08 -0.16
C ASP C 30 -50.90 -35.91 1.32
N LEU C 31 -51.39 -34.74 1.71
CA LEU C 31 -51.72 -34.58 3.12
C LEU C 31 -52.99 -35.32 3.50
N GLY C 32 -53.79 -35.74 2.52
CA GLY C 32 -55.03 -36.41 2.83
C GLY C 32 -56.15 -35.46 3.20
N VAL C 33 -56.03 -34.20 2.83
CA VAL C 33 -57.05 -33.22 3.16
C VAL C 33 -58.06 -33.20 2.02
N LYS C 34 -59.25 -32.67 2.29
CA LYS C 34 -60.32 -32.78 1.31
C LYS C 34 -60.87 -31.44 0.88
N LYS C 35 -60.94 -30.45 1.79
CA LYS C 35 -61.39 -29.12 1.46
C LYS C 35 -60.48 -28.05 2.11
N ALA C 36 -59.99 -27.13 1.26
CA ALA C 36 -59.07 -26.09 1.67
C ALA C 36 -59.76 -24.75 1.48
N LEU C 37 -59.60 -23.88 2.45
CA LEU C 37 -60.00 -22.49 2.30
C LEU C 37 -58.81 -21.73 1.73
N LEU C 38 -58.97 -21.18 0.53
CA LEU C 38 -57.90 -20.40 -0.11
C LEU C 38 -57.98 -18.95 0.36
N VAL C 39 -57.07 -18.55 1.23
CA VAL C 39 -57.02 -17.19 1.80
C VAL C 39 -56.12 -16.30 0.95
N THR C 40 -56.71 -15.24 0.38
CA THR C 40 -55.99 -14.28 -0.43
C THR C 40 -56.62 -12.90 -0.22
N ASP C 41 -56.10 -11.91 -0.93
CA ASP C 41 -56.60 -10.53 -0.86
C ASP C 41 -57.39 -10.19 -2.12
N ALA C 42 -58.06 -9.04 -2.06
CA ALA C 42 -58.94 -8.67 -3.14
C ALA C 42 -58.20 -8.40 -4.44
N GLY C 43 -56.98 -7.86 -4.33
CA GLY C 43 -56.21 -7.55 -5.54
C GLY C 43 -55.79 -8.78 -6.32
N LEU C 44 -55.23 -9.79 -5.63
CA LEU C 44 -54.77 -11.00 -6.32
C LEU C 44 -55.92 -11.83 -6.84
N HIS C 45 -57.06 -11.79 -6.15
CA HIS C 45 -58.27 -12.45 -6.62
C HIS C 45 -58.79 -11.78 -7.87
N GLY C 46 -58.73 -10.45 -7.92
CA GLY C 46 -59.12 -9.74 -9.11
C GLY C 46 -58.22 -9.96 -10.31
N LEU C 47 -56.96 -10.34 -10.08
CA LEU C 47 -56.10 -10.65 -11.22
C LEU C 47 -56.29 -12.06 -11.72
N GLY C 48 -57.01 -12.90 -10.99
CA GLY C 48 -57.27 -14.25 -11.45
C GLY C 48 -56.36 -15.28 -10.83
N LEU C 49 -55.43 -14.86 -9.96
CA LEU C 49 -54.48 -15.83 -9.44
C LEU C 49 -55.21 -16.86 -8.60
N SER C 50 -56.20 -16.40 -7.83
CA SER C 50 -56.98 -17.29 -6.99
C SER C 50 -57.56 -18.40 -7.84
N GLU C 51 -58.10 -18.05 -9.01
CA GLU C 51 -58.74 -19.03 -9.88
C GLU C 51 -57.73 -20.00 -10.50
N LYS C 52 -56.56 -19.49 -10.90
CA LYS C 52 -55.52 -20.35 -11.47
C LYS C 52 -55.08 -21.41 -10.45
N ILE C 53 -54.86 -21.00 -9.20
CA ILE C 53 -54.43 -21.95 -8.17
C ILE C 53 -55.60 -22.87 -7.81
N SER C 54 -56.82 -22.35 -7.78
CA SER C 54 -57.98 -23.18 -7.50
C SER C 54 -58.09 -24.30 -8.53
N SER C 55 -57.81 -24.00 -9.79
CA SER C 55 -57.84 -25.06 -10.80
C SER C 55 -56.78 -26.11 -10.48
N ILE C 56 -55.55 -25.69 -10.15
CA ILE C 56 -54.55 -26.69 -9.79
C ILE C 56 -55.01 -27.55 -8.61
N ILE C 57 -55.65 -26.94 -7.61
CA ILE C 57 -56.05 -27.73 -6.45
C ILE C 57 -57.21 -28.68 -6.80
N ARG C 58 -58.24 -28.18 -7.49
CA ARG C 58 -59.35 -29.09 -7.78
C ARG C 58 -58.94 -30.21 -8.74
N ALA C 59 -58.01 -29.94 -9.66
CA ALA C 59 -57.58 -30.98 -10.60
C ALA C 59 -56.85 -32.12 -9.94
N ALA C 60 -56.73 -32.10 -8.62
CA ALA C 60 -56.11 -33.18 -7.86
C ALA C 60 -57.09 -33.79 -6.88
N GLY C 61 -58.37 -33.42 -6.97
CA GLY C 61 -59.39 -34.03 -6.12
C GLY C 61 -59.63 -33.35 -4.80
N VAL C 62 -59.13 -32.13 -4.61
CA VAL C 62 -59.36 -31.39 -3.38
C VAL C 62 -60.28 -30.22 -3.70
N GLU C 63 -61.26 -29.98 -2.84
CA GLU C 63 -62.16 -28.88 -3.10
C GLU C 63 -61.57 -27.59 -2.55
N VAL C 64 -62.02 -26.47 -3.12
CA VAL C 64 -61.48 -25.16 -2.80
C VAL C 64 -62.66 -24.21 -2.60
N SER C 65 -62.63 -23.43 -1.54
CA SER C 65 -63.56 -22.32 -1.36
C SER C 65 -62.72 -21.07 -1.08
N ILE C 66 -62.87 -20.06 -1.91
CA ILE C 66 -62.03 -18.87 -1.85
C ILE C 66 -62.56 -17.87 -0.83
N PHE C 67 -61.66 -17.39 0.03
CA PHE C 67 -61.88 -16.31 1.00
C PHE C 67 -60.93 -15.19 0.63
N PRO C 68 -61.34 -14.31 -0.28
CA PRO C 68 -60.40 -13.28 -0.75
C PRO C 68 -60.47 -11.99 0.04
N LYS C 69 -60.59 -12.08 1.37
CA LYS C 69 -60.86 -10.89 2.15
C LYS C 69 -59.75 -10.55 3.16
N ALA C 70 -58.56 -11.10 2.98
CA ALA C 70 -57.45 -10.70 3.82
C ALA C 70 -56.98 -9.34 3.37
N GLU C 71 -56.86 -8.43 4.31
CA GLU C 71 -56.52 -7.05 4.02
C GLU C 71 -55.09 -6.73 4.41
N PRO C 72 -54.43 -5.81 3.70
CA PRO C 72 -53.11 -5.36 4.14
C PRO C 72 -53.21 -4.95 5.62
N ASN C 73 -52.34 -5.55 6.43
CA ASN C 73 -52.45 -5.56 7.89
C ASN C 73 -53.72 -6.29 8.28
N PRO C 74 -53.76 -7.62 8.22
CA PRO C 74 -55.02 -8.32 8.46
C PRO C 74 -55.49 -8.05 9.88
N THR C 75 -56.80 -8.04 10.06
CA THR C 75 -57.41 -7.64 11.32
C THR C 75 -58.04 -8.83 12.03
N ASP C 76 -58.32 -8.64 13.31
CA ASP C 76 -59.03 -9.68 14.05
C ASP C 76 -60.39 -9.95 13.41
N LYS C 77 -61.03 -8.93 12.84
CA LYS C 77 -62.30 -9.17 12.17
C LYS C 77 -62.11 -10.01 10.90
N ASN C 78 -61.04 -9.77 10.14
CA ASN C 78 -60.73 -10.64 9.01
C ASN C 78 -60.62 -12.08 9.47
N VAL C 79 -59.99 -12.29 10.64
CA VAL C 79 -59.79 -13.64 11.14
C VAL C 79 -61.12 -14.27 11.54
N ALA C 80 -61.99 -13.49 12.22
CA ALA C 80 -63.30 -14.01 12.60
C ALA C 80 -64.13 -14.41 11.38
N GLU C 81 -64.18 -13.52 10.38
CA GLU C 81 -64.90 -13.84 9.15
C GLU C 81 -64.33 -15.07 8.48
N GLY C 82 -63.00 -15.19 8.49
CA GLY C 82 -62.36 -16.33 7.88
C GLY C 82 -62.65 -17.61 8.62
N LEU C 83 -62.66 -17.56 9.95
CA LEU C 83 -63.04 -18.74 10.71
C LEU C 83 -64.48 -19.16 10.41
N GLU C 84 -65.40 -18.19 10.31
CA GLU C 84 -66.77 -18.55 9.94
C GLU C 84 -66.86 -19.18 8.56
N ALA C 85 -66.16 -18.62 7.57
CA ALA C 85 -66.20 -19.21 6.24
C ALA C 85 -65.58 -20.60 6.27
N TYR C 86 -64.45 -20.74 6.94
CA TYR C 86 -63.80 -22.04 7.07
C TYR C 86 -64.74 -23.10 7.64
N ASN C 87 -65.54 -22.72 8.65
CA ASN C 87 -66.44 -23.66 9.33
C ASN C 87 -67.73 -23.91 8.55
N ALA C 88 -68.29 -22.88 7.92
CA ALA C 88 -69.54 -23.05 7.19
C ALA C 88 -69.32 -23.97 6.03
N GLU C 89 -68.15 -23.88 5.40
CA GLU C 89 -67.82 -24.72 4.28
C GLU C 89 -67.08 -25.98 4.69
N ASN C 90 -66.98 -26.29 5.98
CA ASN C 90 -66.29 -27.51 6.43
C ASN C 90 -64.92 -27.59 5.78
N CYS C 91 -64.09 -26.59 5.99
CA CYS C 91 -62.79 -26.80 5.37
C CYS C 91 -61.95 -27.54 6.41
N ASP C 92 -61.06 -28.40 5.94
CA ASP C 92 -60.17 -29.08 6.84
C ASP C 92 -58.72 -28.69 6.59
N SER C 93 -58.47 -27.77 5.67
CA SER C 93 -57.13 -27.27 5.41
C SER C 93 -57.26 -25.84 4.91
N ILE C 94 -56.11 -25.17 4.84
CA ILE C 94 -56.01 -23.79 4.38
C ILE C 94 -54.87 -23.68 3.39
N VAL C 95 -55.10 -22.95 2.30
CA VAL C 95 -54.03 -22.58 1.38
C VAL C 95 -54.02 -21.06 1.32
N THR C 96 -52.89 -20.46 1.71
CA THR C 96 -52.71 -19.01 1.63
C THR C 96 -52.01 -18.66 0.34
N LEU C 97 -52.51 -17.64 -0.36
CA LEU C 97 -51.93 -17.19 -1.62
C LEU C 97 -51.74 -15.68 -1.54
N GLY C 98 -50.48 -15.24 -1.55
CA GLY C 98 -50.19 -13.81 -1.50
C GLY C 98 -48.98 -13.40 -0.67
N GLY C 99 -49.07 -12.23 -0.04
CA GLY C 99 -48.00 -11.71 0.79
C GLY C 99 -48.22 -12.04 2.26
N GLY C 100 -47.54 -11.27 3.12
CA GLY C 100 -47.57 -11.57 4.55
C GLY C 100 -48.96 -11.47 5.16
N SER C 101 -49.79 -10.57 4.63
CA SER C 101 -51.15 -10.43 5.16
C SER C 101 -51.96 -11.70 4.94
N SER C 102 -51.84 -12.32 3.77
CA SER C 102 -52.62 -13.54 3.52
C SER C 102 -52.09 -14.71 4.34
N HIS C 103 -50.77 -14.83 4.43
CA HIS C 103 -50.21 -15.92 5.23
C HIS C 103 -50.67 -15.78 6.67
N ASP C 104 -50.62 -14.56 7.22
CA ASP C 104 -50.97 -14.39 8.63
C ASP C 104 -52.45 -14.59 8.85
N ALA C 105 -53.29 -14.09 7.95
CA ALA C 105 -54.73 -14.36 8.11
C ALA C 105 -54.98 -15.87 8.11
N GLY C 106 -54.40 -16.59 7.16
CA GLY C 106 -54.57 -18.04 7.15
C GLY C 106 -54.02 -18.73 8.38
N LYS C 107 -52.84 -18.33 8.84
CA LYS C 107 -52.26 -18.92 10.06
C LYS C 107 -53.18 -18.69 11.26
N ALA C 108 -53.70 -17.47 11.39
CA ALA C 108 -54.58 -17.14 12.51
C ALA C 108 -55.87 -17.94 12.44
N ILE C 109 -56.47 -18.02 11.24
CA ILE C 109 -57.67 -18.85 11.08
C ILE C 109 -57.37 -20.29 11.46
N ALA C 110 -56.23 -20.83 11.02
CA ALA C 110 -55.92 -22.24 11.31
C ALA C 110 -55.71 -22.47 12.80
N LEU C 111 -55.03 -21.53 13.47
CA LEU C 111 -54.81 -21.66 14.90
C LEU C 111 -56.12 -21.59 15.68
N VAL C 112 -56.96 -20.59 15.37
CA VAL C 112 -58.20 -20.46 16.12
C VAL C 112 -59.11 -21.66 15.82
N ALA C 113 -59.06 -22.16 14.58
CA ALA C 113 -59.85 -23.33 14.22
C ALA C 113 -59.35 -24.59 14.91
N ALA C 114 -58.14 -24.57 15.46
CA ALA C 114 -57.62 -25.76 16.14
C ALA C 114 -57.53 -25.61 17.66
N ASN C 115 -57.63 -24.39 18.19
CA ASN C 115 -57.50 -24.15 19.62
C ASN C 115 -58.71 -23.49 20.26
N GLY C 116 -59.60 -22.87 19.49
CA GLY C 116 -60.76 -22.25 20.09
C GLY C 116 -60.49 -20.81 20.48
N GLY C 117 -61.44 -20.25 21.22
CA GLY C 117 -61.26 -18.87 21.65
C GLY C 117 -61.25 -17.91 20.48
N LYS C 118 -60.44 -16.87 20.61
CA LYS C 118 -60.21 -15.91 19.54
C LYS C 118 -58.72 -15.62 19.42
N ILE C 119 -58.34 -14.94 18.33
CA ILE C 119 -56.93 -14.71 18.03
C ILE C 119 -56.24 -13.94 19.14
N HIS C 120 -56.94 -13.02 19.80
CA HIS C 120 -56.33 -12.20 20.84
C HIS C 120 -55.77 -13.06 21.97
N ASP C 121 -56.33 -14.26 22.16
CA ASP C 121 -55.91 -15.11 23.25
C ASP C 121 -54.47 -15.62 23.11
N TYR C 122 -53.88 -15.58 21.91
CA TYR C 122 -52.56 -16.17 21.71
C TYR C 122 -51.45 -15.15 21.52
N GLU C 123 -51.73 -13.86 21.74
CA GLU C 123 -50.68 -12.85 21.67
C GLU C 123 -49.60 -13.17 22.71
N GLY C 124 -48.36 -13.26 22.26
CA GLY C 124 -47.27 -13.64 23.13
C GLY C 124 -46.44 -14.73 22.50
N VAL C 125 -45.84 -15.59 23.32
CA VAL C 125 -44.91 -16.62 22.87
C VAL C 125 -45.42 -17.98 23.31
N ASP C 126 -45.64 -18.86 22.33
CA ASP C 126 -46.03 -20.26 22.55
C ASP C 126 -47.22 -20.35 23.51
N VAL C 127 -48.27 -19.61 23.17
CA VAL C 127 -49.47 -19.56 24.00
C VAL C 127 -50.49 -20.63 23.66
N SER C 128 -50.42 -21.24 22.48
CA SER C 128 -51.48 -22.17 22.11
C SER C 128 -51.10 -23.57 22.53
N LYS C 129 -52.11 -24.45 22.53
CA LYS C 129 -51.90 -25.81 23.01
C LYS C 129 -51.94 -26.87 21.93
N GLU C 130 -52.69 -26.66 20.88
CA GLU C 130 -52.79 -27.60 19.77
C GLU C 130 -52.17 -27.02 18.50
N PRO C 131 -51.49 -27.82 17.68
CA PRO C 131 -51.02 -27.29 16.39
C PRO C 131 -52.21 -26.88 15.53
N MET C 132 -51.95 -26.00 14.57
CA MET C 132 -52.98 -25.46 13.70
C MET C 132 -53.33 -26.45 12.57
N VAL C 133 -54.47 -26.21 11.93
CA VAL C 133 -54.94 -27.03 10.81
C VAL C 133 -53.89 -27.05 9.70
N PRO C 134 -53.85 -28.12 8.89
CA PRO C 134 -52.96 -28.19 7.72
C PRO C 134 -52.92 -26.93 6.85
N LEU C 135 -51.72 -26.40 6.58
CA LEU C 135 -51.61 -25.14 5.85
C LEU C 135 -50.46 -25.16 4.84
N ILE C 136 -50.81 -24.79 3.60
CA ILE C 136 -49.81 -24.62 2.55
C ILE C 136 -49.76 -23.13 2.20
N ALA C 137 -48.55 -22.57 2.18
CA ALA C 137 -48.37 -21.15 1.97
C ALA C 137 -47.71 -20.88 0.63
N ILE C 138 -48.37 -20.11 -0.22
CA ILE C 138 -47.86 -19.73 -1.53
C ILE C 138 -47.53 -18.25 -1.45
N ASN C 139 -46.24 -17.94 -1.54
CA ASN C 139 -45.76 -16.58 -1.33
C ASN C 139 -45.64 -15.84 -2.65
N THR C 140 -46.13 -14.60 -2.70
CA THR C 140 -46.04 -13.81 -3.92
C THR C 140 -45.37 -12.45 -3.74
N THR C 141 -44.85 -12.14 -2.56
CA THR C 141 -44.06 -10.93 -2.35
C THR C 141 -42.65 -11.32 -1.91
N ALA C 142 -41.68 -10.47 -2.23
CA ALA C 142 -40.29 -10.78 -1.87
C ALA C 142 -39.89 -9.96 -0.65
N GLY C 143 -40.57 -10.35 0.41
CA GLY C 143 -40.37 -9.89 1.75
C GLY C 143 -41.26 -10.75 2.62
N THR C 144 -41.30 -10.41 3.88
CA THR C 144 -41.96 -11.12 4.97
C THR C 144 -41.46 -12.52 5.33
N GLY C 145 -41.46 -13.50 4.43
CA GLY C 145 -41.00 -14.80 4.88
C GLY C 145 -42.03 -15.63 5.59
N SER C 146 -43.23 -15.09 5.84
CA SER C 146 -44.25 -15.74 6.65
C SER C 146 -44.60 -17.15 6.21
N GLU C 147 -44.41 -17.48 4.93
CA GLU C 147 -44.65 -18.85 4.52
C GLU C 147 -43.74 -19.86 5.24
N LEU C 148 -42.76 -19.41 6.03
CA LEU C 148 -41.83 -20.32 6.72
C LEU C 148 -41.78 -20.13 8.22
N THR C 149 -42.40 -19.08 8.75
CA THR C 149 -42.20 -18.68 10.13
C THR C 149 -43.31 -19.13 11.04
N LYS C 150 -43.04 -19.02 12.35
CA LYS C 150 -44.02 -19.24 13.40
C LYS C 150 -44.57 -17.92 13.95
N PHE C 151 -44.70 -16.91 13.07
CA PHE C 151 -45.16 -15.58 13.41
C PHE C 151 -46.45 -15.34 12.63
N THR C 152 -47.45 -14.80 13.30
CA THR C 152 -48.60 -14.25 12.62
C THR C 152 -48.94 -12.92 13.29
N ILE C 153 -48.99 -11.87 12.49
CA ILE C 153 -49.17 -10.52 12.99
C ILE C 153 -50.60 -10.12 12.66
N ILE C 154 -51.50 -10.13 13.66
CA ILE C 154 -52.90 -9.79 13.46
C ILE C 154 -53.24 -8.53 14.25
N THR C 155 -54.03 -7.64 13.66
CA THR C 155 -54.29 -6.36 14.30
C THR C 155 -55.48 -6.44 15.24
N ASP C 156 -55.28 -5.99 16.47
CA ASP C 156 -56.35 -5.74 17.44
C ASP C 156 -56.88 -4.33 17.12
N THR C 157 -58.16 -4.24 16.73
CA THR C 157 -58.74 -3.01 16.22
C THR C 157 -59.12 -2.00 17.30
N GLU C 158 -59.32 -2.48 18.53
CA GLU C 158 -59.72 -1.65 19.66
C GLU C 158 -58.52 -1.00 20.31
N ARG C 159 -57.46 -1.78 20.49
CA ARG C 159 -56.22 -1.28 21.08
C ARG C 159 -55.38 -0.57 20.04
N LYS C 160 -55.75 -0.71 18.76
CA LYS C 160 -55.00 -0.12 17.66
C LYS C 160 -53.57 -0.66 17.71
N VAL C 161 -53.46 -1.97 17.91
CA VAL C 161 -52.16 -2.61 18.10
C VAL C 161 -52.06 -3.82 17.18
N LYS C 162 -50.99 -3.89 16.37
CA LYS C 162 -50.72 -5.09 15.58
C LYS C 162 -50.10 -6.13 16.49
N MET C 163 -50.90 -7.08 16.95
CA MET C 163 -50.40 -8.11 17.86
C MET C 163 -49.50 -9.09 17.12
N ALA C 164 -48.43 -9.49 17.80
CA ALA C 164 -47.46 -10.44 17.29
C ALA C 164 -47.68 -11.76 18.01
N ILE C 165 -48.24 -12.76 17.32
CA ILE C 165 -48.39 -14.09 17.88
C ILE C 165 -47.21 -14.93 17.40
N VAL C 166 -46.27 -15.23 18.30
CA VAL C 166 -45.07 -16.01 18.00
C VAL C 166 -45.29 -17.35 18.65
N ASP C 167 -45.73 -18.33 17.86
CA ASP C 167 -46.12 -19.63 18.38
C ASP C 167 -45.59 -20.72 17.46
N LYS C 168 -44.95 -21.75 18.02
CA LYS C 168 -44.47 -22.88 17.21
C LYS C 168 -45.59 -23.59 16.45
N HIS C 169 -46.84 -23.42 16.84
CA HIS C 169 -47.94 -24.16 16.24
C HIS C 169 -48.47 -23.52 14.96
N VAL C 170 -47.95 -22.38 14.53
CA VAL C 170 -48.41 -21.77 13.28
C VAL C 170 -47.36 -21.90 12.18
N THR C 171 -46.35 -22.76 12.35
CA THR C 171 -45.44 -23.08 11.25
C THR C 171 -46.20 -23.77 10.12
N PRO C 172 -46.22 -23.22 8.90
CA PRO C 172 -46.99 -23.84 7.83
C PRO C 172 -46.52 -25.27 7.56
N THR C 173 -47.44 -26.07 7.03
CA THR C 173 -47.11 -27.45 6.70
C THR C 173 -46.16 -27.52 5.54
N LEU C 174 -46.42 -26.72 4.51
CA LEU C 174 -45.56 -26.72 3.33
C LEU C 174 -45.47 -25.32 2.75
N SER C 175 -44.33 -24.99 2.16
CA SER C 175 -44.19 -23.65 1.59
C SER C 175 -43.85 -23.74 0.12
N ILE C 176 -44.34 -22.76 -0.64
CA ILE C 176 -44.10 -22.61 -2.07
C ILE C 176 -43.69 -21.18 -2.36
N ASN C 177 -42.53 -21.03 -2.99
CA ASN C 177 -41.95 -19.74 -3.35
C ASN C 177 -41.75 -19.68 -4.86
N ASP C 178 -42.80 -19.33 -5.60
CA ASP C 178 -42.71 -19.26 -7.06
C ASP C 178 -42.38 -17.84 -7.48
N PRO C 179 -41.18 -17.56 -8.00
CA PRO C 179 -40.86 -16.18 -8.41
C PRO C 179 -41.66 -15.68 -9.61
N GLU C 180 -42.28 -16.57 -10.38
CA GLU C 180 -43.12 -16.11 -11.49
C GLU C 180 -44.38 -15.42 -10.99
N LEU C 181 -44.81 -15.73 -9.77
CA LEU C 181 -45.97 -15.06 -9.19
C LEU C 181 -45.56 -13.72 -8.60
N MET C 182 -44.27 -13.37 -8.62
CA MET C 182 -43.82 -12.14 -8.01
C MET C 182 -43.46 -11.07 -9.04
N VAL C 183 -43.47 -11.41 -10.32
CA VAL C 183 -43.09 -10.48 -11.37
C VAL C 183 -44.04 -9.27 -11.39
N GLY C 184 -45.29 -9.48 -11.00
CA GLY C 184 -46.34 -8.48 -11.07
C GLY C 184 -46.36 -7.48 -9.93
N MET C 185 -45.50 -7.61 -8.92
CA MET C 185 -45.42 -6.63 -7.86
C MET C 185 -45.07 -5.26 -8.42
N PRO C 186 -45.90 -4.23 -8.22
CA PRO C 186 -45.49 -2.89 -8.65
C PRO C 186 -44.29 -2.43 -7.85
N PRO C 187 -43.57 -1.40 -8.34
CA PRO C 187 -42.33 -0.98 -7.67
C PRO C 187 -42.46 -0.65 -6.20
N SER C 188 -43.50 0.08 -5.79
CA SER C 188 -43.56 0.47 -4.37
C SER C 188 -43.71 -0.75 -3.47
N LEU C 189 -44.50 -1.75 -3.89
CA LEU C 189 -44.61 -2.98 -3.12
C LEU C 189 -43.31 -3.78 -3.14
N THR C 190 -42.64 -3.85 -4.30
CA THR C 190 -41.35 -4.50 -4.35
C THR C 190 -40.38 -3.86 -3.36
N ALA C 191 -40.32 -2.52 -3.34
CA ALA C 191 -39.41 -1.81 -2.44
C ALA C 191 -39.79 -2.04 -0.98
N ALA C 192 -41.08 -1.94 -0.65
CA ALA C 192 -41.51 -2.09 0.74
C ALA C 192 -41.27 -3.52 1.25
N THR C 193 -41.64 -4.53 0.45
CA THR C 193 -41.41 -5.92 0.89
C THR C 193 -39.92 -6.20 0.96
N GLY C 194 -39.14 -5.71 0.00
CA GLY C 194 -37.70 -5.94 0.02
C GLY C 194 -37.04 -5.28 1.22
N LEU C 195 -37.51 -4.09 1.59
CA LEU C 195 -36.91 -3.47 2.74
C LEU C 195 -37.40 -4.08 4.03
N ASP C 196 -38.58 -4.71 4.01
CA ASP C 196 -39.00 -5.49 5.18
C ASP C 196 -38.10 -6.72 5.35
N ALA C 197 -37.71 -7.34 4.23
CA ALA C 197 -36.79 -8.47 4.32
C ALA C 197 -35.42 -8.01 4.82
N LEU C 198 -34.95 -6.86 4.35
CA LEU C 198 -33.68 -6.34 4.84
C LEU C 198 -33.75 -6.06 6.35
N THR C 199 -34.87 -5.52 6.82
CA THR C 199 -35.03 -5.33 8.25
C THR C 199 -35.00 -6.67 8.98
N HIS C 200 -35.63 -7.69 8.41
CA HIS C 200 -35.59 -9.01 9.02
C HIS C 200 -34.15 -9.49 9.19
N ALA C 201 -33.35 -9.40 8.14
CA ALA C 201 -31.99 -9.93 8.22
C ALA C 201 -31.14 -9.13 9.20
N ILE C 202 -31.28 -7.80 9.20
CA ILE C 202 -30.47 -6.98 10.09
C ILE C 202 -30.87 -7.20 11.55
N GLU C 203 -32.18 -7.19 11.82
CA GLU C 203 -32.60 -7.41 13.20
C GLU C 203 -32.25 -8.82 13.66
N ALA C 204 -32.26 -9.80 12.75
CA ALA C 204 -31.82 -11.14 13.12
C ALA C 204 -30.32 -11.16 13.40
N TYR C 205 -29.55 -10.42 12.62
CA TYR C 205 -28.11 -10.47 12.82
C TYR C 205 -27.72 -9.85 14.15
N VAL C 206 -28.41 -8.80 14.59
CA VAL C 206 -28.03 -8.14 15.84
C VAL C 206 -28.86 -8.63 17.01
N SER C 207 -29.74 -9.61 16.81
CA SER C 207 -30.60 -10.07 17.91
C SER C 207 -29.80 -10.79 18.98
N THR C 208 -30.31 -10.74 20.22
CA THR C 208 -29.69 -11.49 21.29
C THR C 208 -29.90 -12.99 21.16
N GLY C 209 -30.81 -13.42 20.29
CA GLY C 209 -31.08 -14.84 20.11
C GLY C 209 -30.46 -15.43 18.87
N ALA C 210 -29.50 -14.71 18.29
CA ALA C 210 -28.82 -15.19 17.10
C ALA C 210 -27.97 -16.42 17.42
N THR C 211 -27.85 -17.29 16.42
CA THR C 211 -27.01 -18.48 16.43
C THR C 211 -26.16 -18.47 15.17
N PRO C 212 -25.11 -19.31 15.11
CA PRO C 212 -24.35 -19.46 13.85
C PRO C 212 -25.20 -19.80 12.62
N ILE C 213 -26.30 -20.51 12.83
CA ILE C 213 -27.17 -20.88 11.71
C ILE C 213 -27.89 -19.65 11.18
N THR C 214 -28.56 -18.92 12.09
CA THR C 214 -29.24 -17.69 11.72
C THR C 214 -28.23 -16.67 11.16
N ASP C 215 -27.03 -16.63 11.72
CA ASP C 215 -26.03 -15.72 11.19
C ASP C 215 -25.74 -16.03 9.72
N ALA C 216 -25.53 -17.31 9.40
CA ALA C 216 -25.27 -17.69 8.01
C ALA C 216 -26.35 -17.19 7.08
N LEU C 217 -27.60 -17.42 7.48
CA LEU C 217 -28.71 -17.03 6.61
C LEU C 217 -28.82 -15.51 6.47
N ALA C 218 -28.71 -14.78 7.58
CA ALA C 218 -28.92 -13.34 7.51
C ALA C 218 -27.81 -12.67 6.71
N ILE C 219 -26.57 -13.14 6.86
CA ILE C 219 -25.47 -12.54 6.10
C ILE C 219 -25.73 -12.68 4.61
N GLN C 220 -26.12 -13.89 4.19
CA GLN C 220 -26.40 -14.08 2.77
C GLN C 220 -27.54 -13.18 2.33
N ALA C 221 -28.58 -13.08 3.14
CA ALA C 221 -29.72 -12.25 2.78
C ALA C 221 -29.31 -10.79 2.56
N ILE C 222 -28.50 -10.25 3.47
CA ILE C 222 -28.07 -8.85 3.34
C ILE C 222 -27.29 -8.64 2.04
N LYS C 223 -26.34 -9.54 1.74
CA LYS C 223 -25.55 -9.35 0.54
C LYS C 223 -26.43 -9.39 -0.72
N ILE C 224 -27.41 -10.30 -0.72
CA ILE C 224 -28.21 -10.42 -1.91
C ILE C 224 -29.14 -9.23 -2.07
N ILE C 225 -29.75 -8.78 -0.96
CA ILE C 225 -30.65 -7.63 -1.06
C ILE C 225 -29.87 -6.43 -1.53
N SER C 226 -28.66 -6.26 -1.00
CA SER C 226 -27.79 -5.15 -1.35
C SER C 226 -27.55 -5.12 -2.85
N LYS C 227 -27.51 -6.28 -3.50
CA LYS C 227 -27.22 -6.23 -4.93
C LYS C 227 -28.48 -6.17 -5.80
N TYR C 228 -29.52 -6.90 -5.41
CA TYR C 228 -30.63 -7.10 -6.32
C TYR C 228 -31.91 -6.31 -6.00
N LEU C 229 -32.12 -5.84 -4.76
CA LEU C 229 -33.36 -5.10 -4.51
C LEU C 229 -33.49 -3.85 -5.38
N PRO C 230 -32.49 -2.98 -5.52
CA PRO C 230 -32.65 -1.83 -6.41
C PRO C 230 -32.96 -2.23 -7.84
N ARG C 231 -32.45 -3.37 -8.31
CA ARG C 231 -32.74 -3.77 -9.67
C ARG C 231 -34.19 -4.21 -9.82
N ALA C 232 -34.73 -4.91 -8.83
CA ALA C 232 -36.11 -5.34 -8.91
C ALA C 232 -37.06 -4.15 -8.78
N VAL C 233 -36.65 -3.12 -8.04
CA VAL C 233 -37.47 -1.94 -7.94
C VAL C 233 -37.41 -1.16 -9.25
N ALA C 234 -36.23 -1.13 -9.89
CA ALA C 234 -36.11 -0.35 -11.12
C ALA C 234 -36.78 -1.03 -12.30
N ASN C 235 -36.76 -2.36 -12.35
CA ASN C 235 -37.37 -3.09 -13.45
C ASN C 235 -37.93 -4.39 -12.87
N GLY C 236 -39.25 -4.45 -12.73
CA GLY C 236 -39.89 -5.61 -12.17
C GLY C 236 -39.90 -6.81 -13.09
N LYS C 237 -39.50 -6.65 -14.35
CA LYS C 237 -39.40 -7.76 -15.29
C LYS C 237 -37.98 -8.31 -15.35
N ASP C 238 -37.08 -7.82 -14.50
CA ASP C 238 -35.74 -8.39 -14.35
C ASP C 238 -35.87 -9.71 -13.61
N ILE C 239 -35.88 -10.82 -14.36
CA ILE C 239 -36.18 -12.13 -13.79
C ILE C 239 -35.09 -12.56 -12.81
N GLU C 240 -33.83 -12.28 -13.13
CA GLU C 240 -32.74 -12.64 -12.21
C GLU C 240 -32.90 -11.94 -10.87
N ALA C 241 -33.21 -10.65 -10.90
CA ALA C 241 -33.40 -9.90 -9.66
C ALA C 241 -34.57 -10.46 -8.87
N ARG C 242 -35.63 -10.88 -9.57
CA ARG C 242 -36.78 -11.44 -8.88
C ARG C 242 -36.44 -12.77 -8.21
N GLU C 243 -35.67 -13.63 -8.88
CA GLU C 243 -35.33 -14.92 -8.26
C GLU C 243 -34.40 -14.72 -7.06
N GLN C 244 -33.44 -13.80 -7.20
CA GLN C 244 -32.53 -13.52 -6.10
C GLN C 244 -33.28 -12.91 -4.93
N MET C 245 -34.28 -12.08 -5.22
CA MET C 245 -35.09 -11.50 -4.15
C MET C 245 -35.94 -12.54 -3.45
N ALA C 246 -36.41 -13.54 -4.20
CA ALA C 246 -37.16 -14.61 -3.55
C ALA C 246 -36.28 -15.41 -2.62
N PHE C 247 -35.05 -15.72 -3.05
CA PHE C 247 -34.12 -16.39 -2.14
C PHE C 247 -33.80 -15.53 -0.93
N ALA C 248 -33.54 -14.24 -1.13
CA ALA C 248 -33.18 -13.37 -0.01
C ALA C 248 -34.32 -13.27 1.01
N GLN C 249 -35.56 -13.15 0.54
CA GLN C 249 -36.68 -13.07 1.47
C GLN C 249 -36.79 -14.36 2.27
N SER C 250 -36.51 -15.52 1.65
CA SER C 250 -36.62 -16.76 2.42
C SER C 250 -35.48 -16.89 3.42
N LEU C 251 -34.27 -16.48 3.03
CA LEU C 251 -33.14 -16.51 3.94
C LEU C 251 -33.37 -15.60 5.15
N ALA C 252 -33.91 -14.39 4.91
CA ALA C 252 -34.20 -13.49 6.02
C ALA C 252 -35.31 -14.05 6.91
N GLY C 253 -36.31 -14.70 6.31
CA GLY C 253 -37.34 -15.31 7.12
C GLY C 253 -36.76 -16.39 8.02
N MET C 254 -35.96 -17.30 7.43
CA MET C 254 -35.31 -18.34 8.24
C MET C 254 -34.47 -17.72 9.34
N ALA C 255 -33.83 -16.58 9.08
CA ALA C 255 -32.96 -16.01 10.09
C ALA C 255 -33.77 -15.45 11.25
N PHE C 256 -34.73 -14.56 10.96
CA PHE C 256 -35.47 -13.92 12.05
C PHE C 256 -36.41 -14.89 12.75
N ASN C 257 -36.95 -15.89 12.05
CA ASN C 257 -37.84 -16.85 12.69
C ASN C 257 -37.19 -17.52 13.89
N ASN C 258 -35.89 -17.75 13.83
CA ASN C 258 -35.18 -18.50 14.84
C ASN C 258 -34.21 -17.66 15.66
N ALA C 259 -33.99 -16.40 15.29
CA ALA C 259 -33.16 -15.50 16.06
C ALA C 259 -33.97 -14.46 16.82
N GLY C 260 -35.08 -14.01 16.28
CA GLY C 260 -35.84 -12.93 16.88
C GLY C 260 -35.71 -11.66 16.07
N LEU C 261 -36.55 -10.69 16.41
CA LEU C 261 -36.52 -9.41 15.74
C LEU C 261 -36.02 -8.34 16.73
N GLY C 262 -36.54 -7.13 16.63
CA GLY C 262 -36.08 -6.12 17.54
C GLY C 262 -37.03 -4.95 17.62
N TYR C 263 -36.47 -3.79 17.99
CA TYR C 263 -37.35 -2.67 18.23
C TYR C 263 -37.84 -2.00 16.96
N VAL C 264 -37.22 -2.27 15.81
CA VAL C 264 -37.81 -1.80 14.56
C VAL C 264 -39.21 -2.38 14.41
N HIS C 265 -39.32 -3.69 14.55
CA HIS C 265 -40.62 -4.34 14.39
C HIS C 265 -41.55 -4.02 15.55
N ALA C 266 -41.03 -3.94 16.78
CA ALA C 266 -41.88 -3.60 17.92
C ALA C 266 -42.55 -2.24 17.73
N ILE C 267 -41.81 -1.25 17.24
CA ILE C 267 -42.41 0.06 17.03
C ILE C 267 -43.25 0.09 15.76
N ALA C 268 -42.80 -0.62 14.70
CA ALA C 268 -43.57 -0.65 13.46
C ALA C 268 -44.94 -1.27 13.66
N HIS C 269 -45.05 -2.27 14.54
CA HIS C 269 -46.35 -2.88 14.74
C HIS C 269 -47.33 -1.86 15.32
N GLN C 270 -46.82 -0.92 16.10
CA GLN C 270 -47.71 0.08 16.66
C GLN C 270 -48.02 1.17 15.65
N LEU C 271 -47.04 1.59 14.84
CA LEU C 271 -47.38 2.59 13.84
C LEU C 271 -48.38 2.04 12.84
N GLY C 272 -48.31 0.74 12.54
CA GLY C 272 -49.26 0.12 11.64
C GLY C 272 -50.61 -0.12 12.25
N GLY C 273 -50.67 -0.42 13.56
CA GLY C 273 -51.96 -0.53 14.23
C GLY C 273 -52.66 0.80 14.44
N PHE C 274 -51.91 1.91 14.49
CA PHE C 274 -52.56 3.20 14.66
C PHE C 274 -52.95 3.86 13.36
N TYR C 275 -52.13 3.74 12.33
CA TYR C 275 -52.37 4.51 11.11
C TYR C 275 -52.48 3.66 9.86
N ASN C 276 -52.38 2.33 9.98
CA ASN C 276 -52.49 1.43 8.83
C ASN C 276 -51.48 1.72 7.72
N PHE C 277 -50.29 2.18 8.10
CA PHE C 277 -49.24 2.35 7.13
C PHE C 277 -48.76 0.98 6.61
N PRO C 278 -48.19 0.93 5.41
CA PRO C 278 -47.61 -0.34 4.94
C PRO C 278 -46.44 -0.75 5.83
N HIS C 279 -46.40 -2.03 6.19
CA HIS C 279 -45.43 -2.56 7.14
C HIS C 279 -43.99 -2.25 6.74
N GLY C 280 -43.66 -2.52 5.48
CA GLY C 280 -42.28 -2.32 5.06
C GLY C 280 -41.87 -0.87 5.04
N VAL C 281 -42.82 0.04 4.79
CA VAL C 281 -42.49 1.46 4.83
C VAL C 281 -42.20 1.91 6.26
N CYS C 282 -42.98 1.43 7.23
CA CYS C 282 -42.66 1.72 8.62
C CYS C 282 -41.30 1.18 8.99
N ASN C 283 -41.00 -0.06 8.57
CA ASN C 283 -39.70 -0.63 8.88
C ASN C 283 -38.59 0.20 8.25
N ALA C 284 -38.76 0.64 7.00
CA ALA C 284 -37.71 1.38 6.33
C ALA C 284 -37.49 2.74 7.00
N VAL C 285 -38.57 3.38 7.43
CA VAL C 285 -38.42 4.66 8.10
C VAL C 285 -37.71 4.47 9.45
N LEU C 286 -38.03 3.40 10.17
CA LEU C 286 -37.49 3.26 11.52
C LEU C 286 -36.08 2.67 11.57
N LEU C 287 -35.70 1.83 10.60
CA LEU C 287 -34.43 1.08 10.64
C LEU C 287 -33.21 1.94 10.99
N PRO C 288 -32.91 3.07 10.33
CA PRO C 288 -31.70 3.81 10.74
C PRO C 288 -31.74 4.27 12.20
N TYR C 289 -32.91 4.65 12.72
CA TYR C 289 -32.95 5.16 14.08
C TYR C 289 -32.73 4.06 15.11
N VAL C 290 -33.32 2.88 14.89
CA VAL C 290 -33.09 1.81 15.84
C VAL C 290 -31.67 1.26 15.71
N CYS C 291 -31.12 1.25 14.50
CA CYS C 291 -29.72 0.83 14.36
C CYS C 291 -28.80 1.76 15.13
N ARG C 292 -29.01 3.08 14.98
CA ARG C 292 -28.21 4.04 15.72
C ARG C 292 -28.38 3.83 17.22
N PHE C 293 -29.61 3.62 17.68
CA PHE C 293 -29.82 3.38 19.10
C PHE C 293 -29.09 2.12 19.56
N ASN C 294 -29.06 1.07 18.72
CA ASN C 294 -28.46 -0.21 19.09
C ASN C 294 -26.95 -0.29 18.89
N LEU C 295 -26.36 0.71 18.24
CA LEU C 295 -24.97 0.58 17.83
C LEU C 295 -24.05 0.15 18.96
N ILE C 296 -24.20 0.76 20.15
CA ILE C 296 -23.25 0.49 21.23
C ILE C 296 -23.31 -0.95 21.73
N SER C 297 -24.37 -1.68 21.44
CA SER C 297 -24.43 -3.06 21.93
C SER C 297 -23.82 -4.04 20.94
N LYS C 298 -23.84 -3.70 19.64
CA LYS C 298 -23.41 -4.60 18.57
C LYS C 298 -22.61 -3.87 17.51
N VAL C 299 -21.59 -3.12 17.94
CA VAL C 299 -20.89 -2.27 16.97
C VAL C 299 -20.10 -3.11 15.98
N GLU C 300 -19.57 -4.27 16.40
CA GLU C 300 -18.81 -5.10 15.47
C GLU C 300 -19.73 -5.67 14.41
N ARG C 301 -20.95 -6.07 14.78
CA ARG C 301 -21.83 -6.65 13.77
C ARG C 301 -22.41 -5.60 12.85
N TYR C 302 -22.60 -4.38 13.32
CA TYR C 302 -23.02 -3.32 12.41
C TYR C 302 -21.90 -2.96 11.44
N ALA C 303 -20.64 -3.04 11.89
CA ALA C 303 -19.53 -2.84 10.96
C ALA C 303 -19.50 -3.93 9.90
N GLU C 304 -19.80 -5.18 10.31
CA GLU C 304 -19.88 -6.25 9.33
C GLU C 304 -21.03 -6.02 8.36
N ILE C 305 -22.16 -5.49 8.85
CA ILE C 305 -23.29 -5.17 7.96
C ILE C 305 -22.88 -4.11 6.94
N ALA C 306 -22.07 -3.14 7.38
CA ALA C 306 -21.56 -2.14 6.43
C ALA C 306 -20.79 -2.81 5.30
N ALA C 307 -19.99 -3.82 5.65
CA ALA C 307 -19.30 -4.53 4.56
C ALA C 307 -20.26 -5.31 3.67
N PHE C 308 -21.26 -5.97 4.28
CA PHE C 308 -22.24 -6.72 3.49
C PHE C 308 -23.01 -5.82 2.54
N LEU C 309 -23.20 -4.56 2.88
CA LEU C 309 -23.96 -3.64 2.06
C LEU C 309 -23.10 -2.96 0.99
N GLY C 310 -21.84 -3.38 0.81
CA GLY C 310 -20.99 -2.85 -0.23
C GLY C 310 -20.09 -1.69 0.14
N GLU C 311 -20.04 -1.28 1.41
CA GLU C 311 -19.24 -0.13 1.81
C GLU C 311 -17.78 -0.49 1.95
N ASN C 312 -16.91 0.48 1.65
CA ASN C 312 -15.49 0.28 1.89
C ASN C 312 -15.16 0.75 3.31
N VAL C 313 -14.59 -0.14 4.11
CA VAL C 313 -14.36 0.20 5.51
C VAL C 313 -12.88 0.19 5.85
N ASP C 314 -12.02 0.25 4.84
CA ASP C 314 -10.58 0.13 5.04
C ASP C 314 -10.07 1.34 5.82
N GLY C 315 -9.27 1.09 6.85
CA GLY C 315 -8.67 2.16 7.61
C GLY C 315 -9.61 2.85 8.56
N LEU C 316 -10.74 2.23 8.87
CA LEU C 316 -11.72 2.86 9.73
C LEU C 316 -11.80 2.07 11.03
N SER C 317 -12.14 2.77 12.11
CA SER C 317 -12.48 2.10 13.34
C SER C 317 -13.82 1.37 13.16
N THR C 318 -14.04 0.37 14.01
CA THR C 318 -15.32 -0.34 13.99
C THR C 318 -16.48 0.63 14.16
N TYR C 319 -16.31 1.69 14.94
CA TYR C 319 -17.41 2.61 15.16
C TYR C 319 -17.76 3.32 13.84
N ASP C 320 -16.74 3.76 13.11
CA ASP C 320 -16.96 4.50 11.87
C ASP C 320 -17.53 3.59 10.81
N ALA C 321 -17.20 2.31 10.86
CA ALA C 321 -17.77 1.41 9.87
C ALA C 321 -19.23 1.14 10.18
N ALA C 322 -19.60 1.08 11.47
CA ALA C 322 -21.00 0.91 11.81
C ALA C 322 -21.80 2.15 11.37
N GLU C 323 -21.15 3.31 11.36
CA GLU C 323 -21.87 4.49 10.91
C GLU C 323 -22.04 4.43 9.40
N LYS C 324 -21.02 3.93 8.68
CA LYS C 324 -21.18 3.77 7.24
C LYS C 324 -22.32 2.80 6.92
N ALA C 325 -22.58 1.86 7.81
CA ALA C 325 -23.70 0.94 7.59
C ALA C 325 -25.03 1.67 7.70
N ILE C 326 -25.17 2.52 8.71
CA ILE C 326 -26.40 3.30 8.84
C ILE C 326 -26.58 4.23 7.65
N LYS C 327 -25.49 4.85 7.19
CA LYS C 327 -25.64 5.73 6.04
C LYS C 327 -26.05 4.97 4.78
N ALA C 328 -25.55 3.75 4.61
CA ALA C 328 -25.94 2.98 3.44
C ALA C 328 -27.41 2.55 3.52
N ILE C 329 -27.88 2.22 4.72
CA ILE C 329 -29.31 1.94 4.87
C ILE C 329 -30.13 3.15 4.49
N GLU C 330 -29.71 4.34 4.94
CA GLU C 330 -30.45 5.56 4.61
C GLU C 330 -30.43 5.83 3.10
N ARG C 331 -29.29 5.57 2.46
CA ARG C 331 -29.19 5.79 1.03
C ARG C 331 -30.08 4.83 0.27
N MET C 332 -30.17 3.58 0.71
CA MET C 332 -31.08 2.65 0.05
C MET C 332 -32.52 3.10 0.20
N ALA C 333 -32.91 3.54 1.41
CA ALA C 333 -34.27 4.01 1.61
C ALA C 333 -34.57 5.22 0.74
N LYS C 334 -33.60 6.11 0.56
CA LYS C 334 -33.84 7.31 -0.26
C LYS C 334 -33.97 6.94 -1.74
N ASP C 335 -33.16 5.99 -2.20
CA ASP C 335 -33.18 5.62 -3.61
C ASP C 335 -34.42 4.81 -3.96
N LEU C 336 -35.08 4.19 -2.97
CA LEU C 336 -36.28 3.42 -3.26
C LEU C 336 -37.52 4.23 -2.92
N ASN C 337 -37.38 5.55 -2.82
CA ASN C 337 -38.49 6.48 -2.69
C ASN C 337 -39.33 6.18 -1.44
N ILE C 338 -38.63 5.95 -0.34
CA ILE C 338 -39.23 5.74 0.99
C ILE C 338 -39.42 7.10 1.64
N PRO C 339 -40.57 7.33 2.29
CA PRO C 339 -40.82 8.59 2.98
C PRO C 339 -39.70 9.03 3.91
N LYS C 340 -39.53 10.35 3.99
CA LYS C 340 -38.49 10.93 4.82
C LYS C 340 -38.78 10.74 6.30
N GLY C 341 -40.03 10.84 6.70
CA GLY C 341 -40.45 10.73 8.08
C GLY C 341 -41.87 10.20 8.18
N PHE C 342 -42.45 10.18 9.37
CA PHE C 342 -43.78 9.64 9.58
C PHE C 342 -44.85 10.72 9.61
N LYS C 343 -44.45 11.98 9.86
CA LYS C 343 -45.41 13.07 10.01
C LYS C 343 -46.16 13.38 8.71
N GLU C 344 -45.49 13.27 7.56
CA GLU C 344 -46.13 13.51 6.27
C GLU C 344 -47.15 12.47 5.92
N LEU C 345 -47.10 11.33 6.61
CA LEU C 345 -47.99 10.23 6.34
C LEU C 345 -49.22 10.28 7.25
N GLY C 346 -49.17 11.07 8.32
CA GLY C 346 -50.36 11.20 9.14
C GLY C 346 -50.13 10.95 10.61
N ALA C 347 -48.89 10.73 11.01
CA ALA C 347 -48.62 10.43 12.41
C ALA C 347 -48.94 11.65 13.28
N LYS C 348 -49.28 11.40 14.55
CA LYS C 348 -49.70 12.46 15.48
C LYS C 348 -48.79 12.40 16.70
N GLU C 349 -48.25 13.54 17.14
CA GLU C 349 -47.36 13.48 18.31
C GLU C 349 -48.08 13.07 19.58
N GLU C 350 -49.40 13.28 19.64
CA GLU C 350 -50.24 12.97 20.81
C GLU C 350 -50.50 11.52 21.02
N ASP C 351 -49.74 10.69 20.34
CA ASP C 351 -49.89 9.25 20.36
C ASP C 351 -48.55 8.60 20.59
N ILE C 352 -47.46 9.38 20.55
CA ILE C 352 -46.16 8.76 20.65
C ILE C 352 -46.08 7.93 21.92
N GLU C 353 -46.54 8.48 23.03
CA GLU C 353 -46.40 7.77 24.29
C GLU C 353 -47.16 6.46 24.28
N THR C 354 -48.39 6.48 23.78
CA THR C 354 -49.15 5.24 23.68
C THR C 354 -48.40 4.25 22.81
N LEU C 355 -48.02 4.66 21.59
CA LEU C 355 -47.25 3.79 20.71
C LEU C 355 -46.05 3.21 21.45
N ALA C 356 -45.27 4.07 22.15
CA ALA C 356 -44.07 3.59 22.82
C ALA C 356 -44.42 2.59 23.90
N LYS C 357 -45.47 2.86 24.66
CA LYS C 357 -45.83 1.93 25.73
C LYS C 357 -46.21 0.58 25.13
N ASN C 358 -46.92 0.61 24.00
CA ASN C 358 -47.29 -0.65 23.39
C ASN C 358 -46.08 -1.32 22.79
N ALA C 359 -45.12 -0.53 22.30
CA ALA C 359 -43.95 -1.15 21.71
C ALA C 359 -43.19 -1.93 22.75
N MET C 360 -43.22 -1.49 24.01
CA MET C 360 -42.48 -2.28 25.00
C MET C 360 -43.17 -3.57 25.37
N LYS C 361 -44.37 -3.82 24.87
CA LYS C 361 -45.12 -5.03 25.17
C LYS C 361 -45.06 -6.04 24.02
N ASP C 362 -44.51 -5.63 22.87
CA ASP C 362 -44.34 -6.54 21.74
C ASP C 362 -43.25 -7.56 22.04
N ALA C 363 -43.43 -8.78 21.53
CA ALA C 363 -42.46 -9.82 21.79
C ALA C 363 -41.14 -9.56 21.06
N CYS C 364 -41.18 -8.85 19.93
CA CYS C 364 -39.96 -8.55 19.18
C CYS C 364 -38.99 -7.71 20.01
N ALA C 365 -39.52 -6.95 20.96
CA ALA C 365 -38.64 -6.14 21.76
C ALA C 365 -37.81 -7.01 22.67
N LEU C 366 -38.27 -8.24 22.89
CA LEU C 366 -37.59 -9.11 23.84
C LEU C 366 -36.19 -9.46 23.33
N THR C 367 -35.95 -9.43 22.02
CA THR C 367 -34.62 -9.82 21.53
C THR C 367 -33.75 -8.66 21.08
N ASN C 368 -34.22 -7.44 21.19
CA ASN C 368 -33.40 -6.29 20.82
C ASN C 368 -32.12 -6.26 21.66
N PRO C 369 -30.98 -6.00 21.03
CA PRO C 369 -29.71 -6.09 21.77
C PRO C 369 -29.55 -5.01 22.84
N ARG C 370 -30.15 -3.84 22.67
CA ARG C 370 -30.13 -2.79 23.68
C ARG C 370 -31.47 -2.71 24.38
N LYS C 371 -31.45 -2.75 25.71
CA LYS C 371 -32.68 -2.77 26.50
C LYS C 371 -33.05 -1.34 26.89
N PRO C 372 -34.09 -0.76 26.32
CA PRO C 372 -34.34 0.68 26.53
C PRO C 372 -35.25 0.99 27.71
N LYS C 373 -35.48 2.29 27.90
CA LYS C 373 -36.42 2.83 28.86
C LYS C 373 -37.51 3.54 28.07
N LEU C 374 -38.68 3.75 28.70
CA LEU C 374 -39.79 4.37 27.98
C LEU C 374 -39.35 5.63 27.27
N GLU C 375 -38.59 6.47 27.95
CA GLU C 375 -38.13 7.73 27.38
C GLU C 375 -37.36 7.49 26.07
N GLU C 376 -36.58 6.42 26.01
CA GLU C 376 -35.76 6.19 24.82
C GLU C 376 -36.61 5.66 23.67
N VAL C 377 -37.59 4.80 23.94
CA VAL C 377 -38.51 4.40 22.88
C VAL C 377 -39.26 5.62 22.34
N ILE C 378 -39.66 6.52 23.25
CA ILE C 378 -40.32 7.75 22.84
C ILE C 378 -39.41 8.58 21.95
N GLN C 379 -38.15 8.72 22.35
CA GLN C 379 -37.23 9.51 21.55
C GLN C 379 -37.03 8.89 20.17
N ILE C 380 -36.97 7.56 20.10
CA ILE C 380 -36.84 6.93 18.78
C ILE C 380 -38.03 7.28 17.89
N ILE C 381 -39.25 7.18 18.43
CA ILE C 381 -40.43 7.49 17.63
C ILE C 381 -40.43 8.96 17.23
N LYS C 382 -40.00 9.83 18.15
CA LYS C 382 -39.95 11.26 17.85
C LYS C 382 -38.97 11.56 16.72
N ASN C 383 -37.79 10.93 16.74
CA ASN C 383 -36.85 11.14 15.63
C ASN C 383 -37.41 10.62 14.32
N ALA C 384 -38.21 9.55 14.39
CA ALA C 384 -38.78 9.00 13.19
C ALA C 384 -40.00 9.80 12.73
N MET C 385 -40.35 10.82 13.52
CA MET C 385 -41.44 11.72 13.19
C MET C 385 -41.07 12.67 12.05
N LEU C 386 -39.90 13.30 12.15
CA LEU C 386 -39.47 14.19 11.05
C LEU C 386 -38.74 13.35 10.02
N ASN D 3 -35.86 -26.78 -16.29
CA ASN D 3 -36.35 -25.77 -15.35
C ASN D 3 -35.31 -25.43 -14.27
N THR D 4 -35.54 -24.27 -13.65
CA THR D 4 -34.80 -23.74 -12.52
C THR D 4 -35.41 -24.07 -11.14
N GLN D 5 -36.17 -25.14 -10.97
CA GLN D 5 -36.78 -25.43 -9.68
C GLN D 5 -35.84 -26.15 -8.71
N SER D 6 -36.03 -25.88 -7.41
CA SER D 6 -35.26 -26.50 -6.34
C SER D 6 -36.13 -26.57 -5.08
N ALA D 7 -35.64 -27.28 -4.06
CA ALA D 7 -36.39 -27.51 -2.83
C ALA D 7 -35.44 -27.60 -1.64
N PHE D 8 -35.95 -27.24 -0.46
CA PHE D 8 -35.21 -27.35 0.80
C PHE D 8 -35.96 -28.25 1.80
N PHE D 9 -35.28 -29.28 2.30
CA PHE D 9 -35.85 -30.27 3.21
C PHE D 9 -35.11 -30.32 4.53
N MET D 10 -35.84 -30.48 5.63
CA MET D 10 -35.28 -30.60 6.97
C MET D 10 -36.41 -30.92 7.92
N PRO D 11 -36.11 -31.54 9.07
CA PRO D 11 -37.17 -31.72 10.05
C PRO D 11 -37.74 -30.38 10.47
N SER D 12 -39.03 -30.39 10.79
CA SER D 12 -39.75 -29.19 11.18
C SER D 12 -39.25 -28.62 12.50
N VAL D 13 -38.74 -29.47 13.40
CA VAL D 13 -38.24 -29.06 14.71
C VAL D 13 -36.88 -29.67 14.95
N ASN D 14 -35.92 -28.82 15.30
CA ASN D 14 -34.53 -29.17 15.54
C ASN D 14 -34.01 -28.51 16.82
N LEU D 15 -33.68 -29.31 17.82
CA LEU D 15 -33.22 -28.79 19.10
C LEU D 15 -31.70 -28.82 19.15
N PHE D 16 -31.11 -27.77 19.71
CA PHE D 16 -29.67 -27.62 19.85
C PHE D 16 -29.34 -27.21 21.28
N GLY D 17 -28.09 -27.40 21.65
CA GLY D 17 -27.59 -26.84 22.88
C GLY D 17 -27.43 -27.90 23.96
N ALA D 18 -26.60 -27.56 24.95
CA ALA D 18 -26.34 -28.48 26.06
C ALA D 18 -27.62 -28.76 26.84
N GLY D 19 -28.01 -30.04 26.90
CA GLY D 19 -29.18 -30.44 27.66
C GLY D 19 -30.42 -30.72 26.83
N SER D 20 -30.39 -30.51 25.51
CA SER D 20 -31.58 -30.68 24.69
C SER D 20 -32.10 -32.11 24.76
N VAL D 21 -31.24 -33.07 25.10
CA VAL D 21 -31.65 -34.46 25.09
C VAL D 21 -32.66 -34.70 26.19
N ASN D 22 -32.66 -33.86 27.25
CA ASN D 22 -33.60 -34.14 28.31
C ASN D 22 -35.04 -33.92 27.85
N GLU D 23 -35.31 -33.71 26.56
CA GLU D 23 -36.68 -33.48 26.14
C GLU D 23 -37.16 -34.56 25.19
N VAL D 24 -36.28 -35.49 24.78
CA VAL D 24 -36.68 -36.50 23.81
C VAL D 24 -37.99 -37.16 24.23
N GLY D 25 -38.08 -37.56 25.51
CA GLY D 25 -39.27 -38.28 25.93
C GLY D 25 -40.52 -37.45 25.80
N THR D 26 -40.53 -36.21 26.35
CA THR D 26 -41.73 -35.39 26.21
C THR D 26 -42.08 -35.23 24.73
N ARG D 27 -41.08 -35.00 23.88
CA ARG D 27 -41.36 -34.79 22.47
C ARG D 27 -41.96 -36.05 21.88
N LEU D 28 -41.39 -37.19 22.24
CA LEU D 28 -41.92 -38.46 21.75
C LEU D 28 -43.36 -38.65 22.21
N ALA D 29 -43.67 -38.22 23.44
CA ALA D 29 -45.03 -38.36 23.90
C ALA D 29 -45.98 -37.47 23.10
N ASP D 30 -45.56 -36.23 22.76
CA ASP D 30 -46.45 -35.34 22.02
C ASP D 30 -46.80 -35.85 20.63
N LEU D 31 -45.93 -36.66 20.02
CA LEU D 31 -46.26 -37.20 18.70
C LEU D 31 -47.37 -38.24 18.78
N GLY D 32 -47.69 -38.72 19.97
CA GLY D 32 -48.71 -39.72 20.19
C GLY D 32 -48.33 -41.15 19.95
N VAL D 33 -47.03 -41.44 19.98
CA VAL D 33 -46.52 -42.79 19.79
C VAL D 33 -46.43 -43.41 21.19
N LYS D 34 -46.31 -44.73 21.22
CA LYS D 34 -46.34 -45.49 22.48
C LYS D 34 -45.10 -46.34 22.74
N LYS D 35 -44.51 -46.92 21.70
CA LYS D 35 -43.33 -47.72 21.93
C LYS D 35 -42.29 -47.43 20.85
N ALA D 36 -41.10 -47.12 21.31
CA ALA D 36 -40.01 -46.73 20.43
C ALA D 36 -38.90 -47.76 20.52
N LEU D 37 -38.37 -48.10 19.36
CA LEU D 37 -37.17 -48.91 19.22
C LEU D 37 -35.96 -47.99 19.24
N LEU D 38 -35.12 -48.14 20.26
CA LEU D 38 -33.91 -47.33 20.41
C LEU D 38 -32.79 -47.98 19.62
N VAL D 39 -32.49 -47.41 18.46
CA VAL D 39 -31.45 -47.91 17.58
C VAL D 39 -30.16 -47.19 17.97
N THR D 40 -29.16 -47.95 18.37
CA THR D 40 -27.88 -47.38 18.73
C THR D 40 -26.83 -48.41 18.32
N ASP D 41 -25.56 -48.14 18.65
CA ASP D 41 -24.48 -49.06 18.35
C ASP D 41 -24.03 -49.74 19.64
N ALA D 42 -23.18 -50.76 19.48
CA ALA D 42 -22.75 -51.53 20.63
C ALA D 42 -21.88 -50.68 21.56
N GLY D 43 -21.14 -49.73 21.02
CA GLY D 43 -20.29 -48.88 21.85
C GLY D 43 -21.07 -47.97 22.77
N LEU D 44 -22.06 -47.25 22.25
CA LEU D 44 -22.82 -46.35 23.12
C LEU D 44 -23.69 -47.11 24.10
N HIS D 45 -24.15 -48.30 23.73
CA HIS D 45 -24.90 -49.12 24.67
C HIS D 45 -23.98 -49.61 25.79
N GLY D 46 -22.77 -50.02 25.44
CA GLY D 46 -21.72 -50.40 26.37
C GLY D 46 -21.11 -49.26 27.16
N LEU D 47 -21.86 -48.17 27.34
CA LEU D 47 -21.41 -47.04 28.12
C LEU D 47 -22.52 -46.48 29.01
N GLY D 48 -23.76 -46.92 28.82
CA GLY D 48 -24.88 -46.54 29.61
C GLY D 48 -25.71 -45.43 29.01
N LEU D 49 -25.31 -44.90 27.84
CA LEU D 49 -26.07 -43.80 27.25
C LEU D 49 -27.44 -44.29 26.84
N SER D 50 -27.52 -45.55 26.38
CA SER D 50 -28.78 -46.14 25.95
C SER D 50 -29.78 -46.02 27.08
N GLU D 51 -29.38 -46.40 28.29
CA GLU D 51 -30.29 -46.40 29.42
C GLU D 51 -30.54 -44.98 29.92
N LYS D 52 -29.56 -44.09 29.89
CA LYS D 52 -29.84 -42.70 30.27
C LYS D 52 -31.03 -42.22 29.42
N ILE D 53 -30.95 -42.42 28.10
CA ILE D 53 -32.01 -41.97 27.21
C ILE D 53 -33.29 -42.76 27.46
N SER D 54 -33.18 -44.09 27.62
CA SER D 54 -34.37 -44.91 27.86
C SER D 54 -35.11 -44.46 29.11
N SER D 55 -34.36 -44.08 30.16
CA SER D 55 -35.00 -43.57 31.36
C SER D 55 -35.74 -42.28 31.05
N ILE D 56 -35.11 -41.38 30.29
CA ILE D 56 -35.80 -40.15 29.92
C ILE D 56 -37.11 -40.47 29.19
N ILE D 57 -37.11 -41.46 28.30
CA ILE D 57 -38.35 -41.72 27.57
C ILE D 57 -39.38 -42.36 28.49
N ARG D 58 -38.97 -43.34 29.30
CA ARG D 58 -39.94 -43.99 30.16
C ARG D 58 -40.53 -43.01 31.16
N ALA D 59 -39.73 -42.02 31.62
CA ALA D 59 -40.29 -41.08 32.60
C ALA D 59 -41.37 -40.17 31.99
N ALA D 60 -41.74 -40.40 30.73
CA ALA D 60 -42.75 -39.60 30.05
C ALA D 60 -43.91 -40.48 29.61
N GLY D 61 -43.89 -41.76 29.95
CA GLY D 61 -44.96 -42.67 29.62
C GLY D 61 -44.82 -43.37 28.29
N VAL D 62 -43.65 -43.36 27.66
CA VAL D 62 -43.44 -44.07 26.41
C VAL D 62 -42.48 -45.23 26.67
N GLU D 63 -42.81 -46.39 26.14
CA GLU D 63 -41.92 -47.55 26.30
C GLU D 63 -40.82 -47.60 25.24
N VAL D 64 -39.75 -48.30 25.63
CA VAL D 64 -38.51 -48.40 24.90
C VAL D 64 -38.05 -49.85 24.82
N SER D 65 -37.59 -50.25 23.64
CA SER D 65 -36.89 -51.51 23.44
C SER D 65 -35.59 -51.16 22.76
N ILE D 66 -34.47 -51.50 23.40
CA ILE D 66 -33.17 -51.10 22.88
C ILE D 66 -32.70 -52.09 21.82
N PHE D 67 -32.30 -51.59 20.66
CA PHE D 67 -31.70 -52.35 19.57
C PHE D 67 -30.28 -51.83 19.35
N PRO D 68 -29.30 -52.32 20.09
CA PRO D 68 -27.95 -51.75 19.98
C PRO D 68 -27.07 -52.42 18.95
N LYS D 69 -27.60 -52.79 17.78
CA LYS D 69 -26.86 -53.61 16.83
C LYS D 69 -26.51 -52.90 15.53
N ALA D 70 -26.60 -51.57 15.48
CA ALA D 70 -26.15 -50.85 14.29
C ALA D 70 -24.62 -50.78 14.31
N GLU D 71 -24.01 -51.17 13.20
CA GLU D 71 -22.56 -51.25 13.09
C GLU D 71 -22.02 -50.09 12.27
N PRO D 72 -20.82 -49.60 12.59
CA PRO D 72 -20.19 -48.61 11.72
C PRO D 72 -20.21 -49.12 10.28
N ASN D 73 -20.75 -48.29 9.39
CA ASN D 73 -21.16 -48.68 8.05
C ASN D 73 -22.29 -49.71 8.19
N PRO D 74 -23.49 -49.28 8.54
CA PRO D 74 -24.56 -50.24 8.82
C PRO D 74 -24.88 -51.06 7.58
N THR D 75 -25.33 -52.29 7.81
CA THR D 75 -25.54 -53.26 6.74
C THR D 75 -27.02 -53.56 6.54
N ASP D 76 -27.33 -54.16 5.38
CA ASP D 76 -28.70 -54.61 5.11
C ASP D 76 -29.15 -55.64 6.13
N LYS D 77 -28.21 -56.47 6.62
CA LYS D 77 -28.52 -57.43 7.66
C LYS D 77 -28.89 -56.73 8.96
N ASN D 78 -28.17 -55.63 9.29
CA ASN D 78 -28.56 -54.85 10.46
C ASN D 78 -30.01 -54.41 10.31
N VAL D 79 -30.40 -53.99 9.10
CA VAL D 79 -31.76 -53.49 8.91
C VAL D 79 -32.76 -54.63 9.02
N ALA D 80 -32.44 -55.79 8.43
CA ALA D 80 -33.35 -56.92 8.57
C ALA D 80 -33.54 -57.33 10.03
N GLU D 81 -32.43 -57.48 10.77
CA GLU D 81 -32.56 -57.79 12.19
C GLU D 81 -33.29 -56.71 12.98
N GLY D 82 -33.07 -55.44 12.64
CA GLY D 82 -33.73 -54.37 13.35
C GLY D 82 -35.22 -54.29 13.09
N LEU D 83 -35.62 -54.47 11.83
CA LEU D 83 -37.04 -54.52 11.52
C LEU D 83 -37.69 -55.74 12.19
N GLU D 84 -36.98 -56.90 12.21
CA GLU D 84 -37.57 -58.07 12.91
C GLU D 84 -37.75 -57.73 14.39
N ALA D 85 -36.77 -57.07 15.02
CA ALA D 85 -36.94 -56.70 16.42
C ALA D 85 -38.09 -55.73 16.56
N TYR D 86 -38.16 -54.73 15.67
CA TYR D 86 -39.26 -53.77 15.68
C TYR D 86 -40.63 -54.47 15.64
N ASN D 87 -40.80 -55.51 14.83
CA ASN D 87 -42.10 -56.17 14.73
C ASN D 87 -42.33 -57.14 15.91
N ALA D 88 -41.28 -57.84 16.33
CA ALA D 88 -41.39 -58.79 17.43
C ALA D 88 -41.76 -58.10 18.73
N GLU D 89 -41.28 -56.87 18.91
CA GLU D 89 -41.52 -56.07 20.10
C GLU D 89 -42.72 -55.10 20.00
N ASN D 90 -43.53 -55.17 18.95
CA ASN D 90 -44.72 -54.32 18.81
C ASN D 90 -44.40 -52.84 19.03
N CYS D 91 -43.45 -52.33 18.25
CA CYS D 91 -43.06 -50.92 18.29
C CYS D 91 -43.82 -50.08 17.26
N ASP D 92 -44.10 -48.82 17.62
CA ASP D 92 -44.74 -47.88 16.70
C ASP D 92 -43.88 -46.66 16.36
N SER D 93 -42.66 -46.56 16.90
CA SER D 93 -41.76 -45.43 16.63
C SER D 93 -40.32 -45.90 16.69
N ILE D 94 -39.40 -45.03 16.27
CA ILE D 94 -37.99 -45.36 16.28
C ILE D 94 -37.28 -44.15 16.88
N VAL D 95 -36.31 -44.37 17.77
CA VAL D 95 -35.46 -43.27 18.23
C VAL D 95 -34.03 -43.70 17.91
N THR D 96 -33.31 -42.89 17.12
CA THR D 96 -31.91 -43.18 16.82
C THR D 96 -30.99 -42.41 17.76
N LEU D 97 -30.02 -43.10 18.35
CA LEU D 97 -29.08 -42.48 19.28
C LEU D 97 -27.66 -42.87 18.85
N GLY D 98 -26.88 -41.88 18.44
CA GLY D 98 -25.52 -42.11 18.03
C GLY D 98 -25.07 -41.28 16.86
N GLY D 99 -24.21 -41.84 16.01
CA GLY D 99 -23.72 -41.16 14.84
C GLY D 99 -24.51 -41.54 13.61
N GLY D 100 -23.90 -41.31 12.45
CA GLY D 100 -24.61 -41.52 11.20
C GLY D 100 -25.06 -42.96 11.01
N SER D 101 -24.31 -43.91 11.54
CA SER D 101 -24.69 -45.31 11.39
C SER D 101 -26.01 -45.61 12.10
N SER D 102 -26.22 -45.05 13.29
CA SER D 102 -27.46 -45.30 14.01
C SER D 102 -28.62 -44.61 13.32
N HIS D 103 -28.39 -43.38 12.85
CA HIS D 103 -29.42 -42.62 12.16
C HIS D 103 -29.85 -43.36 10.91
N ASP D 104 -28.89 -43.85 10.12
CA ASP D 104 -29.20 -44.49 8.85
C ASP D 104 -29.90 -45.82 9.07
N ALA D 105 -29.44 -46.60 10.07
CA ALA D 105 -30.13 -47.84 10.41
C ALA D 105 -31.57 -47.58 10.83
N GLY D 106 -31.78 -46.62 11.73
CA GLY D 106 -33.14 -46.30 12.14
C GLY D 106 -34.02 -45.82 10.99
N LYS D 107 -33.47 -44.96 10.12
CA LYS D 107 -34.27 -44.52 8.98
C LYS D 107 -34.64 -45.69 8.09
N ALA D 108 -33.69 -46.59 7.82
CA ALA D 108 -33.98 -47.73 6.94
C ALA D 108 -35.04 -48.63 7.56
N ILE D 109 -34.88 -48.96 8.84
CA ILE D 109 -35.90 -49.74 9.53
C ILE D 109 -37.25 -49.04 9.45
N ALA D 110 -37.27 -47.73 9.68
CA ALA D 110 -38.51 -46.96 9.68
C ALA D 110 -39.17 -46.91 8.30
N LEU D 111 -38.36 -46.84 7.24
CA LEU D 111 -38.90 -46.83 5.88
C LEU D 111 -39.48 -48.19 5.50
N VAL D 112 -38.68 -49.26 5.70
CA VAL D 112 -39.12 -50.60 5.35
C VAL D 112 -40.29 -51.04 6.21
N ALA D 113 -40.36 -50.56 7.46
CA ALA D 113 -41.48 -50.84 8.37
C ALA D 113 -42.79 -50.20 7.94
N ALA D 114 -42.74 -49.27 6.99
CA ALA D 114 -43.91 -48.58 6.46
C ALA D 114 -44.13 -48.89 4.98
N ASN D 115 -43.13 -49.48 4.34
CA ASN D 115 -43.10 -49.79 2.93
C ASN D 115 -43.09 -51.29 2.64
N GLY D 116 -42.71 -52.13 3.60
CA GLY D 116 -42.65 -53.58 3.43
C GLY D 116 -41.35 -54.10 2.84
N GLY D 117 -41.18 -54.02 1.52
CA GLY D 117 -39.98 -54.37 0.73
C GLY D 117 -38.70 -54.91 1.36
N LYS D 118 -37.57 -54.51 0.77
CA LYS D 118 -36.24 -54.81 1.28
C LYS D 118 -35.49 -53.48 1.23
N ILE D 119 -34.40 -53.34 1.97
CA ILE D 119 -33.73 -52.04 1.93
C ILE D 119 -33.18 -51.69 0.54
N HIS D 120 -32.70 -52.71 -0.21
CA HIS D 120 -32.09 -52.50 -1.53
C HIS D 120 -33.02 -51.96 -2.63
N ASP D 121 -34.33 -52.19 -2.54
CA ASP D 121 -35.25 -51.73 -3.58
C ASP D 121 -35.37 -50.21 -3.66
N TYR D 122 -34.95 -49.47 -2.63
CA TYR D 122 -35.16 -48.03 -2.63
C TYR D 122 -33.86 -47.27 -2.90
N GLU D 123 -32.81 -47.98 -3.32
CA GLU D 123 -31.57 -47.34 -3.73
C GLU D 123 -31.79 -46.44 -4.95
N GLY D 124 -31.41 -45.17 -4.82
CA GLY D 124 -31.65 -44.17 -5.85
C GLY D 124 -32.27 -42.96 -5.19
N VAL D 125 -33.12 -42.24 -5.92
CA VAL D 125 -33.70 -40.97 -5.49
C VAL D 125 -35.23 -41.13 -5.51
N ASP D 126 -35.86 -40.95 -4.34
CA ASP D 126 -37.32 -40.91 -4.14
C ASP D 126 -38.03 -42.08 -4.81
N VAL D 127 -37.54 -43.29 -4.55
CA VAL D 127 -38.13 -44.48 -5.15
C VAL D 127 -39.24 -45.06 -4.26
N SER D 128 -39.31 -44.65 -2.99
CA SER D 128 -40.31 -45.18 -2.07
C SER D 128 -41.57 -44.33 -2.10
N LYS D 129 -42.64 -44.90 -1.53
CA LYS D 129 -43.99 -44.39 -1.70
C LYS D 129 -44.65 -43.87 -0.43
N GLU D 130 -44.33 -44.39 0.75
CA GLU D 130 -44.89 -43.90 2.02
C GLU D 130 -43.85 -43.16 2.86
N PRO D 131 -44.24 -42.13 3.63
CA PRO D 131 -43.36 -41.62 4.67
C PRO D 131 -43.15 -42.67 5.76
N MET D 132 -41.98 -42.59 6.41
CA MET D 132 -41.59 -43.53 7.45
C MET D 132 -42.29 -43.28 8.77
N VAL D 133 -42.13 -44.26 9.66
CA VAL D 133 -42.74 -44.21 10.99
C VAL D 133 -42.09 -43.09 11.77
N PRO D 134 -42.77 -42.54 12.77
CA PRO D 134 -42.19 -41.46 13.57
C PRO D 134 -40.79 -41.80 14.04
N LEU D 135 -39.87 -40.85 13.91
CA LEU D 135 -38.48 -41.09 14.25
C LEU D 135 -37.92 -39.80 14.84
N ILE D 136 -37.28 -39.91 15.99
CA ILE D 136 -36.54 -38.79 16.58
C ILE D 136 -35.07 -39.16 16.54
N ALA D 137 -34.24 -38.27 16.01
CA ALA D 137 -32.83 -38.57 15.86
C ALA D 137 -32.02 -37.75 16.87
N ILE D 138 -31.26 -38.44 17.73
CA ILE D 138 -30.38 -37.80 18.72
C ILE D 138 -28.95 -38.03 18.31
N ASN D 139 -28.27 -36.95 17.97
CA ASN D 139 -26.93 -37.01 17.37
C ASN D 139 -25.82 -36.86 18.41
N THR D 140 -24.80 -37.72 18.32
CA THR D 140 -23.66 -37.70 19.24
C THR D 140 -22.30 -37.57 18.54
N THR D 141 -22.27 -37.29 17.23
CA THR D 141 -21.03 -37.08 16.49
C THR D 141 -21.11 -35.72 15.80
N ALA D 142 -19.95 -35.14 15.53
CA ALA D 142 -19.84 -33.85 14.83
C ALA D 142 -19.54 -34.01 13.35
N GLY D 143 -20.34 -34.83 12.67
CA GLY D 143 -20.29 -35.05 11.23
C GLY D 143 -21.58 -35.73 10.86
N THR D 144 -21.75 -36.00 9.55
CA THR D 144 -22.95 -36.68 9.00
C THR D 144 -24.09 -35.68 8.87
N GLY D 145 -24.76 -35.35 9.96
CA GLY D 145 -25.93 -34.52 9.85
C GLY D 145 -27.16 -35.34 9.53
N SER D 146 -27.01 -36.67 9.54
CA SER D 146 -28.09 -37.58 9.22
C SER D 146 -29.34 -37.34 10.06
N GLU D 147 -29.22 -36.72 11.23
CA GLU D 147 -30.40 -36.35 11.98
C GLU D 147 -31.28 -35.32 11.25
N LEU D 148 -30.82 -34.77 10.12
CA LEU D 148 -31.55 -33.76 9.36
C LEU D 148 -31.82 -34.10 7.90
N THR D 149 -31.25 -35.17 7.37
CA THR D 149 -31.20 -35.41 5.93
C THR D 149 -32.26 -36.38 5.44
N LYS D 150 -32.42 -36.41 4.12
CA LYS D 150 -33.22 -37.42 3.44
C LYS D 150 -32.34 -38.51 2.81
N PHE D 151 -31.20 -38.80 3.42
CA PHE D 151 -30.20 -39.77 2.95
C PHE D 151 -30.09 -40.89 3.97
N THR D 152 -30.08 -42.14 3.50
CA THR D 152 -29.70 -43.28 4.33
C THR D 152 -28.71 -44.14 3.54
N ILE D 153 -27.56 -44.38 4.15
CA ILE D 153 -26.44 -45.07 3.52
C ILE D 153 -26.42 -46.48 4.11
N ILE D 154 -26.86 -47.45 3.34
CA ILE D 154 -26.92 -48.84 3.79
C ILE D 154 -25.92 -49.63 2.97
N THR D 155 -25.17 -50.50 3.64
CA THR D 155 -24.12 -51.23 2.96
C THR D 155 -24.74 -52.49 2.40
N ASP D 156 -24.56 -52.70 1.10
CA ASP D 156 -24.93 -53.92 0.40
C ASP D 156 -23.77 -54.88 0.56
N THR D 157 -24.01 -55.97 1.28
CA THR D 157 -22.93 -56.90 1.62
C THR D 157 -22.49 -57.79 0.47
N GLU D 158 -23.33 -58.02 -0.56
CA GLU D 158 -22.93 -58.93 -1.64
C GLU D 158 -22.05 -58.23 -2.68
N ARG D 159 -22.34 -56.96 -3.00
CA ARG D 159 -21.50 -56.28 -3.97
C ARG D 159 -20.47 -55.47 -3.22
N LYS D 160 -20.60 -55.41 -1.89
CA LYS D 160 -19.70 -54.60 -1.05
C LYS D 160 -19.79 -53.13 -1.40
N VAL D 161 -21.02 -52.62 -1.50
CA VAL D 161 -21.23 -51.25 -1.93
C VAL D 161 -22.13 -50.54 -0.93
N LYS D 162 -21.66 -49.41 -0.42
CA LYS D 162 -22.44 -48.53 0.43
C LYS D 162 -23.39 -47.78 -0.48
N MET D 163 -24.63 -48.29 -0.52
CA MET D 163 -25.71 -47.71 -1.29
C MET D 163 -26.24 -46.42 -0.69
N ALA D 164 -26.56 -45.48 -1.57
CA ALA D 164 -27.13 -44.20 -1.16
C ALA D 164 -28.61 -44.22 -1.55
N ILE D 165 -29.48 -44.33 -0.54
CA ILE D 165 -30.92 -44.23 -0.71
C ILE D 165 -31.27 -42.78 -0.36
N VAL D 166 -31.62 -42.00 -1.38
CA VAL D 166 -31.94 -40.58 -1.24
C VAL D 166 -33.44 -40.39 -1.43
N ASP D 167 -34.20 -40.30 -0.34
CA ASP D 167 -35.65 -40.21 -0.43
C ASP D 167 -36.17 -39.22 0.61
N LYS D 168 -37.07 -38.32 0.16
CA LYS D 168 -37.67 -37.32 1.06
C LYS D 168 -38.44 -37.96 2.21
N HIS D 169 -38.75 -39.24 2.14
CA HIS D 169 -39.56 -39.87 3.18
C HIS D 169 -38.70 -40.28 4.38
N VAL D 170 -37.38 -40.09 4.32
CA VAL D 170 -36.53 -40.44 5.45
C VAL D 170 -36.06 -39.21 6.23
N THR D 171 -36.67 -38.06 6.00
CA THR D 171 -36.41 -36.91 6.87
C THR D 171 -36.93 -37.20 8.27
N PRO D 172 -36.08 -37.16 9.29
CA PRO D 172 -36.54 -37.46 10.65
C PRO D 172 -37.66 -36.51 11.04
N THR D 173 -38.47 -36.95 12.01
CA THR D 173 -39.56 -36.10 12.49
C THR D 173 -39.04 -34.94 13.30
N LEU D 174 -38.08 -35.20 14.18
CA LEU D 174 -37.50 -34.19 15.04
C LEU D 174 -36.03 -34.54 15.25
N SER D 175 -35.21 -33.51 15.42
CA SER D 175 -33.78 -33.77 15.59
C SER D 175 -33.31 -33.11 16.87
N ILE D 176 -32.33 -33.75 17.53
CA ILE D 176 -31.72 -33.26 18.76
C ILE D 176 -30.20 -33.33 18.61
N ASN D 177 -29.54 -32.19 18.83
CA ASN D 177 -28.09 -32.03 18.73
C ASN D 177 -27.54 -31.56 20.07
N ASP D 178 -27.31 -32.50 21.00
CA ASP D 178 -26.81 -32.14 22.33
C ASP D 178 -25.29 -32.26 22.36
N PRO D 179 -24.54 -31.15 22.46
CA PRO D 179 -23.08 -31.25 22.48
C PRO D 179 -22.54 -31.95 23.72
N GLU D 180 -23.34 -32.02 24.80
CA GLU D 180 -22.84 -32.73 25.97
C GLU D 180 -22.67 -34.20 25.67
N LEU D 181 -23.40 -34.72 24.69
CA LEU D 181 -23.27 -36.13 24.29
C LEU D 181 -22.08 -36.34 23.37
N MET D 182 -21.37 -35.28 22.98
CA MET D 182 -20.26 -35.41 22.05
C MET D 182 -18.90 -35.26 22.72
N VAL D 183 -18.88 -34.93 24.01
CA VAL D 183 -17.60 -34.75 24.69
C VAL D 183 -16.79 -36.03 24.67
N GLY D 184 -17.47 -37.18 24.62
CA GLY D 184 -16.73 -38.43 24.69
C GLY D 184 -16.12 -38.94 23.41
N MET D 185 -16.33 -38.26 22.27
CA MET D 185 -15.71 -38.69 21.01
C MET D 185 -14.18 -38.64 21.18
N PRO D 186 -13.46 -39.75 21.03
CA PRO D 186 -11.98 -39.70 21.06
C PRO D 186 -11.42 -38.88 19.91
N PRO D 187 -10.18 -38.41 20.02
CA PRO D 187 -9.65 -37.52 18.96
C PRO D 187 -9.77 -38.03 17.53
N SER D 188 -9.51 -39.31 17.29
CA SER D 188 -9.59 -39.81 15.92
C SER D 188 -11.02 -39.70 15.39
N LEU D 189 -12.00 -40.00 16.25
CA LEU D 189 -13.40 -39.89 15.84
C LEU D 189 -13.79 -38.44 15.60
N THR D 190 -13.37 -37.55 16.50
CA THR D 190 -13.62 -36.12 16.34
C THR D 190 -13.08 -35.63 15.01
N ALA D 191 -11.84 -36.01 14.67
CA ALA D 191 -11.23 -35.56 13.41
C ALA D 191 -11.98 -36.13 12.20
N ALA D 192 -12.30 -37.43 12.23
CA ALA D 192 -12.94 -38.06 11.09
C ALA D 192 -14.35 -37.49 10.86
N THR D 193 -15.15 -37.36 11.93
CA THR D 193 -16.48 -36.80 11.75
C THR D 193 -16.40 -35.34 11.32
N GLY D 194 -15.47 -34.56 11.90
CA GLY D 194 -15.35 -33.17 11.51
C GLY D 194 -14.93 -33.01 10.06
N LEU D 195 -14.04 -33.89 9.58
CA LEU D 195 -13.64 -33.82 8.17
C LEU D 195 -14.72 -34.37 7.26
N ASP D 196 -15.61 -35.22 7.77
CA ASP D 196 -16.76 -35.58 6.97
C ASP D 196 -17.70 -34.40 6.82
N ALA D 197 -17.84 -33.59 7.89
CA ALA D 197 -18.65 -32.38 7.80
C ALA D 197 -18.01 -31.32 6.88
N LEU D 198 -16.69 -31.17 6.95
CA LEU D 198 -16.00 -30.26 6.03
C LEU D 198 -16.17 -30.70 4.58
N THR D 199 -16.07 -32.01 4.33
CA THR D 199 -16.31 -32.52 2.98
C THR D 199 -17.72 -32.22 2.53
N HIS D 200 -18.69 -32.38 3.45
CA HIS D 200 -20.06 -32.06 3.11
C HIS D 200 -20.18 -30.60 2.68
N ALA D 201 -19.56 -29.70 3.45
CA ALA D 201 -19.69 -28.28 3.14
C ALA D 201 -19.02 -27.93 1.82
N ILE D 202 -17.83 -28.48 1.57
CA ILE D 202 -17.11 -28.15 0.34
C ILE D 202 -17.83 -28.72 -0.88
N GLU D 203 -18.24 -29.99 -0.81
CA GLU D 203 -18.93 -30.58 -1.95
C GLU D 203 -20.27 -29.92 -2.20
N ALA D 204 -20.96 -29.48 -1.14
CA ALA D 204 -22.20 -28.73 -1.34
C ALA D 204 -21.92 -27.39 -1.98
N TYR D 205 -20.81 -26.76 -1.62
CA TYR D 205 -20.50 -25.45 -2.18
C TYR D 205 -20.18 -25.53 -3.66
N VAL D 206 -19.53 -26.60 -4.11
CA VAL D 206 -19.18 -26.69 -5.53
C VAL D 206 -20.20 -27.53 -6.32
N SER D 207 -21.25 -28.01 -5.67
CA SER D 207 -22.22 -28.86 -6.34
C SER D 207 -23.03 -28.07 -7.36
N THR D 208 -23.46 -28.77 -8.41
CA THR D 208 -24.31 -28.18 -9.43
C THR D 208 -25.72 -27.92 -8.90
N GLY D 209 -26.06 -28.46 -7.75
CA GLY D 209 -27.39 -28.21 -7.23
C GLY D 209 -27.35 -27.17 -6.13
N ALA D 210 -26.25 -26.42 -6.05
CA ALA D 210 -26.12 -25.40 -5.03
C ALA D 210 -27.13 -24.28 -5.28
N THR D 211 -27.64 -23.71 -4.20
CA THR D 211 -28.58 -22.60 -4.18
C THR D 211 -28.04 -21.55 -3.23
N PRO D 212 -28.53 -20.31 -3.32
CA PRO D 212 -28.10 -19.29 -2.35
C PRO D 212 -28.30 -19.68 -0.89
N ILE D 213 -29.34 -20.47 -0.59
CA ILE D 213 -29.55 -20.91 0.78
C ILE D 213 -28.46 -21.91 1.21
N THR D 214 -28.27 -22.95 0.41
CA THR D 214 -27.21 -23.91 0.71
C THR D 214 -25.84 -23.22 0.75
N ASP D 215 -25.63 -22.23 -0.11
CA ASP D 215 -24.36 -21.51 -0.09
C ASP D 215 -24.15 -20.85 1.27
N ALA D 216 -25.17 -20.15 1.76
CA ALA D 216 -25.05 -19.52 3.08
C ALA D 216 -24.62 -20.54 4.13
N LEU D 217 -25.32 -21.67 4.15
CA LEU D 217 -25.06 -22.65 5.20
C LEU D 217 -23.65 -23.25 5.05
N ALA D 218 -23.23 -23.57 3.82
CA ALA D 218 -21.93 -24.20 3.60
C ALA D 218 -20.78 -23.25 3.94
N ILE D 219 -20.90 -21.98 3.57
CA ILE D 219 -19.84 -21.02 3.88
C ILE D 219 -19.64 -20.94 5.38
N GLN D 220 -20.74 -20.78 6.12
CA GLN D 220 -20.58 -20.71 7.57
C GLN D 220 -19.97 -21.99 8.12
N ALA D 221 -20.37 -23.16 7.59
CA ALA D 221 -19.80 -24.41 8.09
C ALA D 221 -18.29 -24.45 7.87
N ILE D 222 -17.82 -24.07 6.69
CA ILE D 222 -16.38 -24.09 6.43
C ILE D 222 -15.67 -23.17 7.42
N LYS D 223 -16.20 -21.97 7.63
CA LYS D 223 -15.53 -21.04 8.53
C LYS D 223 -15.45 -21.59 9.96
N ILE D 224 -16.54 -22.20 10.43
CA ILE D 224 -16.53 -22.66 11.80
C ILE D 224 -15.60 -23.86 11.95
N ILE D 225 -15.65 -24.79 10.99
CA ILE D 225 -14.81 -25.97 11.07
C ILE D 225 -13.35 -25.55 11.04
N SER D 226 -13.02 -24.60 10.15
CA SER D 226 -11.66 -24.11 10.01
C SER D 226 -11.13 -23.59 11.33
N LYS D 227 -12.02 -23.04 12.15
CA LYS D 227 -11.49 -22.47 13.39
C LYS D 227 -11.53 -23.46 14.54
N TYR D 228 -12.60 -24.26 14.64
CA TYR D 228 -12.90 -25.01 15.84
C TYR D 228 -12.59 -26.50 15.75
N LEU D 229 -12.52 -27.11 14.56
CA LEU D 229 -12.28 -28.55 14.50
C LEU D 229 -10.94 -28.89 15.11
N PRO D 230 -9.83 -28.23 14.74
CA PRO D 230 -8.53 -28.62 15.32
C PRO D 230 -8.57 -28.46 16.83
N ARG D 231 -9.40 -27.54 17.32
CA ARG D 231 -9.49 -27.32 18.76
C ARG D 231 -10.20 -28.48 19.41
N ALA D 232 -11.18 -29.04 18.73
CA ALA D 232 -11.93 -30.14 19.32
C ALA D 232 -11.10 -31.41 19.25
N VAL D 233 -10.16 -31.49 18.31
CA VAL D 233 -9.29 -32.65 18.26
C VAL D 233 -8.21 -32.54 19.31
N ALA D 234 -7.75 -31.34 19.60
CA ALA D 234 -6.69 -31.16 20.57
C ALA D 234 -7.19 -31.33 22.00
N ASN D 235 -8.42 -30.95 22.28
CA ASN D 235 -8.99 -31.13 23.62
C ASN D 235 -10.48 -31.37 23.45
N GLY D 236 -10.90 -32.62 23.60
CA GLY D 236 -12.29 -32.98 23.48
C GLY D 236 -13.17 -32.53 24.62
N LYS D 237 -12.57 -32.00 25.69
CA LYS D 237 -13.29 -31.46 26.84
C LYS D 237 -13.50 -29.94 26.74
N ASP D 238 -13.05 -29.32 25.64
CA ASP D 238 -13.28 -27.94 25.22
C ASP D 238 -14.73 -27.73 24.78
N ILE D 239 -15.57 -27.20 25.67
CA ILE D 239 -17.00 -27.14 25.39
C ILE D 239 -17.32 -26.19 24.24
N GLU D 240 -16.63 -25.04 24.18
CA GLU D 240 -16.89 -24.12 23.07
C GLU D 240 -16.62 -24.78 21.71
N ALA D 241 -15.49 -25.47 21.58
CA ALA D 241 -15.21 -26.14 20.31
C ALA D 241 -16.26 -27.20 19.98
N ARG D 242 -16.74 -27.92 21.01
CA ARG D 242 -17.76 -28.93 20.77
C ARG D 242 -19.07 -28.29 20.33
N GLU D 243 -19.45 -27.18 20.94
CA GLU D 243 -20.70 -26.54 20.55
C GLU D 243 -20.59 -25.97 19.13
N GLN D 244 -19.44 -25.37 18.81
CA GLN D 244 -19.28 -24.84 17.48
C GLN D 244 -19.26 -25.95 16.43
N MET D 245 -18.63 -27.10 16.73
CA MET D 245 -18.66 -28.20 15.77
C MET D 245 -20.05 -28.82 15.65
N ALA D 246 -20.85 -28.79 16.72
CA ALA D 246 -22.22 -29.25 16.57
C ALA D 246 -22.99 -28.33 15.62
N PHE D 247 -22.78 -27.02 15.74
CA PHE D 247 -23.41 -26.09 14.81
C PHE D 247 -22.89 -26.32 13.39
N ALA D 248 -21.59 -26.51 13.24
CA ALA D 248 -20.98 -26.69 11.92
C ALA D 248 -21.50 -27.96 11.27
N GLN D 249 -21.62 -29.03 12.07
CA GLN D 249 -22.16 -30.27 11.55
C GLN D 249 -23.60 -30.09 11.05
N SER D 250 -24.44 -29.36 11.81
CA SER D 250 -25.81 -29.18 11.33
C SER D 250 -25.85 -28.30 10.07
N LEU D 251 -25.01 -27.26 10.03
CA LEU D 251 -24.96 -26.41 8.85
C LEU D 251 -24.57 -27.22 7.62
N ALA D 252 -23.53 -28.04 7.75
CA ALA D 252 -23.05 -28.82 6.61
C ALA D 252 -24.08 -29.84 6.17
N GLY D 253 -24.80 -30.43 7.13
CA GLY D 253 -25.86 -31.35 6.77
C GLY D 253 -26.97 -30.67 5.99
N MET D 254 -27.47 -29.53 6.52
CA MET D 254 -28.49 -28.79 5.77
C MET D 254 -27.99 -28.43 4.37
N ALA D 255 -26.71 -28.09 4.23
CA ALA D 255 -26.23 -27.67 2.92
C ALA D 255 -26.20 -28.83 1.93
N PHE D 256 -25.51 -29.92 2.28
CA PHE D 256 -25.38 -31.02 1.32
C PHE D 256 -26.70 -31.77 1.11
N ASN D 257 -27.55 -31.85 2.14
CA ASN D 257 -28.84 -32.51 1.97
C ASN D 257 -29.63 -31.91 0.82
N ASN D 258 -29.48 -30.61 0.58
CA ASN D 258 -30.27 -29.92 -0.42
C ASN D 258 -29.48 -29.45 -1.63
N ALA D 259 -28.15 -29.58 -1.61
CA ALA D 259 -27.35 -29.20 -2.75
C ALA D 259 -26.83 -30.40 -3.51
N GLY D 260 -26.54 -31.48 -2.81
CA GLY D 260 -25.91 -32.63 -3.43
C GLY D 260 -24.47 -32.72 -2.99
N LEU D 261 -23.87 -33.86 -3.28
CA LEU D 261 -22.46 -34.03 -2.95
C LEU D 261 -21.66 -34.08 -4.24
N GLY D 262 -20.63 -34.90 -4.29
CA GLY D 262 -19.81 -35.01 -5.47
C GLY D 262 -19.03 -36.29 -5.43
N TYR D 263 -17.87 -36.30 -6.10
CA TYR D 263 -17.14 -37.55 -6.25
C TYR D 263 -16.32 -37.94 -5.03
N VAL D 264 -16.10 -37.06 -4.05
CA VAL D 264 -15.48 -37.50 -2.80
C VAL D 264 -16.35 -38.56 -2.16
N HIS D 265 -17.63 -38.28 -1.99
CA HIS D 265 -18.51 -39.26 -1.36
C HIS D 265 -18.77 -40.45 -2.27
N ALA D 266 -18.88 -40.21 -3.58
CA ALA D 266 -19.10 -41.32 -4.50
C ALA D 266 -17.97 -42.35 -4.42
N ILE D 267 -16.71 -41.89 -4.33
CA ILE D 267 -15.58 -42.82 -4.23
C ILE D 267 -15.43 -43.35 -2.81
N ALA D 268 -15.64 -42.51 -1.80
CA ALA D 268 -15.50 -42.93 -0.40
C ALA D 268 -16.49 -44.01 -0.05
N HIS D 269 -17.70 -43.97 -0.64
CA HIS D 269 -18.68 -45.00 -0.37
C HIS D 269 -18.19 -46.34 -0.86
N GLN D 270 -17.40 -46.35 -1.94
CA GLN D 270 -16.91 -47.60 -2.47
C GLN D 270 -15.73 -48.10 -1.63
N LEU D 271 -14.82 -47.20 -1.21
CA LEU D 271 -13.74 -47.68 -0.34
C LEU D 271 -14.27 -48.17 1.00
N GLY D 272 -15.35 -47.57 1.49
CA GLY D 272 -15.91 -48.02 2.75
C GLY D 272 -16.73 -49.28 2.62
N GLY D 273 -17.40 -49.46 1.49
CA GLY D 273 -18.09 -50.71 1.25
C GLY D 273 -17.14 -51.86 0.96
N PHE D 274 -15.92 -51.57 0.48
CA PHE D 274 -14.99 -52.65 0.21
C PHE D 274 -14.13 -53.03 1.42
N TYR D 275 -13.74 -52.05 2.23
CA TYR D 275 -12.80 -52.33 3.28
C TYR D 275 -13.30 -51.94 4.66
N ASN D 276 -14.53 -51.46 4.76
CA ASN D 276 -15.13 -51.04 6.02
C ASN D 276 -14.26 -50.00 6.75
N PHE D 277 -13.57 -49.15 5.98
CA PHE D 277 -12.82 -48.04 6.55
C PHE D 277 -13.77 -47.01 7.15
N PRO D 278 -13.30 -46.18 8.09
CA PRO D 278 -14.15 -45.10 8.61
C PRO D 278 -14.51 -44.11 7.50
N HIS D 279 -15.79 -43.75 7.44
CA HIS D 279 -16.29 -42.89 6.37
C HIS D 279 -15.54 -41.56 6.31
N GLY D 280 -15.38 -40.91 7.46
CA GLY D 280 -14.72 -39.61 7.50
C GLY D 280 -13.25 -39.68 7.11
N VAL D 281 -12.59 -40.80 7.42
CA VAL D 281 -11.20 -40.95 7.03
C VAL D 281 -11.07 -41.06 5.51
N CYS D 282 -11.98 -41.81 4.89
CA CYS D 282 -12.01 -41.93 3.43
C CYS D 282 -12.22 -40.57 2.77
N ASN D 283 -13.17 -39.79 3.30
CA ASN D 283 -13.41 -38.45 2.76
C ASN D 283 -12.18 -37.56 2.91
N ALA D 284 -11.51 -37.63 4.05
CA ALA D 284 -10.35 -36.78 4.28
C ALA D 284 -9.19 -37.15 3.34
N VAL D 285 -9.02 -38.45 3.07
CA VAL D 285 -7.96 -38.85 2.14
C VAL D 285 -8.27 -38.40 0.71
N LEU D 286 -9.55 -38.48 0.32
CA LEU D 286 -9.88 -38.22 -1.09
C LEU D 286 -10.02 -36.74 -1.41
N LEU D 287 -10.46 -35.94 -0.43
CA LEU D 287 -10.77 -34.53 -0.64
C LEU D 287 -9.76 -33.71 -1.45
N PRO D 288 -8.46 -33.73 -1.18
CA PRO D 288 -7.56 -32.93 -2.02
C PRO D 288 -7.53 -33.33 -3.49
N TYR D 289 -7.61 -34.62 -3.75
CA TYR D 289 -7.48 -35.10 -5.13
C TYR D 289 -8.72 -34.77 -5.94
N VAL D 290 -9.89 -34.92 -5.32
CA VAL D 290 -11.10 -34.60 -6.05
C VAL D 290 -11.25 -33.09 -6.19
N CYS D 291 -10.81 -32.31 -5.20
CA CYS D 291 -10.83 -30.85 -5.37
C CYS D 291 -9.93 -30.41 -6.52
N ARG D 292 -8.71 -30.95 -6.59
CA ARG D 292 -7.84 -30.61 -7.73
C ARG D 292 -8.47 -31.03 -9.05
N PHE D 293 -9.10 -32.21 -9.10
CA PHE D 293 -9.77 -32.61 -10.32
C PHE D 293 -10.89 -31.64 -10.68
N ASN D 294 -11.62 -31.13 -9.67
CA ASN D 294 -12.75 -30.25 -9.96
C ASN D 294 -12.32 -28.82 -10.20
N LEU D 295 -11.04 -28.50 -9.99
CA LEU D 295 -10.61 -27.11 -9.92
C LEU D 295 -11.06 -26.31 -11.14
N ILE D 296 -10.83 -26.83 -12.35
CA ILE D 296 -11.16 -26.03 -13.53
C ILE D 296 -12.67 -25.77 -13.67
N SER D 297 -13.53 -26.52 -12.98
CA SER D 297 -14.96 -26.28 -13.13
C SER D 297 -15.48 -25.23 -12.19
N LYS D 298 -14.81 -25.05 -11.04
CA LYS D 298 -15.28 -24.14 -10.00
C LYS D 298 -14.12 -23.33 -9.39
N VAL D 299 -13.29 -22.73 -10.24
CA VAL D 299 -12.06 -22.12 -9.71
C VAL D 299 -12.36 -20.92 -8.83
N GLU D 300 -13.41 -20.17 -9.15
CA GLU D 300 -13.74 -19.00 -8.37
C GLU D 300 -14.20 -19.41 -6.97
N ARG D 301 -14.94 -20.51 -6.90
CA ARG D 301 -15.47 -20.97 -5.63
C ARG D 301 -14.39 -21.62 -4.79
N TYR D 302 -13.40 -22.26 -5.40
CA TYR D 302 -12.29 -22.77 -4.63
C TYR D 302 -11.42 -21.65 -4.09
N ALA D 303 -11.30 -20.54 -4.83
CA ALA D 303 -10.61 -19.39 -4.28
C ALA D 303 -11.38 -18.82 -3.08
N GLU D 304 -12.71 -18.83 -3.17
CA GLU D 304 -13.46 -18.39 -2.00
C GLU D 304 -13.26 -19.33 -0.82
N ILE D 305 -13.18 -20.64 -1.07
CA ILE D 305 -12.93 -21.60 0.01
C ILE D 305 -11.55 -21.33 0.64
N ALA D 306 -10.57 -20.96 -0.18
CA ALA D 306 -9.26 -20.63 0.35
C ALA D 306 -9.37 -19.50 1.35
N ALA D 307 -10.19 -18.50 1.03
CA ALA D 307 -10.37 -17.43 2.01
C ALA D 307 -11.16 -17.94 3.23
N PHE D 308 -12.19 -18.75 3.02
CA PHE D 308 -12.95 -19.31 4.15
C PHE D 308 -12.08 -20.11 5.10
N LEU D 309 -11.02 -20.76 4.60
CA LEU D 309 -10.13 -21.59 5.41
C LEU D 309 -8.98 -20.79 6.03
N GLY D 310 -9.02 -19.48 5.91
CA GLY D 310 -8.07 -18.61 6.56
C GLY D 310 -6.88 -18.22 5.74
N GLU D 311 -6.82 -18.63 4.47
CA GLU D 311 -5.64 -18.33 3.70
C GLU D 311 -5.70 -16.89 3.23
N ASN D 312 -4.53 -16.29 3.08
CA ASN D 312 -4.43 -14.95 2.52
C ASN D 312 -4.31 -15.08 1.02
N VAL D 313 -5.22 -14.45 0.29
CA VAL D 313 -5.22 -14.60 -1.16
C VAL D 313 -4.91 -13.26 -1.83
N ASP D 314 -4.35 -12.32 -1.06
CA ASP D 314 -4.11 -10.97 -1.55
C ASP D 314 -3.06 -10.98 -2.66
N GLY D 315 -3.38 -10.34 -3.76
CA GLY D 315 -2.46 -10.21 -4.87
C GLY D 315 -2.30 -11.45 -5.70
N LEU D 316 -3.22 -12.40 -5.59
CA LEU D 316 -3.12 -13.68 -6.28
C LEU D 316 -4.22 -13.80 -7.33
N SER D 317 -3.90 -14.51 -8.41
CA SER D 317 -4.93 -14.87 -9.37
C SER D 317 -5.90 -15.84 -8.71
N THR D 318 -7.11 -15.94 -9.29
CA THR D 318 -8.09 -16.89 -8.79
C THR D 318 -7.47 -18.27 -8.72
N TYR D 319 -6.58 -18.57 -9.68
CA TYR D 319 -5.90 -19.87 -9.74
C TYR D 319 -4.96 -20.10 -8.56
N ASP D 320 -4.13 -19.12 -8.23
CA ASP D 320 -3.20 -19.35 -7.15
C ASP D 320 -3.96 -19.46 -5.81
N ALA D 321 -5.06 -18.73 -5.68
CA ALA D 321 -5.87 -18.87 -4.48
C ALA D 321 -6.58 -20.22 -4.43
N ALA D 322 -7.10 -20.68 -5.58
CA ALA D 322 -7.76 -21.98 -5.61
C ALA D 322 -6.79 -23.05 -5.12
N GLU D 323 -5.51 -22.90 -5.47
CA GLU D 323 -4.53 -23.90 -5.09
C GLU D 323 -4.22 -23.81 -3.60
N LYS D 324 -4.21 -22.59 -3.07
CA LYS D 324 -4.01 -22.42 -1.63
C LYS D 324 -5.09 -23.12 -0.83
N ALA D 325 -6.30 -23.22 -1.39
CA ALA D 325 -7.37 -23.95 -0.71
C ALA D 325 -7.06 -25.44 -0.56
N ILE D 326 -6.58 -26.09 -1.63
CA ILE D 326 -6.22 -27.49 -1.53
C ILE D 326 -5.08 -27.69 -0.55
N LYS D 327 -4.09 -26.80 -0.56
CA LYS D 327 -2.99 -26.98 0.39
C LYS D 327 -3.43 -26.75 1.83
N ALA D 328 -4.37 -25.84 2.07
CA ALA D 328 -4.83 -25.69 3.45
C ALA D 328 -5.61 -26.93 3.89
N ILE D 329 -6.37 -27.53 2.97
CA ILE D 329 -7.07 -28.76 3.31
C ILE D 329 -6.07 -29.87 3.63
N GLU D 330 -4.99 -29.98 2.84
CA GLU D 330 -3.97 -31.00 3.11
C GLU D 330 -3.28 -30.77 4.44
N ARG D 331 -2.99 -29.50 4.77
CA ARG D 331 -2.32 -29.22 6.04
C ARG D 331 -3.22 -29.59 7.19
N MET D 332 -4.52 -29.30 7.07
CA MET D 332 -5.44 -29.68 8.13
C MET D 332 -5.53 -31.19 8.29
N ALA D 333 -5.61 -31.92 7.19
CA ALA D 333 -5.67 -33.38 7.30
C ALA D 333 -4.40 -33.90 7.95
N LYS D 334 -3.26 -33.31 7.62
CA LYS D 334 -2.02 -33.78 8.23
C LYS D 334 -1.98 -33.44 9.72
N ASP D 335 -2.48 -32.26 10.12
CA ASP D 335 -2.45 -31.87 11.53
C ASP D 335 -3.44 -32.67 12.36
N LEU D 336 -4.46 -33.28 11.75
CA LEU D 336 -5.40 -34.06 12.53
C LEU D 336 -5.06 -35.53 12.42
N ASN D 337 -3.83 -35.79 12.03
CA ASN D 337 -3.23 -37.11 12.02
C ASN D 337 -4.05 -38.08 11.16
N ILE D 338 -4.39 -37.63 9.96
CA ILE D 338 -5.12 -38.41 8.95
C ILE D 338 -4.14 -39.18 8.06
N PRO D 339 -4.38 -40.48 7.84
CA PRO D 339 -3.47 -41.29 7.01
C PRO D 339 -3.18 -40.63 5.66
N LYS D 340 -1.95 -40.80 5.20
CA LYS D 340 -1.56 -40.20 3.93
C LYS D 340 -2.21 -40.88 2.73
N GLY D 341 -2.52 -42.18 2.82
CA GLY D 341 -3.06 -42.85 1.66
C GLY D 341 -3.85 -44.08 2.04
N PHE D 342 -4.41 -44.72 1.03
CA PHE D 342 -5.22 -45.93 1.19
C PHE D 342 -4.39 -47.18 1.09
N LYS D 343 -3.16 -47.06 0.56
CA LYS D 343 -2.29 -48.23 0.43
C LYS D 343 -1.92 -48.76 1.80
N GLU D 344 -1.59 -47.87 2.73
CA GLU D 344 -1.29 -48.21 4.12
C GLU D 344 -2.49 -48.74 4.90
N LEU D 345 -3.71 -48.35 4.54
CA LEU D 345 -4.88 -48.76 5.31
C LEU D 345 -5.40 -50.15 4.99
N GLY D 346 -5.00 -50.75 3.86
CA GLY D 346 -5.38 -52.13 3.56
C GLY D 346 -6.03 -52.30 2.21
N ALA D 347 -6.03 -51.22 1.41
CA ALA D 347 -6.64 -51.21 0.10
C ALA D 347 -5.78 -52.04 -0.85
N LYS D 348 -6.40 -52.54 -1.92
CA LYS D 348 -5.70 -53.43 -2.84
C LYS D 348 -5.79 -52.85 -4.24
N GLU D 349 -4.71 -52.99 -5.01
CA GLU D 349 -4.70 -52.42 -6.35
C GLU D 349 -5.68 -53.13 -7.29
N GLU D 350 -5.99 -54.40 -7.00
CA GLU D 350 -6.84 -55.18 -7.91
C GLU D 350 -8.25 -54.63 -7.95
N ASP D 351 -8.67 -53.96 -6.89
CA ASP D 351 -10.03 -53.48 -6.84
C ASP D 351 -10.20 -52.10 -7.44
N ILE D 352 -9.10 -51.38 -7.74
CA ILE D 352 -9.23 -49.98 -8.16
C ILE D 352 -10.27 -49.82 -9.26
N GLU D 353 -10.17 -50.64 -10.31
CA GLU D 353 -11.07 -50.47 -11.44
C GLU D 353 -12.52 -50.69 -11.00
N THR D 354 -12.78 -51.74 -10.21
CA THR D 354 -14.14 -51.97 -9.71
C THR D 354 -14.61 -50.78 -8.90
N LEU D 355 -13.74 -50.27 -8.02
CA LEU D 355 -14.09 -49.12 -7.20
C LEU D 355 -14.54 -47.97 -8.10
N ALA D 356 -13.75 -47.69 -9.15
CA ALA D 356 -14.11 -46.55 -10.00
C ALA D 356 -15.46 -46.78 -10.68
N LYS D 357 -15.71 -47.99 -11.21
CA LYS D 357 -17.00 -48.17 -11.89
C LYS D 357 -18.16 -48.02 -10.94
N ASN D 358 -17.99 -48.48 -9.69
CA ASN D 358 -19.13 -48.34 -8.79
C ASN D 358 -19.31 -46.87 -8.44
N ALA D 359 -18.19 -46.14 -8.38
CA ALA D 359 -18.29 -44.73 -8.05
C ALA D 359 -19.08 -43.98 -9.12
N MET D 360 -18.96 -44.37 -10.40
CA MET D 360 -19.74 -43.62 -11.38
C MET D 360 -21.24 -43.92 -11.33
N LYS D 361 -21.68 -44.87 -10.52
CA LYS D 361 -23.09 -45.22 -10.35
C LYS D 361 -23.67 -44.65 -9.06
N ASP D 362 -22.84 -44.10 -8.18
CA ASP D 362 -23.34 -43.49 -6.96
C ASP D 362 -24.11 -42.23 -7.29
N ALA D 363 -25.15 -41.97 -6.49
CA ALA D 363 -25.96 -40.80 -6.77
C ALA D 363 -25.21 -39.52 -6.49
N CYS D 364 -24.26 -39.57 -5.56
CA CYS D 364 -23.46 -38.40 -5.22
C CYS D 364 -22.67 -37.89 -6.41
N ALA D 365 -22.38 -38.76 -7.38
CA ALA D 365 -21.62 -38.33 -8.55
C ALA D 365 -22.42 -37.42 -9.47
N LEU D 366 -23.76 -37.44 -9.39
CA LEU D 366 -24.55 -36.66 -10.35
C LEU D 366 -24.36 -35.15 -10.20
N THR D 367 -23.98 -34.66 -9.04
CA THR D 367 -23.85 -33.23 -8.80
C THR D 367 -22.42 -32.74 -8.78
N ASN D 368 -21.45 -33.61 -9.02
CA ASN D 368 -20.07 -33.16 -9.09
C ASN D 368 -19.91 -32.14 -10.21
N PRO D 369 -19.20 -31.04 -9.96
CA PRO D 369 -19.10 -29.99 -10.99
C PRO D 369 -18.33 -30.42 -12.22
N ARG D 370 -17.37 -31.31 -12.09
CA ARG D 370 -16.66 -31.84 -13.24
C ARG D 370 -17.09 -33.28 -13.53
N LYS D 371 -17.50 -33.55 -14.78
CA LYS D 371 -17.96 -34.88 -15.18
C LYS D 371 -16.81 -35.66 -15.78
N PRO D 372 -16.33 -36.69 -15.11
CA PRO D 372 -15.15 -37.41 -15.57
C PRO D 372 -15.51 -38.57 -16.47
N LYS D 373 -14.48 -39.18 -17.04
CA LYS D 373 -14.63 -40.46 -17.70
C LYS D 373 -14.03 -41.48 -16.76
N LEU D 374 -14.37 -42.74 -16.97
CA LEU D 374 -13.91 -43.81 -16.08
C LEU D 374 -12.41 -43.69 -15.81
N GLU D 375 -11.64 -43.37 -16.84
CA GLU D 375 -10.18 -43.26 -16.76
C GLU D 375 -9.76 -42.26 -15.68
N GLU D 376 -10.50 -41.16 -15.55
CA GLU D 376 -10.17 -40.12 -14.59
C GLU D 376 -10.54 -40.53 -13.16
N VAL D 377 -11.64 -41.26 -12.99
CA VAL D 377 -11.96 -41.80 -11.67
C VAL D 377 -10.88 -42.80 -11.24
N ILE D 378 -10.39 -43.61 -12.19
CA ILE D 378 -9.30 -44.51 -11.86
C ILE D 378 -8.10 -43.69 -11.41
N GLN D 379 -7.81 -42.60 -12.13
CA GLN D 379 -6.69 -41.73 -11.75
C GLN D 379 -6.82 -41.10 -10.37
N ILE D 380 -8.02 -40.66 -10.01
CA ILE D 380 -8.22 -40.12 -8.68
C ILE D 380 -7.94 -41.20 -7.64
N ILE D 381 -8.48 -42.40 -7.85
CA ILE D 381 -8.32 -43.51 -6.90
C ILE D 381 -6.84 -43.91 -6.81
N LYS D 382 -6.12 -43.86 -7.93
CA LYS D 382 -4.70 -44.18 -7.93
C LYS D 382 -3.90 -43.19 -7.13
N ASN D 383 -4.24 -41.90 -7.25
CA ASN D 383 -3.59 -40.82 -6.51
C ASN D 383 -3.78 -40.90 -5.00
N ALA D 384 -4.90 -41.46 -4.55
CA ALA D 384 -5.19 -41.58 -3.13
C ALA D 384 -4.52 -42.78 -2.50
N MET D 385 -3.81 -43.55 -3.32
CA MET D 385 -3.07 -44.73 -2.90
C MET D 385 -1.75 -44.33 -2.26
N LEU D 386 -0.94 -43.48 -2.93
CA LEU D 386 0.33 -43.05 -2.26
C LEU D 386 0.05 -42.49 -0.91
N ASN E 3 28.42 6.54 36.79
CA ASN E 3 27.69 7.80 36.54
C ASN E 3 27.39 8.05 35.07
N THR E 4 26.47 8.99 34.87
CA THR E 4 26.03 9.48 33.57
C THR E 4 26.83 10.68 33.12
N GLN E 5 28.03 10.88 33.63
CA GLN E 5 28.77 12.07 33.26
C GLN E 5 29.52 11.74 31.98
N SER E 6 29.72 12.76 31.14
CA SER E 6 30.46 12.60 29.91
C SER E 6 31.15 13.90 29.56
N ALA E 7 32.01 13.84 28.55
CA ALA E 7 32.78 14.99 28.15
C ALA E 7 33.02 14.91 26.66
N PHE E 8 33.18 16.08 26.06
CA PHE E 8 33.45 16.19 24.64
C PHE E 8 34.76 16.94 24.48
N PHE E 9 35.69 16.32 23.77
CA PHE E 9 37.03 16.80 23.57
C PHE E 9 37.23 16.98 22.08
N MET E 10 37.92 18.07 21.73
CA MET E 10 38.26 18.32 20.35
C MET E 10 39.22 19.52 20.31
N PRO E 11 40.03 19.62 19.25
CA PRO E 11 40.88 20.81 19.11
C PRO E 11 40.00 22.04 19.08
N SER E 12 40.52 23.13 19.65
CA SER E 12 39.74 24.36 19.74
C SER E 12 39.48 24.98 18.37
N VAL E 13 40.39 24.77 17.42
CA VAL E 13 40.28 25.30 16.05
C VAL E 13 40.55 24.19 15.04
N ASN E 14 39.61 23.98 14.13
CA ASN E 14 39.68 22.93 13.12
C ASN E 14 39.30 23.53 11.79
N LEU E 15 40.27 23.58 10.88
CA LEU E 15 40.13 24.19 9.55
C LEU E 15 39.80 23.10 8.54
N PHE E 16 38.90 23.41 7.60
CA PHE E 16 38.45 22.49 6.54
C PHE E 16 38.48 23.19 5.19
N GLY E 17 38.48 22.40 4.13
CA GLY E 17 38.29 22.95 2.81
C GLY E 17 39.57 22.99 1.99
N ALA E 18 39.39 23.11 0.68
CA ALA E 18 40.52 23.15 -0.25
C ALA E 18 41.40 24.37 0.06
N GLY E 19 42.70 24.13 0.31
CA GLY E 19 43.59 25.25 0.55
C GLY E 19 43.84 25.59 2.00
N SER E 20 43.24 24.86 2.96
CA SER E 20 43.39 25.20 4.37
C SER E 20 44.83 25.12 4.85
N VAL E 21 45.65 24.31 4.19
CA VAL E 21 47.02 24.15 4.65
C VAL E 21 47.79 25.46 4.52
N ASN E 22 47.34 26.34 3.63
CA ASN E 22 48.02 27.62 3.45
C ASN E 22 47.94 28.47 4.70
N GLU E 23 47.27 28.01 5.76
CA GLU E 23 47.21 28.81 6.97
C GLU E 23 48.12 28.28 8.06
N VAL E 24 48.72 27.10 7.88
CA VAL E 24 49.45 26.45 8.97
C VAL E 24 50.48 27.41 9.56
N GLY E 25 51.25 28.06 8.69
CA GLY E 25 52.31 28.94 9.18
C GLY E 25 51.76 30.05 10.03
N THR E 26 50.77 30.78 9.51
CA THR E 26 50.20 31.88 10.28
C THR E 26 49.70 31.39 11.63
N ARG E 27 49.07 30.21 11.66
CA ARG E 27 48.55 29.74 12.94
C ARG E 27 49.69 29.38 13.88
N LEU E 28 50.75 28.76 13.35
CA LEU E 28 51.89 28.46 14.21
C LEU E 28 52.50 29.73 14.79
N ALA E 29 52.47 30.82 14.00
CA ALA E 29 52.99 32.09 14.50
C ALA E 29 52.11 32.58 15.63
N ASP E 30 50.81 32.35 15.49
CA ASP E 30 49.85 32.73 16.51
C ASP E 30 50.22 32.04 17.82
N LEU E 31 50.42 30.72 17.79
CA LEU E 31 50.56 29.96 19.03
C LEU E 31 51.76 30.46 19.86
N GLY E 32 52.63 31.26 19.26
CA GLY E 32 53.80 31.82 19.92
C GLY E 32 54.99 30.90 19.98
N VAL E 33 55.05 29.92 19.09
CA VAL E 33 56.11 28.91 19.05
C VAL E 33 57.23 29.41 18.16
N LYS E 34 58.39 28.78 18.29
CA LYS E 34 59.57 29.29 17.60
C LYS E 34 60.15 28.30 16.60
N LYS E 35 60.21 27.03 16.94
CA LYS E 35 60.63 26.06 15.95
C LYS E 35 59.88 24.75 16.16
N ALA E 36 59.34 24.21 15.07
CA ALA E 36 58.50 23.02 15.13
C ALA E 36 59.18 21.84 14.45
N LEU E 37 59.05 20.68 15.04
CA LEU E 37 59.46 19.45 14.39
C LEU E 37 58.30 18.96 13.51
N LEU E 38 58.53 18.91 12.19
CA LEU E 38 57.53 18.45 11.23
C LEU E 38 57.62 16.93 11.14
N VAL E 39 56.67 16.23 11.76
CA VAL E 39 56.65 14.78 11.77
C VAL E 39 55.81 14.31 10.58
N THR E 40 56.43 13.56 9.68
CA THR E 40 55.73 13.05 8.51
C THR E 40 56.28 11.67 8.18
N ASP E 41 55.84 11.10 7.06
CA ASP E 41 56.35 9.81 6.61
C ASP E 41 57.25 9.99 5.40
N ALA E 42 57.93 8.89 5.05
CA ALA E 42 58.90 8.94 3.95
C ALA E 42 58.24 9.17 2.60
N GLY E 43 57.01 8.68 2.40
CA GLY E 43 56.36 8.86 1.10
C GLY E 43 56.03 10.31 0.77
N LEU E 44 55.38 11.01 1.71
CA LEU E 44 55.03 12.40 1.44
C LEU E 44 56.24 13.30 1.42
N HIS E 45 57.29 12.93 2.16
CA HIS E 45 58.55 13.66 2.12
C HIS E 45 59.25 13.48 0.77
N GLY E 46 59.25 12.26 0.21
CA GLY E 46 59.84 12.06 -1.11
C GLY E 46 59.11 12.69 -2.27
N LEU E 47 57.81 12.96 -2.13
CA LEU E 47 57.06 13.67 -3.16
C LEU E 47 57.18 15.17 -3.02
N GLY E 48 57.74 15.66 -1.92
CA GLY E 48 57.94 17.08 -1.78
C GLY E 48 56.92 17.80 -0.94
N LEU E 49 55.94 17.10 -0.38
CA LEU E 49 54.93 17.81 0.40
C LEU E 49 55.57 18.42 1.64
N SER E 50 56.54 17.71 2.22
CA SER E 50 57.23 18.18 3.41
C SER E 50 57.84 19.54 3.14
N GLU E 51 58.52 19.70 2.01
CA GLU E 51 59.13 20.98 1.71
C GLU E 51 58.06 22.04 1.47
N LYS E 52 57.03 21.71 0.69
CA LYS E 52 55.94 22.66 0.43
C LYS E 52 55.36 23.24 1.74
N ILE E 53 55.05 22.36 2.70
CA ILE E 53 54.44 22.85 3.94
C ILE E 53 55.48 23.63 4.73
N SER E 54 56.71 23.10 4.83
CA SER E 54 57.77 23.79 5.54
C SER E 54 58.00 25.19 4.99
N SER E 55 57.88 25.37 3.68
CA SER E 55 58.03 26.71 3.14
C SER E 55 56.93 27.62 3.66
N ILE E 56 55.68 27.12 3.65
CA ILE E 56 54.61 27.94 4.22
C ILE E 56 54.91 28.30 5.68
N ILE E 57 55.45 27.35 6.43
CA ILE E 57 55.77 27.60 7.85
C ILE E 57 56.93 28.58 8.00
N ARG E 58 57.97 28.46 7.15
CA ARG E 58 59.12 29.35 7.25
C ARG E 58 58.73 30.78 6.91
N ALA E 59 57.84 30.93 5.92
CA ALA E 59 57.42 32.24 5.46
C ALA E 59 56.59 32.98 6.50
N ALA E 60 56.42 32.41 7.70
CA ALA E 60 55.70 33.08 8.78
C ALA E 60 56.59 33.32 9.99
N GLY E 61 57.88 33.07 9.86
CA GLY E 61 58.84 33.32 10.90
C GLY E 61 59.02 32.20 11.89
N VAL E 62 58.53 31.00 11.58
CA VAL E 62 58.69 29.85 12.43
C VAL E 62 59.64 28.93 11.68
N GLU E 63 60.59 28.38 12.40
CA GLU E 63 61.60 27.48 11.87
C GLU E 63 61.06 26.04 11.81
N VAL E 64 61.61 25.25 10.90
CA VAL E 64 61.11 23.88 10.68
C VAL E 64 62.27 22.91 10.57
N SER E 65 62.13 21.76 11.22
CA SER E 65 63.01 20.61 11.05
C SER E 65 62.17 19.38 10.71
N ILE E 66 62.43 18.78 9.55
CA ILE E 66 61.62 17.65 9.09
C ILE E 66 62.14 16.37 9.72
N PHE E 67 61.22 15.59 10.29
CA PHE E 67 61.42 14.25 10.86
C PHE E 67 60.56 13.29 10.04
N PRO E 68 61.07 12.80 8.93
CA PRO E 68 60.24 11.96 8.04
C PRO E 68 60.26 10.48 8.35
N LYS E 69 60.20 10.09 9.62
CA LYS E 69 60.38 8.69 10.02
C LYS E 69 59.13 8.04 10.62
N ALA E 70 57.95 8.63 10.43
CA ALA E 70 56.74 7.95 10.87
C ALA E 70 56.42 6.85 9.87
N GLU E 71 56.21 5.63 10.36
CA GLU E 71 56.00 4.45 9.53
C GLU E 71 54.53 4.04 9.57
N PRO E 72 53.99 3.47 8.47
CA PRO E 72 52.65 2.87 8.58
C PRO E 72 52.65 1.95 9.78
N ASN E 73 51.71 2.16 10.72
CA ASN E 73 51.79 1.54 12.04
C ASN E 73 53.03 2.03 12.79
N PRO E 74 53.02 3.26 13.31
CA PRO E 74 54.24 3.84 13.90
C PRO E 74 54.70 2.99 15.09
N THR E 75 56.00 3.01 15.34
CA THR E 75 56.65 2.17 16.33
C THR E 75 57.27 3.00 17.47
N ASP E 76 57.56 2.32 18.60
CA ASP E 76 58.22 2.97 19.75
C ASP E 76 59.54 3.59 19.36
N LYS E 77 60.35 2.86 18.58
CA LYS E 77 61.63 3.36 18.13
C LYS E 77 61.45 4.68 17.40
N ASN E 78 60.39 4.79 16.59
CA ASN E 78 60.18 6.01 15.83
C ASN E 78 59.96 7.17 16.79
N VAL E 79 59.27 6.92 17.90
CA VAL E 79 58.95 7.97 18.87
C VAL E 79 60.20 8.38 19.62
N ALA E 80 61.03 7.39 19.99
CA ALA E 80 62.27 7.70 20.70
C ALA E 80 63.19 8.54 19.81
N GLU E 81 63.42 8.05 18.59
CA GLU E 81 64.18 8.76 17.56
C GLU E 81 63.63 10.19 17.42
N GLY E 82 62.31 10.31 17.50
CA GLY E 82 61.64 11.59 17.32
C GLY E 82 62.04 12.52 18.44
N LEU E 83 61.90 12.05 19.69
CA LEU E 83 62.35 12.85 20.82
C LEU E 83 63.81 13.26 20.69
N GLU E 84 64.65 12.36 20.19
CA GLU E 84 66.06 12.71 20.00
C GLU E 84 66.17 13.91 19.08
N ALA E 85 65.40 13.89 17.98
CA ALA E 85 65.48 14.97 17.00
C ALA E 85 64.81 16.24 17.51
N TYR E 86 63.78 16.10 18.35
CA TYR E 86 63.06 17.27 18.80
C TYR E 86 63.90 18.01 19.84
N ASN E 87 64.71 17.26 20.61
CA ASN E 87 65.60 17.87 21.60
C ASN E 87 66.87 18.38 20.94
N ALA E 88 67.29 17.71 19.87
CA ALA E 88 68.50 18.10 19.19
C ALA E 88 68.27 19.43 18.48
N GLU E 89 67.33 19.45 17.54
CA GLU E 89 67.07 20.69 16.84
C GLU E 89 66.46 21.75 17.74
N ASN E 90 66.29 21.46 19.03
CA ASN E 90 65.77 22.39 20.06
C ASN E 90 64.41 23.00 19.68
N CYS E 91 63.45 22.13 19.41
CA CYS E 91 62.12 22.55 18.99
C CYS E 91 61.19 22.75 20.18
N ASP E 92 60.23 23.66 19.99
CA ASP E 92 59.23 23.97 21.00
C ASP E 92 57.82 23.66 20.52
N SER E 93 57.66 23.15 19.29
CA SER E 93 56.33 22.78 18.78
C SER E 93 56.47 21.61 17.84
N ILE E 94 55.33 21.03 17.46
CA ILE E 94 55.29 19.92 16.51
C ILE E 94 54.19 20.15 15.48
N VAL E 95 54.51 19.88 14.22
CA VAL E 95 53.50 19.86 13.16
C VAL E 95 53.54 18.48 12.53
N THR E 96 52.41 17.78 12.57
CA THR E 96 52.28 16.46 11.95
C THR E 96 51.69 16.66 10.57
N LEU E 97 52.26 15.98 9.56
CA LEU E 97 51.77 16.09 8.19
C LEU E 97 51.57 14.68 7.65
N GLY E 98 50.32 14.31 7.37
CA GLY E 98 50.10 12.99 6.80
C GLY E 98 48.85 12.29 7.29
N GLY E 99 48.94 10.98 7.37
CA GLY E 99 47.84 10.16 7.83
C GLY E 99 47.97 9.86 9.30
N GLY E 100 47.30 8.79 9.71
CA GLY E 100 47.24 8.46 11.13
C GLY E 100 48.62 8.17 11.71
N SER E 101 49.54 7.67 10.88
CA SER E 101 50.89 7.38 11.35
C SER E 101 51.61 8.65 11.79
N SER E 102 51.47 9.73 11.02
CA SER E 102 52.15 10.98 11.38
C SER E 102 51.53 11.63 12.61
N HIS E 103 50.20 11.63 12.69
CA HIS E 103 49.52 12.20 13.83
C HIS E 103 49.87 11.47 15.11
N ASP E 104 49.85 10.13 15.07
CA ASP E 104 50.12 9.37 16.29
C ASP E 104 51.59 9.46 16.69
N ALA E 105 52.51 9.42 15.71
CA ALA E 105 53.93 9.61 16.03
C ALA E 105 54.18 10.97 16.66
N GLY E 106 53.65 12.02 16.04
CA GLY E 106 53.83 13.35 16.59
C GLY E 106 53.20 13.48 17.97
N LYS E 107 52.01 12.92 18.16
CA LYS E 107 51.39 12.98 19.47
C LYS E 107 52.27 12.29 20.52
N ALA E 108 52.81 11.13 20.18
CA ALA E 108 53.65 10.42 21.14
C ALA E 108 54.90 11.22 21.47
N ILE E 109 55.56 11.76 20.45
CA ILE E 109 56.73 12.61 20.68
C ILE E 109 56.36 13.78 21.58
N ALA E 110 55.21 14.40 21.32
CA ALA E 110 54.77 15.57 22.09
C ALA E 110 54.48 15.22 23.54
N LEU E 111 53.94 14.02 23.78
CA LEU E 111 53.65 13.57 25.14
C LEU E 111 54.92 13.29 25.93
N VAL E 112 55.85 12.50 25.38
CA VAL E 112 57.06 12.20 26.16
C VAL E 112 57.88 13.46 26.37
N ALA E 113 57.84 14.39 25.42
CA ALA E 113 58.50 15.67 25.54
C ALA E 113 57.90 16.56 26.62
N ALA E 114 56.73 16.22 27.16
CA ALA E 114 56.05 16.99 28.19
C ALA E 114 55.95 16.27 29.53
N ASN E 115 56.21 14.96 29.56
CA ASN E 115 56.12 14.20 30.80
C ASN E 115 57.50 13.66 31.14
N GLY E 116 58.03 12.67 30.43
CA GLY E 116 59.40 12.27 30.66
C GLY E 116 59.76 10.83 30.38
N GLY E 117 58.86 9.93 30.74
CA GLY E 117 59.00 8.50 30.55
C GLY E 117 59.39 8.03 29.17
N LYS E 118 58.74 6.95 28.79
CA LYS E 118 58.79 6.34 27.49
C LYS E 118 57.35 6.11 27.08
N ILE E 119 57.09 5.99 25.78
CA ILE E 119 55.71 5.94 25.30
C ILE E 119 54.92 4.78 25.88
N HIS E 120 55.58 3.66 26.16
CA HIS E 120 54.89 2.49 26.69
C HIS E 120 54.22 2.74 28.05
N ASP E 121 54.74 3.67 28.85
CA ASP E 121 54.14 3.86 30.18
C ASP E 121 52.75 4.49 30.09
N TYR E 122 52.36 5.12 28.98
CA TYR E 122 51.07 5.79 28.95
C TYR E 122 50.01 4.96 28.24
N GLU E 123 50.33 3.70 27.95
CA GLU E 123 49.36 2.76 27.41
C GLU E 123 48.22 2.57 28.39
N GLY E 124 47.00 2.78 27.91
CA GLY E 124 45.84 2.70 28.76
C GLY E 124 45.00 3.93 28.54
N VAL E 125 44.30 4.38 29.58
CA VAL E 125 43.38 5.51 29.50
C VAL E 125 43.82 6.56 30.51
N ASP E 126 44.09 7.79 30.04
CA ASP E 126 44.42 8.91 30.91
C ASP E 126 45.58 8.59 31.86
N VAL E 127 46.72 8.18 31.31
CA VAL E 127 47.83 7.79 32.18
C VAL E 127 48.84 8.91 32.34
N SER E 128 48.76 9.96 31.54
CA SER E 128 49.74 11.04 31.61
C SER E 128 49.26 12.10 32.60
N LYS E 129 50.17 13.00 32.93
CA LYS E 129 49.96 14.04 33.94
C LYS E 129 49.94 15.44 33.35
N GLU E 130 50.70 15.71 32.30
CA GLU E 130 50.78 17.05 31.75
C GLU E 130 50.36 17.07 30.29
N PRO E 131 49.69 18.13 29.85
CA PRO E 131 49.35 18.26 28.43
C PRO E 131 50.61 18.29 27.60
N MET E 132 50.48 17.84 26.36
CA MET E 132 51.62 17.78 25.44
C MET E 132 51.97 19.16 24.90
N VAL E 133 53.12 19.22 24.23
CA VAL E 133 53.67 20.44 23.67
C VAL E 133 52.74 20.87 22.54
N PRO E 134 52.72 22.15 22.16
CA PRO E 134 51.87 22.60 21.05
C PRO E 134 52.05 21.73 19.80
N LEU E 135 50.92 21.34 19.20
CA LEU E 135 50.94 20.47 18.03
C LEU E 135 49.83 20.86 17.09
N ILE E 136 50.16 21.03 15.81
CA ILE E 136 49.18 21.24 14.75
C ILE E 136 49.20 20.04 13.82
N ALA E 137 48.02 19.47 13.56
CA ALA E 137 47.93 18.25 12.76
C ALA E 137 47.32 18.57 11.40
N ILE E 138 48.05 18.25 10.33
CA ILE E 138 47.59 18.43 8.95
C ILE E 138 47.30 17.05 8.36
N ASN E 139 46.02 16.78 8.08
CA ASN E 139 45.56 15.46 7.67
C ASN E 139 45.53 15.31 6.15
N THR E 140 46.04 14.17 5.65
CA THR E 140 46.10 13.87 4.22
C THR E 140 45.43 12.56 3.82
N THR E 141 44.80 11.83 4.74
CA THR E 141 44.01 10.65 4.41
C THR E 141 42.54 10.81 4.77
N ALA E 142 41.68 10.02 4.11
CA ALA E 142 40.24 10.08 4.37
C ALA E 142 39.80 8.93 5.28
N GLY E 143 40.40 8.93 6.46
CA GLY E 143 40.09 8.05 7.58
C GLY E 143 40.92 8.49 8.77
N THR E 144 40.77 7.73 9.87
CA THR E 144 41.39 7.88 11.20
C THR E 144 40.80 9.06 11.97
N GLY E 145 40.90 10.28 11.45
CA GLY E 145 40.47 11.40 12.27
C GLY E 145 41.44 11.80 13.35
N SER E 146 42.65 11.24 13.34
CA SER E 146 43.61 11.45 14.41
C SER E 146 43.96 12.92 14.63
N GLU E 147 43.77 13.78 13.65
CA GLU E 147 44.01 15.20 13.88
C GLU E 147 43.06 15.79 14.93
N LEU E 148 42.06 15.03 15.39
CA LEU E 148 41.09 15.53 16.36
C LEU E 148 40.95 14.69 17.62
N THR E 149 41.57 13.52 17.68
CA THR E 149 41.31 12.58 18.75
C THR E 149 42.32 12.68 19.90
N LYS E 150 41.99 12.00 21.00
CA LYS E 150 42.90 11.88 22.12
C LYS E 150 43.49 10.46 22.15
N PHE E 151 43.67 9.87 20.98
CA PHE E 151 44.12 8.49 20.81
C PHE E 151 45.42 8.50 20.00
N THR E 152 46.44 7.83 20.51
CA THR E 152 47.68 7.63 19.76
C THR E 152 48.00 6.13 19.79
N ILE E 153 48.14 5.54 18.61
CA ILE E 153 48.35 4.09 18.53
C ILE E 153 49.79 3.82 18.13
N ILE E 154 50.63 3.41 19.08
CA ILE E 154 52.06 3.14 18.84
C ILE E 154 52.31 1.64 18.98
N THR E 155 53.08 1.06 18.05
CA THR E 155 53.32 -0.37 18.09
C THR E 155 54.51 -0.69 18.98
N ASP E 156 54.30 -1.52 19.99
CA ASP E 156 55.37 -2.03 20.81
C ASP E 156 55.96 -3.23 20.05
N THR E 157 57.16 -3.04 19.46
CA THR E 157 57.84 -4.02 18.62
C THR E 157 58.27 -5.31 19.34
N GLU E 158 58.23 -5.35 20.67
CA GLU E 158 58.70 -6.52 21.41
C GLU E 158 57.50 -7.41 21.64
N ARG E 159 56.48 -6.89 22.31
CA ARG E 159 55.25 -7.60 22.59
C ARG E 159 54.44 -7.82 21.32
N LYS E 160 54.86 -7.19 20.21
CA LYS E 160 54.15 -7.27 18.93
C LYS E 160 52.71 -6.79 19.12
N VAL E 161 52.57 -5.63 19.75
CA VAL E 161 51.24 -5.17 20.14
C VAL E 161 51.09 -3.70 19.79
N LYS E 162 50.05 -3.37 19.03
CA LYS E 162 49.70 -1.97 18.79
C LYS E 162 49.03 -1.40 20.02
N MET E 163 49.83 -0.68 20.80
CA MET E 163 49.38 -0.06 22.04
C MET E 163 48.48 1.14 21.77
N ALA E 164 47.42 1.23 22.56
CA ALA E 164 46.43 2.30 22.48
C ALA E 164 46.58 3.25 23.68
N ILE E 165 47.09 4.45 23.46
CA ILE E 165 47.13 5.46 24.51
C ILE E 165 45.94 6.41 24.33
N VAL E 166 44.95 6.32 25.22
CA VAL E 166 43.77 7.18 25.17
C VAL E 166 43.83 8.17 26.33
N ASP E 167 44.44 9.32 26.12
CA ASP E 167 44.63 10.28 27.22
C ASP E 167 44.22 11.65 26.69
N LYS E 168 43.45 12.40 27.48
CA LYS E 168 43.00 13.73 27.05
C LYS E 168 44.15 14.69 26.75
N HIS E 169 45.34 14.48 27.32
CA HIS E 169 46.45 15.43 27.15
C HIS E 169 47.03 15.45 25.73
N VAL E 170 46.58 14.60 24.81
CA VAL E 170 47.11 14.54 23.45
C VAL E 170 46.13 15.11 22.43
N THR E 171 45.09 15.81 22.86
CA THR E 171 44.24 16.52 21.91
C THR E 171 45.02 17.64 21.25
N PRO E 172 45.16 17.64 19.91
CA PRO E 172 45.96 18.67 19.22
C PRO E 172 45.46 20.08 19.49
N THR E 173 46.37 21.04 19.34
CA THR E 173 46.03 22.44 19.52
C THR E 173 45.14 22.94 18.39
N LEU E 174 45.50 22.59 17.15
CA LEU E 174 44.78 23.00 15.95
C LEU E 174 44.86 21.89 14.92
N SER E 175 43.80 21.77 14.12
CA SER E 175 43.73 20.74 13.09
C SER E 175 43.47 21.38 11.74
N ILE E 176 44.02 20.78 10.70
CA ILE E 176 43.83 21.22 9.32
C ILE E 176 43.47 20.02 8.48
N ASN E 177 42.31 20.08 7.82
CA ASN E 177 41.79 19.00 6.99
C ASN E 177 41.63 19.51 5.56
N ASP E 178 42.73 19.53 4.79
CA ASP E 178 42.70 20.06 3.42
C ASP E 178 42.46 18.94 2.42
N PRO E 179 41.29 18.89 1.76
CA PRO E 179 41.04 17.80 0.79
C PRO E 179 41.91 17.84 -0.47
N GLU E 180 42.51 18.98 -0.78
CA GLU E 180 43.40 19.06 -1.95
C GLU E 180 44.64 18.21 -1.73
N LEU E 181 44.98 17.98 -0.47
CA LEU E 181 46.12 17.17 -0.09
C LEU E 181 45.80 15.68 -0.09
N MET E 182 44.53 15.28 -0.34
CA MET E 182 44.16 13.87 -0.30
C MET E 182 43.93 13.26 -1.67
N VAL E 183 43.98 14.05 -2.73
CA VAL E 183 43.74 13.55 -4.08
C VAL E 183 44.75 12.50 -4.49
N GLY E 184 45.96 12.54 -3.94
CA GLY E 184 46.98 11.60 -4.40
C GLY E 184 46.93 10.21 -3.82
N MET E 185 46.02 9.95 -2.89
CA MET E 185 45.86 8.61 -2.36
C MET E 185 45.51 7.61 -3.44
N PRO E 186 46.32 6.57 -3.63
CA PRO E 186 45.93 5.53 -4.58
C PRO E 186 44.68 4.81 -4.13
N PRO E 187 44.01 4.12 -5.03
CA PRO E 187 42.71 3.49 -4.70
C PRO E 187 42.71 2.58 -3.48
N SER E 188 43.73 1.73 -3.33
CA SER E 188 43.76 0.83 -2.18
C SER E 188 43.87 1.60 -0.87
N LEU E 189 44.67 2.66 -0.85
CA LEU E 189 44.76 3.48 0.36
C LEU E 189 43.46 4.22 0.64
N THR E 190 42.82 4.77 -0.42
CA THR E 190 41.52 5.40 -0.27
C THR E 190 40.52 4.44 0.34
N ALA E 191 40.50 3.21 -0.16
CA ALA E 191 39.55 2.21 0.34
C ALA E 191 39.86 1.87 1.78
N ALA E 192 41.13 1.65 2.12
CA ALA E 192 41.46 1.22 3.47
C ALA E 192 41.17 2.33 4.49
N THR E 193 41.57 3.57 4.18
CA THR E 193 41.30 4.65 5.12
C THR E 193 39.81 4.91 5.24
N GLY E 194 39.08 4.86 4.12
CA GLY E 194 37.65 5.08 4.17
C GLY E 194 36.93 4.01 4.97
N LEU E 195 37.37 2.75 4.87
CA LEU E 195 36.69 1.73 5.66
C LEU E 195 37.12 1.80 7.11
N ASP E 196 38.30 2.37 7.41
CA ASP E 196 38.63 2.62 8.80
C ASP E 196 37.72 3.70 9.36
N ALA E 197 37.38 4.70 8.55
CA ALA E 197 36.43 5.72 9.02
C ALA E 197 35.05 5.11 9.24
N LEU E 198 34.62 4.23 8.32
CA LEU E 198 33.35 3.54 8.49
C LEU E 198 33.35 2.69 9.76
N THR E 199 34.48 2.01 10.03
CA THR E 199 34.60 1.23 11.25
C THR E 199 34.51 2.11 12.48
N HIS E 200 35.13 3.30 12.43
CA HIS E 200 35.02 4.24 13.53
C HIS E 200 33.56 4.62 13.80
N ALA E 201 32.84 4.99 12.74
CA ALA E 201 31.48 5.47 12.94
C ALA E 201 30.55 4.36 13.43
N ILE E 202 30.71 3.14 12.91
CA ILE E 202 29.82 2.06 13.35
C ILE E 202 30.12 1.70 14.81
N GLU E 203 31.41 1.56 15.15
CA GLU E 203 31.74 1.21 16.52
C GLU E 203 31.35 2.32 17.48
N ALA E 204 31.44 3.59 17.07
CA ALA E 204 30.96 4.67 17.92
C ALA E 204 29.46 4.59 18.07
N TYR E 205 28.74 4.21 17.00
CA TYR E 205 27.30 4.18 17.09
C TYR E 205 26.81 3.09 18.03
N VAL E 206 27.48 1.93 18.06
CA VAL E 206 27.03 0.83 18.91
C VAL E 206 27.79 0.77 20.22
N SER E 207 28.68 1.71 20.48
CA SER E 207 29.48 1.71 21.70
C SER E 207 28.62 2.00 22.92
N THR E 208 29.03 1.47 24.07
CA THR E 208 28.38 1.72 25.36
C THR E 208 28.64 3.13 25.86
N GLY E 209 29.59 3.84 25.24
CA GLY E 209 29.88 5.18 25.68
C GLY E 209 29.28 6.22 24.76
N ALA E 210 28.33 5.80 23.92
CA ALA E 210 27.65 6.68 22.97
C ALA E 210 26.78 7.71 23.69
N THR E 211 26.70 8.89 23.12
CA THR E 211 25.85 9.99 23.56
C THR E 211 25.06 10.52 22.38
N PRO E 212 24.01 11.33 22.63
CA PRO E 212 23.31 11.95 21.49
C PRO E 212 24.23 12.73 20.55
N ILE E 213 25.32 13.33 21.06
CA ILE E 213 26.22 14.07 20.19
C ILE E 213 27.00 13.13 19.28
N THR E 214 27.65 12.12 19.88
CA THR E 214 28.37 11.15 19.06
C THR E 214 27.42 10.47 18.08
N ASP E 215 26.18 10.22 18.49
CA ASP E 215 25.21 9.62 17.57
C ASP E 215 25.00 10.52 16.37
N ALA E 216 24.78 11.82 16.60
CA ALA E 216 24.59 12.72 15.47
C ALA E 216 25.76 12.62 14.50
N LEU E 217 26.97 12.69 15.03
CA LEU E 217 28.14 12.70 14.17
C LEU E 217 28.30 11.36 13.45
N ALA E 218 28.11 10.25 14.17
CA ALA E 218 28.34 8.94 13.58
C ALA E 218 27.31 8.62 12.51
N ILE E 219 26.04 8.98 12.74
CA ILE E 219 25.01 8.75 11.73
C ILE E 219 25.35 9.49 10.44
N GLN E 220 25.73 10.77 10.56
CA GLN E 220 26.09 11.51 9.35
C GLN E 220 27.28 10.87 8.65
N ALA E 221 28.27 10.43 9.42
CA ALA E 221 29.44 9.82 8.80
C ALA E 221 29.07 8.57 8.02
N ILE E 222 28.25 7.69 8.61
CA ILE E 222 27.87 6.48 7.88
C ILE E 222 27.17 6.83 6.58
N LYS E 223 26.24 7.79 6.61
CA LYS E 223 25.53 8.12 5.38
C LYS E 223 26.47 8.66 4.30
N ILE E 224 27.40 9.53 4.71
CA ILE E 224 28.28 10.13 3.72
C ILE E 224 29.27 9.10 3.17
N ILE E 225 29.83 8.26 4.04
CA ILE E 225 30.76 7.25 3.55
C ILE E 225 30.04 6.34 2.58
N SER E 226 28.80 5.96 2.93
CA SER E 226 27.99 5.06 2.12
C SER E 226 27.79 5.60 0.71
N LYS E 227 27.74 6.92 0.57
CA LYS E 227 27.50 7.44 -0.77
C LYS E 227 28.79 7.73 -1.53
N TYR E 228 29.81 8.25 -0.85
CA TYR E 228 30.97 8.80 -1.54
C TYR E 228 32.23 7.94 -1.51
N LEU E 229 32.38 7.00 -0.57
CA LEU E 229 33.61 6.21 -0.56
C LEU E 229 33.79 5.39 -1.83
N PRO E 230 32.79 4.66 -2.35
CA PRO E 230 33.02 3.94 -3.60
C PRO E 230 33.38 4.85 -4.76
N ARG E 231 32.86 6.08 -4.76
CA ARG E 231 33.22 6.99 -5.83
C ARG E 231 34.65 7.49 -5.70
N ALA E 232 35.11 7.73 -4.48
CA ALA E 232 36.49 8.18 -4.29
C ALA E 232 37.46 7.06 -4.59
N VAL E 233 37.04 5.81 -4.39
CA VAL E 233 37.91 4.69 -4.74
C VAL E 233 37.96 4.51 -6.26
N ALA E 234 36.83 4.75 -6.94
CA ALA E 234 36.76 4.54 -8.40
C ALA E 234 37.50 5.63 -9.17
N ASN E 235 37.51 6.87 -8.68
CA ASN E 235 38.24 7.94 -9.32
C ASN E 235 38.70 8.89 -8.23
N GLY E 236 40.00 8.84 -7.91
CA GLY E 236 40.56 9.69 -6.89
C GLY E 236 40.67 11.12 -7.29
N LYS E 237 40.36 11.42 -8.54
CA LYS E 237 40.40 12.79 -9.01
C LYS E 237 39.01 13.41 -8.90
N ASP E 238 38.05 12.69 -8.34
CA ASP E 238 36.71 13.21 -8.02
C ASP E 238 36.71 14.09 -6.78
N ILE E 239 36.78 15.42 -6.96
CA ILE E 239 36.94 16.35 -5.83
C ILE E 239 35.72 16.36 -4.92
N GLU E 240 34.51 16.26 -5.47
CA GLU E 240 33.35 16.23 -4.57
C GLU E 240 33.46 15.04 -3.63
N ALA E 241 33.79 13.87 -4.16
CA ALA E 241 33.95 12.70 -3.30
C ALA E 241 35.08 12.89 -2.30
N ARG E 242 36.18 13.55 -2.70
CA ARG E 242 37.27 13.75 -1.76
C ARG E 242 36.86 14.68 -0.62
N GLU E 243 36.14 15.76 -0.93
CA GLU E 243 35.74 16.71 0.09
C GLU E 243 34.72 16.09 1.04
N GLN E 244 33.80 15.30 0.48
CA GLN E 244 32.80 14.64 1.30
C GLN E 244 33.46 13.58 2.18
N MET E 245 34.48 12.87 1.65
CA MET E 245 35.18 11.88 2.48
C MET E 245 36.00 12.54 3.56
N ALA E 246 36.53 13.73 3.30
CA ALA E 246 37.23 14.42 4.37
C ALA E 246 36.27 14.76 5.50
N PHE E 247 35.07 15.22 5.14
CA PHE E 247 34.04 15.46 6.16
C PHE E 247 33.67 14.17 6.90
N ALA E 248 33.50 13.06 6.17
CA ALA E 248 33.06 11.82 6.81
C ALA E 248 34.08 11.33 7.81
N GLN E 249 35.35 11.36 7.43
CA GLN E 249 36.41 10.95 8.34
C GLN E 249 36.45 11.86 9.57
N SER E 250 36.20 13.16 9.40
CA SER E 250 36.20 14.01 10.59
C SER E 250 35.04 13.69 11.52
N LEU E 251 33.85 13.44 10.94
CA LEU E 251 32.68 13.09 11.74
C LEU E 251 32.93 11.79 12.51
N ALA E 252 33.48 10.79 11.83
CA ALA E 252 33.74 9.53 12.48
C ALA E 252 34.80 9.69 13.56
N GLY E 253 35.78 10.57 13.34
CA GLY E 253 36.76 10.82 14.40
C GLY E 253 36.16 11.44 15.64
N MET E 254 35.37 12.52 15.49
CA MET E 254 34.71 13.11 16.65
C MET E 254 33.85 12.09 17.39
N ALA E 255 33.19 11.20 16.63
CA ALA E 255 32.28 10.27 17.26
C ALA E 255 33.05 9.22 18.04
N PHE E 256 34.02 8.55 17.41
CA PHE E 256 34.69 7.50 18.17
C PHE E 256 35.57 8.11 19.26
N ASN E 257 36.12 9.31 19.03
CA ASN E 257 36.92 9.95 20.05
C ASN E 257 36.15 10.12 21.34
N ASN E 258 34.86 10.35 21.27
CA ASN E 258 34.15 10.65 22.51
C ASN E 258 33.15 9.57 22.92
N ALA E 259 32.97 8.54 22.10
CA ALA E 259 32.14 7.39 22.44
C ALA E 259 32.92 6.13 22.76
N GLY E 260 34.06 5.90 22.10
CA GLY E 260 34.80 4.67 22.22
C GLY E 260 34.69 3.85 20.95
N LEU E 261 35.52 2.81 20.87
CA LEU E 261 35.48 1.89 19.75
C LEU E 261 35.00 0.52 20.26
N GLY E 262 35.50 -0.53 19.69
CA GLY E 262 35.07 -1.86 20.11
C GLY E 262 36.04 -2.90 19.69
N TYR E 263 35.52 -4.12 19.55
CA TYR E 263 36.43 -5.24 19.36
C TYR E 263 36.98 -5.33 17.95
N VAL E 264 36.41 -4.60 16.97
CA VAL E 264 37.06 -4.54 15.67
C VAL E 264 38.44 -3.94 15.82
N HIS E 265 38.53 -2.79 16.49
CA HIS E 265 39.82 -2.15 16.69
C HIS E 265 40.68 -2.93 17.66
N ALA E 266 40.07 -3.51 18.72
CA ALA E 266 40.83 -4.29 19.69
C ALA E 266 41.56 -5.46 19.03
N ILE E 267 40.90 -6.15 18.09
CA ILE E 267 41.54 -7.28 17.41
C ILE E 267 42.45 -6.79 16.28
N ALA E 268 42.04 -5.74 15.55
CA ALA E 268 42.86 -5.24 14.45
C ALA E 268 44.20 -4.73 14.95
N HIS E 269 44.25 -4.17 16.16
CA HIS E 269 45.52 -3.68 16.67
C HIS E 269 46.50 -4.83 16.86
N GLN E 270 45.99 -6.01 17.20
CA GLN E 270 46.90 -7.13 17.39
C GLN E 270 47.31 -7.74 16.06
N LEU E 271 46.38 -7.84 15.11
CA LEU E 271 46.78 -8.35 13.80
C LEU E 271 47.79 -7.43 13.12
N GLY E 272 47.68 -6.12 13.35
CA GLY E 272 48.65 -5.19 12.79
C GLY E 272 49.97 -5.16 13.54
N GLY E 273 49.94 -5.36 14.86
CA GLY E 273 51.19 -5.48 15.61
C GLY E 273 51.96 -6.76 15.33
N PHE E 274 51.26 -7.81 14.92
CA PHE E 274 51.92 -9.08 14.59
C PHE E 274 52.37 -9.13 13.15
N TYR E 275 51.58 -8.62 12.22
CA TYR E 275 51.87 -8.83 10.82
C TYR E 275 52.05 -7.57 10.01
N ASN E 276 52.01 -6.39 10.63
CA ASN E 276 52.17 -5.11 9.91
C ASN E 276 51.16 -4.97 8.78
N PHE E 277 49.98 -5.57 8.91
CA PHE E 277 48.95 -5.40 7.92
C PHE E 277 48.43 -3.96 7.95
N PRO E 278 47.88 -3.48 6.85
CA PRO E 278 47.28 -2.14 6.87
C PRO E 278 46.09 -2.09 7.83
N HIS E 279 46.06 -1.04 8.64
CA HIS E 279 45.03 -0.88 9.67
C HIS E 279 43.61 -0.96 9.12
N GLY E 280 43.34 -0.23 8.04
CA GLY E 280 42.01 -0.20 7.48
C GLY E 280 41.57 -1.51 6.88
N VAL E 281 42.51 -2.28 6.32
CA VAL E 281 42.17 -3.59 5.79
C VAL E 281 41.85 -4.55 6.93
N CYS E 282 42.58 -4.45 8.04
CA CYS E 282 42.26 -5.28 9.20
C CYS E 282 40.84 -4.98 9.68
N ASN E 283 40.50 -3.68 9.77
CA ASN E 283 39.17 -3.29 10.20
C ASN E 283 38.11 -3.80 9.23
N ALA E 284 38.38 -3.70 7.93
CA ALA E 284 37.40 -4.10 6.93
C ALA E 284 37.18 -5.61 6.93
N VAL E 285 38.24 -6.39 7.13
CA VAL E 285 38.09 -7.84 7.18
C VAL E 285 37.30 -8.25 8.42
N LEU E 286 37.53 -7.55 9.54
CA LEU E 286 36.94 -7.97 10.81
C LEU E 286 35.50 -7.48 11.01
N LEU E 287 35.16 -6.32 10.43
CA LEU E 287 33.88 -5.66 10.67
C LEU E 287 32.68 -6.58 10.62
N PRO E 288 32.46 -7.36 9.56
CA PRO E 288 31.28 -8.24 9.58
C PRO E 288 31.26 -9.22 10.74
N TYR E 289 32.42 -9.79 11.13
CA TYR E 289 32.42 -10.82 12.17
C TYR E 289 32.12 -10.23 13.55
N VAL E 290 32.70 -9.06 13.87
CA VAL E 290 32.41 -8.46 15.16
C VAL E 290 31.00 -7.88 15.22
N CYS E 291 30.50 -7.33 14.11
CA CYS E 291 29.09 -6.89 14.08
C CYS E 291 28.15 -8.07 14.30
N ARG E 292 28.43 -9.19 13.64
CA ARG E 292 27.67 -10.40 13.89
C ARG E 292 27.70 -10.77 15.36
N PHE E 293 28.88 -10.73 15.97
CA PHE E 293 28.98 -11.09 17.38
C PHE E 293 28.17 -10.13 18.26
N ASN E 294 28.15 -8.83 17.92
CA ASN E 294 27.49 -7.78 18.74
C ASN E 294 25.99 -7.67 18.49
N LEU E 295 25.46 -8.33 17.46
CA LEU E 295 24.09 -8.08 17.04
C LEU E 295 23.11 -8.15 18.22
N ILE E 296 23.19 -9.20 19.02
CA ILE E 296 22.18 -9.34 20.06
C ILE E 296 22.27 -8.22 21.07
N SER E 297 23.38 -7.51 21.13
CA SER E 297 23.49 -6.42 22.11
C SER E 297 22.97 -5.12 21.56
N LYS E 298 23.02 -4.94 20.24
CA LYS E 298 22.60 -3.65 19.67
C LYS E 298 21.79 -3.82 18.40
N VAL E 299 20.76 -4.67 18.44
CA VAL E 299 20.05 -5.01 17.21
C VAL E 299 19.28 -3.83 16.63
N GLU E 300 18.72 -2.96 17.48
CA GLU E 300 17.99 -1.82 16.92
C GLU E 300 18.93 -0.86 16.21
N ARG E 301 20.11 -0.65 16.76
CA ARG E 301 21.04 0.29 16.14
C ARG E 301 21.67 -0.32 14.90
N TYR E 302 21.84 -1.64 14.84
CA TYR E 302 22.30 -2.23 13.59
C TYR E 302 21.22 -2.18 12.50
N ALA E 303 19.94 -2.29 12.87
CA ALA E 303 18.88 -2.07 11.89
C ALA E 303 18.87 -0.62 11.39
N GLU E 304 19.15 0.32 12.28
CA GLU E 304 19.27 1.69 11.84
C GLU E 304 20.47 1.86 10.91
N ILE E 305 21.58 1.19 11.22
CA ILE E 305 22.76 1.27 10.35
C ILE E 305 22.45 0.70 8.97
N ALA E 306 21.63 -0.35 8.94
CA ALA E 306 21.19 -0.91 7.66
C ALA E 306 20.50 0.15 6.82
N ALA E 307 19.65 0.94 7.46
CA ALA E 307 19.01 2.01 6.69
C ALA E 307 20.04 3.08 6.30
N PHE E 308 20.93 3.47 7.22
CA PHE E 308 21.96 4.46 6.90
C PHE E 308 22.83 4.04 5.72
N LEU E 309 23.01 2.75 5.51
CA LEU E 309 23.85 2.25 4.44
C LEU E 309 23.10 2.11 3.13
N GLY E 310 21.86 2.61 3.07
CA GLY E 310 21.07 2.62 1.86
C GLY E 310 20.15 1.43 1.64
N GLU E 311 20.06 0.50 2.58
CA GLU E 311 19.26 -0.70 2.41
C GLU E 311 17.79 -0.39 2.65
N ASN E 312 16.93 -1.14 1.96
CA ASN E 312 15.49 -1.04 2.20
C ASN E 312 15.11 -2.05 3.27
N VAL E 313 14.48 -1.58 4.34
CA VAL E 313 14.15 -2.46 5.46
C VAL E 313 12.64 -2.58 5.66
N ASP E 314 11.87 -2.21 4.63
CA ASP E 314 10.41 -2.17 4.75
C ASP E 314 9.86 -3.58 4.93
N GLY E 315 8.99 -3.74 5.93
CA GLY E 315 8.35 -5.02 6.17
C GLY E 315 9.22 -6.04 6.83
N LEU E 316 10.32 -5.62 7.44
CA LEU E 316 11.29 -6.53 8.02
C LEU E 316 11.29 -6.36 9.52
N SER E 317 11.56 -7.46 10.22
CA SER E 317 11.79 -7.36 11.65
C SER E 317 13.13 -6.65 11.89
N THR E 318 13.29 -6.12 13.09
CA THR E 318 14.57 -5.50 13.45
C THR E 318 15.73 -6.45 13.22
N TYR E 319 15.52 -7.74 13.48
CA TYR E 319 16.60 -8.70 13.35
C TYR E 319 17.02 -8.85 11.89
N ASP E 320 16.04 -8.97 10.99
CA ASP E 320 16.33 -9.14 9.57
C ASP E 320 16.96 -7.87 9.00
N ALA E 321 16.59 -6.71 9.52
CA ALA E 321 17.21 -5.48 9.04
C ALA E 321 18.66 -5.38 9.53
N ALA E 322 18.94 -5.75 10.78
CA ALA E 322 20.33 -5.74 11.23
C ALA E 322 21.19 -6.70 10.40
N GLU E 323 20.60 -7.80 9.96
CA GLU E 323 21.37 -8.72 9.13
C GLU E 323 21.61 -8.11 7.75
N LYS E 324 20.64 -7.36 7.23
CA LYS E 324 20.89 -6.66 5.98
C LYS E 324 22.01 -5.64 6.14
N ALA E 325 22.21 -5.13 7.36
CA ALA E 325 23.32 -4.20 7.56
C ALA E 325 24.64 -4.93 7.41
N ILE E 326 24.74 -6.11 8.02
CA ILE E 326 25.96 -6.89 7.86
C ILE E 326 26.20 -7.26 6.40
N LYS E 327 25.14 -7.59 5.67
CA LYS E 327 25.28 -7.91 4.25
C LYS E 327 25.75 -6.71 3.43
N ALA E 328 25.27 -5.51 3.77
CA ALA E 328 25.72 -4.34 3.02
C ALA E 328 27.18 -4.02 3.30
N ILE E 329 27.62 -4.23 4.55
CA ILE E 329 29.05 -4.04 4.86
C ILE E 329 29.91 -5.03 4.09
N GLU E 330 29.50 -6.30 4.02
CA GLU E 330 30.28 -7.28 3.28
C GLU E 330 30.35 -6.94 1.80
N ARG E 331 29.23 -6.51 1.22
CA ARG E 331 29.25 -6.18 -0.20
C ARG E 331 30.14 -4.98 -0.47
N MET E 332 30.14 -3.97 0.42
CA MET E 332 31.03 -2.83 0.22
C MET E 332 32.47 -3.26 0.26
N ALA E 333 32.80 -4.18 1.18
CA ALA E 333 34.18 -4.65 1.28
C ALA E 333 34.55 -5.38 0.00
N LYS E 334 33.58 -6.07 -0.62
CA LYS E 334 33.90 -6.78 -1.85
C LYS E 334 34.15 -5.81 -2.98
N ASP E 335 33.37 -4.73 -3.02
CA ASP E 335 33.48 -3.78 -4.13
C ASP E 335 34.74 -2.96 -4.08
N LEU E 336 35.38 -2.86 -2.92
CA LEU E 336 36.62 -2.13 -2.77
C LEU E 336 37.82 -3.08 -2.68
N ASN E 337 37.68 -4.31 -3.19
CA ASN E 337 38.79 -5.28 -3.27
C ASN E 337 39.46 -5.52 -1.93
N ILE E 338 38.65 -5.79 -0.91
CA ILE E 338 39.13 -6.12 0.43
C ILE E 338 39.20 -7.64 0.55
N PRO E 339 40.35 -8.20 0.98
CA PRO E 339 40.53 -9.65 1.18
C PRO E 339 39.39 -10.40 1.86
N LYS E 340 39.14 -11.65 1.44
CA LYS E 340 38.09 -12.44 2.06
C LYS E 340 38.49 -12.87 3.47
N GLY E 341 39.78 -13.12 3.71
CA GLY E 341 40.26 -13.54 5.01
C GLY E 341 41.68 -13.10 5.26
N PHE E 342 42.28 -13.54 6.38
CA PHE E 342 43.61 -13.11 6.78
C PHE E 342 44.72 -14.13 6.46
N LYS E 343 44.41 -15.43 6.31
CA LYS E 343 45.51 -16.36 6.05
C LYS E 343 46.13 -16.18 4.67
N GLU E 344 45.35 -15.82 3.65
CA GLU E 344 45.99 -15.51 2.38
C GLU E 344 47.01 -14.38 2.52
N LEU E 345 46.81 -13.47 3.47
CA LEU E 345 47.76 -12.38 3.63
C LEU E 345 48.94 -12.81 4.49
N GLY E 346 48.79 -13.90 5.23
CA GLY E 346 49.87 -14.48 6.00
C GLY E 346 49.69 -14.72 7.49
N ALA E 347 48.48 -14.56 8.03
CA ALA E 347 48.30 -14.74 9.46
C ALA E 347 48.50 -16.22 9.81
N LYS E 348 49.03 -16.50 10.98
CA LYS E 348 49.34 -17.86 11.37
C LYS E 348 48.36 -18.32 12.43
N GLU E 349 47.86 -19.56 12.31
CA GLU E 349 46.87 -20.01 13.28
C GLU E 349 47.45 -20.33 14.64
N GLU E 350 48.75 -20.29 14.77
CA GLU E 350 49.31 -20.64 16.06
C GLU E 350 49.35 -19.43 16.94
N ASP E 351 49.14 -18.27 16.33
CA ASP E 351 49.22 -17.06 17.09
C ASP E 351 47.82 -16.62 17.45
N ILE E 352 46.77 -17.39 17.03
CA ILE E 352 45.41 -16.90 17.26
C ILE E 352 45.13 -16.76 18.75
N GLU E 353 45.58 -17.74 19.52
CA GLU E 353 45.25 -17.73 20.94
C GLU E 353 45.92 -16.54 21.60
N THR E 354 47.12 -16.17 21.12
CA THR E 354 47.81 -15.06 21.75
C THR E 354 47.18 -13.74 21.30
N LEU E 355 46.88 -13.60 20.00
CA LEU E 355 46.25 -12.39 19.49
C LEU E 355 45.00 -12.09 20.31
N ALA E 356 44.19 -13.13 20.57
CA ALA E 356 42.94 -12.91 21.27
C ALA E 356 43.22 -12.44 22.70
N LYS E 357 44.21 -13.02 23.40
CA LYS E 357 44.44 -12.49 24.75
C LYS E 357 44.89 -11.04 24.67
N ASN E 358 45.72 -10.69 23.68
CA ASN E 358 46.14 -9.29 23.64
C ASN E 358 44.95 -8.41 23.30
N ALA E 359 43.99 -8.94 22.54
CA ALA E 359 42.82 -8.16 22.20
C ALA E 359 41.98 -7.85 23.44
N MET E 360 41.90 -8.78 24.40
CA MET E 360 41.07 -8.42 25.55
C MET E 360 41.72 -7.40 26.47
N LYS E 361 42.96 -7.01 26.19
CA LYS E 361 43.70 -6.03 26.96
C LYS E 361 43.74 -4.65 26.31
N ASP E 362 43.24 -4.50 25.10
CA ASP E 362 43.15 -3.19 24.48
C ASP E 362 42.06 -2.37 25.15
N ALA E 363 42.30 -1.06 25.25
CA ALA E 363 41.31 -0.22 25.92
C ALA E 363 40.08 -0.09 25.04
N CYS E 364 40.26 -0.24 23.72
CA CYS E 364 39.13 -0.15 22.80
C CYS E 364 38.08 -1.21 23.06
N ALA E 365 38.46 -2.34 23.69
CA ALA E 365 37.49 -3.38 23.99
C ALA E 365 36.57 -2.99 25.14
N LEU E 366 36.94 -1.99 25.93
CA LEU E 366 36.17 -1.64 27.12
C LEU E 366 34.77 -1.13 26.79
N THR E 367 34.57 -0.58 25.59
CA THR E 367 33.30 -0.01 25.16
C THR E 367 32.53 -0.90 24.18
N ASN E 368 33.06 -2.07 23.85
CA ASN E 368 32.30 -2.96 23.00
C ASN E 368 30.97 -3.33 23.67
N PRO E 369 29.86 -3.31 22.93
CA PRO E 369 28.57 -3.54 23.57
C PRO E 369 28.37 -4.95 24.08
N ARG E 370 29.01 -5.95 23.48
CA ARG E 370 28.93 -7.30 24.00
C ARG E 370 30.26 -7.69 24.66
N LYS E 371 30.21 -8.16 25.90
CA LYS E 371 31.43 -8.54 26.62
C LYS E 371 31.73 -10.02 26.42
N PRO E 372 32.81 -10.41 25.71
CA PRO E 372 33.01 -11.82 25.43
C PRO E 372 33.92 -12.50 26.42
N LYS E 373 34.06 -13.80 26.25
CA LYS E 373 35.07 -14.55 26.98
C LYS E 373 36.13 -14.95 25.95
N LEU E 374 37.27 -15.43 26.43
CA LEU E 374 38.37 -15.73 25.50
C LEU E 374 37.92 -16.67 24.39
N GLU E 375 37.12 -17.68 24.71
CA GLU E 375 36.67 -18.60 23.67
C GLU E 375 36.04 -17.84 22.50
N GLU E 376 35.23 -16.81 22.80
CA GLU E 376 34.50 -16.02 21.79
C GLU E 376 35.43 -15.17 20.92
N VAL E 377 36.34 -14.42 21.53
CA VAL E 377 37.35 -13.66 20.78
C VAL E 377 38.19 -14.57 19.89
N ILE E 378 38.54 -15.75 20.41
CA ILE E 378 39.32 -16.71 19.64
C ILE E 378 38.52 -17.13 18.41
N GLN E 379 37.22 -17.42 18.61
CA GLN E 379 36.35 -17.82 17.51
C GLN E 379 36.20 -16.72 16.47
N ILE E 380 36.09 -15.45 16.92
CA ILE E 380 36.03 -14.34 15.98
C ILE E 380 37.26 -14.32 15.10
N ILE E 381 38.44 -14.46 15.72
CA ILE E 381 39.67 -14.41 14.92
C ILE E 381 39.75 -15.60 13.93
N LYS E 382 39.26 -16.79 14.33
CA LYS E 382 39.27 -17.93 13.40
C LYS E 382 38.31 -17.72 12.22
N ASN E 383 37.13 -17.13 12.47
CA ASN E 383 36.19 -16.90 11.37
C ASN E 383 36.76 -15.95 10.32
N ALA E 384 37.60 -15.02 10.74
CA ALA E 384 38.22 -14.08 9.82
C ALA E 384 39.45 -14.65 9.11
N MET E 385 39.83 -15.91 9.40
CA MET E 385 40.97 -16.49 8.72
C MET E 385 40.63 -16.87 7.27
N LEU E 386 39.52 -17.58 7.07
CA LEU E 386 39.02 -17.85 5.71
C LEU E 386 37.96 -16.79 5.32
N ASN F 3 36.14 30.92 -1.71
CA ASN F 3 36.55 29.56 -1.37
C ASN F 3 35.41 28.75 -0.72
N THR F 4 35.60 27.42 -0.78
CA THR F 4 34.79 26.41 -0.12
C THR F 4 35.35 26.08 1.26
N GLN F 5 36.11 26.98 1.84
CA GLN F 5 36.76 26.72 3.11
C GLN F 5 35.80 27.02 4.26
N SER F 6 35.99 26.28 5.36
CA SER F 6 35.20 26.47 6.57
C SER F 6 36.04 26.07 7.77
N ALA F 7 35.49 26.30 8.95
CA ALA F 7 36.17 26.02 10.20
C ALA F 7 35.13 25.66 11.25
N PHE F 8 35.55 24.83 12.20
CA PHE F 8 34.70 24.43 13.31
C PHE F 8 35.39 24.80 14.61
N PHE F 9 34.69 25.58 15.43
CA PHE F 9 35.18 26.13 16.69
C PHE F 9 34.30 25.64 17.82
N MET F 10 34.94 25.36 18.95
CA MET F 10 34.26 24.99 20.18
C MET F 10 35.31 24.90 21.27
N PRO F 11 34.94 25.02 22.54
CA PRO F 11 35.94 24.84 23.60
C PRO F 11 36.56 23.46 23.50
N SER F 12 37.84 23.38 23.86
CA SER F 12 38.56 22.11 23.79
C SER F 12 37.99 21.07 24.76
N VAL F 13 37.45 21.50 25.89
CA VAL F 13 36.90 20.59 26.90
C VAL F 13 35.50 21.06 27.28
N ASN F 14 34.56 20.12 27.21
CA ASN F 14 33.14 20.38 27.43
C ASN F 14 32.58 19.26 28.30
N LEU F 15 32.17 19.60 29.51
CA LEU F 15 31.72 18.60 30.48
C LEU F 15 30.20 18.53 30.43
N PHE F 16 29.68 17.32 30.53
CA PHE F 16 28.25 17.06 30.47
C PHE F 16 27.86 16.16 31.62
N GLY F 17 26.58 16.19 31.95
CA GLY F 17 26.02 15.21 32.84
C GLY F 17 25.78 15.77 34.23
N ALA F 18 24.93 15.07 34.97
CA ALA F 18 24.60 15.47 36.33
C ALA F 18 25.86 15.47 37.18
N GLY F 19 26.14 16.61 37.81
CA GLY F 19 27.28 16.74 38.68
C GLY F 19 28.51 17.36 38.05
N SER F 20 28.48 17.68 36.77
CA SER F 20 29.68 18.21 36.12
C SER F 20 30.14 19.53 36.74
N VAL F 21 29.24 20.29 37.40
CA VAL F 21 29.66 21.57 37.95
C VAL F 21 30.67 21.37 39.04
N ASN F 22 30.68 20.18 39.63
CA ASN F 22 31.63 19.88 40.70
C ASN F 22 33.07 19.87 40.23
N GLU F 23 33.34 20.12 38.94
CA GLU F 23 34.73 20.15 38.52
C GLU F 23 35.23 21.56 38.31
N VAL F 24 34.34 22.58 38.37
CA VAL F 24 34.72 23.92 37.93
C VAL F 24 35.98 24.37 38.66
N GLY F 25 36.02 24.15 39.97
CA GLY F 25 37.17 24.61 40.74
C GLY F 25 38.46 23.96 40.25
N THR F 26 38.48 22.63 40.18
CA THR F 26 39.69 21.95 39.74
C THR F 26 40.13 22.41 38.37
N ARG F 27 39.18 22.55 37.43
CA ARG F 27 39.53 22.96 36.08
C ARG F 27 40.10 24.37 36.09
N LEU F 28 39.47 25.25 36.88
CA LEU F 28 39.97 26.61 36.99
C LEU F 28 41.37 26.59 37.57
N ALA F 29 41.62 25.69 38.52
CA ALA F 29 42.96 25.59 39.09
C ALA F 29 43.98 25.12 38.06
N ASP F 30 43.60 24.19 37.15
CA ASP F 30 44.56 23.69 36.19
C ASP F 30 45.07 24.77 35.25
N LEU F 31 44.30 25.84 35.04
CA LEU F 31 44.75 26.92 34.17
C LEU F 31 45.77 27.80 34.87
N GLY F 32 45.91 27.68 36.18
CA GLY F 32 46.86 28.49 36.91
C GLY F 32 46.38 29.90 37.18
N VAL F 33 45.08 30.11 37.17
CA VAL F 33 44.51 31.43 37.42
C VAL F 33 44.34 31.57 38.92
N LYS F 34 44.16 32.81 39.41
CA LYS F 34 44.18 32.94 40.86
C LYS F 34 42.94 33.61 41.43
N LYS F 35 42.34 34.55 40.70
CA LYS F 35 41.12 35.17 41.17
C LYS F 35 40.12 35.30 40.03
N ALA F 36 38.91 34.78 40.23
CA ALA F 36 37.88 34.76 39.21
C ALA F 36 36.66 35.62 39.58
N LEU F 37 36.16 36.34 38.59
CA LEU F 37 34.90 37.05 38.69
C LEU F 37 33.77 36.10 38.28
N LEU F 38 32.88 35.81 39.22
CA LEU F 38 31.73 34.95 38.97
C LEU F 38 30.60 35.83 38.45
N VAL F 39 30.35 35.78 37.15
CA VAL F 39 29.32 36.60 36.54
C VAL F 39 28.04 35.77 36.54
N THR F 40 27.02 36.29 37.21
CA THR F 40 25.75 35.60 37.28
C THR F 40 24.65 36.66 37.28
N ASP F 41 23.41 36.22 37.41
CA ASP F 41 22.26 37.11 37.50
C ASP F 41 21.72 37.15 38.93
N ALA F 42 20.82 38.12 39.16
CA ALA F 42 20.33 38.35 40.52
C ALA F 42 19.49 37.18 41.04
N GLY F 43 18.74 36.51 40.15
CA GLY F 43 17.91 35.40 40.61
C GLY F 43 18.70 34.22 41.14
N LEU F 44 19.71 33.77 40.40
CA LEU F 44 20.49 32.63 40.85
C LEU F 44 21.33 32.98 42.06
N HIS F 45 21.74 34.24 42.17
CA HIS F 45 22.44 34.69 43.36
C HIS F 45 21.51 34.70 44.58
N GLY F 46 20.27 35.15 44.42
CA GLY F 46 19.34 35.09 45.54
C GLY F 46 18.93 33.68 45.93
N LEU F 47 19.07 32.73 45.01
CA LEU F 47 18.76 31.33 45.30
C LEU F 47 19.88 30.62 46.05
N GLY F 48 21.07 31.21 46.13
CA GLY F 48 22.18 30.60 46.81
C GLY F 48 23.14 29.86 45.90
N LEU F 49 22.84 29.79 44.60
CA LEU F 49 23.67 29.05 43.65
C LEU F 49 25.04 29.68 43.50
N SER F 50 25.09 31.02 43.50
CA SER F 50 26.35 31.73 43.39
C SER F 50 27.29 31.27 44.49
N GLU F 51 26.77 31.15 45.73
CA GLU F 51 27.63 30.77 46.85
C GLU F 51 28.07 29.32 46.77
N LYS F 52 27.18 28.42 46.31
CA LYS F 52 27.59 27.03 46.14
C LYS F 52 28.76 26.93 45.16
N ILE F 53 28.67 27.65 44.04
CA ILE F 53 29.73 27.56 43.05
C ILE F 53 30.99 28.26 43.58
N SER F 54 30.84 29.41 44.26
CA SER F 54 32.00 30.10 44.83
C SER F 54 32.73 29.22 45.81
N SER F 55 31.98 28.44 46.59
CA SER F 55 32.58 27.51 47.53
C SER F 55 33.37 26.44 46.78
N ILE F 56 32.79 25.89 45.71
CA ILE F 56 33.53 24.90 44.92
C ILE F 56 34.83 25.48 44.39
N ILE F 57 34.80 26.74 43.97
CA ILE F 57 35.99 27.38 43.40
C ILE F 57 37.03 27.60 44.49
N ARG F 58 36.59 28.11 45.63
CA ARG F 58 37.51 28.41 46.72
C ARG F 58 38.16 27.15 47.29
N ALA F 59 37.45 26.01 47.27
CA ALA F 59 38.03 24.75 47.73
C ALA F 59 39.13 24.21 46.81
N ALA F 60 39.50 24.94 45.77
CA ALA F 60 40.57 24.53 44.87
C ALA F 60 41.71 25.54 44.85
N GLY F 61 41.67 26.53 45.75
CA GLY F 61 42.74 27.47 45.87
C GLY F 61 42.61 28.69 44.98
N VAL F 62 41.42 28.91 44.41
CA VAL F 62 41.15 30.08 43.59
C VAL F 62 40.19 30.96 44.36
N GLU F 63 40.43 32.26 44.30
CA GLU F 63 39.62 33.28 44.95
C GLU F 63 38.43 33.67 44.08
N VAL F 64 37.37 34.15 44.71
CA VAL F 64 36.12 34.46 44.01
C VAL F 64 35.58 35.82 44.46
N SER F 65 35.18 36.63 43.49
CA SER F 65 34.44 37.87 43.72
C SER F 65 33.19 37.80 42.86
N ILE F 66 32.03 37.83 43.53
CA ILE F 66 30.74 37.63 42.89
C ILE F 66 30.21 38.92 42.30
N PHE F 67 29.80 38.89 41.02
CA PHE F 67 29.13 39.97 40.29
C PHE F 67 27.74 39.57 39.82
N PRO F 68 26.71 39.73 40.63
CA PRO F 68 25.38 39.21 40.25
C PRO F 68 24.47 40.17 39.51
N LYS F 69 24.98 40.95 38.55
CA LYS F 69 24.19 42.01 37.93
C LYS F 69 23.96 41.83 36.43
N ALA F 70 24.12 40.63 35.90
CA ALA F 70 23.76 40.41 34.49
C ALA F 70 22.25 40.36 34.38
N GLU F 71 21.73 41.09 33.47
CA GLU F 71 20.29 41.21 33.31
C GLU F 71 19.80 40.40 32.12
N PRO F 72 18.58 39.87 32.17
CA PRO F 72 17.99 39.27 30.97
C PRO F 72 18.11 40.29 29.85
N ASN F 73 18.68 39.86 28.74
CA ASN F 73 19.16 40.77 27.69
C ASN F 73 20.26 41.64 28.29
N PRO F 74 21.46 41.11 28.51
CA PRO F 74 22.49 41.89 29.22
C PRO F 74 22.85 43.15 28.43
N THR F 75 23.21 44.20 29.18
CA THR F 75 23.44 45.54 28.64
C THR F 75 24.90 45.97 28.70
N ASP F 76 25.22 47.02 27.93
CA ASP F 76 26.54 47.64 27.99
C ASP F 76 26.85 48.16 29.40
N LYS F 77 25.83 48.62 30.12
CA LYS F 77 26.05 49.10 31.48
C LYS F 77 26.49 47.94 32.38
N ASN F 78 25.85 46.78 32.21
CA ASN F 78 26.29 45.61 32.93
C ASN F 78 27.74 45.30 32.62
N VAL F 79 28.13 45.45 31.36
CA VAL F 79 29.50 45.11 30.98
C VAL F 79 30.48 46.10 31.58
N ALA F 80 30.15 47.39 31.54
CA ALA F 80 31.03 48.39 32.14
C ALA F 80 31.19 48.16 33.64
N GLU F 81 30.07 47.95 34.35
CA GLU F 81 30.15 47.65 35.77
C GLU F 81 30.95 46.39 36.04
N GLY F 82 30.78 45.36 35.20
CA GLY F 82 31.52 44.14 35.41
C GLY F 82 33.00 44.31 35.16
N LEU F 83 33.39 45.06 34.13
CA LEU F 83 34.81 45.29 33.93
C LEU F 83 35.41 46.09 35.08
N GLU F 84 34.68 47.10 35.56
CA GLU F 84 35.14 47.86 36.73
C GLU F 84 35.29 46.94 37.95
N ALA F 85 34.32 46.06 38.20
CA ALA F 85 34.42 45.12 39.32
C ALA F 85 35.59 44.16 39.10
N TYR F 86 35.76 43.66 37.88
CA TYR F 86 36.86 42.77 37.53
C TYR F 86 38.20 43.40 37.94
N ASN F 87 38.36 44.68 37.66
CA ASN F 87 39.63 45.36 37.93
C ASN F 87 39.76 45.75 39.41
N ALA F 88 38.67 46.17 40.06
CA ALA F 88 38.77 46.61 41.45
C ALA F 88 39.21 45.45 42.33
N GLU F 89 38.76 44.25 42.02
CA GLU F 89 39.17 43.09 42.82
C GLU F 89 40.37 42.39 42.22
N ASN F 90 41.00 42.99 41.21
CA ASN F 90 42.18 42.45 40.57
C ASN F 90 42.02 40.99 40.21
N CYS F 91 41.01 40.71 39.39
CA CYS F 91 40.72 39.36 38.93
C CYS F 91 41.53 39.05 37.68
N ASP F 92 41.91 37.78 37.54
CA ASP F 92 42.64 37.33 36.37
C ASP F 92 41.87 36.31 35.55
N SER F 93 40.66 35.94 35.96
CA SER F 93 39.86 35.00 35.18
C SER F 93 38.39 35.29 35.43
N ILE F 94 37.52 34.64 34.64
CA ILE F 94 36.08 34.81 34.74
C ILE F 94 35.38 33.45 34.71
N VAL F 95 34.39 33.28 35.58
CA VAL F 95 33.50 32.12 35.55
C VAL F 95 32.08 32.64 35.40
N THR F 96 31.39 32.21 34.34
CA THR F 96 29.99 32.59 34.15
C THR F 96 29.11 31.47 34.67
N LEU F 97 28.07 31.84 35.42
CA LEU F 97 27.12 30.87 35.96
C LEU F 97 25.70 31.33 35.67
N GLY F 98 24.98 30.56 34.87
CA GLY F 98 23.60 30.92 34.56
C GLY F 98 23.19 30.64 33.14
N GLY F 99 22.34 31.51 32.60
CA GLY F 99 21.89 31.40 31.23
C GLY F 99 22.69 32.27 30.30
N GLY F 100 22.11 32.49 29.11
CA GLY F 100 22.83 33.22 28.08
C GLY F 100 23.23 34.63 28.48
N SER F 101 22.41 35.27 29.33
CA SER F 101 22.75 36.63 29.75
C SER F 101 24.03 36.64 30.56
N SER F 102 24.23 35.66 31.44
CA SER F 102 25.47 35.63 32.22
C SER F 102 26.65 35.26 31.34
N HIS F 103 26.47 34.31 30.43
CA HIS F 103 27.56 33.92 29.55
C HIS F 103 28.00 35.12 28.71
N ASP F 104 27.04 35.86 28.16
CA ASP F 104 27.38 36.96 27.27
C ASP F 104 27.96 38.14 28.04
N ALA F 105 27.44 38.43 29.23
CA ALA F 105 28.05 39.45 30.08
C ALA F 105 29.50 39.10 30.38
N GLY F 106 29.75 37.86 30.81
CA GLY F 106 31.11 37.43 31.11
C GLY F 106 32.01 37.45 29.90
N LYS F 107 31.53 36.95 28.77
CA LYS F 107 32.35 36.97 27.55
C LYS F 107 32.72 38.39 27.17
N ALA F 108 31.78 39.33 27.27
CA ALA F 108 32.07 40.71 26.92
C ALA F 108 33.11 41.28 27.90
N ILE F 109 32.92 41.03 29.19
CA ILE F 109 33.90 41.48 30.18
C ILE F 109 35.27 40.91 29.85
N ALA F 110 35.33 39.62 29.50
CA ALA F 110 36.61 38.98 29.24
C ALA F 110 37.26 39.55 27.99
N LEU F 111 36.48 39.82 26.94
CA LEU F 111 37.06 40.37 25.73
C LEU F 111 37.60 41.78 25.96
N VAL F 112 36.81 42.64 26.62
CA VAL F 112 37.29 43.99 26.89
C VAL F 112 38.47 44.00 27.86
N ALA F 113 38.52 43.08 28.83
CA ALA F 113 39.65 43.06 29.74
C ALA F 113 40.96 42.66 29.08
N ALA F 114 40.92 42.04 27.90
CA ALA F 114 42.12 41.62 27.20
C ALA F 114 42.44 42.42 25.96
N ASN F 115 41.47 43.19 25.43
CA ASN F 115 41.64 43.97 24.23
C ASN F 115 41.48 45.47 24.44
N GLY F 116 40.87 45.89 25.54
CA GLY F 116 40.67 47.27 25.86
C GLY F 116 39.40 47.81 25.22
N GLY F 117 39.37 49.12 25.02
CA GLY F 117 38.22 49.75 24.40
C GLY F 117 36.94 49.61 25.20
N LYS F 118 35.83 49.49 24.47
CA LYS F 118 34.51 49.20 25.01
C LYS F 118 33.85 48.11 24.15
N ILE F 119 32.79 47.50 24.69
CA ILE F 119 32.15 46.37 24.01
C ILE F 119 31.59 46.77 22.65
N HIS F 120 31.11 48.01 22.52
CA HIS F 120 30.52 48.47 21.27
C HIS F 120 31.51 48.41 20.12
N ASP F 121 32.81 48.50 20.42
CA ASP F 121 33.83 48.47 19.38
C ASP F 121 33.91 47.14 18.66
N TYR F 122 33.40 46.07 19.25
CA TYR F 122 33.57 44.73 18.69
C TYR F 122 32.31 44.18 18.05
N GLU F 123 31.27 44.99 17.87
CA GLU F 123 30.10 44.55 17.14
C GLU F 123 30.50 44.24 15.70
N GLY F 124 30.20 43.03 15.25
CA GLY F 124 30.61 42.59 13.93
C GLY F 124 31.27 41.23 13.95
N VAL F 125 32.21 40.99 13.04
CA VAL F 125 32.83 39.66 12.85
C VAL F 125 34.34 39.78 13.06
N ASP F 126 34.87 39.02 14.03
CA ASP F 126 36.32 38.92 14.29
C ASP F 126 37.01 40.28 14.33
N VAL F 127 36.46 41.18 15.13
CA VAL F 127 37.01 42.53 15.17
C VAL F 127 38.14 42.65 16.18
N SER F 128 38.25 41.71 17.11
CA SER F 128 39.27 41.87 18.15
C SER F 128 40.58 41.21 17.72
N LYS F 129 41.64 41.54 18.46
CA LYS F 129 42.99 41.10 18.13
C LYS F 129 43.53 40.06 19.10
N GLU F 130 43.10 40.08 20.37
CA GLU F 130 43.62 39.19 21.37
C GLU F 130 42.53 38.25 21.89
N PRO F 131 42.90 37.02 22.28
CA PRO F 131 41.93 36.15 22.95
C PRO F 131 41.53 36.70 24.28
N MET F 132 40.32 36.34 24.69
CA MET F 132 39.77 36.87 25.92
C MET F 132 40.45 36.17 27.10
N VAL F 133 40.25 36.72 28.29
CA VAL F 133 40.90 36.19 29.48
C VAL F 133 40.32 34.80 29.72
N PRO F 134 41.01 33.91 30.43
CA PRO F 134 40.48 32.56 30.67
C PRO F 134 39.04 32.63 31.17
N LEU F 135 38.18 31.76 30.63
CA LEU F 135 36.77 31.77 30.98
C LEU F 135 36.21 30.35 31.00
N ILE F 136 35.53 30.04 32.10
CA ILE F 136 34.76 28.80 32.23
C ILE F 136 33.29 29.17 32.33
N ALA F 137 32.47 28.53 31.49
CA ALA F 137 31.05 28.84 31.39
C ALA F 137 30.22 27.69 31.95
N ILE F 138 29.41 27.98 32.98
CA ILE F 138 28.54 26.98 33.59
C ILE F 138 27.10 27.27 33.20
N ASN F 139 26.50 26.37 32.42
CA ASN F 139 25.19 26.62 31.84
C ASN F 139 24.08 26.02 32.70
N THR F 140 23.01 26.81 32.91
CA THR F 140 21.85 26.37 33.70
C THR F 140 20.52 26.51 32.98
N THR F 141 20.50 27.00 31.74
CA THR F 141 19.31 27.04 30.93
C THR F 141 19.51 26.16 29.70
N ALA F 142 18.41 25.67 29.14
CA ALA F 142 18.50 24.78 27.99
C ALA F 142 18.12 25.58 26.74
N GLY F 143 19.01 26.54 26.49
CA GLY F 143 19.04 27.32 25.27
C GLY F 143 20.32 28.11 25.21
N THR F 144 20.39 28.98 24.19
CA THR F 144 21.56 29.77 23.78
C THR F 144 22.75 28.93 23.39
N GLY F 145 23.25 28.03 24.24
CA GLY F 145 24.45 27.35 23.84
C GLY F 145 25.68 28.19 24.00
N SER F 146 25.54 29.38 24.56
CA SER F 146 26.64 30.34 24.62
C SER F 146 27.85 29.83 25.38
N GLU F 147 27.72 28.82 26.22
CA GLU F 147 28.90 28.24 26.82
C GLU F 147 29.83 27.59 25.78
N LEU F 148 29.41 27.47 24.53
CA LEU F 148 30.22 26.85 23.48
C LEU F 148 30.48 27.74 22.28
N THR F 149 29.83 28.88 22.19
CA THR F 149 29.81 29.67 20.96
C THR F 149 30.81 30.81 21.02
N LYS F 150 31.06 31.38 19.85
CA LYS F 150 31.87 32.57 19.69
C LYS F 150 30.99 33.81 19.53
N PHE F 151 29.82 33.79 20.18
CA PHE F 151 28.81 34.84 20.13
C PHE F 151 28.64 35.46 21.50
N THR F 152 28.59 36.80 21.55
CA THR F 152 28.12 37.47 22.76
C THR F 152 27.17 38.60 22.32
N ILE F 153 25.95 38.59 22.84
CA ILE F 153 24.92 39.53 22.43
C ILE F 153 24.76 40.53 23.56
N ILE F 154 25.29 41.73 23.37
CA ILE F 154 25.25 42.78 24.40
C ILE F 154 24.42 43.94 23.89
N THR F 155 23.62 44.55 24.77
CA THR F 155 22.70 45.60 24.36
C THR F 155 23.35 46.98 24.43
N ASP F 156 23.34 47.69 23.30
CA ASP F 156 23.59 49.13 23.20
C ASP F 156 22.35 49.88 23.66
N THR F 157 22.44 50.49 24.85
CA THR F 157 21.30 51.17 25.47
C THR F 157 20.89 52.44 24.72
N GLU F 158 21.81 53.07 24.00
CA GLU F 158 21.44 54.33 23.37
C GLU F 158 20.70 54.07 22.06
N ARG F 159 21.23 53.16 21.23
CA ARG F 159 20.59 52.73 19.99
C ARG F 159 19.46 51.75 20.21
N LYS F 160 19.30 51.23 21.42
CA LYS F 160 18.31 50.21 21.74
C LYS F 160 18.48 48.99 20.84
N VAL F 161 19.73 48.54 20.70
CA VAL F 161 20.05 47.45 19.77
C VAL F 161 20.88 46.37 20.45
N LYS F 162 20.41 45.13 20.38
CA LYS F 162 21.19 43.99 20.88
C LYS F 162 22.27 43.67 19.86
N MET F 163 23.49 44.15 20.13
CA MET F 163 24.64 43.95 19.26
C MET F 163 25.13 42.50 19.33
N ALA F 164 25.50 41.98 18.18
CA ALA F 164 26.01 40.62 18.08
C ALA F 164 27.51 40.73 17.85
N ILE F 165 28.31 40.37 18.85
CA ILE F 165 29.76 40.30 18.70
C ILE F 165 30.08 38.85 18.41
N VAL F 166 30.47 38.60 17.15
CA VAL F 166 30.82 37.28 16.63
C VAL F 166 32.34 37.28 16.46
N ASP F 167 33.04 36.68 17.42
CA ASP F 167 34.48 36.73 17.51
C ASP F 167 35.02 35.38 17.93
N LYS F 168 35.99 34.83 17.19
CA LYS F 168 36.59 33.57 17.62
C LYS F 168 37.22 33.70 19.01
N HIS F 169 37.51 34.93 19.44
CA HIS F 169 38.21 35.15 20.69
C HIS F 169 37.30 35.07 21.90
N VAL F 170 36.00 34.85 21.71
CA VAL F 170 35.11 34.66 22.85
C VAL F 170 34.68 33.21 22.99
N THR F 171 35.35 32.27 22.31
CA THR F 171 35.12 30.86 22.57
C THR F 171 35.59 30.61 23.99
N PRO F 172 34.71 30.16 24.90
CA PRO F 172 35.15 29.95 26.29
C PRO F 172 36.29 28.93 26.39
N THR F 173 37.05 29.06 27.47
CA THR F 173 38.15 28.12 27.68
C THR F 173 37.59 26.75 28.00
N LEU F 174 36.56 26.69 28.84
CA LEU F 174 36.01 25.39 29.19
C LEU F 174 34.51 25.53 29.41
N SER F 175 33.75 24.48 29.11
CA SER F 175 32.30 24.56 29.31
C SER F 175 31.82 23.46 30.26
N ILE F 176 30.79 23.77 31.03
CA ILE F 176 30.15 22.85 31.97
C ILE F 176 28.64 22.90 31.76
N ASN F 177 28.05 21.74 31.51
CA ASN F 177 26.62 21.60 31.25
C ASN F 177 26.02 20.64 32.27
N ASP F 178 25.72 21.13 33.48
CA ASP F 178 25.20 20.24 34.50
C ASP F 178 23.68 20.29 34.46
N PRO F 179 23.00 19.23 34.03
CA PRO F 179 21.52 19.29 33.98
C PRO F 179 20.84 19.39 35.34
N GLU F 180 21.54 19.04 36.42
CA GLU F 180 20.98 19.17 37.75
C GLU F 180 20.79 20.64 38.08
N LEU F 181 21.56 21.47 37.41
CA LEU F 181 21.52 22.91 37.62
C LEU F 181 20.38 23.57 36.87
N MET F 182 19.64 22.81 36.05
CA MET F 182 18.56 23.36 35.21
C MET F 182 17.18 22.98 35.69
N VAL F 183 17.10 22.11 36.71
CA VAL F 183 15.81 21.65 37.20
C VAL F 183 14.97 22.81 37.68
N GLY F 184 15.60 23.90 38.13
CA GLY F 184 14.82 24.97 38.67
C GLY F 184 14.22 25.93 37.67
N MET F 185 14.46 25.77 36.36
CA MET F 185 13.81 26.66 35.40
C MET F 185 12.29 26.51 35.49
N PRO F 186 11.56 27.60 35.73
CA PRO F 186 10.10 27.53 35.65
C PRO F 186 9.67 27.24 34.23
N PRO F 187 8.44 26.74 34.03
CA PRO F 187 8.03 26.32 32.69
C PRO F 187 8.18 27.38 31.60
N SER F 188 7.84 28.65 31.87
CA SER F 188 7.95 29.67 30.83
C SER F 188 9.38 29.86 30.37
N LEU F 189 10.33 29.85 31.31
CA LEU F 189 11.74 29.98 30.95
C LEU F 189 12.19 28.74 30.21
N THR F 190 11.75 27.56 30.66
CA THR F 190 12.06 26.32 29.96
C THR F 190 11.58 26.37 28.52
N ALA F 191 10.35 26.85 28.31
CA ALA F 191 9.77 26.93 26.97
C ALA F 191 10.53 27.91 26.10
N ALA F 192 10.85 29.10 26.65
CA ALA F 192 11.51 30.11 25.84
C ALA F 192 12.93 29.67 25.45
N THR F 193 13.70 29.12 26.40
CA THR F 193 15.05 28.67 26.06
C THR F 193 15.00 27.49 25.08
N GLY F 194 14.05 26.56 25.26
CA GLY F 194 13.96 25.45 24.33
C GLY F 194 13.60 25.91 22.92
N LEU F 195 12.74 26.91 22.82
CA LEU F 195 12.41 27.38 21.49
C LEU F 195 13.54 28.22 20.92
N ASP F 196 14.37 28.81 21.78
CA ASP F 196 15.57 29.46 21.26
C ASP F 196 16.53 28.41 20.70
N ALA F 197 16.64 27.25 21.36
CA ALA F 197 17.50 26.21 20.82
C ALA F 197 16.94 25.64 19.51
N LEU F 198 15.61 25.49 19.45
CA LEU F 198 14.99 25.04 18.20
C LEU F 198 15.25 26.03 17.08
N THR F 199 15.17 27.34 17.38
CA THR F 199 15.48 28.34 16.38
C THR F 199 16.93 28.25 15.93
N HIS F 200 17.83 28.03 16.89
CA HIS F 200 19.25 27.88 16.57
C HIS F 200 19.46 26.74 15.58
N ALA F 201 18.84 25.59 15.88
CA ALA F 201 19.05 24.42 15.04
C ALA F 201 18.45 24.62 13.66
N ILE F 202 17.24 25.21 13.58
CA ILE F 202 16.58 25.39 12.29
C ILE F 202 17.35 26.39 11.43
N GLU F 203 17.72 27.55 12.01
CA GLU F 203 18.45 28.53 11.23
C GLU F 203 19.83 28.01 10.83
N ALA F 204 20.45 27.17 11.66
CA ALA F 204 21.72 26.56 11.27
C ALA F 204 21.54 25.59 10.12
N TYR F 205 20.43 24.85 10.12
CA TYR F 205 20.21 23.87 9.07
C TYR F 205 19.97 24.54 7.72
N VAL F 206 19.29 25.69 7.71
CA VAL F 206 18.99 26.38 6.46
C VAL F 206 19.97 27.48 6.12
N SER F 207 20.99 27.66 6.94
CA SER F 207 21.97 28.72 6.74
C SER F 207 22.77 28.49 5.46
N THR F 208 23.23 29.58 4.87
CA THR F 208 24.13 29.47 3.71
C THR F 208 25.50 28.98 4.14
N GLY F 209 25.78 28.95 5.44
CA GLY F 209 27.04 28.51 6.01
C GLY F 209 26.98 27.08 6.54
N ALA F 210 25.96 26.32 6.20
CA ALA F 210 25.85 24.94 6.66
C ALA F 210 26.97 24.09 6.07
N THR F 211 27.39 23.11 6.86
CA THR F 211 28.38 22.10 6.52
C THR F 211 27.76 20.75 6.82
N PRO F 212 28.32 19.64 6.29
CA PRO F 212 27.80 18.32 6.71
C PRO F 212 27.88 18.13 8.22
N ILE F 213 28.86 18.75 8.88
CA ILE F 213 29.00 18.63 10.35
C ILE F 213 27.88 19.39 11.05
N THR F 214 27.71 20.66 10.72
CA THR F 214 26.62 21.42 11.32
C THR F 214 25.28 20.74 11.01
N ASP F 215 25.13 20.19 9.80
CA ASP F 215 23.89 19.49 9.47
C ASP F 215 23.65 18.32 10.42
N ALA F 216 24.67 17.49 10.66
CA ALA F 216 24.51 16.38 11.58
C ALA F 216 24.02 16.88 12.95
N LEU F 217 24.69 17.91 13.47
CA LEU F 217 24.32 18.37 14.81
C LEU F 217 22.91 18.96 14.84
N ALA F 218 22.57 19.78 13.86
CA ALA F 218 21.26 20.43 13.87
C ALA F 218 20.14 19.41 13.73
N ILE F 219 20.32 18.39 12.85
CA ILE F 219 19.28 17.39 12.71
C ILE F 219 19.03 16.68 14.03
N GLN F 220 20.11 16.26 14.70
CA GLN F 220 19.89 15.60 15.98
C GLN F 220 19.19 16.52 16.98
N ALA F 221 19.57 17.81 17.01
CA ALA F 221 18.94 18.75 17.95
C ALA F 221 17.45 18.87 17.70
N ILE F 222 17.06 19.02 16.45
CA ILE F 222 15.64 19.17 16.13
C ILE F 222 14.86 17.94 16.58
N LYS F 223 15.39 16.75 16.29
CA LYS F 223 14.65 15.54 16.67
C LYS F 223 14.48 15.46 18.19
N ILE F 224 15.54 15.82 18.94
CA ILE F 224 15.46 15.70 20.39
C ILE F 224 14.54 16.76 20.97
N ILE F 225 14.64 18.00 20.47
CA ILE F 225 13.77 19.06 21.00
C ILE F 225 12.34 18.68 20.74
N SER F 226 12.06 18.17 19.53
CA SER F 226 10.72 17.78 19.16
C SER F 226 10.15 16.76 20.13
N LYS F 227 11.01 15.91 20.69
CA LYS F 227 10.46 14.90 21.59
C LYS F 227 10.43 15.34 23.04
N TYR F 228 11.44 16.07 23.50
CA TYR F 228 11.60 16.31 24.93
C TYR F 228 11.28 17.71 25.42
N LEU F 229 11.28 18.74 24.56
CA LEU F 229 10.96 20.06 25.08
C LEU F 229 9.56 20.15 25.67
N PRO F 230 8.50 19.64 25.02
CA PRO F 230 7.17 19.70 25.67
C PRO F 230 7.15 18.97 26.98
N ARG F 231 7.95 17.92 27.05
CA ARG F 231 8.00 17.12 28.26
C ARG F 231 8.66 17.89 29.38
N ALA F 232 9.71 18.67 29.05
CA ALA F 232 10.42 19.46 30.05
C ALA F 232 9.60 20.64 30.52
N VAL F 233 8.75 21.16 29.64
CA VAL F 233 7.87 22.26 30.02
C VAL F 233 6.74 21.74 30.90
N ALA F 234 6.28 20.52 30.61
CA ALA F 234 5.16 19.97 31.36
C ALA F 234 5.57 19.56 32.76
N ASN F 235 6.80 19.11 32.94
CA ASN F 235 7.26 18.72 34.27
C ASN F 235 8.75 19.00 34.34
N GLY F 236 9.13 20.07 35.05
CA GLY F 236 10.53 20.41 35.18
C GLY F 236 11.34 19.48 36.06
N LYS F 237 10.70 18.56 36.77
CA LYS F 237 11.41 17.59 37.59
C LYS F 237 11.63 16.27 36.87
N ASP F 238 11.24 16.20 35.60
CA ASP F 238 11.50 15.09 34.67
C ASP F 238 12.97 15.08 34.26
N ILE F 239 13.79 14.22 34.89
CA ILE F 239 15.24 14.26 34.66
C ILE F 239 15.62 13.83 33.26
N GLU F 240 14.96 12.82 32.70
CA GLU F 240 15.29 12.42 31.34
C GLU F 240 15.07 13.59 30.36
N ALA F 241 13.92 14.28 30.47
CA ALA F 241 13.67 15.40 29.58
C ALA F 241 14.72 16.51 29.77
N ARG F 242 15.14 16.77 31.02
CA ARG F 242 16.12 17.82 31.27
C ARG F 242 17.49 17.46 30.68
N GLU F 243 17.89 16.19 30.81
CA GLU F 243 19.17 15.77 30.28
C GLU F 243 19.16 15.79 28.76
N GLN F 244 18.05 15.34 28.16
CA GLN F 244 17.97 15.37 26.71
C GLN F 244 17.95 16.79 26.18
N MET F 245 17.28 17.70 26.90
CA MET F 245 17.30 19.10 26.48
C MET F 245 18.67 19.71 26.66
N ALA F 246 19.41 19.28 27.69
CA ALA F 246 20.78 19.74 27.86
C ALA F 246 21.65 19.30 26.70
N PHE F 247 21.45 18.08 26.21
CA PHE F 247 22.19 17.67 25.01
C PHE F 247 21.75 18.49 23.79
N ALA F 248 20.43 18.65 23.59
CA ALA F 248 19.92 19.32 22.39
C ALA F 248 20.35 20.77 22.32
N GLN F 249 20.35 21.48 23.45
CA GLN F 249 20.79 22.87 23.45
C GLN F 249 22.25 22.96 23.00
N SER F 250 23.09 22.01 23.41
CA SER F 250 24.49 22.02 23.00
C SER F 250 24.64 21.64 21.54
N LEU F 251 23.86 20.67 21.06
CA LEU F 251 23.91 20.33 19.63
C LEU F 251 23.54 21.55 18.79
N ALA F 252 22.47 22.25 19.18
CA ALA F 252 22.02 23.41 18.41
C ALA F 252 23.04 24.54 18.49
N GLY F 253 23.68 24.73 19.66
CA GLY F 253 24.73 25.72 19.78
C GLY F 253 25.93 25.41 18.90
N MET F 254 26.40 24.16 18.96
CA MET F 254 27.51 23.74 18.12
C MET F 254 27.19 23.93 16.65
N ALA F 255 25.93 23.70 16.26
CA ALA F 255 25.58 23.82 14.86
C ALA F 255 25.57 25.28 14.42
N PHE F 256 24.83 26.15 15.13
CA PHE F 256 24.71 27.53 14.65
C PHE F 256 26.01 28.28 14.83
N ASN F 257 26.81 27.92 15.84
CA ASN F 257 28.09 28.58 16.04
C ASN F 257 28.97 28.49 14.81
N ASN F 258 28.87 27.42 14.06
CA ASN F 258 29.76 27.21 12.94
C ASN F 258 29.07 27.28 11.59
N ALA F 259 27.73 27.31 11.57
CA ALA F 259 26.98 27.47 10.33
C ALA F 259 26.42 28.88 10.16
N GLY F 260 26.07 29.53 11.24
CA GLY F 260 25.43 30.84 11.19
C GLY F 260 23.96 30.76 11.56
N LEU F 261 23.38 31.95 11.74
CA LEU F 261 21.97 32.03 12.05
C LEU F 261 21.27 32.68 10.86
N GLY F 262 20.23 33.46 11.11
CA GLY F 262 19.49 34.10 10.04
C GLY F 262 18.65 35.25 10.52
N TYR F 263 17.59 35.53 9.78
CA TYR F 263 16.81 36.73 10.05
C TYR F 263 15.89 36.60 11.25
N VAL F 264 15.65 35.39 11.75
CA VAL F 264 14.92 35.26 13.01
C VAL F 264 15.69 35.99 14.11
N HIS F 265 16.98 35.68 14.23
CA HIS F 265 17.78 36.31 15.26
C HIS F 265 18.05 37.77 14.95
N ALA F 266 18.27 38.11 13.68
CA ALA F 266 18.51 39.50 13.33
C ALA F 266 17.33 40.40 13.74
N ILE F 267 16.09 39.94 13.52
CA ILE F 267 14.94 40.76 13.90
C ILE F 267 14.65 40.65 15.41
N ALA F 268 14.84 39.46 15.99
CA ALA F 268 14.60 39.27 17.40
C ALA F 268 15.51 40.16 18.26
N HIS F 269 16.77 40.36 17.82
CA HIS F 269 17.67 41.20 18.60
C HIS F 269 17.18 42.64 18.64
N GLN F 270 16.48 43.09 17.60
CA GLN F 270 15.99 44.46 17.63
C GLN F 270 14.75 44.58 18.50
N LEU F 271 13.84 43.60 18.42
CA LEU F 271 12.69 43.66 19.32
C LEU F 271 13.12 43.53 20.78
N GLY F 272 14.19 42.78 21.05
CA GLY F 272 14.67 42.66 22.41
C GLY F 272 15.42 43.89 22.89
N GLY F 273 16.15 44.57 21.99
CA GLY F 273 16.77 45.82 22.37
C GLY F 273 15.77 46.96 22.55
N PHE F 274 14.61 46.87 21.89
CA PHE F 274 13.61 47.94 22.02
C PHE F 274 12.64 47.73 23.18
N TYR F 275 12.20 46.51 23.41
CA TYR F 275 11.12 46.28 24.36
C TYR F 275 11.49 45.29 25.44
N ASN F 276 12.73 44.82 25.47
CA ASN F 276 13.20 43.90 26.50
C ASN F 276 12.34 42.64 26.60
N PHE F 277 11.79 42.19 25.48
CA PHE F 277 11.08 40.92 25.49
C PHE F 277 12.09 39.79 25.71
N PRO F 278 11.62 38.63 26.19
CA PRO F 278 12.50 37.46 26.29
C PRO F 278 12.98 36.99 24.92
N HIS F 279 14.28 36.70 24.82
CA HIS F 279 14.87 36.32 23.55
C HIS F 279 14.14 35.14 22.91
N GLY F 280 13.88 34.09 23.69
CA GLY F 280 13.24 32.93 23.14
C GLY F 280 11.81 33.17 22.71
N VAL F 281 11.11 34.07 23.39
CA VAL F 281 9.74 34.38 22.99
C VAL F 281 9.74 35.12 21.66
N CYS F 282 10.69 36.04 21.47
CA CYS F 282 10.83 36.72 20.19
C CYS F 282 11.12 35.71 19.09
N ASN F 283 12.05 34.79 19.35
CA ASN F 283 12.34 33.78 18.33
C ASN F 283 11.10 32.97 18.01
N ALA F 284 10.33 32.59 19.05
CA ALA F 284 9.18 31.74 18.82
C ALA F 284 8.10 32.47 18.04
N VAL F 285 7.92 33.76 18.31
CA VAL F 285 6.92 34.53 17.56
C VAL F 285 7.32 34.66 16.10
N LEU F 286 8.61 34.91 15.83
CA LEU F 286 9.06 35.23 14.48
C LEU F 286 9.30 34.00 13.62
N LEU F 287 9.72 32.88 14.22
CA LEU F 287 10.15 31.70 13.49
C LEU F 287 9.21 31.29 12.36
N PRO F 288 7.90 31.13 12.57
CA PRO F 288 7.04 30.74 11.43
C PRO F 288 7.06 31.75 10.28
N TYR F 289 7.16 33.05 10.60
CA TYR F 289 7.12 34.06 9.53
C TYR F 289 8.41 34.07 8.73
N VAL F 290 9.55 33.96 9.41
CA VAL F 290 10.80 33.96 8.67
C VAL F 290 10.94 32.66 7.90
N CYS F 291 10.44 31.56 8.45
CA CYS F 291 10.44 30.31 7.72
C CYS F 291 9.59 30.42 6.47
N ARG F 292 8.42 31.04 6.58
CA ARG F 292 7.57 31.23 5.41
C ARG F 292 8.32 32.04 4.35
N PHE F 293 8.99 33.12 4.78
CA PHE F 293 9.79 33.96 3.87
C PHE F 293 10.92 33.18 3.20
N ASN F 294 11.59 32.29 3.94
CA ASN F 294 12.75 31.57 3.44
C ASN F 294 12.39 30.34 2.61
N LEU F 295 11.11 29.95 2.56
CA LEU F 295 10.73 28.66 1.98
C LEU F 295 11.30 28.44 0.59
N ILE F 296 11.16 29.44 -0.30
CA ILE F 296 11.60 29.20 -1.66
C ILE F 296 13.12 29.01 -1.76
N SER F 297 13.89 29.40 -0.74
CA SER F 297 15.34 29.22 -0.85
C SER F 297 15.80 27.86 -0.34
N LYS F 298 15.07 27.25 0.60
CA LYS F 298 15.49 25.99 1.20
C LYS F 298 14.30 25.06 1.42
N VAL F 299 13.51 24.83 0.37
CA VAL F 299 12.26 24.08 0.51
C VAL F 299 12.53 22.60 0.84
N GLU F 300 13.62 22.05 0.34
CA GLU F 300 13.97 20.65 0.61
C GLU F 300 14.32 20.44 2.06
N ARG F 301 15.02 21.41 2.64
CA ARG F 301 15.44 21.28 4.02
C ARG F 301 14.30 21.55 5.00
N TYR F 302 13.37 22.42 4.62
CA TYR F 302 12.19 22.60 5.47
C TYR F 302 11.28 21.37 5.43
N ALA F 303 11.21 20.69 4.28
CA ALA F 303 10.46 19.43 4.23
C ALA F 303 11.10 18.38 5.12
N GLU F 304 12.44 18.33 5.12
CA GLU F 304 13.12 17.41 6.03
C GLU F 304 12.87 17.79 7.49
N ILE F 305 12.83 19.09 7.78
CA ILE F 305 12.55 19.53 9.14
C ILE F 305 11.17 19.05 9.57
N ALA F 306 10.22 19.07 8.63
CA ALA F 306 8.87 18.57 8.91
C ALA F 306 8.94 17.12 9.35
N ALA F 307 9.80 16.35 8.70
CA ALA F 307 9.96 14.96 9.14
C ALA F 307 10.65 14.88 10.52
N PHE F 308 11.67 15.68 10.75
CA PHE F 308 12.34 15.71 12.06
C PHE F 308 11.39 16.06 13.20
N LEU F 309 10.36 16.83 12.92
CA LEU F 309 9.42 17.27 13.94
C LEU F 309 8.27 16.28 14.14
N GLY F 310 8.34 15.10 13.54
CA GLY F 310 7.37 14.05 13.75
C GLY F 310 6.22 14.01 12.77
N GLU F 311 6.20 14.88 11.77
CA GLU F 311 5.09 14.97 10.83
C GLU F 311 5.19 13.86 9.78
N ASN F 312 4.03 13.44 9.29
CA ASN F 312 3.95 12.47 8.20
C ASN F 312 3.93 13.17 6.85
N VAL F 313 4.85 12.82 5.95
CA VAL F 313 4.89 13.57 4.71
C VAL F 313 4.62 12.67 3.50
N ASP F 314 4.06 11.48 3.72
CA ASP F 314 3.88 10.54 2.62
C ASP F 314 2.85 11.03 1.62
N GLY F 315 3.20 10.96 0.34
CA GLY F 315 2.31 11.35 -0.72
C GLY F 315 2.20 12.83 -0.90
N LEU F 316 3.15 13.60 -0.37
CA LEU F 316 3.13 15.04 -0.42
C LEU F 316 4.32 15.54 -1.25
N SER F 317 4.11 16.66 -1.92
CA SER F 317 5.20 17.36 -2.57
C SER F 317 6.15 17.94 -1.51
N THR F 318 7.38 18.24 -1.93
CA THR F 318 8.31 18.90 -1.02
C THR F 318 7.71 20.18 -0.46
N TYR F 319 6.92 20.88 -1.26
CA TYR F 319 6.32 22.13 -0.84
C TYR F 319 5.28 21.91 0.27
N ASP F 320 4.41 20.92 0.10
CA ASP F 320 3.40 20.66 1.13
C ASP F 320 4.03 20.18 2.44
N ALA F 321 5.14 19.41 2.34
CA ALA F 321 5.85 18.97 3.54
C ALA F 321 6.52 20.12 4.26
N ALA F 322 7.14 21.05 3.51
CA ALA F 322 7.72 22.22 4.15
C ALA F 322 6.64 23.06 4.84
N GLU F 323 5.45 23.10 4.25
CA GLU F 323 4.42 23.86 4.91
C GLU F 323 3.99 23.15 6.19
N LYS F 324 3.99 21.82 6.17
CA LYS F 324 3.69 21.09 7.39
C LYS F 324 4.73 21.35 8.47
N ALA F 325 5.96 21.70 8.07
CA ALA F 325 6.97 22.02 9.08
C ALA F 325 6.65 23.31 9.79
N ILE F 326 6.25 24.33 9.03
CA ILE F 326 5.85 25.57 9.67
C ILE F 326 4.63 25.34 10.56
N LYS F 327 3.69 24.51 10.09
CA LYS F 327 2.50 24.27 10.89
C LYS F 327 2.87 23.59 12.20
N ALA F 328 3.86 22.69 12.17
CA ALA F 328 4.27 22.01 13.40
C ALA F 328 4.98 22.96 14.36
N ILE F 329 5.79 23.89 13.82
CA ILE F 329 6.42 24.88 14.69
C ILE F 329 5.37 25.74 15.37
N GLU F 330 4.34 26.14 14.61
CA GLU F 330 3.27 26.96 15.20
C GLU F 330 2.53 26.19 16.29
N ARG F 331 2.30 24.88 16.06
CA ARG F 331 1.58 24.09 17.06
C ARG F 331 2.40 23.98 18.34
N MET F 332 3.72 23.86 18.20
CA MET F 332 4.55 23.70 19.39
C MET F 332 4.54 25.01 20.18
N ALA F 333 4.65 26.14 19.48
CA ALA F 333 4.66 27.43 20.15
C ALA F 333 3.33 27.64 20.87
N LYS F 334 2.23 27.15 20.29
CA LYS F 334 0.93 27.33 20.89
C LYS F 334 0.79 26.45 22.12
N ASP F 335 1.43 25.28 22.08
CA ASP F 335 1.31 24.35 23.19
C ASP F 335 2.21 24.78 24.35
N LEU F 336 3.21 25.62 24.10
CA LEU F 336 4.07 26.15 25.15
C LEU F 336 3.70 27.59 25.52
N ASN F 337 2.50 28.03 25.17
CA ASN F 337 1.95 29.35 25.53
C ASN F 337 2.83 30.52 25.07
N ILE F 338 3.28 30.45 23.82
CA ILE F 338 4.00 31.60 23.30
C ILE F 338 2.99 32.54 22.66
N PRO F 339 3.06 33.85 22.94
CA PRO F 339 2.16 34.81 22.31
C PRO F 339 2.15 34.68 20.79
N LYS F 340 0.99 34.92 20.18
CA LYS F 340 0.88 34.78 18.72
C LYS F 340 1.65 35.90 18.02
N GLY F 341 1.68 37.10 18.61
CA GLY F 341 2.37 38.21 17.99
C GLY F 341 2.92 39.20 19.00
N PHE F 342 3.44 40.30 18.49
CA PHE F 342 4.15 41.32 19.27
C PHE F 342 3.32 42.49 19.78
N LYS F 343 2.14 42.76 19.21
CA LYS F 343 1.37 43.91 19.64
C LYS F 343 0.90 43.83 21.09
N GLU F 344 0.30 42.71 21.50
CA GLU F 344 -0.17 42.57 22.89
C GLU F 344 0.91 42.66 23.94
N LEU F 345 2.18 42.53 23.57
CA LEU F 345 3.27 42.65 24.51
C LEU F 345 3.76 44.08 24.69
N GLY F 346 3.45 44.99 23.77
CA GLY F 346 3.79 46.38 23.98
C GLY F 346 4.58 46.97 22.85
N ALA F 347 4.72 46.21 21.77
CA ALA F 347 5.47 46.67 20.62
C ALA F 347 4.66 47.77 19.94
N LYS F 348 5.36 48.73 19.31
CA LYS F 348 4.66 49.86 18.74
C LYS F 348 4.89 49.89 17.23
N GLU F 349 3.86 50.27 16.49
CA GLU F 349 3.98 50.27 15.03
C GLU F 349 4.98 51.31 14.55
N GLU F 350 5.10 52.41 15.30
CA GLU F 350 5.92 53.54 14.90
C GLU F 350 7.39 53.22 14.93
N ASP F 351 7.76 52.04 15.40
CA ASP F 351 9.13 51.58 15.53
C ASP F 351 9.55 50.63 14.42
N ILE F 352 8.61 50.09 13.64
CA ILE F 352 8.91 49.03 12.68
C ILE F 352 10.05 49.41 11.72
N GLU F 353 9.98 50.60 11.14
CA GLU F 353 10.98 50.95 10.14
C GLU F 353 12.38 50.93 10.71
N THR F 354 12.54 51.48 11.92
CA THR F 354 13.86 51.44 12.52
C THR F 354 14.27 50.01 12.84
N LEU F 355 13.35 49.22 13.39
CA LEU F 355 13.66 47.83 13.70
C LEU F 355 14.18 47.11 12.46
N ALA F 356 13.48 47.24 11.33
CA ALA F 356 13.93 46.51 10.14
C ALA F 356 15.32 46.97 9.72
N LYS F 357 15.55 48.28 9.81
CA LYS F 357 16.85 48.81 9.40
C LYS F 357 17.95 48.21 10.25
N ASN F 358 17.72 48.11 11.57
CA ASN F 358 18.77 47.57 12.41
C ASN F 358 18.95 46.07 12.20
N ALA F 359 17.89 45.35 11.84
CA ALA F 359 18.05 43.92 11.60
C ALA F 359 18.99 43.61 10.43
N MET F 360 18.99 44.45 9.37
CA MET F 360 19.85 44.20 8.23
C MET F 360 21.30 44.51 8.52
N LYS F 361 21.57 45.05 9.70
CA LYS F 361 22.89 45.40 10.19
C LYS F 361 23.42 44.38 11.19
N ASP F 362 22.57 43.43 11.61
CA ASP F 362 22.97 42.34 12.50
C ASP F 362 23.82 41.35 11.69
N ALA F 363 24.80 40.76 12.36
CA ALA F 363 25.68 39.83 11.65
C ALA F 363 24.92 38.55 11.30
N CYS F 364 23.91 38.19 12.10
CA CYS F 364 23.12 37.00 11.86
C CYS F 364 22.39 37.04 10.53
N ALA F 365 22.12 38.24 10.01
CA ALA F 365 21.45 38.33 8.73
C ALA F 365 22.33 37.92 7.56
N LEU F 366 23.64 37.90 7.74
CA LEU F 366 24.52 37.61 6.61
C LEU F 366 24.36 36.19 6.07
N THR F 367 23.92 35.24 6.89
CA THR F 367 23.83 33.84 6.48
C THR F 367 22.41 33.37 6.18
N ASN F 368 21.41 34.25 6.27
CA ASN F 368 20.05 33.89 5.93
C ASN F 368 19.97 33.42 4.48
N PRO F 369 19.27 32.32 4.19
CA PRO F 369 19.28 31.78 2.83
C PRO F 369 18.60 32.67 1.81
N ARG F 370 17.60 33.46 2.21
CA ARG F 370 16.97 34.42 1.31
C ARG F 370 17.45 35.82 1.66
N LYS F 371 17.92 36.56 0.66
CA LYS F 371 18.44 37.90 0.86
C LYS F 371 17.32 38.90 0.64
N PRO F 372 16.86 39.60 1.67
CA PRO F 372 15.70 40.49 1.53
C PRO F 372 16.09 41.92 1.17
N LYS F 373 15.09 42.71 0.84
CA LYS F 373 15.23 44.16 0.80
C LYS F 373 14.45 44.73 1.97
N LEU F 374 14.78 45.97 2.32
CA LEU F 374 14.25 46.56 3.53
C LEU F 374 12.73 46.36 3.63
N GLU F 375 12.01 46.56 2.53
CA GLU F 375 10.55 46.44 2.56
C GLU F 375 10.11 45.04 3.00
N GLU F 376 10.85 44.00 2.62
CA GLU F 376 10.45 42.65 2.98
C GLU F 376 10.70 42.37 4.46
N VAL F 377 11.78 42.93 5.01
CA VAL F 377 12.02 42.82 6.45
C VAL F 377 10.89 43.51 7.21
N ILE F 378 10.43 44.65 6.67
CA ILE F 378 9.29 45.37 7.25
C ILE F 378 8.04 44.52 7.23
N GLN F 379 7.79 43.86 6.09
CA GLN F 379 6.60 43.03 6.01
C GLN F 379 6.65 41.90 7.03
N ILE F 380 7.83 41.32 7.22
CA ILE F 380 7.98 40.27 8.22
C ILE F 380 7.63 40.81 9.61
N ILE F 381 8.16 42.00 9.96
CA ILE F 381 7.88 42.51 11.29
C ILE F 381 6.40 42.87 11.44
N LYS F 382 5.80 43.43 10.39
CA LYS F 382 4.38 43.77 10.47
C LYS F 382 3.51 42.54 10.58
N ASN F 383 3.88 41.47 9.86
CA ASN F 383 3.15 40.22 9.97
C ASN F 383 3.26 39.66 11.38
N ALA F 384 4.38 39.90 12.04
CA ALA F 384 4.48 39.37 13.40
C ALA F 384 3.77 40.25 14.42
N MET F 385 3.23 41.40 14.01
CA MET F 385 2.47 42.23 14.93
C MET F 385 1.07 41.65 15.22
N LEU F 386 0.33 41.28 14.16
CA LEU F 386 -0.99 40.58 14.21
C LEU F 386 -1.55 40.27 15.61
N ASN G 3 -36.86 -15.98 -23.99
CA ASN G 3 -35.88 -16.18 -25.06
C ASN G 3 -34.47 -15.81 -24.81
N THR G 4 -33.51 -16.70 -24.86
CA THR G 4 -32.14 -16.23 -24.80
C THR G 4 -31.59 -15.88 -26.19
N GLN G 5 -32.46 -15.63 -27.18
CA GLN G 5 -32.03 -15.35 -28.55
C GLN G 5 -31.73 -13.87 -28.76
N SER G 6 -30.76 -13.62 -29.65
CA SER G 6 -30.36 -12.27 -30.04
C SER G 6 -29.83 -12.32 -31.46
N ALA G 7 -29.59 -11.14 -32.03
CA ALA G 7 -29.10 -11.08 -33.40
C ALA G 7 -28.20 -9.87 -33.56
N PHE G 8 -27.24 -9.98 -34.47
CA PHE G 8 -26.32 -8.90 -34.77
C PHE G 8 -26.47 -8.53 -36.24
N PHE G 9 -26.77 -7.26 -36.51
CA PHE G 9 -27.06 -6.75 -37.85
C PHE G 9 -26.04 -5.67 -38.21
N MET G 10 -25.57 -5.70 -39.46
CA MET G 10 -24.56 -4.74 -39.94
C MET G 10 -24.40 -4.92 -41.45
N PRO G 11 -24.01 -3.88 -42.20
CA PRO G 11 -23.71 -4.08 -43.62
C PRO G 11 -22.57 -5.07 -43.79
N SER G 12 -22.69 -5.88 -44.84
CA SER G 12 -21.71 -6.93 -45.11
C SER G 12 -20.34 -6.37 -45.44
N VAL G 13 -20.24 -5.16 -45.99
CA VAL G 13 -18.95 -4.54 -46.31
C VAL G 13 -18.91 -3.14 -45.74
N ASN G 14 -17.85 -2.86 -44.97
CA ASN G 14 -17.65 -1.59 -44.28
C ASN G 14 -16.22 -1.14 -44.49
N LEU G 15 -16.04 -0.01 -45.18
CA LEU G 15 -14.74 0.53 -45.53
C LEU G 15 -14.28 1.60 -44.53
N PHE G 16 -13.00 1.56 -44.16
CA PHE G 16 -12.40 2.49 -43.21
C PHE G 16 -11.08 3.03 -43.76
N GLY G 17 -10.66 4.17 -43.23
CA GLY G 17 -9.34 4.66 -43.52
C GLY G 17 -9.36 5.85 -44.46
N ALA G 18 -8.26 6.60 -44.45
CA ALA G 18 -8.12 7.77 -45.30
C ALA G 18 -8.15 7.35 -46.77
N GLY G 19 -9.07 7.93 -47.53
CA GLY G 19 -9.16 7.65 -48.95
C GLY G 19 -10.14 6.56 -49.32
N SER G 20 -10.82 5.95 -48.34
CA SER G 20 -11.74 4.86 -48.65
C SER G 20 -12.88 5.29 -49.56
N VAL G 21 -13.23 6.59 -49.57
CA VAL G 21 -14.33 7.07 -50.39
C VAL G 21 -14.04 6.95 -51.88
N ASN G 22 -12.76 6.89 -52.25
CA ASN G 22 -12.36 6.75 -53.65
C ASN G 22 -12.77 5.43 -54.27
N GLU G 23 -13.44 4.55 -53.53
CA GLU G 23 -13.91 3.29 -54.08
C GLU G 23 -15.39 3.29 -54.39
N VAL G 24 -16.11 4.37 -54.03
CA VAL G 24 -17.57 4.37 -54.13
C VAL G 24 -18.07 3.97 -55.52
N GLY G 25 -17.39 4.46 -56.55
CA GLY G 25 -17.83 4.15 -57.91
C GLY G 25 -17.69 2.68 -58.19
N THR G 26 -16.49 2.15 -57.97
CA THR G 26 -16.26 0.75 -58.31
C THR G 26 -17.18 -0.15 -57.52
N ARG G 27 -17.36 0.12 -56.22
CA ARG G 27 -18.20 -0.81 -55.47
C ARG G 27 -19.63 -0.77 -55.99
N LEU G 28 -20.10 0.43 -56.38
CA LEU G 28 -21.42 0.52 -56.97
C LEU G 28 -21.51 -0.31 -58.25
N ALA G 29 -20.45 -0.32 -59.06
CA ALA G 29 -20.49 -1.13 -60.27
C ALA G 29 -20.59 -2.62 -59.94
N ASP G 30 -19.89 -3.08 -58.88
CA ASP G 30 -20.01 -4.49 -58.54
C ASP G 30 -21.44 -4.85 -58.14
N LEU G 31 -22.21 -3.88 -57.64
CA LEU G 31 -23.59 -4.17 -57.28
C LEU G 31 -24.47 -4.31 -58.50
N GLY G 32 -24.00 -3.83 -59.65
CA GLY G 32 -24.73 -3.91 -60.90
C GLY G 32 -25.79 -2.86 -60.98
N VAL G 33 -25.61 -1.77 -60.22
CA VAL G 33 -26.56 -0.68 -60.22
C VAL G 33 -26.18 0.27 -61.36
N LYS G 34 -27.13 1.13 -61.72
CA LYS G 34 -26.87 1.98 -62.87
C LYS G 34 -27.01 3.46 -62.58
N LYS G 35 -28.02 3.87 -61.83
CA LYS G 35 -28.18 5.29 -61.55
C LYS G 35 -28.55 5.50 -60.08
N ALA G 36 -27.82 6.37 -59.38
CA ALA G 36 -28.04 6.57 -57.95
C ALA G 36 -28.38 8.02 -57.59
N LEU G 37 -29.28 8.17 -56.61
CA LEU G 37 -29.62 9.47 -56.04
C LEU G 37 -28.65 9.81 -54.90
N LEU G 38 -27.91 10.91 -55.06
CA LEU G 38 -26.98 11.38 -54.04
C LEU G 38 -27.74 12.24 -53.03
N VAL G 39 -28.00 11.69 -51.86
CA VAL G 39 -28.74 12.37 -50.80
C VAL G 39 -27.74 13.03 -49.87
N THR G 40 -27.78 14.36 -49.78
CA THR G 40 -26.88 15.10 -48.90
C THR G 40 -27.62 16.33 -48.36
N ASP G 41 -26.90 17.16 -47.62
CA ASP G 41 -27.39 18.41 -47.04
C ASP G 41 -26.84 19.65 -47.74
N ALA G 42 -27.44 20.80 -47.37
CA ALA G 42 -27.10 22.05 -48.06
C ALA G 42 -25.68 22.52 -47.80
N GLY G 43 -25.13 22.29 -46.62
CA GLY G 43 -23.79 22.76 -46.34
C GLY G 43 -22.72 22.08 -47.18
N LEU G 44 -22.74 20.74 -47.23
CA LEU G 44 -21.71 20.07 -48.01
C LEU G 44 -21.87 20.29 -49.50
N HIS G 45 -23.10 20.46 -49.97
CA HIS G 45 -23.31 20.78 -51.38
C HIS G 45 -22.79 22.17 -51.72
N GLY G 46 -23.02 23.18 -50.86
CA GLY G 46 -22.44 24.49 -51.13
C GLY G 46 -20.94 24.55 -50.97
N LEU G 47 -20.35 23.62 -50.22
CA LEU G 47 -18.90 23.54 -50.12
C LEU G 47 -18.29 22.72 -51.26
N GLY G 48 -19.11 22.05 -52.07
CA GLY G 48 -18.62 21.34 -53.23
C GLY G 48 -18.38 19.84 -53.08
N LEU G 49 -18.58 19.25 -51.90
CA LEU G 49 -18.27 17.83 -51.72
C LEU G 49 -19.18 16.92 -52.56
N SER G 50 -20.45 17.32 -52.70
CA SER G 50 -21.40 16.54 -53.49
C SER G 50 -20.87 16.29 -54.90
N GLU G 51 -20.29 17.31 -55.54
CA GLU G 51 -19.86 17.14 -56.92
C GLU G 51 -18.59 16.28 -56.97
N LYS G 52 -17.64 16.53 -56.08
CA LYS G 52 -16.41 15.73 -55.99
C LYS G 52 -16.74 14.23 -55.91
N ILE G 53 -17.69 13.91 -55.04
CA ILE G 53 -18.03 12.52 -54.81
C ILE G 53 -18.75 11.97 -56.04
N SER G 54 -19.65 12.80 -56.62
CA SER G 54 -20.36 12.44 -57.84
C SER G 54 -19.37 12.08 -58.94
N SER G 55 -18.27 12.83 -59.02
CA SER G 55 -17.21 12.55 -59.98
C SER G 55 -16.62 11.17 -59.77
N ILE G 56 -16.26 10.81 -58.53
CA ILE G 56 -15.73 9.46 -58.34
C ILE G 56 -16.77 8.41 -58.77
N ILE G 57 -18.05 8.69 -58.54
CA ILE G 57 -19.08 7.72 -58.92
C ILE G 57 -19.19 7.62 -60.44
N ARG G 58 -19.25 8.75 -61.14
CA ARG G 58 -19.39 8.76 -62.59
C ARG G 58 -18.16 8.20 -63.30
N ALA G 59 -16.97 8.38 -62.74
CA ALA G 59 -15.79 7.84 -63.38
C ALA G 59 -15.75 6.31 -63.35
N ALA G 60 -16.80 5.66 -62.84
CA ALA G 60 -16.92 4.21 -62.85
C ALA G 60 -18.14 3.70 -63.61
N GLY G 61 -18.84 4.56 -64.33
CA GLY G 61 -19.96 4.12 -65.15
C GLY G 61 -21.33 4.13 -64.51
N VAL G 62 -21.49 4.82 -63.38
CA VAL G 62 -22.79 4.97 -62.72
C VAL G 62 -23.24 6.42 -62.82
N GLU G 63 -24.52 6.64 -63.15
CA GLU G 63 -25.03 8.00 -63.22
C GLU G 63 -25.47 8.44 -61.85
N VAL G 64 -25.41 9.75 -61.64
CA VAL G 64 -25.75 10.32 -60.34
C VAL G 64 -26.59 11.56 -60.54
N SER G 65 -27.65 11.69 -59.76
CA SER G 65 -28.44 12.90 -59.66
C SER G 65 -28.47 13.32 -58.20
N ILE G 66 -28.02 14.53 -57.90
CA ILE G 66 -27.86 15.00 -56.52
C ILE G 66 -29.17 15.56 -55.97
N PHE G 67 -29.53 15.12 -54.75
CA PHE G 67 -30.64 15.66 -53.97
C PHE G 67 -30.08 16.24 -52.67
N PRO G 68 -29.61 17.49 -52.73
CA PRO G 68 -28.94 18.07 -51.56
C PRO G 68 -29.77 18.89 -50.57
N LYS G 69 -30.99 18.51 -50.21
CA LYS G 69 -31.81 19.40 -49.38
C LYS G 69 -32.19 18.78 -48.02
N ALA G 70 -31.45 17.76 -47.57
CA ALA G 70 -31.67 17.20 -46.23
C ALA G 70 -31.14 18.16 -45.17
N GLU G 71 -31.98 18.42 -44.16
CA GLU G 71 -31.71 19.42 -43.12
C GLU G 71 -31.31 18.76 -41.83
N PRO G 72 -30.45 19.41 -41.05
CA PRO G 72 -30.18 18.89 -39.70
C PRO G 72 -31.55 18.70 -39.08
N ASN G 73 -31.76 17.52 -38.48
CA ASN G 73 -33.06 17.02 -38.02
C ASN G 73 -33.98 16.84 -39.22
N PRO G 74 -33.70 15.82 -40.05
CA PRO G 74 -34.46 15.60 -41.28
C PRO G 74 -35.96 15.50 -41.01
N THR G 75 -36.74 15.95 -41.99
CA THR G 75 -38.19 16.02 -41.89
C THR G 75 -38.85 15.08 -42.90
N ASP G 76 -40.14 14.81 -42.68
CA ASP G 76 -40.92 14.01 -43.62
C ASP G 76 -40.96 14.67 -44.99
N LYS G 77 -40.95 16.00 -45.02
CA LYS G 77 -40.97 16.73 -46.27
C LYS G 77 -39.72 16.46 -47.08
N ASN G 78 -38.58 16.39 -46.39
CA ASN G 78 -37.34 16.05 -47.05
C ASN G 78 -37.47 14.69 -47.76
N VAL G 79 -38.11 13.72 -47.09
CA VAL G 79 -38.29 12.38 -47.66
C VAL G 79 -39.25 12.41 -48.84
N ALA G 80 -40.30 13.22 -48.73
CA ALA G 80 -41.26 13.32 -49.82
C ALA G 80 -40.55 13.75 -51.08
N GLU G 81 -39.89 14.90 -50.99
CA GLU G 81 -39.19 15.43 -52.15
C GLU G 81 -38.16 14.44 -52.66
N GLY G 82 -37.45 13.78 -51.76
CA GLY G 82 -36.47 12.82 -52.17
C GLY G 82 -37.01 11.73 -53.05
N LEU G 83 -38.04 11.01 -52.57
CA LEU G 83 -38.66 9.96 -53.39
C LEU G 83 -39.09 10.54 -54.73
N GLU G 84 -39.68 11.75 -54.69
CA GLU G 84 -40.10 12.43 -55.90
C GLU G 84 -38.97 12.36 -56.92
N ALA G 85 -37.82 12.89 -56.52
CA ALA G 85 -36.65 12.94 -57.38
C ALA G 85 -36.23 11.53 -57.78
N TYR G 86 -36.13 10.62 -56.81
CA TYR G 86 -35.69 9.24 -57.05
C TYR G 86 -36.43 8.60 -58.22
N ASN G 87 -37.75 8.80 -58.26
CA ASN G 87 -38.61 8.17 -59.27
C ASN G 87 -38.69 8.99 -60.55
N ALA G 88 -38.43 10.29 -60.45
CA ALA G 88 -38.43 11.17 -61.62
C ALA G 88 -37.14 11.03 -62.39
N GLU G 89 -36.04 10.89 -61.67
CA GLU G 89 -34.71 10.74 -62.21
C GLU G 89 -34.33 9.31 -62.57
N ASN G 90 -35.24 8.37 -62.38
CA ASN G 90 -35.07 6.97 -62.78
C ASN G 90 -33.81 6.35 -62.19
N CYS G 91 -33.69 6.39 -60.87
CA CYS G 91 -32.54 5.80 -60.17
C CYS G 91 -32.84 4.37 -59.71
N ASP G 92 -31.80 3.55 -59.63
CA ASP G 92 -31.93 2.20 -59.10
C ASP G 92 -31.15 2.01 -57.81
N SER G 93 -30.46 3.06 -57.31
CA SER G 93 -29.73 2.96 -56.05
C SER G 93 -29.68 4.33 -55.37
N ILE G 94 -29.20 4.33 -54.11
CA ILE G 94 -29.08 5.57 -53.35
C ILE G 94 -27.69 5.65 -52.72
N VAL G 95 -27.08 6.83 -52.78
CA VAL G 95 -25.82 7.11 -52.09
C VAL G 95 -26.03 8.29 -51.14
N THR G 96 -25.85 8.05 -49.84
CA THR G 96 -25.96 9.07 -48.81
C THR G 96 -24.57 9.65 -48.51
N LEU G 97 -24.47 10.98 -48.44
CA LEU G 97 -23.19 11.62 -48.15
C LEU G 97 -23.37 12.66 -47.07
N GLY G 98 -22.76 12.43 -45.90
CA GLY G 98 -22.85 13.39 -44.82
C GLY G 98 -22.94 12.80 -43.42
N GLY G 99 -23.70 13.49 -42.59
CA GLY G 99 -23.92 13.09 -41.22
C GLY G 99 -25.22 12.30 -41.09
N GLY G 100 -25.72 12.23 -39.86
CA GLY G 100 -26.89 11.40 -39.61
C GLY G 100 -28.11 11.84 -40.41
N SER G 101 -28.23 13.13 -40.70
CA SER G 101 -29.38 13.58 -41.48
C SER G 101 -29.40 13.00 -42.89
N SER G 102 -28.23 12.93 -43.54
CA SER G 102 -28.21 12.40 -44.91
C SER G 102 -28.45 10.90 -44.90
N HIS G 103 -27.86 10.18 -43.96
CA HIS G 103 -28.08 8.74 -43.86
C HIS G 103 -29.55 8.46 -43.59
N ASP G 104 -30.16 9.19 -42.65
CA ASP G 104 -31.54 8.91 -42.30
C ASP G 104 -32.50 9.27 -43.44
N ALA G 105 -32.25 10.39 -44.12
CA ALA G 105 -33.06 10.76 -45.27
C ALA G 105 -32.95 9.67 -46.34
N GLY G 106 -31.73 9.27 -46.69
CA GLY G 106 -31.57 8.24 -47.71
C GLY G 106 -32.19 6.92 -47.31
N LYS G 107 -32.03 6.49 -46.05
CA LYS G 107 -32.68 5.26 -45.61
C LYS G 107 -34.19 5.35 -45.75
N ALA G 108 -34.77 6.49 -45.35
CA ALA G 108 -36.21 6.60 -45.43
C ALA G 108 -36.70 6.55 -46.88
N ILE G 109 -36.06 7.33 -47.76
CA ILE G 109 -36.38 7.30 -49.19
C ILE G 109 -36.22 5.90 -49.77
N ALA G 110 -35.15 5.21 -49.43
CA ALA G 110 -34.91 3.89 -50.00
C ALA G 110 -35.98 2.91 -49.53
N LEU G 111 -36.41 3.06 -48.28
CA LEU G 111 -37.47 2.20 -47.76
C LEU G 111 -38.81 2.49 -48.44
N VAL G 112 -39.20 3.76 -48.54
CA VAL G 112 -40.49 4.07 -49.18
C VAL G 112 -40.49 3.70 -50.66
N ALA G 113 -39.34 3.80 -51.32
CA ALA G 113 -39.23 3.40 -52.72
C ALA G 113 -39.42 1.91 -52.93
N ALA G 114 -39.41 1.11 -51.86
CA ALA G 114 -39.56 -0.34 -51.98
C ALA G 114 -40.80 -0.86 -51.28
N ASN G 115 -41.39 -0.09 -50.35
CA ASN G 115 -42.54 -0.51 -49.58
C ASN G 115 -43.76 0.34 -49.89
N GLY G 116 -43.57 1.53 -50.44
CA GLY G 116 -44.63 2.43 -50.88
C GLY G 116 -45.44 3.35 -49.99
N GLY G 117 -45.57 3.03 -48.72
CA GLY G 117 -46.27 3.90 -47.78
C GLY G 117 -45.85 5.36 -47.69
N LYS G 118 -45.89 5.85 -46.46
CA LYS G 118 -45.54 7.21 -46.08
C LYS G 118 -44.45 6.95 -45.06
N ILE G 119 -43.46 7.84 -44.91
CA ILE G 119 -42.44 7.55 -43.90
C ILE G 119 -43.06 7.30 -42.51
N HIS G 120 -44.14 8.02 -42.18
CA HIS G 120 -44.76 7.85 -40.86
C HIS G 120 -45.25 6.44 -40.59
N ASP G 121 -45.68 5.73 -41.64
CA ASP G 121 -46.19 4.38 -41.50
C ASP G 121 -45.20 3.38 -40.90
N TYR G 122 -43.91 3.65 -40.96
CA TYR G 122 -42.94 2.67 -40.50
C TYR G 122 -42.31 3.10 -39.17
N GLU G 123 -42.89 4.12 -38.53
CA GLU G 123 -42.45 4.52 -37.20
C GLU G 123 -42.69 3.38 -36.23
N GLY G 124 -41.63 2.97 -35.55
CA GLY G 124 -41.74 1.85 -34.66
C GLY G 124 -40.65 0.86 -34.94
N VAL G 125 -40.94 -0.41 -34.72
CA VAL G 125 -39.96 -1.47 -34.82
C VAL G 125 -40.41 -2.46 -35.88
N ASP G 126 -39.57 -2.68 -36.88
CA ASP G 126 -39.79 -3.71 -37.89
C ASP G 126 -41.19 -3.68 -38.55
N VAL G 127 -41.56 -2.52 -39.10
CA VAL G 127 -42.89 -2.37 -39.68
C VAL G 127 -42.96 -2.78 -41.17
N SER G 128 -41.86 -2.68 -41.88
CA SER G 128 -41.77 -2.87 -43.32
C SER G 128 -41.77 -4.36 -43.71
N LYS G 129 -41.82 -4.64 -45.01
CA LYS G 129 -41.92 -6.00 -45.51
C LYS G 129 -40.92 -6.32 -46.60
N GLU G 130 -40.37 -5.31 -47.26
CA GLU G 130 -39.43 -5.40 -48.36
C GLU G 130 -38.13 -4.68 -48.02
N PRO G 131 -36.99 -5.27 -48.40
CA PRO G 131 -35.71 -4.59 -48.22
C PRO G 131 -35.70 -3.32 -49.05
N MET G 132 -34.80 -2.42 -48.68
CA MET G 132 -34.77 -1.11 -49.30
C MET G 132 -33.92 -1.19 -50.56
N VAL G 133 -33.91 -0.10 -51.33
CA VAL G 133 -33.18 -0.17 -52.59
C VAL G 133 -31.70 -0.16 -52.22
N PRO G 134 -30.81 -0.70 -53.04
CA PRO G 134 -29.38 -0.67 -52.72
C PRO G 134 -28.91 0.71 -52.26
N LEU G 135 -28.13 0.73 -51.18
CA LEU G 135 -27.70 2.00 -50.60
C LEU G 135 -26.27 1.90 -50.05
N ILE G 136 -25.46 2.88 -50.44
CA ILE G 136 -24.12 3.05 -49.89
C ILE G 136 -24.11 4.37 -49.13
N ALA G 137 -23.65 4.29 -47.88
CA ALA G 137 -23.62 5.41 -46.96
C ALA G 137 -22.19 5.86 -46.74
N ILE G 138 -21.90 7.13 -47.08
CA ILE G 138 -20.59 7.76 -46.90
C ILE G 138 -20.73 8.77 -45.75
N ASN G 139 -20.07 8.46 -44.64
CA ASN G 139 -20.22 9.21 -43.40
C ASN G 139 -19.17 10.31 -43.25
N THR G 140 -19.60 11.52 -42.87
CA THR G 140 -18.70 12.66 -42.69
C THR G 140 -18.73 13.30 -41.31
N THR G 141 -19.53 12.79 -40.36
CA THR G 141 -19.48 13.23 -38.98
C THR G 141 -19.07 12.06 -38.08
N ALA G 142 -18.50 12.35 -36.91
CA ALA G 142 -18.11 11.26 -36.00
C ALA G 142 -19.17 11.14 -34.92
N GLY G 143 -20.34 10.71 -35.39
CA GLY G 143 -21.54 10.55 -34.61
C GLY G 143 -22.48 9.67 -35.39
N THR G 144 -23.70 9.57 -34.89
CA THR G 144 -24.74 8.66 -35.35
C THR G 144 -24.39 7.20 -35.63
N GLY G 145 -23.45 6.90 -36.52
CA GLY G 145 -23.28 5.49 -36.83
C GLY G 145 -24.25 4.96 -37.87
N SER G 146 -25.15 5.80 -38.39
CA SER G 146 -26.21 5.33 -39.30
C SER G 146 -25.72 4.64 -40.56
N GLU G 147 -24.48 4.86 -40.97
CA GLU G 147 -24.01 4.10 -42.11
C GLU G 147 -23.98 2.60 -41.88
N LEU G 148 -24.17 2.15 -40.65
CA LEU G 148 -24.20 0.74 -40.35
C LEU G 148 -25.43 0.28 -39.58
N THR G 149 -26.32 1.19 -39.19
CA THR G 149 -27.39 0.85 -38.26
C THR G 149 -28.69 0.60 -39.02
N LYS G 150 -29.64 -0.02 -38.33
CA LYS G 150 -30.99 -0.19 -38.84
C LYS G 150 -31.98 0.83 -38.28
N PHE G 151 -31.51 2.04 -37.97
CA PHE G 151 -32.31 3.11 -37.40
C PHE G 151 -32.37 4.27 -38.37
N THR G 152 -33.55 4.81 -38.58
CA THR G 152 -33.64 6.10 -39.24
C THR G 152 -34.62 6.98 -38.48
N ILE G 153 -34.14 8.13 -38.05
CA ILE G 153 -34.89 9.04 -37.21
C ILE G 153 -35.31 10.22 -38.08
N ILE G 154 -36.59 10.27 -38.44
CA ILE G 154 -37.17 11.32 -39.28
C ILE G 154 -38.16 12.13 -38.45
N THR G 155 -38.18 13.43 -38.65
CA THR G 155 -39.00 14.30 -37.80
C THR G 155 -40.38 14.41 -38.42
N ASP G 156 -41.40 14.25 -37.58
CA ASP G 156 -42.79 14.48 -37.92
C ASP G 156 -43.13 15.94 -37.64
N THR G 157 -43.12 16.72 -38.73
CA THR G 157 -43.34 18.16 -38.66
C THR G 157 -44.67 18.49 -38.00
N GLU G 158 -45.69 17.65 -38.19
CA GLU G 158 -47.00 17.96 -37.63
C GLU G 158 -46.99 17.74 -36.12
N ARG G 159 -46.59 16.53 -35.68
CA ARG G 159 -46.58 16.21 -34.25
C ARG G 159 -45.43 16.90 -33.53
N LYS G 160 -44.43 17.39 -34.28
CA LYS G 160 -43.24 17.99 -33.69
C LYS G 160 -42.52 16.90 -32.88
N VAL G 161 -42.33 15.74 -33.52
CA VAL G 161 -41.74 14.56 -32.87
C VAL G 161 -40.68 13.92 -33.75
N LYS G 162 -39.48 13.74 -33.22
CA LYS G 162 -38.47 12.97 -33.95
C LYS G 162 -38.83 11.49 -33.87
N MET G 163 -39.46 10.98 -34.92
CA MET G 163 -39.87 9.59 -34.98
C MET G 163 -38.66 8.67 -35.19
N ALA G 164 -38.72 7.53 -34.53
CA ALA G 164 -37.68 6.50 -34.58
C ALA G 164 -38.18 5.30 -35.39
N ILE G 165 -37.63 5.10 -36.59
CA ILE G 165 -37.95 3.94 -37.41
C ILE G 165 -36.80 2.95 -37.23
N VAL G 166 -37.07 1.84 -36.54
CA VAL G 166 -36.06 0.81 -36.29
C VAL G 166 -36.45 -0.39 -37.14
N ASP G 167 -35.80 -0.57 -38.28
CA ASP G 167 -36.18 -1.65 -39.17
C ASP G 167 -34.92 -2.28 -39.75
N LYS G 168 -34.86 -3.60 -39.69
CA LYS G 168 -33.76 -4.39 -40.23
C LYS G 168 -33.54 -4.21 -41.72
N HIS G 169 -34.53 -3.68 -42.43
CA HIS G 169 -34.50 -3.54 -43.88
C HIS G 169 -33.78 -2.29 -44.36
N VAL G 170 -33.35 -1.43 -43.44
CA VAL G 170 -32.66 -0.19 -43.75
C VAL G 170 -31.21 -0.27 -43.35
N THR G 171 -30.73 -1.45 -43.02
CA THR G 171 -29.32 -1.60 -42.79
C THR G 171 -28.71 -1.35 -44.16
N PRO G 172 -27.78 -0.40 -44.29
CA PRO G 172 -27.24 -0.06 -45.62
C PRO G 172 -26.54 -1.22 -46.30
N THR G 173 -26.40 -1.09 -47.61
CA THR G 173 -25.76 -2.14 -48.39
C THR G 173 -24.25 -2.08 -48.16
N LEU G 174 -23.68 -0.88 -48.23
CA LEU G 174 -22.25 -0.72 -47.99
C LEU G 174 -21.97 0.55 -47.20
N SER G 175 -20.97 0.50 -46.31
CA SER G 175 -20.63 1.67 -45.50
C SER G 175 -19.21 2.16 -45.80
N ILE G 176 -19.03 3.47 -45.80
CA ILE G 176 -17.74 4.13 -45.97
C ILE G 176 -17.51 5.17 -44.88
N ASN G 177 -16.41 5.02 -44.17
CA ASN G 177 -15.90 5.84 -43.07
C ASN G 177 -14.57 6.44 -43.42
N ASP G 178 -14.61 7.51 -44.20
CA ASP G 178 -13.38 8.16 -44.62
C ASP G 178 -13.07 9.31 -43.67
N PRO G 179 -12.03 9.24 -42.83
CA PRO G 179 -11.75 10.35 -41.91
C PRO G 179 -11.35 11.64 -42.60
N GLU G 180 -10.93 11.58 -43.87
CA GLU G 180 -10.56 12.78 -44.60
C GLU G 180 -11.74 13.70 -44.84
N LEU G 181 -12.98 13.19 -44.85
CA LEU G 181 -14.14 14.05 -45.03
C LEU G 181 -14.59 14.70 -43.74
N MET G 182 -14.01 14.34 -42.59
CA MET G 182 -14.48 14.90 -41.34
C MET G 182 -13.54 15.94 -40.78
N VAL G 183 -12.40 16.15 -41.43
CA VAL G 183 -11.46 17.15 -40.94
C VAL G 183 -12.11 18.53 -40.92
N GLY G 184 -13.07 18.78 -41.78
CA GLY G 184 -13.69 20.08 -41.86
C GLY G 184 -14.78 20.37 -40.85
N MET G 185 -15.15 19.40 -40.01
CA MET G 185 -16.18 19.62 -38.99
C MET G 185 -15.72 20.71 -38.04
N PRO G 186 -16.48 21.79 -37.89
CA PRO G 186 -16.14 22.80 -36.88
C PRO G 186 -16.26 22.24 -35.48
N PRO G 187 -15.63 22.89 -34.49
CA PRO G 187 -15.62 22.32 -33.12
C PRO G 187 -16.97 21.99 -32.53
N SER G 188 -17.99 22.86 -32.67
CA SER G 188 -19.29 22.55 -32.08
C SER G 188 -19.90 21.30 -32.66
N LEU G 189 -19.76 21.10 -33.97
CA LEU G 189 -20.28 19.89 -34.59
C LEU G 189 -19.47 18.69 -34.16
N THR G 190 -18.14 18.84 -34.10
CA THR G 190 -17.30 17.76 -33.62
C THR G 190 -17.72 17.32 -32.21
N ALA G 191 -17.96 18.29 -31.33
CA ALA G 191 -18.34 18.01 -29.95
C ALA G 191 -19.70 17.35 -29.89
N ALA G 192 -20.68 17.89 -30.62
CA ALA G 192 -22.05 17.37 -30.56
C ALA G 192 -22.12 15.94 -31.12
N THR G 193 -21.48 15.69 -32.25
CA THR G 193 -21.50 14.34 -32.80
C THR G 193 -20.75 13.39 -31.89
N GLY G 194 -19.61 13.82 -31.33
CA GLY G 194 -18.86 12.96 -30.45
C GLY G 194 -19.62 12.63 -29.18
N LEU G 195 -20.35 13.60 -28.65
CA LEU G 195 -21.12 13.33 -27.45
C LEU G 195 -22.37 12.52 -27.76
N ASP G 196 -22.87 12.58 -28.99
CA ASP G 196 -23.93 11.66 -29.39
C ASP G 196 -23.38 10.24 -29.47
N ALA G 197 -22.14 10.09 -29.93
CA ALA G 197 -21.51 8.76 -29.95
C ALA G 197 -21.28 8.24 -28.53
N LEU G 198 -20.86 9.13 -27.62
CA LEU G 198 -20.71 8.73 -26.23
C LEU G 198 -22.03 8.27 -25.66
N THR G 199 -23.12 8.99 -25.97
CA THR G 199 -24.43 8.58 -25.51
C THR G 199 -24.80 7.22 -26.07
N HIS G 200 -24.49 6.99 -27.35
CA HIS G 200 -24.75 5.68 -27.94
C HIS G 200 -24.02 4.59 -27.16
N ALA G 201 -22.73 4.80 -26.87
CA ALA G 201 -21.95 3.75 -26.21
C ALA G 201 -22.43 3.48 -24.79
N ILE G 202 -22.74 4.54 -24.04
CA ILE G 202 -23.17 4.36 -22.66
C ILE G 202 -24.53 3.69 -22.60
N GLU G 203 -25.48 4.17 -23.41
CA GLU G 203 -26.80 3.58 -23.40
C GLU G 203 -26.76 2.16 -23.92
N ALA G 204 -25.86 1.86 -24.87
CA ALA G 204 -25.72 0.47 -25.30
C ALA G 204 -25.15 -0.39 -24.19
N TYR G 205 -24.20 0.14 -23.43
CA TYR G 205 -23.59 -0.67 -22.37
C TYR G 205 -24.57 -0.98 -21.24
N VAL G 206 -25.47 -0.04 -20.92
CA VAL G 206 -26.40 -0.30 -19.83
C VAL G 206 -27.76 -0.80 -20.29
N SER G 207 -27.98 -0.98 -21.60
CA SER G 207 -29.28 -1.38 -22.10
C SER G 207 -29.63 -2.81 -21.67
N THR G 208 -30.93 -3.08 -21.55
CA THR G 208 -31.34 -4.43 -21.22
C THR G 208 -31.10 -5.41 -22.36
N GLY G 209 -30.80 -4.93 -23.57
CA GLY G 209 -30.57 -5.88 -24.64
C GLY G 209 -29.11 -6.09 -24.95
N ALA G 210 -28.24 -5.72 -24.01
CA ALA G 210 -26.80 -5.87 -24.20
C ALA G 210 -26.42 -7.35 -24.27
N THR G 211 -25.43 -7.65 -25.09
CA THR G 211 -24.84 -8.97 -25.26
C THR G 211 -23.34 -8.79 -25.09
N PRO G 212 -22.60 -9.88 -24.87
CA PRO G 212 -21.13 -9.73 -24.82
C PRO G 212 -20.53 -9.05 -26.03
N ILE G 213 -21.13 -9.16 -27.22
CA ILE G 213 -20.60 -8.49 -28.41
C ILE G 213 -20.80 -6.98 -28.34
N THR G 214 -22.03 -6.55 -28.11
CA THR G 214 -22.27 -5.11 -27.97
C THR G 214 -21.45 -4.53 -26.83
N ASP G 215 -21.28 -5.30 -25.74
CA ASP G 215 -20.45 -4.84 -24.62
C ASP G 215 -19.02 -4.60 -25.09
N ALA G 216 -18.46 -5.57 -25.81
CA ALA G 216 -17.11 -5.40 -26.31
C ALA G 216 -16.98 -4.12 -27.11
N LEU G 217 -17.96 -3.86 -27.98
CA LEU G 217 -17.86 -2.68 -28.84
C LEU G 217 -18.01 -1.39 -28.02
N ALA G 218 -18.96 -1.37 -27.08
CA ALA G 218 -19.28 -0.16 -26.33
C ALA G 218 -18.14 0.25 -25.41
N ILE G 219 -17.49 -0.71 -24.76
CA ILE G 219 -16.37 -0.40 -23.86
C ILE G 219 -15.27 0.33 -24.63
N GLN G 220 -14.91 -0.22 -25.80
CA GLN G 220 -13.88 0.42 -26.62
C GLN G 220 -14.31 1.81 -27.05
N ALA G 221 -15.57 1.96 -27.43
CA ALA G 221 -16.04 3.28 -27.86
C ALA G 221 -15.87 4.30 -26.75
N ILE G 222 -16.26 3.94 -25.52
CA ILE G 222 -16.12 4.88 -24.41
C ILE G 222 -14.65 5.23 -24.19
N LYS G 223 -13.77 4.22 -24.20
CA LYS G 223 -12.35 4.51 -23.94
C LYS G 223 -11.76 5.45 -24.98
N ILE G 224 -12.09 5.23 -26.25
CA ILE G 224 -11.50 6.05 -27.29
C ILE G 224 -12.09 7.44 -27.26
N ILE G 225 -13.40 7.55 -27.03
CA ILE G 225 -14.00 8.87 -27.00
C ILE G 225 -13.38 9.67 -25.87
N SER G 226 -13.22 9.02 -24.72
CA SER G 226 -12.66 9.64 -23.53
C SER G 226 -11.27 10.19 -23.80
N LYS G 227 -10.50 9.53 -24.67
CA LYS G 227 -9.15 10.04 -24.88
C LYS G 227 -9.05 11.05 -26.02
N TYR G 228 -9.77 10.82 -27.13
CA TYR G 228 -9.55 11.59 -28.35
C TYR G 228 -10.61 12.64 -28.68
N LEU G 229 -11.83 12.55 -28.15
CA LEU G 229 -12.82 13.57 -28.48
C LEU G 229 -12.37 14.96 -28.05
N PRO G 230 -11.86 15.19 -26.83
CA PRO G 230 -11.38 16.54 -26.50
C PRO G 230 -10.27 17.01 -27.42
N ARG G 231 -9.46 16.10 -27.93
CA ARG G 231 -8.39 16.50 -28.84
C ARG G 231 -8.96 16.96 -30.16
N ALA G 232 -9.98 16.25 -30.67
CA ALA G 232 -10.60 16.62 -31.93
C ALA G 232 -11.41 17.91 -31.82
N VAL G 233 -11.95 18.21 -30.64
CA VAL G 233 -12.65 19.48 -30.45
C VAL G 233 -11.65 20.61 -30.36
N ALA G 234 -10.50 20.34 -29.74
CA ALA G 234 -9.49 21.37 -29.57
C ALA G 234 -8.76 21.67 -30.88
N ASN G 235 -8.58 20.67 -31.74
CA ASN G 235 -7.90 20.86 -33.02
C ASN G 235 -8.51 19.93 -34.06
N GLY G 236 -9.29 20.48 -34.97
CA GLY G 236 -9.88 19.62 -35.98
C GLY G 236 -8.94 19.08 -37.01
N LYS G 237 -7.71 19.58 -37.04
CA LYS G 237 -6.72 19.06 -37.96
C LYS G 237 -5.81 17.96 -37.36
N ASP G 238 -6.05 17.57 -36.10
CA ASP G 238 -5.38 16.43 -35.48
C ASP G 238 -5.90 15.17 -36.17
N ILE G 239 -5.14 14.67 -37.13
CA ILE G 239 -5.59 13.57 -37.98
C ILE G 239 -5.75 12.32 -37.11
N GLU G 240 -4.86 12.15 -36.12
CA GLU G 240 -4.97 11.00 -35.22
C GLU G 240 -6.30 10.99 -34.50
N ALA G 241 -6.67 12.14 -33.96
CA ALA G 241 -7.93 12.23 -33.24
C ALA G 241 -9.12 11.98 -34.16
N ARG G 242 -9.04 12.47 -35.39
CA ARG G 242 -10.15 12.27 -36.31
C ARG G 242 -10.32 10.79 -36.66
N GLU G 243 -9.22 10.09 -36.89
CA GLU G 243 -9.31 8.67 -37.24
C GLU G 243 -9.80 7.84 -36.05
N GLN G 244 -9.31 8.16 -34.85
CA GLN G 244 -9.76 7.45 -33.66
C GLN G 244 -11.24 7.73 -33.38
N MET G 245 -11.68 8.96 -33.63
CA MET G 245 -13.09 9.31 -33.49
C MET G 245 -13.94 8.60 -34.54
N ALA G 246 -13.42 8.38 -35.74
CA ALA G 246 -14.17 7.65 -36.75
C ALA G 246 -14.37 6.19 -36.34
N PHE G 247 -13.32 5.59 -35.80
CA PHE G 247 -13.43 4.22 -35.29
C PHE G 247 -14.41 4.15 -34.12
N ALA G 248 -14.30 5.10 -33.18
CA ALA G 248 -15.15 5.07 -32.00
C ALA G 248 -16.63 5.27 -32.34
N GLN G 249 -16.92 6.18 -33.27
CA GLN G 249 -18.30 6.38 -33.72
C GLN G 249 -18.86 5.09 -34.33
N SER G 250 -18.05 4.38 -35.13
CA SER G 250 -18.56 3.14 -35.71
C SER G 250 -18.74 2.04 -34.66
N LEU G 251 -17.80 1.94 -33.70
CA LEU G 251 -17.97 0.96 -32.63
C LEU G 251 -19.25 1.22 -31.84
N ALA G 252 -19.51 2.49 -31.51
CA ALA G 252 -20.70 2.83 -30.75
C ALA G 252 -21.95 2.57 -31.57
N GLY G 253 -21.89 2.84 -32.88
CA GLY G 253 -23.03 2.53 -33.74
C GLY G 253 -23.35 1.04 -33.77
N MET G 254 -22.33 0.21 -33.99
CA MET G 254 -22.56 -1.23 -33.97
C MET G 254 -23.18 -1.67 -32.66
N ALA G 255 -22.71 -1.06 -31.56
CA ALA G 255 -23.16 -1.49 -30.24
C ALA G 255 -24.61 -1.10 -30.01
N PHE G 256 -24.96 0.15 -30.25
CA PHE G 256 -26.32 0.58 -29.99
C PHE G 256 -27.27 -0.04 -31.01
N ASN G 257 -26.81 -0.23 -32.25
CA ASN G 257 -27.65 -0.87 -33.25
C ASN G 257 -28.10 -2.24 -32.79
N ASN G 258 -27.28 -2.94 -32.01
CA ASN G 258 -27.61 -4.32 -31.68
C ASN G 258 -27.97 -4.54 -30.21
N ALA G 259 -27.80 -3.52 -29.37
CA ALA G 259 -28.19 -3.57 -27.97
C ALA G 259 -29.42 -2.73 -27.65
N GLY G 260 -29.60 -1.61 -28.32
CA GLY G 260 -30.68 -0.70 -28.03
C GLY G 260 -30.17 0.58 -27.38
N LEU G 261 -31.07 1.57 -27.29
CA LEU G 261 -30.65 2.81 -26.65
C LEU G 261 -31.41 2.94 -25.34
N GLY G 262 -31.80 4.15 -24.94
CA GLY G 262 -32.51 4.34 -23.70
C GLY G 262 -33.22 5.67 -23.65
N TYR G 263 -33.45 6.15 -22.42
CA TYR G 263 -34.29 7.34 -22.27
C TYR G 263 -33.55 8.62 -22.59
N VAL G 264 -32.22 8.61 -22.67
CA VAL G 264 -31.53 9.79 -23.17
C VAL G 264 -32.04 10.11 -24.56
N HIS G 265 -32.07 9.09 -25.42
CA HIS G 265 -32.52 9.29 -26.78
C HIS G 265 -34.02 9.51 -26.85
N ALA G 266 -34.79 8.80 -26.01
CA ALA G 266 -36.23 8.97 -26.02
C ALA G 266 -36.62 10.42 -25.71
N ILE G 267 -35.94 11.04 -24.75
CA ILE G 267 -36.27 12.42 -24.41
C ILE G 267 -35.63 13.40 -25.41
N ALA G 268 -34.41 13.10 -25.88
CA ALA G 268 -33.75 13.98 -26.84
C ALA G 268 -34.50 14.09 -28.16
N HIS G 269 -35.15 13.01 -28.60
CA HIS G 269 -35.92 13.07 -29.83
C HIS G 269 -37.08 14.04 -29.70
N GLN G 270 -37.64 14.18 -28.50
CA GLN G 270 -38.74 15.10 -28.28
C GLN G 270 -38.24 16.52 -28.16
N LEU G 271 -37.12 16.75 -27.46
CA LEU G 271 -36.60 18.12 -27.43
C LEU G 271 -36.15 18.58 -28.82
N GLY G 272 -35.69 17.64 -29.67
CA GLY G 272 -35.29 17.97 -31.02
C GLY G 272 -36.42 18.17 -32.01
N GLY G 273 -37.51 17.41 -31.87
CA GLY G 273 -38.67 17.62 -32.72
C GLY G 273 -39.45 18.89 -32.42
N PHE G 274 -39.38 19.38 -31.18
CA PHE G 274 -40.11 20.58 -30.79
C PHE G 274 -39.32 21.85 -31.07
N TYR G 275 -37.99 21.81 -30.92
CA TYR G 275 -37.17 23.01 -30.99
C TYR G 275 -36.04 23.00 -32.01
N ASN G 276 -35.88 21.94 -32.80
CA ASN G 276 -34.80 21.83 -33.79
C ASN G 276 -33.42 22.01 -33.15
N PHE G 277 -33.28 21.60 -31.88
CA PHE G 277 -31.97 21.61 -31.25
C PHE G 277 -31.06 20.55 -31.86
N PRO G 278 -29.74 20.72 -31.75
CA PRO G 278 -28.84 19.66 -32.21
C PRO G 278 -29.01 18.39 -31.39
N HIS G 279 -29.09 17.27 -32.11
CA HIS G 279 -29.32 15.97 -31.46
C HIS G 279 -28.26 15.70 -30.38
N GLY G 280 -26.98 15.90 -30.72
CA GLY G 280 -25.92 15.65 -29.76
C GLY G 280 -25.91 16.60 -28.58
N VAL G 281 -26.33 17.85 -28.78
CA VAL G 281 -26.40 18.77 -27.65
C VAL G 281 -27.49 18.32 -26.68
N CYS G 282 -28.63 17.87 -27.22
CA CYS G 282 -29.69 17.34 -26.37
C CYS G 282 -29.19 16.14 -25.59
N ASN G 283 -28.51 15.22 -26.27
CA ASN G 283 -27.99 14.06 -25.57
C ASN G 283 -27.01 14.49 -24.47
N ALA G 284 -26.16 15.46 -24.76
CA ALA G 284 -25.15 15.87 -23.78
C ALA G 284 -25.79 16.54 -22.57
N VAL G 285 -26.84 17.33 -22.78
CA VAL G 285 -27.51 17.96 -21.64
C VAL G 285 -28.21 16.91 -20.80
N LEU G 286 -28.83 15.91 -21.44
CA LEU G 286 -29.68 14.96 -20.71
C LEU G 286 -28.91 13.81 -20.08
N LEU G 287 -27.80 13.41 -20.69
CA LEU G 287 -27.05 12.22 -20.27
C LEU G 287 -26.84 12.08 -18.77
N PRO G 288 -26.30 13.09 -18.05
CA PRO G 288 -26.11 12.91 -16.61
C PRO G 288 -27.39 12.62 -15.84
N TYR G 289 -28.51 13.26 -16.21
CA TYR G 289 -29.75 13.12 -15.46
C TYR G 289 -30.35 11.73 -15.64
N VAL G 290 -30.29 11.21 -16.86
CA VAL G 290 -30.81 9.87 -17.13
C VAL G 290 -29.90 8.81 -16.55
N CYS G 291 -28.58 9.03 -16.56
CA CYS G 291 -27.64 8.09 -15.92
C CYS G 291 -27.90 8.00 -14.42
N ARG G 292 -28.07 9.16 -13.77
CA ARG G 292 -28.42 9.13 -12.34
C ARG G 292 -29.74 8.41 -12.11
N PHE G 293 -30.75 8.67 -12.93
CA PHE G 293 -32.02 7.97 -12.76
C PHE G 293 -31.82 6.46 -12.92
N ASN G 294 -30.94 6.05 -13.84
CA ASN G 294 -30.75 4.64 -14.10
C ASN G 294 -29.83 3.96 -13.10
N LEU G 295 -29.19 4.75 -12.21
CA LEU G 295 -28.10 4.24 -11.38
C LEU G 295 -28.48 2.97 -10.64
N ILE G 296 -29.62 2.97 -9.95
CA ILE G 296 -29.89 1.81 -9.11
C ILE G 296 -30.11 0.54 -9.94
N SER G 297 -30.37 0.67 -11.24
CA SER G 297 -30.56 -0.53 -12.06
C SER G 297 -29.27 -1.08 -12.63
N LYS G 298 -28.24 -0.24 -12.81
CA LYS G 298 -26.97 -0.71 -13.42
C LYS G 298 -25.76 -0.09 -12.72
N VAL G 299 -25.69 -0.20 -11.39
CA VAL G 299 -24.65 0.52 -10.64
C VAL G 299 -23.28 -0.06 -10.96
N GLU G 300 -23.22 -1.37 -11.19
CA GLU G 300 -21.96 -2.03 -11.49
C GLU G 300 -21.41 -1.56 -12.83
N ARG G 301 -22.29 -1.39 -13.82
CA ARG G 301 -21.87 -0.99 -15.15
C ARG G 301 -21.51 0.48 -15.20
N TYR G 302 -22.17 1.30 -14.38
CA TYR G 302 -21.76 2.70 -14.30
C TYR G 302 -20.42 2.83 -13.59
N ALA G 303 -20.15 1.96 -12.61
CA ALA G 303 -18.82 1.96 -12.00
C ALA G 303 -17.75 1.57 -13.01
N GLU G 304 -18.07 0.63 -13.87
CA GLU G 304 -17.13 0.29 -14.94
C GLU G 304 -16.97 1.45 -15.91
N ILE G 305 -18.05 2.16 -16.21
CA ILE G 305 -17.93 3.31 -17.11
C ILE G 305 -17.01 4.34 -16.49
N ALA G 306 -17.09 4.52 -15.17
CA ALA G 306 -16.20 5.47 -14.51
C ALA G 306 -14.76 5.10 -14.74
N ALA G 307 -14.46 3.81 -14.69
CA ALA G 307 -13.09 3.41 -14.99
C ALA G 307 -12.74 3.64 -16.47
N PHE G 308 -13.66 3.31 -17.39
CA PHE G 308 -13.43 3.57 -18.82
C PHE G 308 -13.20 5.05 -19.12
N LEU G 309 -13.76 5.95 -18.33
CA LEU G 309 -13.59 7.37 -18.57
C LEU G 309 -12.33 7.92 -17.92
N GLY G 310 -11.47 7.06 -17.38
CA GLY G 310 -10.20 7.48 -16.85
C GLY G 310 -10.20 7.80 -15.38
N GLU G 311 -11.32 7.61 -14.69
CA GLU G 311 -11.44 8.01 -13.30
C GLU G 311 -10.77 6.97 -12.42
N ASN G 312 -10.25 7.41 -11.28
CA ASN G 312 -9.70 6.49 -10.29
C ASN G 312 -10.80 6.09 -9.33
N VAL G 313 -11.05 4.79 -9.20
CA VAL G 313 -12.16 4.30 -8.39
C VAL G 313 -11.65 3.42 -7.24
N ASP G 314 -10.36 3.55 -6.93
CA ASP G 314 -9.71 2.70 -5.94
C ASP G 314 -10.25 3.00 -4.55
N GLY G 315 -10.60 1.94 -3.82
CA GLY G 315 -11.05 2.12 -2.46
C GLY G 315 -12.45 2.66 -2.33
N LEU G 316 -13.24 2.57 -3.38
CA LEU G 316 -14.56 3.14 -3.43
C LEU G 316 -15.57 2.01 -3.50
N SER G 317 -16.75 2.25 -2.95
CA SER G 317 -17.86 1.35 -3.17
C SER G 317 -18.31 1.46 -4.63
N THR G 318 -19.01 0.41 -5.09
CA THR G 318 -19.55 0.45 -6.46
C THR G 318 -20.40 1.69 -6.64
N TYR G 319 -21.10 2.10 -5.57
CA TYR G 319 -22.01 3.23 -5.68
C TYR G 319 -21.22 4.52 -5.92
N ASP G 320 -20.15 4.72 -5.14
CA ASP G 320 -19.34 5.93 -5.28
C ASP G 320 -18.60 5.95 -6.62
N ALA G 321 -18.22 4.79 -7.13
CA ALA G 321 -17.58 4.75 -8.44
C ALA G 321 -18.57 5.12 -9.55
N ALA G 322 -19.82 4.66 -9.46
CA ALA G 322 -20.82 5.07 -10.44
C ALA G 322 -21.07 6.56 -10.38
N GLU G 323 -20.99 7.13 -9.18
CA GLU G 323 -21.20 8.57 -9.07
C GLU G 323 -20.04 9.32 -9.72
N LYS G 324 -18.83 8.76 -9.61
CA LYS G 324 -17.70 9.38 -10.29
C LYS G 324 -17.86 9.32 -11.80
N ALA G 325 -18.59 8.33 -12.30
CA ALA G 325 -18.81 8.28 -13.76
C ALA G 325 -19.70 9.40 -14.21
N ILE G 326 -20.76 9.65 -13.45
CA ILE G 326 -21.61 10.79 -13.78
C ILE G 326 -20.85 12.11 -13.66
N LYS G 327 -19.98 12.25 -12.64
CA LYS G 327 -19.23 13.49 -12.52
C LYS G 327 -18.27 13.67 -13.70
N ALA G 328 -17.70 12.59 -14.19
CA ALA G 328 -16.79 12.72 -15.32
C ALA G 328 -17.56 13.12 -16.58
N ILE G 329 -18.79 12.58 -16.75
CA ILE G 329 -19.62 12.97 -17.89
C ILE G 329 -19.98 14.46 -17.81
N GLU G 330 -20.33 14.95 -16.61
CA GLU G 330 -20.67 16.36 -16.49
C GLU G 330 -19.46 17.22 -16.81
N ARG G 331 -18.28 16.80 -16.36
CA ARG G 331 -17.08 17.58 -16.61
C ARG G 331 -16.72 17.66 -18.09
N MET G 332 -16.85 16.54 -18.80
CA MET G 332 -16.57 16.57 -20.23
C MET G 332 -17.55 17.48 -20.96
N ALA G 333 -18.84 17.38 -20.62
CA ALA G 333 -19.83 18.23 -21.28
C ALA G 333 -19.49 19.69 -21.01
N LYS G 334 -19.00 19.98 -19.80
CA LYS G 334 -18.64 21.35 -19.47
C LYS G 334 -17.43 21.81 -20.26
N ASP G 335 -16.46 20.91 -20.47
CA ASP G 335 -15.27 21.30 -21.21
C ASP G 335 -15.51 21.45 -22.71
N LEU G 336 -16.59 20.86 -23.25
CA LEU G 336 -16.90 20.99 -24.66
C LEU G 336 -18.01 22.00 -24.90
N ASN G 337 -18.23 22.86 -23.92
CA ASN G 337 -19.11 24.03 -23.94
C ASN G 337 -20.57 23.59 -24.25
N ILE G 338 -21.05 22.57 -23.54
CA ILE G 338 -22.43 22.14 -23.71
C ILE G 338 -23.32 22.91 -22.75
N PRO G 339 -24.46 23.46 -23.19
CA PRO G 339 -25.35 24.17 -22.26
C PRO G 339 -25.68 23.34 -21.02
N LYS G 340 -25.77 24.00 -19.86
CA LYS G 340 -26.04 23.25 -18.63
C LYS G 340 -27.46 22.69 -18.64
N GLY G 341 -28.39 23.41 -19.29
CA GLY G 341 -29.79 23.06 -19.35
C GLY G 341 -30.45 23.56 -20.64
N PHE G 342 -31.76 23.33 -20.73
CA PHE G 342 -32.55 23.63 -21.92
C PHE G 342 -33.27 24.99 -21.98
N LYS G 343 -33.64 25.62 -20.86
CA LYS G 343 -34.44 26.85 -20.95
C LYS G 343 -33.68 28.00 -21.63
N GLU G 344 -32.39 28.13 -21.40
CA GLU G 344 -31.56 29.17 -22.02
C GLU G 344 -31.49 29.04 -23.54
N LEU G 345 -31.86 27.89 -24.08
CA LEU G 345 -31.82 27.63 -25.51
C LEU G 345 -33.16 27.91 -26.19
N GLY G 346 -34.24 28.05 -25.41
CA GLY G 346 -35.56 28.39 -25.92
C GLY G 346 -36.69 27.47 -25.52
N ALA G 347 -36.39 26.51 -24.66
CA ALA G 347 -37.40 25.58 -24.18
C ALA G 347 -38.36 26.29 -23.22
N LYS G 348 -39.57 25.76 -23.12
CA LYS G 348 -40.62 26.37 -22.33
C LYS G 348 -41.20 25.33 -21.37
N GLU G 349 -41.44 25.74 -20.12
CA GLU G 349 -41.92 24.80 -19.12
C GLU G 349 -43.27 24.18 -19.46
N GLU G 350 -44.07 24.89 -20.26
CA GLU G 350 -45.42 24.45 -20.58
C GLU G 350 -45.43 23.23 -21.47
N ASP G 351 -44.29 22.82 -22.01
CA ASP G 351 -44.29 21.71 -22.95
C ASP G 351 -43.71 20.46 -22.33
N ILE G 352 -43.16 20.54 -21.11
CA ILE G 352 -42.50 19.36 -20.53
C ILE G 352 -43.43 18.18 -20.56
N GLU G 353 -44.66 18.40 -20.09
CA GLU G 353 -45.60 17.31 -19.96
C GLU G 353 -45.81 16.64 -21.32
N THR G 354 -46.01 17.45 -22.38
CA THR G 354 -46.12 16.86 -23.73
C THR G 354 -44.85 16.11 -24.12
N LEU G 355 -43.70 16.78 -23.95
CA LEU G 355 -42.39 16.15 -24.17
C LEU G 355 -42.28 14.83 -23.45
N ALA G 356 -42.71 14.78 -22.18
CA ALA G 356 -42.58 13.55 -21.43
C ALA G 356 -43.45 12.45 -22.02
N LYS G 357 -44.70 12.79 -22.38
CA LYS G 357 -45.60 11.76 -22.88
C LYS G 357 -45.08 11.19 -24.19
N ASN G 358 -44.61 12.07 -25.08
CA ASN G 358 -44.12 11.58 -26.35
C ASN G 358 -42.85 10.77 -26.17
N ALA G 359 -42.05 11.10 -25.16
CA ALA G 359 -40.83 10.35 -24.93
C ALA G 359 -41.14 8.90 -24.58
N MET G 360 -42.25 8.66 -23.86
CA MET G 360 -42.55 7.29 -23.45
C MET G 360 -43.07 6.44 -24.60
N LYS G 361 -43.23 7.02 -25.79
CA LYS G 361 -43.69 6.30 -26.96
C LYS G 361 -42.55 5.99 -27.92
N ASP G 362 -41.36 6.53 -27.67
CA ASP G 362 -40.19 6.25 -28.50
C ASP G 362 -39.71 4.83 -28.26
N ALA G 363 -39.22 4.20 -29.34
CA ALA G 363 -38.80 2.81 -29.22
C ALA G 363 -37.54 2.70 -28.37
N CYS G 364 -36.73 3.77 -28.33
CA CYS G 364 -35.52 3.79 -27.53
C CYS G 364 -35.82 3.61 -26.04
N ALA G 365 -37.03 3.94 -25.59
CA ALA G 365 -37.37 3.76 -24.19
C ALA G 365 -37.52 2.29 -23.78
N LEU G 366 -37.75 1.38 -24.74
CA LEU G 366 -38.00 -0.01 -24.39
C LEU G 366 -36.79 -0.70 -23.78
N THR G 367 -35.59 -0.26 -24.09
CA THR G 367 -34.39 -0.92 -23.62
C THR G 367 -33.72 -0.20 -22.45
N ASN G 368 -34.30 0.91 -21.99
CA ASN G 368 -33.76 1.57 -20.82
C ASN G 368 -33.76 0.61 -19.64
N PRO G 369 -32.69 0.59 -18.85
CA PRO G 369 -32.60 -0.40 -17.76
C PRO G 369 -33.60 -0.17 -16.63
N ARG G 370 -34.00 1.06 -16.39
CA ARG G 370 -35.01 1.40 -15.38
C ARG G 370 -36.32 1.77 -16.05
N LYS G 371 -37.42 1.15 -15.60
CA LYS G 371 -38.74 1.37 -16.17
C LYS G 371 -39.41 2.51 -15.40
N PRO G 372 -39.61 3.68 -16.02
CA PRO G 372 -40.11 4.84 -15.27
C PRO G 372 -41.62 5.05 -15.33
N LYS G 373 -42.06 6.09 -14.64
CA LYS G 373 -43.44 6.53 -14.67
C LYS G 373 -43.43 7.95 -15.20
N LEU G 374 -44.59 8.39 -15.71
CA LEU G 374 -44.69 9.70 -16.33
C LEU G 374 -44.06 10.74 -15.41
N GLU G 375 -44.38 10.64 -14.11
CA GLU G 375 -43.94 11.59 -13.11
C GLU G 375 -42.42 11.72 -13.15
N GLU G 376 -41.73 10.58 -13.31
CA GLU G 376 -40.27 10.57 -13.30
C GLU G 376 -39.69 11.12 -14.60
N VAL G 377 -40.33 10.86 -15.75
CA VAL G 377 -39.84 11.46 -16.99
C VAL G 377 -39.98 12.97 -16.93
N ILE G 378 -41.08 13.46 -16.35
CA ILE G 378 -41.25 14.88 -16.16
C ILE G 378 -40.15 15.42 -15.24
N GLN G 379 -39.86 14.71 -14.15
CA GLN G 379 -38.79 15.16 -13.26
C GLN G 379 -37.44 15.23 -13.98
N ILE G 380 -37.15 14.25 -14.84
CA ILE G 380 -35.90 14.28 -15.61
C ILE G 380 -35.84 15.53 -16.49
N ILE G 381 -36.92 15.79 -17.24
CA ILE G 381 -36.92 16.94 -18.14
C ILE G 381 -36.84 18.24 -17.34
N LYS G 382 -37.52 18.29 -16.19
CA LYS G 382 -37.46 19.49 -15.37
C LYS G 382 -36.05 19.73 -14.83
N ASN G 383 -35.36 18.65 -14.42
CA ASN G 383 -33.99 18.79 -13.94
C ASN G 383 -33.09 19.27 -15.06
N ALA G 384 -33.39 18.85 -16.29
CA ALA G 384 -32.62 19.23 -17.47
C ALA G 384 -33.03 20.59 -18.01
N MET G 385 -34.01 21.25 -17.41
CA MET G 385 -34.32 22.58 -17.94
C MET G 385 -33.31 23.64 -17.51
N LEU G 386 -33.07 23.78 -16.21
CA LEU G 386 -32.05 24.73 -15.76
C LEU G 386 -30.70 24.34 -16.34
N ASN H 3 -0.95 3.37 -47.83
CA ASN H 3 -2.29 3.68 -47.37
C ASN H 3 -2.57 3.18 -45.94
N THR H 4 -3.43 3.92 -45.21
CA THR H 4 -3.94 3.52 -43.90
C THR H 4 -5.33 2.88 -43.96
N GLN H 5 -5.74 2.31 -45.09
CA GLN H 5 -7.12 1.82 -45.24
C GLN H 5 -7.33 0.43 -44.65
N SER H 6 -8.56 0.19 -44.19
CA SER H 6 -8.95 -1.09 -43.63
C SER H 6 -10.44 -1.33 -43.92
N ALA H 7 -10.90 -2.54 -43.63
CA ALA H 7 -12.28 -2.93 -43.91
C ALA H 7 -12.76 -3.96 -42.90
N PHE H 8 -14.07 -3.96 -42.65
CA PHE H 8 -14.68 -4.93 -41.75
C PHE H 8 -15.72 -5.75 -42.53
N PHE H 9 -15.57 -7.07 -42.50
CA PHE H 9 -16.43 -7.96 -43.26
C PHE H 9 -17.18 -8.91 -42.35
N MET H 10 -18.45 -9.15 -42.67
CA MET H 10 -19.28 -10.07 -41.88
C MET H 10 -20.62 -10.29 -42.57
N PRO H 11 -21.29 -11.42 -42.34
CA PRO H 11 -22.67 -11.57 -42.82
C PRO H 11 -23.54 -10.50 -42.21
N SER H 12 -24.51 -10.04 -43.00
CA SER H 12 -25.41 -8.96 -42.59
C SER H 12 -26.35 -9.37 -41.46
N VAL H 13 -26.71 -10.65 -41.36
CA VAL H 13 -27.61 -11.12 -40.31
C VAL H 13 -26.99 -12.34 -39.63
N ASN H 14 -26.87 -12.26 -38.30
CA ASN H 14 -26.25 -13.29 -37.49
C ASN H 14 -27.10 -13.56 -36.26
N LEU H 15 -27.62 -14.78 -36.16
CA LEU H 15 -28.52 -15.18 -35.09
C LEU H 15 -27.75 -15.92 -33.99
N PHE H 16 -28.09 -15.62 -32.72
CA PHE H 16 -27.47 -16.24 -31.56
C PHE H 16 -28.56 -16.69 -30.60
N GLY H 17 -28.22 -17.63 -29.73
CA GLY H 17 -29.09 -18.01 -28.65
C GLY H 17 -29.77 -19.34 -28.90
N ALA H 18 -30.26 -19.94 -27.81
CA ALA H 18 -30.93 -21.22 -27.87
C ALA H 18 -32.19 -21.14 -28.74
N GLY H 19 -32.27 -22.02 -29.74
CA GLY H 19 -33.43 -22.08 -30.59
C GLY H 19 -33.30 -21.34 -31.90
N SER H 20 -32.15 -20.69 -32.15
CA SER H 20 -32.04 -19.91 -33.38
C SER H 20 -32.17 -20.79 -34.61
N VAL H 21 -31.82 -22.08 -34.48
CA VAL H 21 -31.85 -22.96 -35.66
C VAL H 21 -33.27 -23.16 -36.19
N ASN H 22 -34.29 -23.00 -35.33
CA ASN H 22 -35.70 -23.15 -35.73
C ASN H 22 -36.12 -22.07 -36.69
N GLU H 23 -35.20 -21.19 -37.05
CA GLU H 23 -35.53 -20.16 -38.01
C GLU H 23 -34.94 -20.42 -39.39
N VAL H 24 -34.06 -21.42 -39.51
CA VAL H 24 -33.30 -21.59 -40.74
C VAL H 24 -34.24 -21.66 -41.93
N GLY H 25 -35.30 -22.45 -41.81
CA GLY H 25 -36.23 -22.64 -42.90
C GLY H 25 -36.85 -21.33 -43.35
N THR H 26 -37.39 -20.56 -42.39
CA THR H 26 -37.98 -19.29 -42.76
C THR H 26 -36.96 -18.43 -43.51
N ARG H 27 -35.73 -18.38 -43.01
CA ARG H 27 -34.69 -17.56 -43.63
C ARG H 27 -34.33 -18.03 -45.03
N LEU H 28 -34.34 -19.35 -45.25
CA LEU H 28 -34.07 -19.86 -46.58
C LEU H 28 -35.12 -19.37 -47.56
N ALA H 29 -36.37 -19.31 -47.12
CA ALA H 29 -37.42 -18.88 -48.02
C ALA H 29 -37.25 -17.41 -48.40
N ASP H 30 -36.81 -16.57 -47.45
CA ASP H 30 -36.66 -15.14 -47.75
C ASP H 30 -35.64 -14.86 -48.86
N LEU H 31 -34.62 -15.69 -49.01
CA LEU H 31 -33.68 -15.52 -50.12
C LEU H 31 -34.21 -15.98 -51.45
N GLY H 32 -35.26 -16.79 -51.47
CA GLY H 32 -35.81 -17.21 -52.73
C GLY H 32 -35.07 -18.38 -53.35
N VAL H 33 -34.62 -19.34 -52.51
CA VAL H 33 -33.86 -20.51 -52.94
C VAL H 33 -34.84 -21.67 -53.07
N LYS H 34 -34.53 -22.59 -53.96
CA LYS H 34 -35.43 -23.69 -54.28
C LYS H 34 -34.97 -25.02 -53.71
N LYS H 35 -33.70 -25.37 -53.92
CA LYS H 35 -33.14 -26.60 -53.37
C LYS H 35 -31.81 -26.31 -52.68
N ALA H 36 -31.62 -26.86 -51.49
CA ALA H 36 -30.40 -26.61 -50.72
C ALA H 36 -29.66 -27.91 -50.47
N LEU H 37 -28.34 -27.87 -50.61
CA LEU H 37 -27.45 -28.97 -50.25
C LEU H 37 -27.06 -28.82 -48.78
N LEU H 38 -27.45 -29.78 -47.95
CA LEU H 38 -27.11 -29.77 -46.53
C LEU H 38 -25.74 -30.43 -46.39
N VAL H 39 -24.72 -29.61 -46.18
CA VAL H 39 -23.35 -30.10 -46.04
C VAL H 39 -23.05 -30.33 -44.55
N THR H 40 -22.75 -31.58 -44.21
CA THR H 40 -22.40 -31.95 -42.84
C THR H 40 -21.39 -33.10 -42.92
N ASP H 41 -21.02 -33.62 -41.74
CA ASP H 41 -20.10 -34.74 -41.62
C ASP H 41 -20.84 -36.01 -41.19
N ALA H 42 -20.12 -37.13 -41.26
CA ALA H 42 -20.72 -38.44 -41.00
C ALA H 42 -21.13 -38.58 -39.54
N GLY H 43 -20.41 -37.94 -38.61
CA GLY H 43 -20.81 -38.02 -37.22
C GLY H 43 -22.13 -37.33 -36.95
N LEU H 44 -22.30 -36.09 -37.43
CA LEU H 44 -23.55 -35.38 -37.18
C LEU H 44 -24.71 -36.00 -37.94
N HIS H 45 -24.45 -36.56 -39.12
CA HIS H 45 -25.47 -37.30 -39.86
C HIS H 45 -25.88 -38.59 -39.17
N GLY H 46 -24.91 -39.33 -38.62
CA GLY H 46 -25.22 -40.56 -37.91
C GLY H 46 -25.93 -40.37 -36.59
N LEU H 47 -25.79 -39.20 -35.97
CA LEU H 47 -26.52 -38.93 -34.74
C LEU H 47 -27.93 -38.40 -34.99
N GLY H 48 -28.27 -38.04 -36.24
CA GLY H 48 -29.60 -37.62 -36.59
C GLY H 48 -29.84 -36.13 -36.66
N LEU H 49 -28.85 -35.30 -36.37
CA LEU H 49 -29.05 -33.85 -36.37
C LEU H 49 -29.38 -33.33 -37.76
N SER H 50 -28.75 -33.94 -38.76
CA SER H 50 -28.94 -33.58 -40.17
C SER H 50 -30.42 -33.63 -40.50
N GLU H 51 -31.09 -34.68 -40.02
CA GLU H 51 -32.49 -34.88 -40.35
C GLU H 51 -33.37 -33.85 -39.65
N LYS H 52 -33.03 -33.45 -38.42
CA LYS H 52 -33.79 -32.40 -37.74
C LYS H 52 -33.78 -31.10 -38.55
N ILE H 53 -32.59 -30.73 -38.99
CA ILE H 53 -32.44 -29.47 -39.72
C ILE H 53 -33.08 -29.55 -41.09
N SER H 54 -32.90 -30.68 -41.77
CA SER H 54 -33.53 -30.84 -43.08
C SER H 54 -35.04 -30.72 -42.93
N SER H 55 -35.59 -31.27 -41.83
CA SER H 55 -37.03 -31.15 -41.59
C SER H 55 -37.47 -29.70 -41.40
N ILE H 56 -36.73 -28.92 -40.58
CA ILE H 56 -37.14 -27.51 -40.45
C ILE H 56 -37.11 -26.82 -41.82
N ILE H 57 -36.11 -27.13 -42.66
CA ILE H 57 -36.07 -26.43 -43.95
C ILE H 57 -37.22 -26.86 -44.88
N ARG H 58 -37.47 -28.17 -44.98
CA ARG H 58 -38.53 -28.60 -45.88
C ARG H 58 -39.91 -28.16 -45.40
N ALA H 59 -40.10 -28.03 -44.08
CA ALA H 59 -41.37 -27.56 -43.55
C ALA H 59 -41.61 -26.08 -43.86
N ALA H 60 -40.72 -25.46 -44.61
CA ALA H 60 -40.85 -24.07 -45.04
C ALA H 60 -40.82 -23.97 -46.56
N GLY H 61 -40.89 -25.11 -47.26
CA GLY H 61 -40.97 -25.18 -48.70
C GLY H 61 -39.67 -25.21 -49.48
N VAL H 62 -38.53 -25.45 -48.85
CA VAL H 62 -37.25 -25.56 -49.54
C VAL H 62 -36.77 -27.01 -49.54
N GLU H 63 -36.24 -27.47 -50.67
CA GLU H 63 -35.78 -28.85 -50.75
C GLU H 63 -34.37 -28.99 -50.18
N VAL H 64 -34.05 -30.20 -49.76
CA VAL H 64 -32.80 -30.53 -49.07
C VAL H 64 -32.21 -31.79 -49.67
N SER H 65 -30.92 -31.76 -49.96
CA SER H 65 -30.20 -32.99 -50.25
C SER H 65 -28.98 -32.98 -49.36
N ILE H 66 -28.86 -33.99 -48.50
CA ILE H 66 -27.78 -34.02 -47.52
C ILE H 66 -26.53 -34.61 -48.14
N PHE H 67 -25.40 -33.93 -47.94
CA PHE H 67 -24.08 -34.39 -48.35
C PHE H 67 -23.25 -34.58 -47.08
N PRO H 68 -23.36 -35.73 -46.43
CA PRO H 68 -22.66 -35.90 -45.15
C PRO H 68 -21.24 -36.43 -45.28
N LYS H 69 -20.48 -35.94 -46.27
CA LYS H 69 -19.17 -36.51 -46.53
C LYS H 69 -18.03 -35.50 -46.30
N ALA H 70 -18.29 -34.42 -45.56
CA ALA H 70 -17.21 -33.49 -45.23
C ALA H 70 -16.37 -34.09 -44.11
N GLU H 71 -15.04 -34.12 -44.31
CA GLU H 71 -14.07 -34.71 -43.39
C GLU H 71 -13.36 -33.64 -42.58
N PRO H 72 -13.09 -33.95 -41.30
CA PRO H 72 -12.27 -33.04 -40.50
C PRO H 72 -11.02 -32.79 -41.31
N ASN H 73 -10.72 -31.52 -41.58
CA ASN H 73 -9.69 -31.05 -42.49
C ASN H 73 -10.26 -31.27 -43.88
N PRO H 74 -11.27 -30.52 -44.30
CA PRO H 74 -11.92 -30.78 -45.60
C PRO H 74 -10.87 -30.88 -46.70
N THR H 75 -11.09 -31.76 -47.67
CA THR H 75 -10.10 -31.99 -48.71
C THR H 75 -10.68 -31.66 -50.08
N ASP H 76 -9.77 -31.43 -51.03
CA ASP H 76 -10.18 -31.15 -52.39
C ASP H 76 -11.05 -32.29 -52.94
N LYS H 77 -10.79 -33.55 -52.55
CA LYS H 77 -11.66 -34.59 -53.09
C LYS H 77 -13.08 -34.43 -52.53
N ASN H 78 -13.22 -34.10 -51.24
CA ASN H 78 -14.56 -33.82 -50.72
C ASN H 78 -15.21 -32.68 -51.49
N VAL H 79 -14.45 -31.62 -51.83
CA VAL H 79 -15.05 -30.48 -52.50
C VAL H 79 -15.48 -30.85 -53.92
N ALA H 80 -14.64 -31.59 -54.63
CA ALA H 80 -15.01 -32.03 -55.97
C ALA H 80 -16.25 -32.90 -55.93
N GLU H 81 -16.27 -33.89 -55.02
CA GLU H 81 -17.45 -34.74 -54.86
C GLU H 81 -18.68 -33.93 -54.45
N GLY H 82 -18.49 -32.91 -53.63
CA GLY H 82 -19.60 -32.10 -53.19
C GLY H 82 -20.17 -31.34 -54.37
N LEU H 83 -19.29 -30.85 -55.24
CA LEU H 83 -19.77 -30.23 -56.47
C LEU H 83 -20.51 -31.24 -57.33
N GLU H 84 -20.03 -32.48 -57.37
CA GLU H 84 -20.72 -33.55 -58.10
C GLU H 84 -22.13 -33.75 -57.58
N ALA H 85 -22.30 -33.80 -56.26
CA ALA H 85 -23.63 -33.93 -55.68
C ALA H 85 -24.48 -32.70 -55.96
N TYR H 86 -23.91 -31.51 -55.72
CA TYR H 86 -24.61 -30.24 -55.93
C TYR H 86 -25.20 -30.12 -57.33
N ASN H 87 -24.42 -30.48 -58.36
CA ASN H 87 -24.92 -30.34 -59.73
C ASN H 87 -25.82 -31.50 -60.12
N ALA H 88 -25.41 -32.74 -59.79
CA ALA H 88 -26.19 -33.92 -60.14
C ALA H 88 -27.55 -33.94 -59.45
N GLU H 89 -27.88 -32.87 -58.69
CA GLU H 89 -29.15 -32.75 -58.00
C GLU H 89 -29.74 -31.37 -58.14
N ASN H 90 -29.19 -30.53 -59.01
CA ASN H 90 -29.70 -29.19 -59.32
C ASN H 90 -30.08 -28.45 -58.03
N CYS H 91 -29.09 -28.28 -57.17
CA CYS H 91 -29.31 -27.51 -55.96
C CYS H 91 -28.92 -26.08 -56.30
N ASP H 92 -29.61 -25.13 -55.69
CA ASP H 92 -29.27 -23.73 -55.89
C ASP H 92 -28.79 -23.04 -54.62
N SER H 93 -28.70 -23.75 -53.49
CA SER H 93 -28.22 -23.13 -52.26
C SER H 93 -27.51 -24.20 -51.46
N ILE H 94 -26.82 -23.76 -50.41
CA ILE H 94 -26.08 -24.62 -49.51
C ILE H 94 -26.38 -24.20 -48.08
N VAL H 95 -26.60 -25.18 -47.21
CA VAL H 95 -26.66 -24.93 -45.78
C VAL H 95 -25.60 -25.82 -45.16
N THR H 96 -24.65 -25.21 -44.44
CA THR H 96 -23.62 -25.97 -43.76
C THR H 96 -24.05 -26.16 -42.32
N LEU H 97 -23.94 -27.39 -41.83
CA LEU H 97 -24.31 -27.70 -40.46
C LEU H 97 -23.16 -28.48 -39.84
N GLY H 98 -22.52 -27.88 -38.84
CA GLY H 98 -21.42 -28.54 -38.16
C GLY H 98 -20.31 -27.57 -37.79
N GLY H 99 -19.07 -28.03 -37.84
CA GLY H 99 -17.93 -27.22 -37.51
C GLY H 99 -17.27 -26.59 -38.72
N GLY H 100 -16.02 -26.18 -38.53
CA GLY H 100 -15.30 -25.47 -39.58
C GLY H 100 -15.12 -26.29 -40.84
N SER H 101 -15.00 -27.60 -40.69
CA SER H 101 -14.83 -28.46 -41.85
C SER H 101 -16.06 -28.41 -42.74
N SER H 102 -17.25 -28.41 -42.14
CA SER H 102 -18.48 -28.33 -42.93
C SER H 102 -18.64 -26.95 -43.55
N HIS H 103 -18.32 -25.90 -42.80
CA HIS H 103 -18.44 -24.56 -43.34
C HIS H 103 -17.49 -24.37 -44.52
N ASP H 104 -16.24 -24.81 -44.36
CA ASP H 104 -15.25 -24.61 -45.41
C ASP H 104 -15.54 -25.46 -46.63
N ALA H 105 -15.96 -26.72 -46.41
CA ALA H 105 -16.38 -27.55 -47.54
C ALA H 105 -17.55 -26.94 -48.29
N GLY H 106 -18.59 -26.50 -47.57
CA GLY H 106 -19.71 -25.87 -48.24
C GLY H 106 -19.37 -24.59 -48.95
N LYS H 107 -18.56 -23.72 -48.32
CA LYS H 107 -18.13 -22.50 -48.98
C LYS H 107 -17.34 -22.81 -50.24
N ALA H 108 -16.44 -23.77 -50.16
CA ALA H 108 -15.62 -24.12 -51.31
C ALA H 108 -16.47 -24.67 -52.45
N ILE H 109 -17.39 -25.58 -52.14
CA ILE H 109 -18.31 -26.09 -53.16
C ILE H 109 -19.09 -24.96 -53.81
N ALA H 110 -19.63 -24.03 -53.01
CA ALA H 110 -20.44 -22.94 -53.57
C ALA H 110 -19.58 -21.99 -54.41
N LEU H 111 -18.34 -21.74 -53.98
CA LEU H 111 -17.45 -20.85 -54.73
C LEU H 111 -17.07 -21.48 -56.06
N VAL H 112 -16.67 -22.76 -56.06
CA VAL H 112 -16.30 -23.41 -57.33
C VAL H 112 -17.54 -23.50 -58.21
N ALA H 113 -18.72 -23.64 -57.57
CA ALA H 113 -20.03 -23.70 -58.21
C ALA H 113 -20.42 -22.36 -58.85
N ALA H 114 -19.73 -21.27 -58.53
CA ALA H 114 -20.05 -19.97 -59.11
C ALA H 114 -18.96 -19.41 -59.99
N ASN H 115 -17.74 -19.95 -59.93
CA ASN H 115 -16.60 -19.46 -60.70
C ASN H 115 -16.10 -20.50 -61.70
N GLY H 116 -16.43 -21.78 -61.51
CA GLY H 116 -16.06 -22.84 -62.42
C GLY H 116 -14.69 -23.47 -62.23
N GLY H 117 -13.74 -22.77 -61.62
CA GLY H 117 -12.41 -23.35 -61.39
C GLY H 117 -12.26 -24.65 -60.64
N LYS H 118 -11.18 -24.76 -59.89
CA LYS H 118 -10.94 -25.86 -58.97
C LYS H 118 -10.59 -25.24 -57.62
N ILE H 119 -10.67 -26.02 -56.54
CA ILE H 119 -10.36 -25.41 -55.25
C ILE H 119 -8.90 -24.94 -55.11
N HIS H 120 -7.94 -25.65 -55.70
CA HIS H 120 -6.54 -25.23 -55.57
C HIS H 120 -6.23 -23.85 -56.18
N ASP H 121 -6.97 -23.42 -57.21
CA ASP H 121 -6.73 -22.13 -57.87
C ASP H 121 -7.04 -20.88 -57.05
N TYR H 122 -7.77 -20.97 -55.97
CA TYR H 122 -8.18 -19.75 -55.29
C TYR H 122 -7.40 -19.54 -54.01
N GLU H 123 -6.36 -20.34 -53.82
CA GLU H 123 -5.45 -20.18 -52.70
C GLU H 123 -4.73 -18.84 -52.78
N GLY H 124 -4.81 -18.09 -51.70
CA GLY H 124 -4.23 -16.77 -51.67
C GLY H 124 -5.24 -15.78 -51.13
N VAL H 125 -5.16 -14.55 -51.59
CA VAL H 125 -5.99 -13.49 -51.05
C VAL H 125 -6.80 -12.90 -52.18
N ASP H 126 -8.11 -12.97 -52.01
CA ASP H 126 -9.08 -12.37 -52.90
C ASP H 126 -8.86 -12.77 -54.36
N VAL H 127 -8.79 -14.08 -54.61
CA VAL H 127 -8.55 -14.63 -55.96
C VAL H 127 -9.77 -14.83 -56.87
N SER H 128 -11.00 -14.80 -56.36
CA SER H 128 -12.13 -15.15 -57.24
C SER H 128 -12.78 -13.91 -57.88
N LYS H 129 -13.62 -14.18 -58.89
CA LYS H 129 -14.28 -13.15 -59.70
C LYS H 129 -15.76 -12.95 -59.40
N GLU H 130 -16.46 -13.97 -58.94
CA GLU H 130 -17.88 -13.87 -58.64
C GLU H 130 -18.14 -14.21 -57.17
N PRO H 131 -19.20 -13.64 -56.56
CA PRO H 131 -19.68 -14.23 -55.33
C PRO H 131 -20.24 -15.63 -55.54
N MET H 132 -20.19 -16.41 -54.48
CA MET H 132 -20.65 -17.77 -54.35
C MET H 132 -22.18 -17.84 -54.18
N VAL H 133 -22.70 -19.05 -54.26
CA VAL H 133 -24.14 -19.30 -54.18
C VAL H 133 -24.64 -18.97 -52.78
N PRO H 134 -25.92 -18.63 -52.60
CA PRO H 134 -26.45 -18.35 -51.26
C PRO H 134 -26.12 -19.42 -50.22
N LEU H 135 -25.74 -18.96 -49.01
CA LEU H 135 -25.32 -19.86 -47.93
C LEU H 135 -25.76 -19.37 -46.56
N ILE H 136 -26.35 -20.31 -45.80
CA ILE H 136 -26.64 -20.12 -44.39
C ILE H 136 -25.79 -21.12 -43.63
N ALA H 137 -25.03 -20.64 -42.65
CA ALA H 137 -24.07 -21.47 -41.91
C ALA H 137 -24.60 -21.70 -40.50
N ILE H 138 -24.79 -22.97 -40.13
CA ILE H 138 -25.29 -23.34 -38.81
C ILE H 138 -24.11 -23.92 -38.04
N ASN H 139 -23.71 -23.20 -36.99
CA ASN H 139 -22.50 -23.54 -36.25
C ASN H 139 -22.79 -24.45 -35.06
N THR H 140 -21.97 -25.50 -34.92
CA THR H 140 -22.12 -26.45 -33.84
C THR H 140 -20.85 -26.61 -33.02
N THR H 141 -19.77 -25.93 -33.38
CA THR H 141 -18.53 -25.94 -32.62
C THR H 141 -18.24 -24.54 -32.09
N ALA H 142 -17.45 -24.48 -31.02
CA ALA H 142 -17.12 -23.22 -30.38
C ALA H 142 -15.67 -22.85 -30.68
N GLY H 143 -15.42 -22.48 -31.94
CA GLY H 143 -14.08 -22.01 -32.28
C GLY H 143 -13.87 -21.41 -33.65
N THR H 144 -14.06 -22.20 -34.72
CA THR H 144 -13.71 -21.78 -36.08
C THR H 144 -14.14 -20.35 -36.41
N GLY H 145 -15.42 -20.04 -36.26
CA GLY H 145 -15.90 -18.75 -36.64
C GLY H 145 -16.23 -18.66 -38.12
N SER H 146 -16.05 -19.77 -38.85
CA SER H 146 -16.22 -19.77 -40.30
C SER H 146 -17.60 -19.31 -40.74
N GLU H 147 -18.62 -19.46 -39.90
CA GLU H 147 -19.93 -18.93 -40.30
C GLU H 147 -19.90 -17.42 -40.54
N LEU H 148 -18.81 -16.73 -40.19
CA LEU H 148 -18.74 -15.29 -40.39
C LEU H 148 -17.56 -14.84 -41.22
N THR H 149 -16.64 -15.74 -41.58
CA THR H 149 -15.37 -15.33 -42.14
C THR H 149 -15.40 -15.45 -43.66
N LYS H 150 -14.40 -14.81 -44.27
CA LYS H 150 -14.11 -14.95 -45.69
C LYS H 150 -12.96 -15.91 -45.93
N PHE H 151 -12.83 -16.91 -45.07
CA PHE H 151 -11.77 -17.92 -45.11
C PHE H 151 -12.44 -19.25 -45.36
N THR H 152 -11.84 -20.01 -46.27
CA THR H 152 -12.14 -21.42 -46.47
C THR H 152 -10.79 -22.10 -46.53
N ILE H 153 -10.58 -23.06 -45.63
CA ILE H 153 -9.31 -23.76 -45.51
C ILE H 153 -9.59 -25.14 -46.07
N ILE H 154 -9.06 -25.41 -47.26
CA ILE H 154 -9.25 -26.68 -47.94
C ILE H 154 -7.92 -27.38 -48.08
N THR H 155 -7.87 -28.69 -47.86
CA THR H 155 -6.61 -29.42 -47.88
C THR H 155 -6.31 -29.92 -49.30
N ASP H 156 -5.09 -29.64 -49.78
CA ASP H 156 -4.53 -30.13 -51.04
C ASP H 156 -3.90 -31.51 -50.83
N THR H 157 -4.58 -32.58 -51.26
CA THR H 157 -4.10 -33.94 -50.95
C THR H 157 -2.68 -34.22 -51.46
N GLU H 158 -2.18 -33.50 -52.46
CA GLU H 158 -0.84 -33.78 -53.00
C GLU H 158 0.29 -33.00 -52.35
N ARG H 159 0.13 -31.69 -52.20
CA ARG H 159 1.18 -30.94 -51.54
C ARG H 159 1.17 -31.16 -50.05
N LYS H 160 0.08 -31.74 -49.55
CA LYS H 160 -0.07 -32.08 -48.14
C LYS H 160 -0.08 -30.78 -47.36
N VAL H 161 -0.74 -29.77 -47.95
CA VAL H 161 -0.82 -28.42 -47.39
C VAL H 161 -2.27 -27.97 -47.40
N LYS H 162 -2.72 -27.50 -46.25
CA LYS H 162 -4.01 -26.84 -46.03
C LYS H 162 -4.02 -25.44 -46.61
N MET H 163 -4.58 -25.28 -47.81
CA MET H 163 -4.65 -23.97 -48.43
C MET H 163 -5.68 -23.07 -47.76
N ALA H 164 -5.32 -21.77 -47.66
CA ALA H 164 -6.14 -20.72 -47.08
C ALA H 164 -6.66 -19.81 -48.19
N ILE H 165 -7.96 -19.90 -48.49
CA ILE H 165 -8.64 -19.03 -49.44
C ILE H 165 -9.36 -17.93 -48.67
N VAL H 166 -8.82 -16.71 -48.76
CA VAL H 166 -9.35 -15.52 -48.12
C VAL H 166 -9.92 -14.68 -49.25
N ASP H 167 -11.23 -14.72 -49.48
CA ASP H 167 -11.79 -14.04 -50.65
C ASP H 167 -13.07 -13.37 -50.17
N LYS H 168 -13.28 -12.11 -50.54
CA LYS H 168 -14.48 -11.40 -50.11
C LYS H 168 -15.78 -12.09 -50.50
N HIS H 169 -15.75 -13.02 -51.45
CA HIS H 169 -16.94 -13.69 -51.93
C HIS H 169 -17.40 -14.88 -51.11
N VAL H 170 -16.70 -15.29 -50.06
CA VAL H 170 -17.17 -16.44 -49.28
C VAL H 170 -17.75 -16.02 -47.94
N THR H 171 -18.01 -14.74 -47.74
CA THR H 171 -18.72 -14.33 -46.54
C THR H 171 -20.14 -14.88 -46.64
N PRO H 172 -20.59 -15.72 -45.70
CA PRO H 172 -21.93 -16.31 -45.79
C PRO H 172 -23.04 -15.27 -45.86
N THR H 173 -24.18 -15.70 -46.42
CA THR H 173 -25.34 -14.82 -46.47
C THR H 173 -25.93 -14.65 -45.08
N LEU H 174 -26.07 -15.75 -44.34
CA LEU H 174 -26.64 -15.65 -43.00
C LEU H 174 -26.01 -16.70 -42.08
N SER H 175 -25.89 -16.37 -40.80
CA SER H 175 -25.26 -17.25 -39.82
C SER H 175 -26.22 -17.53 -38.67
N ILE H 176 -26.11 -18.75 -38.13
CA ILE H 176 -26.89 -19.20 -36.99
C ILE H 176 -25.94 -19.84 -36.01
N ASN H 177 -25.97 -19.34 -34.78
CA ASN H 177 -25.10 -19.83 -33.72
C ASN H 177 -25.98 -20.31 -32.57
N ASP H 178 -26.46 -21.56 -32.67
CA ASP H 178 -27.36 -22.11 -31.66
C ASP H 178 -26.55 -22.87 -30.61
N PRO H 179 -26.47 -22.39 -29.37
CA PRO H 179 -25.68 -23.09 -28.35
C PRO H 179 -26.27 -24.44 -27.96
N GLU H 180 -27.55 -24.66 -28.22
CA GLU H 180 -28.14 -25.96 -27.90
C GLU H 180 -27.55 -27.05 -28.75
N LEU H 181 -27.03 -26.71 -29.93
CA LEU H 181 -26.40 -27.67 -30.82
C LEU H 181 -24.95 -27.99 -30.44
N MET H 182 -24.42 -27.35 -29.39
CA MET H 182 -23.04 -27.55 -28.98
C MET H 182 -22.92 -28.38 -27.71
N VAL H 183 -24.05 -28.72 -27.07
CA VAL H 183 -24.00 -29.51 -25.84
C VAL H 183 -23.35 -30.85 -26.10
N GLY H 184 -23.48 -31.38 -27.32
CA GLY H 184 -22.95 -32.69 -27.54
C GLY H 184 -21.47 -32.77 -27.85
N MET H 185 -20.80 -31.63 -27.93
CA MET H 185 -19.37 -31.64 -28.17
C MET H 185 -18.69 -32.38 -27.01
N PRO H 186 -17.95 -33.46 -27.27
CA PRO H 186 -17.20 -34.14 -26.19
C PRO H 186 -16.10 -33.25 -25.62
N PRO H 187 -15.62 -33.54 -24.40
CA PRO H 187 -14.66 -32.62 -23.75
C PRO H 187 -13.42 -32.29 -24.58
N SER H 188 -12.79 -33.30 -25.19
CA SER H 188 -11.58 -33.04 -25.97
C SER H 188 -11.88 -32.15 -27.18
N LEU H 189 -13.03 -32.36 -27.82
CA LEU H 189 -13.41 -31.51 -28.93
C LEU H 189 -13.72 -30.09 -28.46
N THR H 190 -14.40 -29.97 -27.31
CA THR H 190 -14.66 -28.66 -26.70
C THR H 190 -13.36 -27.91 -26.44
N ALA H 191 -12.36 -28.62 -25.86
CA ALA H 191 -11.09 -27.99 -25.55
C ALA H 191 -10.35 -27.57 -26.82
N ALA H 192 -10.31 -28.46 -27.83
CA ALA H 192 -9.57 -28.16 -29.05
C ALA H 192 -10.19 -26.99 -29.81
N THR H 193 -11.51 -26.98 -29.96
CA THR H 193 -12.17 -25.88 -30.65
C THR H 193 -12.03 -24.57 -29.88
N GLY H 194 -12.15 -24.63 -28.54
CA GLY H 194 -12.00 -23.43 -27.74
C GLY H 194 -10.61 -22.87 -27.81
N LEU H 195 -9.61 -23.74 -27.87
CA LEU H 195 -8.25 -23.23 -27.99
C LEU H 195 -7.97 -22.73 -29.39
N ASP H 196 -8.67 -23.23 -30.40
CA ASP H 196 -8.56 -22.60 -31.70
C ASP H 196 -9.17 -21.20 -31.68
N ALA H 197 -10.27 -21.02 -30.95
CA ALA H 197 -10.84 -19.68 -30.83
C ALA H 197 -9.91 -18.74 -30.06
N LEU H 198 -9.30 -19.25 -29.00
CA LEU H 198 -8.33 -18.43 -28.27
C LEU H 198 -7.15 -18.06 -29.15
N THR H 199 -6.67 -18.99 -29.96
CA THR H 199 -5.58 -18.68 -30.89
C THR H 199 -6.00 -17.60 -31.86
N HIS H 200 -7.23 -17.68 -32.35
CA HIS H 200 -7.73 -16.64 -33.24
C HIS H 200 -7.66 -15.27 -32.55
N ALA H 201 -8.14 -15.20 -31.30
CA ALA H 201 -8.21 -13.91 -30.63
C ALA H 201 -6.83 -13.34 -30.32
N ILE H 202 -5.91 -14.20 -29.87
CA ILE H 202 -4.57 -13.73 -29.54
C ILE H 202 -3.83 -13.29 -30.80
N GLU H 203 -3.89 -14.11 -31.87
CA GLU H 203 -3.21 -13.76 -33.10
C GLU H 203 -3.81 -12.52 -33.72
N ALA H 204 -5.11 -12.31 -33.54
CA ALA H 204 -5.73 -11.10 -34.03
C ALA H 204 -5.28 -9.90 -33.20
N TYR H 205 -5.10 -10.09 -31.89
CA TYR H 205 -4.72 -8.95 -31.07
C TYR H 205 -3.31 -8.48 -31.40
N VAL H 206 -2.38 -9.41 -31.70
CA VAL H 206 -1.01 -8.98 -31.98
C VAL H 206 -0.72 -8.87 -33.47
N SER H 207 -1.72 -9.10 -34.31
CA SER H 207 -1.53 -9.06 -35.75
C SER H 207 -1.26 -7.63 -36.21
N THR H 208 -0.51 -7.51 -37.30
CA THR H 208 -0.22 -6.23 -37.93
C THR H 208 -1.44 -5.64 -38.62
N GLY H 209 -2.52 -6.40 -38.77
CA GLY H 209 -3.71 -5.85 -39.39
C GLY H 209 -4.79 -5.48 -38.40
N ALA H 210 -4.40 -5.37 -37.14
CA ALA H 210 -5.34 -5.04 -36.08
C ALA H 210 -5.87 -3.63 -36.27
N THR H 211 -7.12 -3.45 -35.89
CA THR H 211 -7.84 -2.18 -35.89
C THR H 211 -8.42 -2.03 -34.50
N PRO H 212 -8.82 -0.81 -34.09
CA PRO H 212 -9.49 -0.71 -32.79
C PRO H 212 -10.71 -1.60 -32.66
N ILE H 213 -11.41 -1.90 -33.76
CA ILE H 213 -12.58 -2.77 -33.72
C ILE H 213 -12.18 -4.21 -33.45
N THR H 214 -11.25 -4.74 -34.24
CA THR H 214 -10.79 -6.09 -33.97
C THR H 214 -10.20 -6.19 -32.57
N ASP H 215 -9.51 -5.14 -32.11
CA ASP H 215 -9.00 -5.18 -30.75
C ASP H 215 -10.14 -5.33 -29.74
N ALA H 216 -11.20 -4.53 -29.88
CA ALA H 216 -12.34 -4.66 -28.96
C ALA H 216 -12.87 -6.09 -28.92
N LEU H 217 -13.09 -6.66 -30.10
CA LEU H 217 -13.66 -8.00 -30.13
C LEU H 217 -12.70 -9.03 -29.56
N ALA H 218 -11.41 -8.89 -29.88
CA ALA H 218 -10.47 -9.90 -29.46
C ALA H 218 -10.31 -9.87 -27.95
N ILE H 219 -10.25 -8.65 -27.37
CA ILE H 219 -10.09 -8.53 -25.92
C ILE H 219 -11.25 -9.22 -25.21
N GLN H 220 -12.47 -8.93 -25.66
CA GLN H 220 -13.61 -9.58 -25.03
C GLN H 220 -13.53 -11.10 -25.19
N ALA H 221 -13.14 -11.58 -26.37
CA ALA H 221 -13.04 -13.02 -26.60
C ALA H 221 -12.05 -13.67 -25.62
N ILE H 222 -10.88 -13.06 -25.45
CA ILE H 222 -9.89 -13.62 -24.53
C ILE H 222 -10.46 -13.67 -23.12
N LYS H 223 -11.11 -12.59 -22.68
CA LYS H 223 -11.62 -12.60 -21.30
C LYS H 223 -12.68 -13.69 -21.11
N ILE H 224 -13.57 -13.86 -22.10
CA ILE H 224 -14.64 -14.85 -21.94
C ILE H 224 -14.08 -16.25 -22.00
N ILE H 225 -13.13 -16.50 -22.91
CA ILE H 225 -12.53 -17.83 -23.00
C ILE H 225 -11.83 -18.17 -21.71
N SER H 226 -11.08 -17.21 -21.15
CA SER H 226 -10.34 -17.41 -19.91
C SER H 226 -11.27 -17.83 -18.78
N LYS H 227 -12.50 -17.34 -18.79
CA LYS H 227 -13.36 -17.71 -17.66
C LYS H 227 -14.17 -18.96 -17.94
N TYR H 228 -14.66 -19.15 -19.17
CA TYR H 228 -15.64 -20.17 -19.46
C TYR H 228 -15.16 -21.42 -20.19
N LEU H 229 -14.02 -21.39 -20.88
CA LEU H 229 -13.58 -22.59 -21.60
C LEU H 229 -13.33 -23.76 -20.67
N PRO H 230 -12.57 -23.62 -19.57
CA PRO H 230 -12.40 -24.77 -18.67
C PRO H 230 -13.73 -25.27 -18.11
N ARG H 231 -14.73 -24.39 -17.96
CA ARG H 231 -16.04 -24.83 -17.49
C ARG H 231 -16.76 -25.67 -18.53
N ALA H 232 -16.64 -25.29 -19.81
CA ALA H 232 -17.29 -26.06 -20.86
C ALA H 232 -16.59 -27.39 -21.09
N VAL H 233 -15.28 -27.44 -20.87
CA VAL H 233 -14.58 -28.71 -20.98
C VAL H 233 -14.90 -29.61 -19.79
N ALA H 234 -15.05 -29.03 -18.60
CA ALA H 234 -15.31 -29.85 -17.43
C ALA H 234 -16.73 -30.39 -17.42
N ASN H 235 -17.68 -29.65 -17.99
CA ASN H 235 -19.06 -30.10 -18.07
C ASN H 235 -19.68 -29.50 -19.31
N GLY H 236 -19.91 -30.34 -20.33
CA GLY H 236 -20.50 -29.85 -21.58
C GLY H 236 -21.96 -29.52 -21.48
N LYS H 237 -22.60 -29.89 -20.36
CA LYS H 237 -24.02 -29.67 -20.15
C LYS H 237 -24.27 -28.38 -19.38
N ASP H 238 -23.20 -27.68 -19.00
CA ASP H 238 -23.24 -26.35 -18.40
C ASP H 238 -23.68 -25.37 -19.48
N ILE H 239 -24.96 -24.98 -19.44
CA ILE H 239 -25.51 -24.14 -20.49
C ILE H 239 -24.87 -22.75 -20.52
N GLU H 240 -24.62 -22.17 -19.35
CA GLU H 240 -24.01 -20.84 -19.32
C GLU H 240 -22.64 -20.85 -20.00
N ALA H 241 -21.82 -21.85 -19.69
CA ALA H 241 -20.51 -21.95 -20.30
C ALA H 241 -20.60 -22.13 -21.81
N ARG H 242 -21.57 -22.92 -22.28
CA ARG H 242 -21.71 -23.14 -23.71
C ARG H 242 -22.09 -21.86 -24.43
N GLU H 243 -23.02 -21.08 -23.85
CA GLU H 243 -23.47 -19.84 -24.49
C GLU H 243 -22.36 -18.80 -24.50
N GLN H 244 -21.60 -18.71 -23.41
CA GLN H 244 -20.51 -17.76 -23.37
C GLN H 244 -19.41 -18.17 -24.36
N MET H 245 -19.17 -19.48 -24.51
CA MET H 245 -18.20 -19.94 -25.50
C MET H 245 -18.67 -19.69 -26.93
N ALA H 246 -19.98 -19.74 -27.19
CA ALA H 246 -20.47 -19.39 -28.51
C ALA H 246 -20.22 -17.92 -28.82
N PHE H 247 -20.46 -17.07 -27.82
CA PHE H 247 -20.13 -15.65 -28.00
C PHE H 247 -18.64 -15.45 -28.22
N ALA H 248 -17.80 -16.14 -27.45
CA ALA H 248 -16.37 -15.93 -27.59
C ALA H 248 -15.84 -16.39 -28.94
N GLN H 249 -16.33 -17.54 -29.42
CA GLN H 249 -15.91 -18.01 -30.74
C GLN H 249 -16.32 -17.02 -31.82
N SER H 250 -17.51 -16.42 -31.71
CA SER H 250 -17.92 -15.43 -32.71
C SER H 250 -17.06 -14.19 -32.63
N LEU H 251 -16.73 -13.76 -31.41
CA LEU H 251 -15.85 -12.61 -31.22
C LEU H 251 -14.49 -12.85 -31.86
N ALA H 252 -13.92 -14.03 -31.62
CA ALA H 252 -12.61 -14.34 -32.17
C ALA H 252 -12.65 -14.44 -33.69
N GLY H 253 -13.74 -15.00 -34.23
CA GLY H 253 -13.88 -15.02 -35.68
C GLY H 253 -13.97 -13.63 -36.27
N MET H 254 -14.82 -12.77 -35.70
CA MET H 254 -14.93 -11.40 -36.18
C MET H 254 -13.58 -10.70 -36.14
N ALA H 255 -12.79 -10.95 -35.09
CA ALA H 255 -11.53 -10.24 -34.95
C ALA H 255 -10.51 -10.73 -35.97
N PHE H 256 -10.27 -12.04 -36.03
CA PHE H 256 -9.23 -12.55 -36.90
C PHE H 256 -9.62 -12.39 -38.37
N ASN H 257 -10.91 -12.47 -38.68
CA ASN H 257 -11.35 -12.29 -40.05
C ASN H 257 -10.91 -10.95 -40.62
N ASN H 258 -10.83 -9.91 -39.78
CA ASN H 258 -10.56 -8.57 -40.26
C ASN H 258 -9.22 -8.01 -39.82
N ALA H 259 -8.50 -8.72 -38.94
CA ALA H 259 -7.16 -8.32 -38.54
C ALA H 259 -6.07 -9.22 -39.11
N GLY H 260 -6.34 -10.51 -39.27
CA GLY H 260 -5.37 -11.48 -39.71
C GLY H 260 -4.93 -12.38 -38.57
N LEU H 261 -4.25 -13.46 -38.94
CA LEU H 261 -3.72 -14.38 -37.97
C LEU H 261 -2.20 -14.24 -37.98
N GLY H 262 -1.49 -15.33 -37.76
CA GLY H 262 -0.04 -15.29 -37.71
C GLY H 262 0.58 -16.66 -37.91
N TYR H 263 1.77 -16.83 -37.36
CA TYR H 263 2.54 -18.03 -37.64
C TYR H 263 2.07 -19.25 -36.87
N VAL H 264 1.24 -19.08 -35.84
CA VAL H 264 0.61 -20.23 -35.21
C VAL H 264 -0.23 -20.96 -36.24
N HIS H 265 -1.08 -20.22 -36.94
CA HIS H 265 -1.91 -20.82 -37.96
C HIS H 265 -1.07 -21.26 -39.15
N ALA H 266 -0.07 -20.45 -39.52
CA ALA H 266 0.78 -20.80 -40.65
C ALA H 266 1.47 -22.14 -40.43
N ILE H 267 1.96 -22.40 -39.23
CA ILE H 267 2.63 -23.68 -38.98
C ILE H 267 1.63 -24.81 -38.75
N ALA H 268 0.54 -24.52 -38.02
CA ALA H 268 -0.47 -25.53 -37.74
C ALA H 268 -1.14 -26.05 -39.00
N HIS H 269 -1.31 -25.20 -40.02
CA HIS H 269 -1.93 -25.67 -41.26
C HIS H 269 -1.07 -26.72 -41.93
N GLN H 270 0.24 -26.61 -41.78
CA GLN H 270 1.13 -27.58 -42.40
C GLN H 270 1.18 -28.86 -41.60
N LEU H 271 1.20 -28.74 -40.27
CA LEU H 271 1.16 -29.94 -39.44
C LEU H 271 -0.15 -30.72 -39.60
N GLY H 272 -1.27 -30.02 -39.81
CA GLY H 272 -2.52 -30.71 -39.99
C GLY H 272 -2.64 -31.32 -41.37
N GLY H 273 -2.09 -30.66 -42.39
CA GLY H 273 -2.04 -31.27 -43.71
C GLY H 273 -1.08 -32.44 -43.83
N PHE H 274 -0.06 -32.49 -42.97
CA PHE H 274 0.90 -33.59 -42.99
C PHE H 274 0.50 -34.81 -42.17
N TYR H 275 -0.11 -34.61 -40.99
CA TYR H 275 -0.39 -35.72 -40.07
C TYR H 275 -1.84 -35.87 -39.65
N ASN H 276 -2.77 -35.07 -40.21
CA ASN H 276 -4.18 -35.17 -39.84
C ASN H 276 -4.44 -34.96 -38.36
N PHE H 277 -3.61 -34.14 -37.71
CA PHE H 277 -3.87 -33.78 -36.34
C PHE H 277 -5.12 -32.89 -36.25
N PRO H 278 -5.78 -32.86 -35.09
CA PRO H 278 -6.88 -31.90 -34.89
C PRO H 278 -6.34 -30.47 -34.94
N HIS H 279 -7.03 -29.59 -35.67
CA HIS H 279 -6.57 -28.21 -35.84
C HIS H 279 -6.31 -27.49 -34.52
N GLY H 280 -7.26 -27.60 -33.58
CA GLY H 280 -7.12 -26.90 -32.32
C GLY H 280 -5.99 -27.42 -31.46
N VAL H 281 -5.69 -28.72 -31.56
CA VAL H 281 -4.57 -29.26 -30.80
C VAL H 281 -3.25 -28.72 -31.34
N CYS H 282 -3.12 -28.61 -32.67
CA CYS H 282 -1.91 -28.01 -33.24
C CYS H 282 -1.76 -26.57 -32.76
N ASN H 283 -2.85 -25.80 -32.80
CA ASN H 283 -2.75 -24.41 -32.32
C ASN H 283 -2.38 -24.34 -30.85
N ALA H 284 -2.96 -25.21 -30.02
CA ALA H 284 -2.69 -25.17 -28.59
C ALA H 284 -1.25 -25.57 -28.28
N VAL H 285 -0.72 -26.55 -29.00
CA VAL H 285 0.66 -26.93 -28.79
C VAL H 285 1.60 -25.81 -29.25
N LEU H 286 1.29 -25.15 -30.37
CA LEU H 286 2.26 -24.20 -30.92
C LEU H 286 2.19 -22.81 -30.29
N LEU H 287 1.01 -22.40 -29.79
CA LEU H 287 0.82 -21.02 -29.32
C LEU H 287 1.91 -20.47 -28.41
N PRO H 288 2.32 -21.14 -27.31
CA PRO H 288 3.38 -20.55 -26.47
C PRO H 288 4.69 -20.31 -27.20
N TYR H 289 5.07 -21.17 -28.15
CA TYR H 289 6.36 -21.02 -28.81
C TYR H 289 6.35 -19.85 -29.79
N VAL H 290 5.24 -19.67 -30.51
CA VAL H 290 5.15 -18.55 -31.45
C VAL H 290 4.97 -17.24 -30.70
N CYS H 291 4.24 -17.29 -29.57
CA CYS H 291 4.08 -16.10 -28.74
C CYS H 291 5.42 -15.63 -28.17
N ARG H 292 6.23 -16.57 -27.64
CA ARG H 292 7.58 -16.19 -27.19
C ARG H 292 8.40 -15.61 -28.34
N PHE H 293 8.33 -16.24 -29.51
CA PHE H 293 9.06 -15.71 -30.65
C PHE H 293 8.60 -14.29 -30.94
N ASN H 294 7.31 -14.02 -30.75
CA ASN H 294 6.75 -12.72 -31.09
C ASN H 294 6.95 -11.68 -30.00
N LEU H 295 7.43 -12.05 -28.81
CA LEU H 295 7.40 -11.14 -27.67
C LEU H 295 8.02 -9.77 -27.96
N ILE H 296 9.22 -9.76 -28.55
CA ILE H 296 9.88 -8.48 -28.72
C ILE H 296 9.16 -7.54 -29.67
N SER H 297 8.23 -8.03 -30.50
CA SER H 297 7.53 -7.14 -31.41
C SER H 297 6.29 -6.53 -30.79
N LYS H 298 5.66 -7.22 -29.85
CA LYS H 298 4.39 -6.80 -29.26
C LYS H 298 4.36 -7.04 -27.76
N VAL H 299 5.39 -6.55 -27.05
CA VAL H 299 5.50 -6.89 -25.63
C VAL H 299 4.39 -6.23 -24.81
N GLU H 300 3.97 -5.04 -25.20
CA GLU H 300 2.90 -4.36 -24.50
C GLU H 300 1.57 -5.10 -24.66
N ARG H 301 1.30 -5.65 -25.85
CA ARG H 301 0.04 -6.34 -26.05
C ARG H 301 0.04 -7.71 -25.37
N TYR H 302 1.19 -8.35 -25.28
CA TYR H 302 1.26 -9.59 -24.51
C TYR H 302 1.12 -9.35 -23.00
N ALA H 303 1.61 -8.21 -22.49
CA ALA H 303 1.35 -7.89 -21.10
C ALA H 303 -0.15 -7.67 -20.86
N GLU H 304 -0.81 -7.01 -21.82
CA GLU H 304 -2.25 -6.83 -21.71
C GLU H 304 -2.97 -8.18 -21.75
N ILE H 305 -2.52 -9.10 -22.61
CA ILE H 305 -3.13 -10.43 -22.68
C ILE H 305 -2.96 -11.17 -21.35
N ALA H 306 -1.82 -10.97 -20.68
CA ALA H 306 -1.63 -11.56 -19.36
C ALA H 306 -2.70 -11.09 -18.41
N ALA H 307 -3.03 -9.80 -18.47
CA ALA H 307 -4.10 -9.33 -17.60
C ALA H 307 -5.46 -9.92 -18.04
N PHE H 308 -5.73 -9.98 -19.35
CA PHE H 308 -6.99 -10.57 -19.84
C PHE H 308 -7.17 -12.02 -19.40
N LEU H 309 -6.08 -12.76 -19.21
CA LEU H 309 -6.19 -14.15 -18.83
C LEU H 309 -6.28 -14.33 -17.32
N GLY H 310 -6.40 -13.25 -16.57
CA GLY H 310 -6.60 -13.32 -15.14
C GLY H 310 -5.35 -13.22 -14.31
N GLU H 311 -4.18 -13.04 -14.92
CA GLU H 311 -2.94 -13.04 -14.15
C GLU H 311 -2.78 -11.68 -13.47
N ASN H 312 -2.14 -11.69 -12.32
CA ASN H 312 -1.81 -10.47 -11.60
C ASN H 312 -0.45 -9.97 -12.05
N VAL H 313 -0.38 -8.73 -12.54
CA VAL H 313 0.83 -8.16 -13.11
C VAL H 313 1.34 -6.96 -12.29
N ASP H 314 0.90 -6.82 -11.04
CA ASP H 314 1.28 -5.66 -10.23
C ASP H 314 2.76 -5.71 -9.89
N GLY H 315 3.45 -4.59 -10.12
CA GLY H 315 4.85 -4.49 -9.78
C GLY H 315 5.81 -5.16 -10.72
N LEU H 316 5.38 -5.48 -11.93
CA LEU H 316 6.21 -6.20 -12.88
C LEU H 316 6.54 -5.29 -14.07
N SER H 317 7.70 -5.55 -14.67
CA SER H 317 8.02 -4.89 -15.92
C SER H 317 7.10 -5.42 -17.02
N THR H 318 6.94 -4.64 -18.08
CA THR H 318 6.12 -5.11 -19.19
C THR H 318 6.57 -6.48 -19.66
N TYR H 319 7.89 -6.73 -19.61
CA TYR H 319 8.45 -7.99 -20.08
C TYR H 319 8.00 -9.17 -19.21
N ASP H 320 8.09 -9.00 -17.89
CA ASP H 320 7.67 -10.09 -17.00
C ASP H 320 6.17 -10.33 -17.09
N ALA H 321 5.39 -9.29 -17.35
CA ALA H 321 3.95 -9.49 -17.52
C ALA H 321 3.66 -10.27 -18.80
N ALA H 322 4.38 -9.96 -19.89
CA ALA H 322 4.18 -10.73 -21.12
C ALA H 322 4.55 -12.20 -20.88
N GLU H 323 5.56 -12.44 -20.03
CA GLU H 323 5.91 -13.82 -19.75
C GLU H 323 4.83 -14.50 -18.91
N LYS H 324 4.21 -13.76 -18.00
CA LYS H 324 3.13 -14.38 -17.25
C LYS H 324 2.01 -14.77 -18.19
N ALA H 325 1.89 -14.07 -19.32
CA ALA H 325 0.88 -14.45 -20.29
C ALA H 325 1.24 -15.76 -20.98
N ILE H 326 2.50 -15.94 -21.36
CA ILE H 326 2.90 -17.22 -21.96
C ILE H 326 2.70 -18.37 -20.97
N LYS H 327 3.04 -18.14 -19.70
CA LYS H 327 2.82 -19.16 -18.69
C LYS H 327 1.34 -19.47 -18.51
N ALA H 328 0.48 -18.45 -18.62
CA ALA H 328 -0.95 -18.69 -18.44
C ALA H 328 -1.51 -19.51 -19.59
N ILE H 329 -1.04 -19.25 -20.80
CA ILE H 329 -1.47 -20.06 -21.93
C ILE H 329 -1.04 -21.51 -21.73
N GLU H 330 0.21 -21.72 -21.28
CA GLU H 330 0.67 -23.09 -21.07
C GLU H 330 -0.14 -23.81 -19.99
N ARG H 331 -0.45 -23.13 -18.89
CA ARG H 331 -1.21 -23.77 -17.83
C ARG H 331 -2.62 -24.10 -18.32
N MET H 332 -3.20 -23.22 -19.12
CA MET H 332 -4.52 -23.52 -19.66
C MET H 332 -4.46 -24.77 -20.54
N ALA H 333 -3.46 -24.83 -21.41
CA ALA H 333 -3.35 -26.00 -22.30
C ALA H 333 -3.15 -27.27 -21.49
N LYS H 334 -2.40 -27.18 -20.39
CA LYS H 334 -2.17 -28.34 -19.53
C LYS H 334 -3.44 -28.78 -18.83
N ASP H 335 -4.27 -27.83 -18.39
CA ASP H 335 -5.47 -28.20 -17.67
C ASP H 335 -6.52 -28.83 -18.59
N LEU H 336 -6.39 -28.59 -19.91
CA LEU H 336 -7.30 -29.16 -20.89
C LEU H 336 -6.69 -30.36 -21.61
N ASN H 337 -5.66 -30.95 -21.01
CA ASN H 337 -5.03 -32.18 -21.50
C ASN H 337 -4.53 -32.06 -22.94
N ILE H 338 -3.85 -30.96 -23.22
CA ILE H 338 -3.27 -30.76 -24.55
C ILE H 338 -1.86 -31.29 -24.55
N PRO H 339 -1.48 -32.14 -25.52
CA PRO H 339 -0.09 -32.62 -25.60
C PRO H 339 0.90 -31.46 -25.54
N LYS H 340 2.07 -31.69 -24.92
CA LYS H 340 3.02 -30.58 -24.85
C LYS H 340 3.80 -30.46 -26.15
N GLY H 341 3.96 -31.57 -26.86
CA GLY H 341 4.77 -31.63 -28.07
C GLY H 341 4.08 -32.42 -29.16
N PHE H 342 4.74 -32.44 -30.32
CA PHE H 342 4.25 -33.12 -31.51
C PHE H 342 4.85 -34.49 -31.81
N LYS H 343 6.04 -34.83 -31.30
CA LYS H 343 6.62 -36.14 -31.64
C LYS H 343 5.83 -37.30 -31.03
N GLU H 344 5.23 -37.14 -29.84
CA GLU H 344 4.36 -38.20 -29.35
C GLU H 344 3.10 -38.38 -30.17
N LEU H 345 2.77 -37.45 -31.07
CA LEU H 345 1.57 -37.55 -31.88
C LEU H 345 1.89 -38.10 -33.26
N GLY H 346 3.18 -38.23 -33.59
CA GLY H 346 3.59 -38.82 -34.84
C GLY H 346 4.41 -37.94 -35.75
N ALA H 347 4.90 -36.79 -35.28
CA ALA H 347 5.62 -35.94 -36.22
C ALA H 347 7.03 -36.46 -36.43
N LYS H 348 7.56 -36.18 -37.62
CA LYS H 348 8.86 -36.69 -38.06
C LYS H 348 9.75 -35.53 -38.46
N GLU H 349 11.04 -35.69 -38.14
CA GLU H 349 11.99 -34.61 -38.35
C GLU H 349 12.32 -34.35 -39.81
N GLU H 350 12.25 -35.36 -40.68
CA GLU H 350 12.63 -35.11 -42.07
C GLU H 350 11.67 -34.13 -42.74
N ASP H 351 10.57 -33.84 -42.07
CA ASP H 351 9.51 -32.98 -42.55
C ASP H 351 9.66 -31.57 -42.03
N ILE H 352 10.31 -31.39 -40.87
CA ILE H 352 10.41 -30.09 -40.24
C ILE H 352 10.71 -29.05 -41.29
N GLU H 353 11.70 -29.33 -42.11
CA GLU H 353 12.12 -28.34 -43.08
C GLU H 353 11.02 -28.10 -44.10
N THR H 354 10.39 -29.17 -44.59
CA THR H 354 9.31 -29.03 -45.53
C THR H 354 8.14 -28.31 -44.86
N LEU H 355 7.85 -28.65 -43.61
CA LEU H 355 6.80 -27.94 -42.89
C LEU H 355 7.11 -26.47 -42.90
N ALA H 356 8.35 -26.13 -42.56
CA ALA H 356 8.71 -24.74 -42.42
C ALA H 356 8.60 -24.06 -43.77
N LYS H 357 9.07 -24.75 -44.82
CA LYS H 357 9.03 -24.15 -46.14
C LYS H 357 7.60 -23.82 -46.53
N ASN H 358 6.70 -24.77 -46.26
CA ASN H 358 5.30 -24.57 -46.62
C ASN H 358 4.67 -23.49 -45.77
N ALA H 359 5.10 -23.39 -44.52
CA ALA H 359 4.56 -22.39 -43.62
C ALA H 359 4.91 -20.97 -44.04
N MET H 360 6.11 -20.73 -44.62
CA MET H 360 6.37 -19.34 -44.98
C MET H 360 5.55 -18.93 -46.18
N LYS H 361 4.81 -19.89 -46.71
CA LYS H 361 4.04 -19.73 -47.95
C LYS H 361 2.56 -19.53 -47.67
N ASP H 362 2.10 -19.76 -46.44
CA ASP H 362 0.68 -19.57 -46.11
C ASP H 362 0.36 -18.09 -45.99
N ALA H 363 -0.89 -17.72 -46.32
CA ALA H 363 -1.29 -16.31 -46.30
C ALA H 363 -1.39 -15.73 -44.88
N CYS H 364 -1.68 -16.58 -43.88
CA CYS H 364 -1.78 -16.13 -42.50
C CYS H 364 -0.47 -15.56 -41.97
N ALA H 365 0.66 -15.97 -42.56
CA ALA H 365 1.95 -15.46 -42.10
C ALA H 365 2.21 -13.97 -42.43
N LEU H 366 1.48 -13.37 -43.37
CA LEU H 366 1.79 -11.97 -43.74
C LEU H 366 1.52 -10.96 -42.64
N THR H 367 0.63 -11.25 -41.68
CA THR H 367 0.28 -10.27 -40.66
C THR H 367 0.93 -10.56 -39.32
N ASN H 368 1.74 -11.61 -39.21
CA ASN H 368 2.44 -11.89 -37.97
C ASN H 368 3.34 -10.69 -37.63
N PRO H 369 3.39 -10.28 -36.37
CA PRO H 369 4.13 -9.04 -36.04
C PRO H 369 5.64 -9.13 -36.19
N ARG H 370 6.24 -10.30 -36.04
CA ARG H 370 7.66 -10.49 -36.27
C ARG H 370 7.87 -11.25 -37.58
N LYS H 371 8.70 -10.69 -38.46
CA LYS H 371 8.96 -11.29 -39.77
C LYS H 371 10.18 -12.18 -39.66
N PRO H 372 10.02 -13.50 -39.71
CA PRO H 372 11.15 -14.41 -39.46
C PRO H 372 11.92 -14.82 -40.70
N LYS H 373 12.93 -15.67 -40.48
CA LYS H 373 13.72 -16.26 -41.54
C LYS H 373 13.53 -17.77 -41.40
N LEU H 374 13.71 -18.50 -42.49
CA LEU H 374 13.46 -19.94 -42.52
C LEU H 374 13.96 -20.62 -41.24
N GLU H 375 15.20 -20.31 -40.85
CA GLU H 375 15.84 -20.93 -39.69
C GLU H 375 15.05 -20.76 -38.41
N GLU H 376 14.38 -19.61 -38.25
CA GLU H 376 13.65 -19.35 -37.03
C GLU H 376 12.39 -20.21 -36.98
N VAL H 377 11.72 -20.37 -38.13
CA VAL H 377 10.57 -21.26 -38.20
C VAL H 377 10.98 -22.70 -37.92
N ILE H 378 12.13 -23.13 -38.41
CA ILE H 378 12.59 -24.46 -38.15
C ILE H 378 12.77 -24.66 -36.65
N GLN H 379 13.39 -23.68 -35.98
CA GLN H 379 13.58 -23.79 -34.53
C GLN H 379 12.24 -23.84 -33.81
N ILE H 380 11.26 -23.06 -34.27
CA ILE H 380 9.94 -23.13 -33.64
C ILE H 380 9.35 -24.54 -33.73
N ILE H 381 9.39 -25.17 -34.92
CA ILE H 381 8.84 -26.53 -35.02
C ILE H 381 9.62 -27.50 -34.16
N LYS H 382 10.96 -27.35 -34.12
CA LYS H 382 11.81 -28.24 -33.33
C LYS H 382 11.54 -28.12 -31.84
N ASN H 383 11.29 -26.90 -31.35
CA ASN H 383 10.94 -26.74 -29.94
C ASN H 383 9.59 -27.37 -29.64
N ALA H 384 8.67 -27.36 -30.59
CA ALA H 384 7.36 -27.96 -30.39
C ALA H 384 7.43 -29.47 -30.58
N MET H 385 8.43 -30.13 -29.98
CA MET H 385 8.52 -31.58 -30.04
C MET H 385 8.64 -32.31 -28.70
N LEU H 386 9.60 -31.92 -27.83
CA LEU H 386 9.81 -32.55 -26.48
C LEU H 386 8.82 -33.63 -26.04
N ASN I 3 38.53 24.20 -14.35
CA ASN I 3 37.39 25.07 -14.58
C ASN I 3 36.10 24.26 -14.85
N THR I 4 34.95 24.92 -14.69
CA THR I 4 33.64 24.39 -15.00
C THR I 4 33.14 24.76 -16.41
N GLN I 5 34.03 25.04 -17.37
CA GLN I 5 33.53 25.44 -18.69
C GLN I 5 33.20 24.21 -19.53
N SER I 6 32.23 24.38 -20.43
CA SER I 6 31.85 23.31 -21.35
C SER I 6 31.33 23.92 -22.65
N ALA I 7 31.11 23.05 -23.64
CA ALA I 7 30.68 23.51 -24.96
C ALA I 7 29.80 22.46 -25.64
N PHE I 8 28.90 22.95 -26.49
CA PHE I 8 27.99 22.11 -27.26
C PHE I 8 28.19 22.38 -28.74
N PHE I 9 28.46 21.31 -29.49
CA PHE I 9 28.79 21.34 -30.91
C PHE I 9 27.75 20.54 -31.67
N MET I 10 27.37 21.02 -32.85
CA MET I 10 26.48 20.27 -33.72
C MET I 10 26.39 21.00 -35.05
N PRO I 11 25.99 20.30 -36.12
CA PRO I 11 25.75 21.01 -37.38
C PRO I 11 24.70 22.09 -37.16
N SER I 12 24.86 23.20 -37.88
CA SER I 12 23.92 24.30 -37.73
C SER I 12 22.52 23.96 -38.25
N VAL I 13 22.42 23.09 -39.25
CA VAL I 13 21.15 22.68 -39.82
C VAL I 13 21.08 21.17 -39.90
N ASN I 14 20.00 20.59 -39.35
CA ASN I 14 19.81 19.15 -39.27
C ASN I 14 18.41 18.78 -39.68
N LEU I 15 18.30 18.02 -40.76
CA LEU I 15 17.00 17.65 -41.33
C LEU I 15 16.58 16.28 -40.84
N PHE I 16 15.29 16.13 -40.55
CA PHE I 16 14.71 14.88 -40.08
C PHE I 16 13.43 14.59 -40.87
N GLY I 17 13.05 13.33 -40.86
CA GLY I 17 11.76 12.91 -41.37
C GLY I 17 11.86 12.20 -42.71
N ALA I 18 10.81 11.44 -43.02
CA ALA I 18 10.73 10.68 -44.27
C ALA I 18 10.75 11.60 -45.48
N GLY I 19 11.70 11.37 -46.39
CA GLY I 19 11.81 12.16 -47.60
C GLY I 19 12.83 13.27 -47.56
N SER I 20 13.50 13.49 -46.42
CA SER I 20 14.45 14.60 -46.32
C SER I 20 15.59 14.50 -47.31
N VAL I 21 15.95 13.29 -47.76
CA VAL I 21 17.08 13.16 -48.67
C VAL I 21 16.78 13.85 -50.00
N ASN I 22 15.49 13.97 -50.36
CA ASN I 22 15.12 14.62 -51.61
C ASN I 22 15.47 16.09 -51.63
N GLU I 23 16.05 16.60 -50.55
CA GLU I 23 16.45 17.98 -50.46
C GLU I 23 17.97 18.17 -50.59
N VAL I 24 18.74 17.08 -50.58
CA VAL I 24 20.20 17.14 -50.47
C VAL I 24 20.79 18.04 -51.53
N GLY I 25 20.34 17.88 -52.78
CA GLY I 25 20.90 18.64 -53.88
C GLY I 25 20.73 20.13 -53.65
N THR I 26 19.50 20.55 -53.35
CA THR I 26 19.28 21.97 -53.12
C THR I 26 20.19 22.52 -52.04
N ARG I 27 20.35 21.77 -50.93
CA ARG I 27 21.19 22.31 -49.86
C ARG I 27 22.63 22.45 -50.33
N LEU I 28 23.10 21.45 -51.07
CA LEU I 28 24.45 21.46 -51.60
C LEU I 28 24.64 22.65 -52.53
N ALA I 29 23.61 22.98 -53.31
CA ALA I 29 23.68 24.09 -54.23
C ALA I 29 23.79 25.41 -53.46
N ASP I 30 23.05 25.54 -52.35
CA ASP I 30 23.10 26.77 -51.60
C ASP I 30 24.49 27.04 -51.05
N LEU I 31 25.33 26.00 -50.91
CA LEU I 31 26.65 26.23 -50.35
C LEU I 31 27.61 26.86 -51.35
N GLY I 32 27.25 26.87 -52.63
CA GLY I 32 28.06 27.47 -53.66
C GLY I 32 29.20 26.60 -54.12
N VAL I 33 28.98 25.29 -54.12
CA VAL I 33 29.98 24.30 -54.49
C VAL I 33 29.52 23.73 -55.83
N LYS I 34 30.40 23.01 -56.50
CA LYS I 34 30.00 22.60 -57.85
C LYS I 34 30.17 21.12 -58.11
N LYS I 35 31.17 20.47 -57.52
CA LYS I 35 31.40 19.05 -57.75
C LYS I 35 31.67 18.39 -56.41
N ALA I 36 30.84 17.41 -56.05
CA ALA I 36 30.88 16.73 -54.77
C ALA I 36 31.27 15.27 -54.97
N LEU I 37 32.12 14.79 -54.07
CA LEU I 37 32.49 13.38 -54.00
C LEU I 37 31.53 12.60 -53.10
N LEU I 38 30.87 11.60 -53.68
CA LEU I 38 29.95 10.73 -52.95
C LEU I 38 30.74 9.60 -52.30
N VAL I 39 30.91 9.70 -50.99
CA VAL I 39 31.62 8.70 -50.23
C VAL I 39 30.57 7.75 -49.67
N THR I 40 30.60 6.52 -50.17
CA THR I 40 29.68 5.49 -49.71
C THR I 40 30.46 4.19 -49.64
N ASP I 41 29.76 3.13 -49.28
CA ASP I 41 30.29 1.77 -49.15
C ASP I 41 29.83 0.93 -50.33
N ALA I 42 30.40 -0.26 -50.42
CA ALA I 42 30.10 -1.13 -51.56
C ALA I 42 28.67 -1.66 -51.50
N GLY I 43 28.12 -1.93 -50.30
CA GLY I 43 26.76 -2.42 -50.22
C GLY I 43 25.70 -1.44 -50.72
N LEU I 44 25.70 -0.21 -50.21
CA LEU I 44 24.66 0.73 -50.67
C LEU I 44 24.87 1.16 -52.11
N HIS I 45 26.12 1.19 -52.58
CA HIS I 45 26.37 1.50 -53.99
C HIS I 45 25.91 0.38 -54.92
N GLY I 46 26.13 -0.89 -54.57
CA GLY I 46 25.65 -1.95 -55.45
C GLY I 46 24.14 -2.11 -55.53
N LEU I 47 23.40 -1.66 -54.51
CA LEU I 47 21.94 -1.71 -54.58
C LEU I 47 21.33 -0.52 -55.32
N GLY I 48 22.12 0.50 -55.67
CA GLY I 48 21.63 1.63 -56.41
C GLY I 48 21.33 2.91 -55.66
N LEU I 49 21.53 2.96 -54.34
CA LEU I 49 21.19 4.17 -53.60
C LEU I 49 22.06 5.32 -54.04
N SER I 50 23.33 5.02 -54.30
CA SER I 50 24.32 6.01 -54.71
C SER I 50 23.84 6.78 -55.93
N GLU I 51 23.32 6.07 -56.93
CA GLU I 51 22.91 6.76 -58.15
C GLU I 51 21.65 7.58 -57.90
N LYS I 52 20.72 7.07 -57.09
CA LYS I 52 19.53 7.84 -56.77
C LYS I 52 19.88 9.18 -56.05
N ILE I 53 20.84 9.16 -55.13
CA ILE I 53 21.15 10.42 -54.46
C ILE I 53 21.89 11.33 -55.41
N SER I 54 22.79 10.76 -56.19
CA SER I 54 23.49 11.55 -57.20
C SER I 54 22.49 12.17 -58.19
N SER I 55 21.42 11.44 -58.54
CA SER I 55 20.39 11.94 -59.44
C SER I 55 19.74 13.18 -58.86
N ILE I 56 19.36 13.10 -57.58
CA ILE I 56 18.79 14.24 -56.88
C ILE I 56 19.78 15.40 -56.89
N ILE I 57 21.07 15.08 -56.69
CA ILE I 57 22.11 16.11 -56.57
C ILE I 57 22.34 16.80 -57.92
N ARG I 58 22.55 16.01 -59.00
CA ARG I 58 22.83 16.56 -60.32
C ARG I 58 21.60 17.22 -60.94
N ALA I 59 20.42 16.94 -60.41
CA ALA I 59 19.23 17.68 -60.83
C ALA I 59 19.19 19.09 -60.28
N ALA I 60 20.22 19.51 -59.54
CA ALA I 60 20.31 20.86 -59.00
C ALA I 60 21.52 21.64 -59.48
N GLY I 61 22.26 21.14 -60.45
CA GLY I 61 23.39 21.88 -60.97
C GLY I 61 24.68 21.61 -60.25
N VAL I 62 24.75 20.55 -59.46
CA VAL I 62 25.95 20.14 -58.76
C VAL I 62 26.42 18.81 -59.37
N GLU I 63 27.71 18.71 -59.63
CA GLU I 63 28.32 17.51 -60.19
C GLU I 63 28.67 16.52 -59.07
N VAL I 64 28.66 15.23 -59.40
CA VAL I 64 28.96 14.20 -58.40
C VAL I 64 29.83 13.11 -59.00
N SER I 65 30.85 12.70 -58.24
CA SER I 65 31.64 11.53 -58.61
C SER I 65 31.59 10.53 -57.47
N ILE I 66 31.11 9.32 -57.73
CA ILE I 66 30.91 8.35 -56.65
C ILE I 66 32.21 7.61 -56.34
N PHE I 67 32.53 7.54 -55.05
CA PHE I 67 33.63 6.80 -54.43
C PHE I 67 33.09 5.72 -53.50
N PRO I 68 32.71 4.59 -54.04
CA PRO I 68 32.09 3.55 -53.21
C PRO I 68 33.09 2.66 -52.49
N LYS I 69 34.23 3.19 -52.05
CA LYS I 69 35.28 2.33 -51.52
C LYS I 69 35.51 2.50 -50.01
N ALA I 70 34.49 2.95 -49.28
CA ALA I 70 34.53 3.02 -47.81
C ALA I 70 34.14 1.66 -47.24
N GLU I 71 34.95 1.15 -46.37
CA GLU I 71 34.68 -0.20 -45.91
C GLU I 71 34.16 -0.23 -44.47
N PRO I 72 33.22 -1.11 -44.15
CA PRO I 72 32.84 -1.26 -42.75
C PRO I 72 34.12 -1.37 -41.91
N ASN I 73 34.22 -0.51 -40.88
CA ASN I 73 35.47 -0.22 -40.16
C ASN I 73 36.44 0.41 -41.15
N PRO I 74 36.26 1.69 -41.50
CA PRO I 74 37.08 2.29 -42.58
C PRO I 74 38.55 2.30 -42.23
N THR I 75 39.38 2.24 -43.26
CA THR I 75 40.82 2.08 -43.11
C THR I 75 41.54 3.35 -43.55
N ASP I 76 42.80 3.47 -43.10
CA ASP I 76 43.66 4.56 -43.55
C ASP I 76 43.89 4.50 -45.06
N LYS I 77 43.90 3.29 -45.64
CA LYS I 77 44.04 3.16 -47.09
C LYS I 77 42.84 3.76 -47.79
N ASN I 78 41.64 3.49 -47.26
CA ASN I 78 40.43 4.08 -47.79
C ASN I 78 40.51 5.59 -47.77
N VAL I 79 41.05 6.18 -46.69
CA VAL I 79 41.11 7.64 -46.59
C VAL I 79 42.11 8.24 -47.57
N ALA I 80 43.30 7.66 -47.67
CA ALA I 80 44.28 8.17 -48.62
C ALA I 80 43.71 8.08 -50.04
N GLU I 81 43.14 6.92 -50.35
CA GLU I 81 42.51 6.67 -51.63
C GLU I 81 41.32 7.59 -51.90
N GLY I 82 40.55 7.91 -50.88
CA GLY I 82 39.46 8.83 -51.10
C GLY I 82 40.03 10.17 -51.46
N LEU I 83 41.14 10.54 -50.82
CA LEU I 83 41.72 11.83 -51.15
C LEU I 83 42.22 11.80 -52.60
N GLU I 84 42.68 10.63 -53.09
CA GLU I 84 43.14 10.54 -54.49
C GLU I 84 41.97 10.75 -55.43
N ALA I 85 40.84 10.09 -55.15
CA ALA I 85 39.63 10.30 -55.95
C ALA I 85 39.21 11.77 -55.93
N TYR I 86 39.02 12.32 -54.73
CA TYR I 86 38.70 13.74 -54.54
C TYR I 86 39.55 14.69 -55.38
N ASN I 87 40.88 14.47 -55.38
CA ASN I 87 41.77 15.40 -56.06
C ASN I 87 41.79 15.19 -57.58
N ALA I 88 41.85 13.93 -58.03
CA ALA I 88 41.84 13.68 -59.47
C ALA I 88 40.52 14.13 -60.08
N GLU I 89 39.42 14.02 -59.35
CA GLU I 89 38.11 14.40 -59.85
C GLU I 89 37.72 15.82 -59.46
N ASN I 90 38.68 16.64 -59.01
CA ASN I 90 38.48 18.09 -58.98
C ASN I 90 37.20 18.46 -58.22
N CYS I 91 37.06 17.89 -57.02
CA CYS I 91 35.91 18.11 -56.16
C CYS I 91 36.18 19.17 -55.10
N ASP I 92 35.13 19.92 -54.77
CA ASP I 92 35.19 20.94 -53.72
C ASP I 92 34.26 20.67 -52.54
N SER I 93 33.52 19.56 -52.56
CA SER I 93 32.62 19.19 -51.47
C SER I 93 32.58 17.66 -51.36
N ILE I 94 32.02 17.20 -50.26
CA ILE I 94 31.87 15.78 -50.00
C ILE I 94 30.46 15.53 -49.50
N VAL I 95 29.82 14.50 -50.02
CA VAL I 95 28.55 14.01 -49.52
C VAL I 95 28.74 12.56 -49.11
N THR I 96 28.52 12.29 -47.83
CA THR I 96 28.60 10.93 -47.31
C THR I 96 27.19 10.34 -47.32
N LEU I 97 27.09 9.11 -47.81
CA LEU I 97 25.82 8.41 -47.89
C LEU I 97 26.01 7.03 -47.31
N GLY I 98 25.35 6.76 -46.18
CA GLY I 98 25.45 5.45 -45.58
C GLY I 98 25.52 5.45 -44.07
N GLY I 99 26.29 4.51 -43.52
CA GLY I 99 26.45 4.38 -42.09
C GLY I 99 27.67 5.11 -41.59
N GLY I 100 28.10 4.73 -40.40
CA GLY I 100 29.21 5.42 -39.77
C GLY I 100 30.48 5.34 -40.58
N SER I 101 30.66 4.24 -41.31
CA SER I 101 31.88 4.08 -42.10
C SER I 101 31.97 5.14 -43.20
N SER I 102 30.84 5.41 -43.86
CA SER I 102 30.84 6.39 -44.93
C SER I 102 31.02 7.80 -44.39
N HIS I 103 30.36 8.09 -43.27
CA HIS I 103 30.51 9.41 -42.69
C HIS I 103 31.95 9.64 -42.27
N ASP I 104 32.55 8.64 -41.61
CA ASP I 104 33.91 8.84 -41.08
C ASP I 104 34.94 8.89 -42.20
N ALA I 105 34.80 8.05 -43.23
CA ALA I 105 35.72 8.15 -44.36
C ALA I 105 35.63 9.51 -45.03
N GLY I 106 34.41 9.96 -45.34
CA GLY I 106 34.25 11.28 -45.95
C GLY I 106 34.76 12.41 -45.08
N LYS I 107 34.51 12.31 -43.78
CA LYS I 107 34.97 13.32 -42.83
C LYS I 107 36.48 13.41 -42.84
N ALA I 108 37.17 12.27 -42.82
CA ALA I 108 38.63 12.25 -42.82
C ALA I 108 39.20 12.82 -44.12
N ILE I 109 38.61 12.43 -45.26
CA ILE I 109 38.98 12.99 -46.55
C ILE I 109 38.86 14.50 -46.53
N ALA I 110 37.76 15.00 -45.96
CA ALA I 110 37.51 16.44 -45.96
C ALA I 110 38.53 17.17 -45.10
N LEU I 111 38.92 16.56 -43.97
CA LEU I 111 39.92 17.19 -43.11
C LEU I 111 41.28 17.25 -43.81
N VAL I 112 41.74 16.13 -44.36
CA VAL I 112 43.05 16.13 -45.01
C VAL I 112 43.07 17.00 -46.26
N ALA I 113 41.94 17.14 -46.98
CA ALA I 113 41.89 18.01 -48.15
C ALA I 113 42.05 19.50 -47.84
N ALA I 114 41.96 19.91 -46.57
CA ALA I 114 42.14 21.30 -46.19
C ALA I 114 43.32 21.51 -45.24
N ASN I 115 43.83 20.43 -44.64
CA ASN I 115 44.90 20.52 -43.66
C ASN I 115 46.21 19.85 -44.08
N GLY I 116 46.20 19.02 -45.11
CA GLY I 116 47.40 18.44 -45.68
C GLY I 116 48.07 17.12 -45.33
N GLY I 117 48.36 16.86 -44.05
CA GLY I 117 49.02 15.62 -43.63
C GLY I 117 48.49 14.25 -44.02
N LYS I 118 48.60 13.29 -43.10
CA LYS I 118 48.01 11.96 -43.28
C LYS I 118 46.99 11.81 -42.14
N ILE I 119 46.05 10.87 -42.31
CA ILE I 119 44.95 10.76 -41.34
C ILE I 119 45.46 10.48 -39.92
N HIS I 120 46.55 9.72 -39.78
CA HIS I 120 47.11 9.42 -38.45
C HIS I 120 47.59 10.68 -37.73
N ASP I 121 47.92 11.74 -38.47
CA ASP I 121 48.46 12.94 -37.85
C ASP I 121 47.46 13.61 -36.93
N TYR I 122 46.18 13.32 -37.13
CA TYR I 122 45.12 13.98 -36.40
C TYR I 122 44.46 13.13 -35.34
N GLU I 123 45.03 11.97 -35.00
CA GLU I 123 44.47 11.18 -33.92
C GLU I 123 44.55 11.91 -32.58
N GLY I 124 43.41 12.06 -31.91
CA GLY I 124 43.43 12.81 -30.67
C GLY I 124 42.35 13.87 -30.52
N VAL I 125 42.72 14.94 -29.82
CA VAL I 125 41.85 16.06 -29.48
C VAL I 125 42.39 17.34 -30.09
N ASP I 126 41.58 17.97 -30.93
CA ASP I 126 41.84 19.26 -31.56
C ASP I 126 43.24 19.41 -32.14
N VAL I 127 43.69 18.41 -32.91
CA VAL I 127 45.03 18.57 -33.46
C VAL I 127 45.10 19.31 -34.80
N SER I 128 43.99 19.42 -35.53
CA SER I 128 43.96 20.12 -36.82
C SER I 128 43.89 21.62 -36.59
N LYS I 129 44.18 22.39 -37.63
CA LYS I 129 44.20 23.83 -37.38
C LYS I 129 43.33 24.64 -38.36
N GLU I 130 42.32 24.02 -38.99
CA GLU I 130 41.36 24.70 -39.88
C GLU I 130 40.21 23.75 -40.21
N PRO I 131 39.01 24.28 -40.43
CA PRO I 131 37.85 23.45 -40.83
C PRO I 131 38.01 22.67 -42.14
N MET I 132 37.36 21.50 -42.19
CA MET I 132 37.40 20.60 -43.32
C MET I 132 36.46 21.13 -44.42
N VAL I 133 36.56 20.54 -45.60
CA VAL I 133 35.76 21.04 -46.72
C VAL I 133 34.28 20.78 -46.46
N PRO I 134 33.38 21.60 -47.03
CA PRO I 134 31.94 21.41 -46.80
C PRO I 134 31.51 19.97 -47.04
N LEU I 135 30.71 19.45 -46.11
CA LEU I 135 30.28 18.07 -46.13
C LEU I 135 28.83 17.96 -45.65
N ILE I 136 28.01 17.27 -46.42
CA ILE I 136 26.64 16.96 -46.04
C ILE I 136 26.56 15.45 -45.80
N ALA I 137 26.06 15.08 -44.61
CA ALA I 137 26.04 13.68 -44.20
C ALA I 137 24.62 13.17 -44.23
N ILE I 138 24.39 12.13 -45.02
CA ILE I 138 23.09 11.47 -45.16
C ILE I 138 23.19 10.18 -44.40
N ASN I 139 22.46 10.05 -43.29
CA ASN I 139 22.62 8.86 -42.46
C ASN I 139 21.55 7.83 -42.84
N THR I 140 21.97 6.56 -42.99
CA THR I 140 21.08 5.46 -43.34
C THR I 140 21.13 4.27 -42.37
N THR I 141 21.86 4.38 -41.28
CA THR I 141 21.88 3.41 -40.18
C THR I 141 21.34 4.04 -38.91
N ALA I 142 20.86 3.20 -38.00
CA ALA I 142 20.30 3.67 -36.74
C ALA I 142 21.32 3.42 -35.64
N GLY I 143 22.41 4.16 -35.79
CA GLY I 143 23.49 4.24 -34.83
C GLY I 143 24.43 5.37 -35.18
N THR I 144 25.67 5.24 -34.73
CA THR I 144 26.78 6.20 -34.82
C THR I 144 26.46 7.66 -34.52
N GLY I 145 25.52 8.31 -35.21
CA GLY I 145 25.39 9.74 -35.00
C GLY I 145 26.45 10.58 -35.67
N SER I 146 27.31 9.97 -36.48
CA SER I 146 28.44 10.71 -37.04
C SER I 146 28.02 11.88 -37.93
N GLU I 147 26.79 11.89 -38.46
CA GLU I 147 26.33 13.08 -39.18
C GLU I 147 26.23 14.30 -38.28
N LEU I 148 26.38 14.15 -36.96
CA LEU I 148 26.32 15.26 -36.02
C LEU I 148 27.57 15.41 -35.19
N THR I 149 28.51 14.49 -35.27
CA THR I 149 29.58 14.46 -34.28
C THR I 149 30.84 15.10 -34.82
N LYS I 150 31.75 15.39 -33.90
CA LYS I 150 33.11 15.82 -34.21
C LYS I 150 34.10 14.68 -34.04
N PHE I 151 33.64 13.45 -34.28
CA PHE I 151 34.38 12.21 -34.12
C PHE I 151 34.50 11.55 -35.48
N THR I 152 35.71 11.08 -35.82
CA THR I 152 35.89 10.17 -36.96
C THR I 152 36.84 9.02 -36.60
N ILE I 153 36.39 7.78 -36.82
CA ILE I 153 37.13 6.56 -36.44
C ILE I 153 37.73 5.93 -37.70
N ILE I 154 39.05 6.07 -37.87
CA ILE I 154 39.76 5.50 -39.02
C ILE I 154 40.73 4.43 -38.52
N THR I 155 40.84 3.33 -39.25
CA THR I 155 41.65 2.21 -38.76
C THR I 155 43.09 2.34 -39.27
N ASP I 156 44.05 2.32 -38.35
CA ASP I 156 45.44 2.00 -38.66
C ASP I 156 45.59 0.50 -38.90
N THR I 157 45.81 0.10 -40.16
CA THR I 157 46.04 -1.29 -40.55
C THR I 157 47.40 -1.81 -40.08
N GLU I 158 48.36 -0.92 -39.79
CA GLU I 158 49.70 -1.31 -39.39
C GLU I 158 49.73 -1.62 -37.88
N ARG I 159 49.30 -0.64 -37.05
CA ARG I 159 49.08 -0.90 -35.63
C ARG I 159 47.85 -1.74 -35.34
N LYS I 160 47.00 -1.97 -36.35
CA LYS I 160 45.77 -2.76 -36.24
C LYS I 160 44.82 -2.20 -35.17
N VAL I 161 44.67 -0.87 -35.15
CA VAL I 161 43.90 -0.13 -34.14
C VAL I 161 42.93 0.86 -34.77
N LYS I 162 41.66 0.83 -34.36
CA LYS I 162 40.67 1.85 -34.77
C LYS I 162 40.91 3.18 -34.04
N MET I 163 41.55 4.12 -34.74
CA MET I 163 41.89 5.46 -34.25
C MET I 163 40.66 6.36 -34.13
N ALA I 164 40.63 7.16 -33.05
CA ALA I 164 39.58 8.14 -32.74
C ALA I 164 40.08 9.58 -32.93
N ILE I 165 39.61 10.27 -33.97
CA ILE I 165 39.91 11.69 -34.20
C ILE I 165 38.75 12.58 -33.72
N VAL I 166 38.92 13.27 -32.58
CA VAL I 166 37.91 14.14 -31.98
C VAL I 166 38.35 15.59 -32.18
N ASP I 167 37.82 16.28 -33.20
CA ASP I 167 38.24 17.64 -33.58
C ASP I 167 37.01 18.48 -33.95
N LYS I 168 36.89 19.72 -33.43
CA LYS I 168 35.73 20.57 -33.79
C LYS I 168 35.60 20.83 -35.28
N HIS I 169 36.66 20.62 -36.06
CA HIS I 169 36.63 20.95 -37.48
C HIS I 169 36.01 19.88 -38.37
N VAL I 170 35.57 18.75 -37.81
CA VAL I 170 34.88 17.76 -38.61
C VAL I 170 33.39 17.72 -38.29
N THR I 171 32.89 18.71 -37.57
CA THR I 171 31.45 18.80 -37.41
C THR I 171 30.85 19.11 -38.79
N PRO I 172 29.99 18.24 -39.34
CA PRO I 172 29.45 18.48 -40.69
C PRO I 172 28.73 19.81 -40.83
N THR I 173 28.69 20.31 -42.07
CA THR I 173 27.97 21.56 -42.32
C THR I 173 26.46 21.36 -42.24
N LEU I 174 25.97 20.25 -42.82
CA LEU I 174 24.55 19.93 -42.79
C LEU I 174 24.35 18.42 -42.68
N SER I 175 23.27 18.04 -41.99
CA SER I 175 22.91 16.66 -41.75
C SER I 175 21.51 16.34 -42.26
N ILE I 176 21.33 15.12 -42.73
CA ILE I 176 20.06 14.58 -43.23
C ILE I 176 19.79 13.21 -42.64
N ASN I 177 18.62 13.08 -41.99
CA ASN I 177 18.14 11.87 -41.32
C ASN I 177 16.84 11.39 -41.93
N ASP I 178 16.92 10.65 -43.04
CA ASP I 178 15.74 10.13 -43.70
C ASP I 178 15.46 8.71 -43.24
N PRO I 179 14.39 8.47 -42.46
CA PRO I 179 14.12 7.09 -42.01
C PRO I 179 13.68 6.17 -43.12
N GLU I 180 13.21 6.73 -44.25
CA GLU I 180 12.85 5.90 -45.39
C GLU I 180 14.06 5.23 -45.97
N LEU I 181 15.24 5.79 -45.74
CA LEU I 181 16.49 5.24 -46.21
C LEU I 181 17.00 4.12 -45.32
N MET I 182 16.35 3.89 -44.16
CA MET I 182 16.79 2.92 -43.19
C MET I 182 15.95 1.66 -43.17
N VAL I 183 14.87 1.63 -43.95
CA VAL I 183 13.96 0.49 -43.98
C VAL I 183 14.68 -0.78 -44.47
N GLY I 184 15.71 -0.62 -45.29
CA GLY I 184 16.37 -1.78 -45.87
C GLY I 184 17.38 -2.48 -44.98
N MET I 185 17.64 -1.98 -43.77
CA MET I 185 18.52 -2.64 -42.81
C MET I 185 18.06 -4.04 -42.43
N PRO I 186 18.87 -5.06 -42.66
CA PRO I 186 18.53 -6.41 -42.20
C PRO I 186 18.50 -6.45 -40.68
N PRO I 187 17.83 -7.46 -40.10
CA PRO I 187 17.68 -7.47 -38.64
C PRO I 187 18.99 -7.36 -37.86
N SER I 188 20.03 -8.08 -38.28
CA SER I 188 21.29 -8.06 -37.55
C SER I 188 21.95 -6.69 -37.57
N LEU I 189 21.90 -6.00 -38.71
CA LEU I 189 22.48 -4.66 -38.76
C LEU I 189 21.67 -3.69 -37.90
N THR I 190 20.34 -3.79 -37.97
CA THR I 190 19.51 -2.94 -37.13
C THR I 190 19.86 -3.13 -35.65
N ALA I 191 20.01 -4.38 -35.23
CA ALA I 191 20.31 -4.64 -33.83
C ALA I 191 21.68 -4.10 -33.45
N ALA I 192 22.68 -4.33 -34.30
CA ALA I 192 24.03 -3.94 -33.92
C ALA I 192 24.16 -2.41 -33.87
N THR I 193 23.63 -1.71 -34.88
CA THR I 193 23.67 -0.25 -34.84
C THR I 193 22.81 0.31 -33.72
N GLY I 194 21.64 -0.28 -33.48
CA GLY I 194 20.77 0.20 -32.40
C GLY I 194 21.40 0.02 -31.03
N LEU I 195 22.11 -1.09 -30.84
CA LEU I 195 22.78 -1.31 -29.56
C LEU I 195 24.02 -0.44 -29.44
N ASP I 196 24.57 0.00 -30.58
CA ASP I 196 25.61 1.01 -30.55
C ASP I 196 25.05 2.36 -30.11
N ALA I 197 23.82 2.67 -30.53
CA ALA I 197 23.18 3.91 -30.07
C ALA I 197 22.87 3.84 -28.58
N LEU I 198 22.41 2.67 -28.12
CA LEU I 198 22.19 2.50 -26.69
C LEU I 198 23.48 2.67 -25.90
N THR I 199 24.58 2.12 -26.41
CA THR I 199 25.88 2.29 -25.76
C THR I 199 26.29 3.76 -25.73
N HIS I 200 26.05 4.48 -26.82
CA HIS I 200 26.34 5.91 -26.86
C HIS I 200 25.62 6.64 -25.74
N ALA I 201 24.31 6.35 -25.58
CA ALA I 201 23.50 7.05 -24.58
C ALA I 201 23.92 6.68 -23.16
N ILE I 202 24.18 5.40 -22.91
CA ILE I 202 24.57 4.96 -21.57
C ILE I 202 25.92 5.54 -21.19
N GLU I 203 26.91 5.46 -22.10
CA GLU I 203 28.21 6.01 -21.80
C GLU I 203 28.17 7.52 -21.64
N ALA I 204 27.31 8.22 -22.39
CA ALA I 204 27.18 9.66 -22.19
C ALA I 204 26.57 9.98 -20.83
N TYR I 205 25.59 9.19 -20.39
CA TYR I 205 24.95 9.47 -19.12
C TYR I 205 25.88 9.27 -17.93
N VAL I 206 26.79 8.29 -17.97
CA VAL I 206 27.69 8.06 -16.85
C VAL I 206 29.04 8.72 -17.04
N SER I 207 29.22 9.46 -18.13
CA SER I 207 30.50 10.09 -18.44
C SER I 207 30.82 11.21 -17.46
N THR I 208 32.11 11.44 -17.23
CA THR I 208 32.55 12.56 -16.42
C THR I 208 32.35 13.89 -17.11
N GLY I 209 32.03 13.89 -18.40
CA GLY I 209 31.81 15.12 -19.13
C GLY I 209 30.34 15.41 -19.33
N ALA I 210 29.48 14.75 -18.56
CA ALA I 210 28.05 14.98 -18.67
C ALA I 210 27.70 16.39 -18.21
N THR I 211 26.69 16.96 -18.86
CA THR I 211 26.11 18.25 -18.54
C THR I 211 24.61 18.05 -18.47
N PRO I 212 23.86 19.00 -17.91
CA PRO I 212 22.41 18.86 -17.93
C PRO I 212 21.85 18.67 -19.34
N ILE I 213 22.49 19.25 -20.37
CA ILE I 213 22.02 19.09 -21.74
C ILE I 213 22.26 17.67 -22.26
N THR I 214 23.51 17.18 -22.17
CA THR I 214 23.78 15.82 -22.60
C THR I 214 22.90 14.84 -21.83
N ASP I 215 22.67 15.13 -20.56
CA ASP I 215 21.81 14.28 -19.75
C ASP I 215 20.42 14.21 -20.35
N ALA I 216 19.87 15.39 -20.67
CA ALA I 216 18.55 15.45 -21.29
C ALA I 216 18.49 14.59 -22.54
N LEU I 217 19.48 14.73 -23.42
CA LEU I 217 19.43 13.99 -24.67
C LEU I 217 19.56 12.47 -24.45
N ALA I 218 20.47 12.07 -23.55
CA ALA I 218 20.74 10.65 -23.35
C ALA I 218 19.54 9.93 -22.72
N ILE I 219 18.88 10.55 -21.74
CA ILE I 219 17.72 9.89 -21.11
C ILE I 219 16.65 9.58 -22.15
N GLN I 220 16.31 10.56 -22.99
CA GLN I 220 15.32 10.33 -24.02
C GLN I 220 15.76 9.22 -24.97
N ALA I 221 17.04 9.23 -25.35
CA ALA I 221 17.51 8.20 -26.27
C ALA I 221 17.34 6.80 -25.67
N ILE I 222 17.69 6.64 -24.40
CA ILE I 222 17.55 5.34 -23.74
C ILE I 222 16.10 4.91 -23.72
N LYS I 223 15.18 5.82 -23.37
CA LYS I 223 13.78 5.44 -23.28
C LYS I 223 13.25 5.00 -24.65
N ILE I 224 13.63 5.75 -25.68
CA ILE I 224 13.11 5.45 -27.02
C ILE I 224 13.69 4.15 -27.54
N ILE I 225 14.98 3.93 -27.31
CA ILE I 225 15.60 2.69 -27.77
C ILE I 225 14.95 1.52 -27.08
N SER I 226 14.76 1.63 -25.76
CA SER I 226 14.17 0.55 -24.99
C SER I 226 12.80 0.19 -25.49
N LYS I 227 12.06 1.15 -26.04
CA LYS I 227 10.73 0.77 -26.48
C LYS I 227 10.73 0.28 -27.94
N TYR I 228 11.52 0.90 -28.82
CA TYR I 228 11.36 0.67 -30.25
C TYR I 228 12.42 -0.21 -30.92
N LEU I 229 13.60 -0.39 -30.33
CA LEU I 229 14.62 -1.20 -31.00
C LEU I 229 14.19 -2.64 -31.20
N PRO I 230 13.64 -3.36 -30.21
CA PRO I 230 13.18 -4.73 -30.49
C PRO I 230 12.12 -4.77 -31.57
N ARG I 231 11.30 -3.71 -31.67
CA ARG I 231 10.30 -3.67 -32.71
C ARG I 231 10.92 -3.51 -34.10
N ALA I 232 11.99 -2.71 -34.20
CA ALA I 232 12.66 -2.54 -35.48
C ALA I 232 13.43 -3.79 -35.88
N VAL I 233 13.91 -4.54 -34.90
CA VAL I 233 14.61 -5.78 -35.22
C VAL I 233 13.60 -6.85 -35.64
N ALA I 234 12.43 -6.87 -34.99
CA ALA I 234 11.46 -7.91 -35.27
C ALA I 234 10.78 -7.71 -36.62
N ASN I 235 10.61 -6.46 -37.05
CA ASN I 235 9.99 -6.16 -38.34
C ASN I 235 10.64 -4.88 -38.85
N GLY I 236 11.53 -5.01 -39.86
CA GLY I 236 12.17 -3.79 -40.38
C GLY I 236 11.29 -2.87 -41.18
N LYS I 237 10.07 -3.28 -41.49
CA LYS I 237 9.10 -2.45 -42.19
C LYS I 237 8.13 -1.76 -41.23
N ASP I 238 8.33 -1.89 -39.92
CA ASP I 238 7.57 -1.12 -38.92
C ASP I 238 8.06 0.32 -38.98
N ILE I 239 7.29 1.18 -39.65
CA ILE I 239 7.74 2.55 -39.93
C ILE I 239 7.85 3.36 -38.65
N GLU I 240 6.93 3.13 -37.71
CA GLU I 240 7.00 3.84 -36.44
C GLU I 240 8.32 3.55 -35.73
N ALA I 241 8.70 2.27 -35.66
CA ALA I 241 9.95 1.90 -35.03
C ALA I 241 11.14 2.52 -35.75
N ARG I 242 11.08 2.60 -37.09
CA ARG I 242 12.17 3.18 -37.84
C ARG I 242 12.35 4.66 -37.51
N GLU I 243 11.23 5.39 -37.45
CA GLU I 243 11.35 6.82 -37.16
C GLU I 243 11.80 7.05 -35.72
N GLN I 244 11.30 6.25 -34.78
CA GLN I 244 11.73 6.39 -33.39
C GLN I 244 13.19 6.01 -33.19
N MET I 245 13.66 4.97 -33.88
CA MET I 245 15.07 4.62 -33.79
C MET I 245 15.97 5.66 -34.45
N ALA I 246 15.49 6.33 -35.51
CA ALA I 246 16.27 7.42 -36.10
C ALA I 246 16.41 8.60 -35.15
N PHE I 247 15.31 8.95 -34.47
CA PHE I 247 15.41 10.01 -33.46
C PHE I 247 16.34 9.60 -32.33
N ALA I 248 16.24 8.36 -31.86
CA ALA I 248 17.05 7.91 -30.74
C ALA I 248 18.54 7.90 -31.11
N GLN I 249 18.87 7.46 -32.32
CA GLN I 249 20.26 7.48 -32.73
C GLN I 249 20.79 8.91 -32.73
N SER I 250 19.96 9.87 -33.18
CA SER I 250 20.43 11.25 -33.20
C SER I 250 20.57 11.81 -31.79
N LEU I 251 19.63 11.48 -30.91
CA LEU I 251 19.75 11.92 -29.51
C LEU I 251 21.02 11.37 -28.86
N ALA I 252 21.32 10.10 -29.08
CA ALA I 252 22.49 9.48 -28.47
C ALA I 252 23.77 10.06 -29.06
N GLY I 253 23.79 10.31 -30.38
CA GLY I 253 24.94 10.95 -30.97
C GLY I 253 25.15 12.36 -30.43
N MET I 254 24.07 13.14 -30.36
CA MET I 254 24.14 14.47 -29.80
C MET I 254 24.67 14.44 -28.38
N ALA I 255 24.27 13.43 -27.60
CA ALA I 255 24.69 13.36 -26.20
C ALA I 255 26.16 13.00 -26.07
N PHE I 256 26.59 11.92 -26.72
CA PHE I 256 27.96 11.47 -26.54
C PHE I 256 28.95 12.42 -27.20
N ASN I 257 28.56 13.09 -28.29
CA ASN I 257 29.46 14.04 -28.94
C ASN I 257 29.96 15.13 -28.01
N ASN I 258 29.16 15.54 -27.03
CA ASN I 258 29.51 16.66 -26.17
C ASN I 258 29.78 16.26 -24.73
N ALA I 259 29.51 15.02 -24.36
CA ALA I 259 29.82 14.47 -23.05
C ALA I 259 31.00 13.53 -23.02
N GLY I 260 31.23 12.77 -24.09
CA GLY I 260 32.25 11.75 -24.10
C GLY I 260 31.66 10.36 -23.95
N LEU I 261 32.48 9.37 -24.30
CA LEU I 261 32.06 7.98 -24.14
C LEU I 261 32.81 7.37 -22.97
N GLY I 262 33.26 6.12 -23.07
CA GLY I 262 33.96 5.47 -21.99
C GLY I 262 34.72 4.23 -22.42
N TYR I 263 34.83 3.26 -21.51
CA TYR I 263 35.66 2.09 -21.79
C TYR I 263 34.98 1.07 -22.68
N VAL I 264 33.65 1.12 -22.86
CA VAL I 264 33.01 0.24 -23.84
C VAL I 264 33.58 0.53 -25.22
N HIS I 265 33.58 1.80 -25.62
CA HIS I 265 34.12 2.17 -26.93
C HIS I 265 35.63 2.04 -26.96
N ALA I 266 36.30 2.36 -25.84
CA ALA I 266 37.75 2.24 -25.80
C ALA I 266 38.20 0.80 -26.07
N ILE I 267 37.51 -0.18 -25.48
CA ILE I 267 37.88 -1.56 -25.73
C ILE I 267 37.34 -2.05 -27.07
N ALA I 268 36.13 -1.61 -27.45
CA ALA I 268 35.55 -2.05 -28.70
C ALA I 268 36.39 -1.62 -29.89
N HIS I 269 37.02 -0.43 -29.83
CA HIS I 269 37.86 0.01 -30.94
C HIS I 269 39.05 -0.91 -31.12
N GLN I 270 39.52 -1.52 -30.03
CA GLN I 270 40.66 -2.41 -30.17
C GLN I 270 40.23 -3.78 -30.68
N LEU I 271 39.11 -4.32 -30.19
CA LEU I 271 38.67 -5.59 -30.75
C LEU I 271 38.27 -5.47 -32.23
N GLY I 272 37.71 -4.32 -32.63
CA GLY I 272 37.35 -4.13 -34.02
C GLY I 272 38.53 -3.84 -34.93
N GLY I 273 39.54 -3.12 -34.41
CA GLY I 273 40.77 -2.91 -35.18
C GLY I 273 41.61 -4.16 -35.30
N PHE I 274 41.48 -5.08 -34.34
CA PHE I 274 42.26 -6.32 -34.35
C PHE I 274 41.59 -7.42 -35.16
N TYR I 275 40.26 -7.54 -35.12
CA TYR I 275 39.56 -8.68 -35.72
C TYR I 275 38.49 -8.27 -36.72
N ASN I 276 38.35 -6.98 -37.00
CA ASN I 276 37.36 -6.43 -37.93
C ASN I 276 35.92 -6.82 -37.57
N PHE I 277 35.64 -6.98 -36.27
CA PHE I 277 34.30 -7.26 -35.80
C PHE I 277 33.37 -6.06 -36.04
N PRO I 278 32.07 -6.29 -36.16
CA PRO I 278 31.12 -5.18 -36.26
C PRO I 278 31.10 -4.35 -34.98
N HIS I 279 31.16 -3.02 -35.15
CA HIS I 279 31.25 -2.08 -34.03
C HIS I 279 30.13 -2.28 -33.01
N GLY I 280 28.89 -2.38 -33.50
CA GLY I 280 27.77 -2.52 -32.58
C GLY I 280 27.79 -3.83 -31.81
N VAL I 281 28.30 -4.90 -32.42
CA VAL I 281 28.40 -6.17 -31.71
C VAL I 281 29.46 -6.09 -30.62
N CYS I 282 30.59 -5.45 -30.90
CA CYS I 282 31.58 -5.26 -29.85
C CYS I 282 31.00 -4.48 -28.68
N ASN I 283 30.31 -3.38 -28.98
CA ASN I 283 29.69 -2.60 -27.92
C ASN I 283 28.66 -3.39 -27.14
N ALA I 284 27.84 -4.19 -27.83
CA ALA I 284 26.80 -4.94 -27.14
C ALA I 284 27.39 -6.03 -26.26
N VAL I 285 28.45 -6.68 -26.71
CA VAL I 285 29.08 -7.70 -25.89
C VAL I 285 29.75 -7.09 -24.67
N LEU I 286 30.37 -5.91 -24.84
CA LEU I 286 31.16 -5.35 -23.76
C LEU I 286 30.33 -4.58 -22.74
N LEU I 287 29.21 -3.99 -23.15
CA LEU I 287 28.42 -3.09 -22.31
C LEU I 287 28.16 -3.62 -20.90
N PRO I 288 27.61 -4.84 -20.71
CA PRO I 288 27.36 -5.30 -19.32
C PRO I 288 28.61 -5.39 -18.47
N TYR I 289 29.75 -5.81 -19.03
CA TYR I 289 30.95 -5.96 -18.21
C TYR I 289 31.52 -4.60 -17.81
N VAL I 290 31.50 -3.63 -18.72
CA VAL I 290 32.01 -2.32 -18.37
C VAL I 290 31.06 -1.61 -17.43
N CYS I 291 29.76 -1.84 -17.59
CA CYS I 291 28.79 -1.28 -16.64
C CYS I 291 29.01 -1.83 -15.24
N ARG I 292 29.20 -3.15 -15.13
CA ARG I 292 29.50 -3.66 -13.80
C ARG I 292 30.76 -3.03 -13.25
N PHE I 293 31.82 -2.92 -14.08
CA PHE I 293 33.04 -2.33 -13.56
C PHE I 293 32.79 -0.91 -13.05
N ASN I 294 31.94 -0.15 -13.75
CA ASN I 294 31.67 1.24 -13.39
C ASN I 294 30.64 1.41 -12.28
N LEU I 295 29.95 0.34 -11.88
CA LEU I 295 28.79 0.49 -11.00
C LEU I 295 29.07 1.35 -9.78
N ILE I 296 30.17 1.08 -9.08
CA ILE I 296 30.45 1.78 -7.83
C ILE I 296 30.74 3.26 -8.03
N SER I 297 31.02 3.71 -9.25
CA SER I 297 31.28 5.13 -9.46
C SER I 297 30.01 5.92 -9.75
N LYS I 298 28.99 5.28 -10.30
CA LYS I 298 27.75 5.94 -10.73
C LYS I 298 26.54 5.07 -10.44
N VAL I 299 26.40 4.61 -9.20
CA VAL I 299 25.35 3.64 -8.92
C VAL I 299 23.97 4.28 -9.04
N GLU I 300 23.88 5.55 -8.66
CA GLU I 300 22.60 6.24 -8.77
C GLU I 300 22.21 6.41 -10.22
N ARG I 301 23.18 6.70 -11.10
CA ARG I 301 22.82 6.90 -12.50
C ARG I 301 22.50 5.58 -13.19
N TYR I 302 23.14 4.49 -12.77
CA TYR I 302 22.75 3.20 -13.32
C TYR I 302 21.37 2.75 -12.82
N ALA I 303 21.00 3.09 -11.57
CA ALA I 303 19.63 2.82 -11.12
C ALA I 303 18.61 3.61 -11.93
N GLU I 304 18.94 4.87 -12.25
CA GLU I 304 18.03 5.61 -13.10
C GLU I 304 17.95 4.96 -14.48
N ILE I 305 19.08 4.44 -15.00
CA ILE I 305 19.05 3.77 -16.31
C ILE I 305 18.15 2.54 -16.24
N ALA I 306 18.16 1.83 -15.12
CA ALA I 306 17.28 0.67 -14.96
C ALA I 306 15.82 1.07 -15.12
N ALA I 307 15.46 2.23 -14.55
CA ALA I 307 14.10 2.68 -14.75
C ALA I 307 13.85 3.08 -16.21
N PHE I 308 14.81 3.77 -16.84
CA PHE I 308 14.69 4.12 -18.25
C PHE I 308 14.53 2.91 -19.15
N LEU I 309 15.06 1.77 -18.75
CA LEU I 309 14.97 0.58 -19.57
C LEU I 309 13.72 -0.22 -19.29
N GLY I 310 12.79 0.34 -18.50
CA GLY I 310 11.51 -0.27 -18.24
C GLY I 310 11.42 -1.14 -16.99
N GLU I 311 12.49 -1.24 -16.21
CA GLU I 311 12.52 -2.14 -15.06
C GLU I 311 11.76 -1.54 -13.88
N ASN I 312 11.18 -2.41 -13.05
CA ASN I 312 10.55 -1.96 -11.83
C ASN I 312 11.58 -1.96 -10.70
N VAL I 313 11.77 -0.83 -10.05
CA VAL I 313 12.80 -0.70 -9.03
C VAL I 313 12.19 -0.36 -7.68
N ASP I 314 10.87 -0.56 -7.54
CA ASP I 314 10.14 -0.20 -6.34
C ASP I 314 10.59 -1.07 -5.18
N GLY I 315 10.90 -0.43 -4.05
CA GLY I 315 11.29 -1.19 -2.87
C GLY I 315 12.69 -1.75 -2.90
N LEU I 316 13.56 -1.24 -3.79
CA LEU I 316 14.90 -1.76 -3.98
C LEU I 316 15.93 -0.73 -3.55
N SER I 317 17.05 -1.21 -3.04
CA SER I 317 18.16 -0.30 -2.80
C SER I 317 18.68 0.20 -4.15
N THR I 318 19.36 1.34 -4.13
CA THR I 318 19.96 1.85 -5.36
C THR I 318 20.87 0.81 -6.03
N TYR I 319 21.56 0.01 -5.24
CA TYR I 319 22.49 -0.97 -5.77
C TYR I 319 21.75 -2.06 -6.54
N ASP I 320 20.68 -2.58 -5.94
CA ASP I 320 19.91 -3.63 -6.60
C ASP I 320 19.27 -3.11 -7.88
N ALA I 321 18.90 -1.83 -7.89
CA ALA I 321 18.35 -1.24 -9.11
C ALA I 321 19.42 -1.15 -10.20
N ALA I 322 20.66 -0.81 -9.83
CA ALA I 322 21.70 -0.80 -10.85
C ALA I 322 21.93 -2.20 -11.42
N GLU I 323 21.81 -3.24 -10.59
CA GLU I 323 21.98 -4.55 -11.21
C GLU I 323 20.82 -4.93 -12.10
N LYS I 324 19.61 -4.50 -11.75
CA LYS I 324 18.53 -4.80 -12.69
C LYS I 324 18.77 -4.10 -14.02
N ALA I 325 19.51 -2.99 -13.99
CA ALA I 325 19.81 -2.31 -15.25
C ALA I 325 20.80 -3.10 -16.09
N ILE I 326 21.87 -3.61 -15.46
CA ILE I 326 22.80 -4.44 -16.22
C ILE I 326 22.14 -5.72 -16.73
N LYS I 327 21.33 -6.35 -15.89
CA LYS I 327 20.68 -7.59 -16.31
C LYS I 327 19.71 -7.31 -17.46
N ALA I 328 19.04 -6.15 -17.43
CA ALA I 328 18.12 -5.81 -18.50
C ALA I 328 18.87 -5.54 -19.80
N ILE I 329 20.06 -4.93 -19.72
CA ILE I 329 20.88 -4.74 -20.92
C ILE I 329 21.26 -6.08 -21.53
N GLU I 330 21.67 -7.04 -20.70
CA GLU I 330 22.04 -8.34 -21.26
C GLU I 330 20.82 -9.01 -21.89
N ARG I 331 19.64 -8.87 -21.27
CA ARG I 331 18.43 -9.49 -21.83
C ARG I 331 18.08 -8.88 -23.18
N MET I 332 18.20 -7.56 -23.33
CA MET I 332 17.91 -7.01 -24.65
C MET I 332 18.91 -7.55 -25.66
N ALA I 333 20.20 -7.60 -25.27
CA ALA I 333 21.21 -8.12 -26.19
C ALA I 333 20.94 -9.58 -26.54
N LYS I 334 20.45 -10.36 -25.58
CA LYS I 334 20.13 -11.76 -25.84
C LYS I 334 18.95 -11.88 -26.79
N ASP I 335 17.95 -11.01 -26.63
CA ASP I 335 16.77 -11.07 -27.49
C ASP I 335 17.05 -10.58 -28.90
N LEU I 336 18.14 -9.84 -29.11
CA LEU I 336 18.52 -9.35 -30.42
C LEU I 336 19.63 -10.19 -31.05
N ASN I 337 19.88 -11.39 -30.51
CA ASN I 337 20.82 -12.39 -31.02
C ASN I 337 22.23 -11.81 -31.11
N ILE I 338 22.64 -11.15 -30.03
CA ILE I 338 24.00 -10.64 -29.94
C ILE I 338 24.85 -11.75 -29.33
N PRO I 339 26.03 -12.03 -29.86
CA PRO I 339 26.90 -13.04 -29.23
C PRO I 339 27.10 -12.76 -27.74
N LYS I 340 27.24 -13.83 -26.96
CA LYS I 340 27.36 -13.67 -25.52
C LYS I 340 28.77 -13.23 -25.15
N GLY I 341 29.76 -13.65 -25.95
CA GLY I 341 31.16 -13.36 -25.74
C GLY I 341 31.92 -13.24 -27.05
N PHE I 342 33.24 -13.09 -26.94
CA PHE I 342 34.12 -12.82 -28.09
C PHE I 342 34.85 -14.02 -28.68
N LYS I 343 35.00 -15.13 -27.95
CA LYS I 343 35.77 -16.24 -28.50
C LYS I 343 35.08 -16.95 -29.65
N GLU I 344 33.75 -17.03 -29.69
CA GLU I 344 33.08 -17.63 -30.85
C GLU I 344 33.23 -16.83 -32.14
N LEU I 345 33.72 -15.60 -32.07
CA LEU I 345 33.86 -14.78 -33.25
C LEU I 345 35.29 -14.80 -33.78
N GLY I 346 36.25 -15.28 -32.99
CA GLY I 346 37.61 -15.44 -33.46
C GLY I 346 38.72 -14.80 -32.64
N ALA I 347 38.40 -14.28 -31.48
CA ALA I 347 39.44 -13.65 -30.67
C ALA I 347 40.34 -14.67 -29.96
N LYS I 348 41.59 -14.26 -29.74
CA LYS I 348 42.64 -15.11 -29.16
C LYS I 348 43.18 -14.37 -27.93
N GLU I 349 43.56 -15.19 -26.96
CA GLU I 349 44.10 -14.79 -25.67
C GLU I 349 45.44 -14.04 -25.71
N GLU I 350 46.34 -14.37 -26.64
CA GLU I 350 47.68 -13.76 -26.66
C GLU I 350 47.62 -12.27 -26.95
N ASP I 351 46.44 -11.78 -27.32
CA ASP I 351 46.28 -10.39 -27.66
C ASP I 351 45.64 -9.56 -26.56
N ILE I 352 45.00 -10.19 -25.56
CA ILE I 352 44.25 -9.38 -24.59
C ILE I 352 45.14 -8.28 -24.04
N GLU I 353 46.36 -8.64 -23.62
CA GLU I 353 47.22 -7.65 -22.99
C GLU I 353 47.50 -6.50 -23.95
N THR I 354 47.85 -6.79 -25.21
CA THR I 354 48.08 -5.70 -26.16
C THR I 354 46.82 -4.86 -26.32
N LEU I 355 45.68 -5.53 -26.47
CA LEU I 355 44.40 -4.85 -26.61
C LEU I 355 44.18 -3.89 -25.45
N ALA I 356 44.44 -4.36 -24.23
CA ALA I 356 44.19 -3.51 -23.08
C ALA I 356 45.05 -2.27 -23.10
N LYS I 357 46.33 -2.42 -23.47
CA LYS I 357 47.18 -1.24 -23.48
C LYS I 357 46.66 -0.22 -24.48
N ASN I 358 46.14 -0.70 -25.62
CA ASN I 358 45.63 0.26 -26.59
C ASN I 358 44.35 0.88 -26.09
N ALA I 359 43.54 0.11 -25.34
CA ALA I 359 42.30 0.67 -24.85
C ALA I 359 42.61 1.80 -23.87
N MET I 360 43.69 1.65 -23.10
CA MET I 360 44.05 2.68 -22.14
C MET I 360 44.60 3.91 -22.83
N LYS I 361 44.79 3.80 -24.14
CA LYS I 361 45.33 4.86 -24.97
C LYS I 361 44.27 5.55 -25.83
N ASP I 362 43.04 5.04 -25.90
CA ASP I 362 41.97 5.67 -26.65
C ASP I 362 41.48 6.94 -25.97
N ALA I 363 41.08 7.94 -26.76
CA ALA I 363 40.64 9.19 -26.15
C ALA I 363 39.33 9.01 -25.38
N CYS I 364 38.48 8.06 -25.80
CA CYS I 364 37.20 7.83 -25.13
C CYS I 364 37.34 7.41 -23.67
N ALA I 365 38.47 6.76 -23.33
CA ALA I 365 38.70 6.29 -21.97
C ALA I 365 38.85 7.45 -21.01
N LEU I 366 39.12 8.63 -21.53
CA LEU I 366 39.33 9.80 -20.68
C LEU I 366 38.06 10.15 -19.92
N THR I 367 36.89 9.78 -20.43
CA THR I 367 35.67 10.21 -19.75
C THR I 367 35.01 9.10 -18.93
N ASN I 368 35.60 7.91 -18.90
CA ASN I 368 35.05 6.82 -18.11
C ASN I 368 34.99 7.22 -16.63
N PRO I 369 33.88 6.92 -15.95
CA PRO I 369 33.73 7.36 -14.54
C PRO I 369 34.65 6.65 -13.55
N ARG I 370 35.04 5.41 -13.81
CA ARG I 370 35.98 4.66 -12.98
C ARG I 370 37.32 4.56 -13.68
N LYS I 371 38.40 4.93 -13.00
CA LYS I 371 39.73 4.93 -13.59
C LYS I 371 40.41 3.61 -13.28
N PRO I 372 40.63 2.73 -14.26
CA PRO I 372 41.16 1.40 -13.99
C PRO I 372 42.68 1.29 -14.11
N LYS I 373 43.19 0.15 -13.64
CA LYS I 373 44.58 -0.22 -13.81
C LYS I 373 44.61 -1.27 -14.91
N LEU I 374 45.76 -1.38 -15.59
CA LEU I 374 45.84 -2.30 -16.73
C LEU I 374 45.25 -3.67 -16.41
N GLU I 375 45.53 -4.18 -15.20
CA GLU I 375 44.99 -5.50 -14.86
C GLU I 375 43.46 -5.51 -14.96
N GLU I 376 42.82 -4.38 -14.66
CA GLU I 376 41.37 -4.34 -14.67
C GLU I 376 40.82 -4.36 -16.10
N VAL I 377 41.34 -3.46 -16.96
CA VAL I 377 41.01 -3.52 -18.39
C VAL I 377 41.23 -4.94 -18.95
N ILE I 378 42.31 -5.59 -18.53
CA ILE I 378 42.61 -6.94 -19.00
C ILE I 378 41.51 -7.88 -18.55
N GLN I 379 41.10 -7.77 -17.29
CA GLN I 379 40.03 -8.58 -16.73
C GLN I 379 38.69 -8.35 -17.44
N ILE I 380 38.40 -7.10 -17.81
CA ILE I 380 37.17 -6.84 -18.55
C ILE I 380 37.21 -7.61 -19.88
N ILE I 381 38.34 -7.55 -20.58
CA ILE I 381 38.44 -8.28 -21.86
C ILE I 381 38.33 -9.78 -21.64
N LYS I 382 38.92 -10.29 -20.55
CA LYS I 382 38.80 -11.72 -20.28
C LYS I 382 37.37 -12.11 -19.99
N ASN I 383 36.66 -11.27 -19.25
CA ASN I 383 35.25 -11.54 -18.97
C ASN I 383 34.43 -11.50 -20.25
N ALA I 384 34.84 -10.70 -21.24
CA ALA I 384 34.02 -10.75 -22.44
C ALA I 384 34.43 -11.91 -23.34
N MET I 385 35.47 -12.64 -22.95
CA MET I 385 35.92 -13.86 -23.64
C MET I 385 35.05 -15.09 -23.31
N LEU I 386 33.89 -14.95 -22.67
CA LEU I 386 32.87 -16.01 -22.65
C LEU I 386 31.62 -15.70 -23.48
N ASN J 3 3.84 17.29 -44.57
CA ASN J 3 4.76 16.18 -44.39
C ASN J 3 5.05 15.92 -42.92
N THR J 4 5.57 14.72 -42.60
CA THR J 4 6.01 14.47 -41.23
C THR J 4 7.49 14.82 -41.04
N GLN J 5 8.01 15.74 -41.87
CA GLN J 5 9.40 16.16 -41.89
C GLN J 5 9.63 17.22 -40.83
N SER J 6 10.85 17.26 -40.28
CA SER J 6 11.14 18.22 -39.21
C SER J 6 12.59 18.63 -39.29
N ALA J 7 12.95 19.67 -38.54
CA ALA J 7 14.32 20.17 -38.58
C ALA J 7 14.68 20.78 -37.24
N PHE J 8 15.98 20.70 -36.92
CA PHE J 8 16.59 21.27 -35.73
C PHE J 8 17.69 22.26 -36.12
N PHE J 9 17.56 23.49 -35.63
CA PHE J 9 18.44 24.62 -35.89
C PHE J 9 19.09 25.13 -34.60
N MET J 10 20.38 25.46 -34.65
CA MET J 10 21.17 26.00 -33.53
C MET J 10 22.55 26.41 -33.99
N PRO J 11 23.19 27.34 -33.29
CA PRO J 11 24.56 27.65 -33.64
C PRO J 11 25.45 26.41 -33.52
N SER J 12 26.46 26.34 -34.40
CA SER J 12 27.39 25.21 -34.45
C SER J 12 28.28 25.11 -33.21
N VAL J 13 28.59 26.24 -32.58
CA VAL J 13 29.43 26.28 -31.40
C VAL J 13 28.76 27.13 -30.33
N ASN J 14 28.59 26.56 -29.14
CA ASN J 14 27.92 27.19 -28.01
C ASN J 14 28.74 26.97 -26.74
N LEU J 15 29.24 28.05 -26.16
CA LEU J 15 30.10 27.98 -24.98
C LEU J 15 29.28 28.20 -23.71
N PHE J 16 29.58 27.40 -22.69
CA PHE J 16 28.90 27.48 -21.41
C PHE J 16 29.93 27.48 -20.29
N GLY J 17 29.49 27.95 -19.13
CA GLY J 17 30.30 27.83 -17.94
C GLY J 17 30.91 29.15 -17.53
N ALA J 18 31.32 29.21 -16.26
CA ALA J 18 31.92 30.42 -15.72
C ALA J 18 33.19 30.77 -16.48
N GLY J 19 33.24 31.99 -17.02
CA GLY J 19 34.42 32.45 -17.70
C GLY J 19 34.43 32.30 -19.22
N SER J 20 33.35 31.77 -19.81
CA SER J 20 33.36 31.52 -21.25
C SER J 20 33.50 32.82 -22.04
N VAL J 21 33.09 33.95 -21.45
CA VAL J 21 33.11 35.22 -22.18
C VAL J 21 34.52 35.61 -22.53
N ASN J 22 35.52 35.11 -21.79
CA ASN J 22 36.91 35.42 -22.05
C ASN J 22 37.39 34.88 -23.39
N GLU J 23 36.52 34.22 -24.16
CA GLU J 23 36.93 33.72 -25.46
C GLU J 23 36.38 34.55 -26.60
N VAL J 24 35.47 35.50 -26.31
CA VAL J 24 34.76 36.17 -27.39
C VAL J 24 35.74 36.81 -28.36
N GLY J 25 36.73 37.54 -27.83
CA GLY J 25 37.65 38.25 -28.70
C GLY J 25 38.39 37.29 -29.61
N THR J 26 38.97 36.24 -29.03
CA THR J 26 39.66 35.23 -29.80
C THR J 26 38.77 34.71 -30.91
N ARG J 27 37.53 34.38 -30.55
CA ARG J 27 36.61 33.79 -31.51
C ARG J 27 36.33 34.76 -32.64
N LEU J 28 36.07 36.04 -32.30
CA LEU J 28 35.85 37.02 -33.37
C LEU J 28 37.01 36.99 -34.36
N ALA J 29 38.25 36.96 -33.85
CA ALA J 29 39.39 36.97 -34.76
C ALA J 29 39.40 35.73 -35.62
N ASP J 30 38.92 34.61 -35.08
CA ASP J 30 38.94 33.37 -35.84
C ASP J 30 37.95 33.41 -37.00
N LEU J 31 36.94 34.29 -36.96
CA LEU J 31 36.02 34.37 -38.09
C LEU J 31 36.61 35.20 -39.21
N GLY J 32 37.60 36.04 -38.89
CA GLY J 32 38.24 36.89 -39.87
C GLY J 32 37.67 38.28 -39.98
N VAL J 33 36.88 38.70 -39.02
CA VAL J 33 36.25 40.00 -39.04
C VAL J 33 37.21 41.02 -38.41
N LYS J 34 36.95 42.27 -38.67
CA LYS J 34 37.75 43.44 -38.28
C LYS J 34 36.99 44.43 -37.43
N LYS J 35 35.73 44.72 -37.71
CA LYS J 35 35.13 45.67 -36.81
C LYS J 35 33.70 45.26 -36.50
N ALA J 36 33.40 45.16 -35.21
CA ALA J 36 32.10 44.72 -34.74
C ALA J 36 31.41 45.82 -33.96
N LEU J 37 30.11 45.93 -34.18
CA LEU J 37 29.23 46.77 -33.36
C LEU J 37 28.77 45.95 -32.16
N LEU J 38 29.13 46.43 -30.98
CA LEU J 38 28.75 45.83 -29.72
C LEU J 38 27.37 46.38 -29.37
N VAL J 39 26.34 45.57 -29.56
CA VAL J 39 24.96 45.96 -29.25
C VAL J 39 24.64 45.51 -27.84
N THR J 40 24.31 46.48 -26.98
CA THR J 40 23.95 46.20 -25.61
C THR J 40 22.92 47.23 -25.19
N ASP J 41 22.53 47.19 -23.93
CA ASP J 41 21.56 48.16 -23.40
C ASP J 41 22.29 49.18 -22.54
N ALA J 42 21.55 50.23 -22.17
CA ALA J 42 22.17 51.33 -21.44
C ALA J 42 22.58 50.94 -20.03
N GLY J 43 21.85 50.01 -19.41
CA GLY J 43 22.19 49.61 -18.05
C GLY J 43 23.55 48.92 -17.95
N LEU J 44 23.79 47.93 -18.82
CA LEU J 44 25.07 47.24 -18.77
C LEU J 44 26.22 48.12 -19.22
N HIS J 45 25.95 49.08 -20.12
CA HIS J 45 26.98 50.03 -20.52
C HIS J 45 27.37 50.95 -19.37
N GLY J 46 26.38 51.42 -18.61
CA GLY J 46 26.66 52.25 -17.44
C GLY J 46 27.30 51.50 -16.29
N LEU J 47 27.12 50.18 -16.22
CA LEU J 47 27.76 49.34 -15.22
C LEU J 47 29.19 48.98 -15.57
N GLY J 48 29.64 49.27 -16.78
CA GLY J 48 31.01 49.08 -17.21
C GLY J 48 31.26 47.80 -17.97
N LEU J 49 30.24 46.96 -18.11
CA LEU J 49 30.40 45.65 -18.73
C LEU J 49 30.81 45.79 -20.19
N SER J 50 30.30 46.85 -20.85
CA SER J 50 30.57 47.09 -22.26
C SER J 50 32.07 47.19 -22.51
N GLU J 51 32.82 47.90 -21.66
CA GLU J 51 34.25 48.00 -21.89
C GLU J 51 34.96 46.70 -21.61
N LYS J 52 34.58 45.96 -20.56
CA LYS J 52 35.27 44.69 -20.32
C LYS J 52 35.17 43.79 -21.55
N ILE J 53 33.98 43.69 -22.14
CA ILE J 53 33.91 42.80 -23.29
C ILE J 53 34.59 43.43 -24.50
N SER J 54 34.48 44.75 -24.68
CA SER J 54 35.14 45.40 -25.80
C SER J 54 36.66 45.26 -25.69
N SER J 55 37.21 45.35 -24.47
CA SER J 55 38.64 45.17 -24.25
C SER J 55 39.08 43.76 -24.63
N ILE J 56 38.34 42.73 -24.19
CA ILE J 56 38.69 41.38 -24.63
C ILE J 56 38.63 41.30 -26.16
N ILE J 57 37.66 41.96 -26.80
CA ILE J 57 37.57 41.86 -28.26
C ILE J 57 38.76 42.55 -28.93
N ARG J 58 39.12 43.76 -28.47
CA ARG J 58 40.24 44.48 -29.09
C ARG J 58 41.58 43.79 -28.84
N ALA J 59 41.73 43.10 -27.70
CA ALA J 59 42.98 42.39 -27.38
C ALA J 59 43.22 41.20 -28.30
N ALA J 60 42.36 40.99 -29.29
CA ALA J 60 42.49 39.96 -30.32
C ALA J 60 42.56 40.56 -31.70
N GLY J 61 42.70 41.88 -31.79
CA GLY J 61 42.87 42.57 -33.06
C GLY J 61 41.61 42.98 -33.78
N VAL J 62 40.46 42.99 -33.12
CA VAL J 62 39.20 43.42 -33.70
C VAL J 62 38.77 44.74 -33.09
N GLU J 63 38.29 45.67 -33.92
CA GLU J 63 37.83 46.95 -33.42
C GLU J 63 36.38 46.84 -32.97
N VAL J 64 36.01 47.70 -32.02
CA VAL J 64 34.70 47.69 -31.39
C VAL J 64 34.17 49.11 -31.34
N SER J 65 32.89 49.27 -31.68
CA SER J 65 32.15 50.50 -31.47
C SER J 65 30.92 50.14 -30.66
N ILE J 66 30.79 50.75 -29.48
CA ILE J 66 29.73 50.39 -28.54
C ILE J 66 28.44 51.12 -28.90
N PHE J 67 27.34 50.35 -28.98
CA PHE J 67 25.97 50.83 -29.17
C PHE J 67 25.02 50.50 -28.02
N PRO J 68 24.96 51.36 -26.99
CA PRO J 68 24.15 51.04 -25.81
C PRO J 68 22.69 51.50 -25.85
N LYS J 69 22.01 51.39 -27.00
CA LYS J 69 20.70 51.99 -27.18
C LYS J 69 19.59 50.97 -27.40
N ALA J 70 19.84 49.69 -27.09
CA ALA J 70 18.79 48.68 -27.20
C ALA J 70 17.91 48.76 -25.97
N GLU J 71 16.62 48.79 -26.20
CA GLU J 71 15.64 48.98 -25.15
C GLU J 71 14.87 47.73 -24.77
N PRO J 72 14.50 47.58 -23.52
CA PRO J 72 13.57 46.52 -23.15
C PRO J 72 12.32 46.63 -24.01
N ASN J 73 11.97 45.52 -24.66
CA ASN J 73 11.03 45.49 -25.78
C ASN J 73 11.67 46.31 -26.91
N PRO J 74 12.68 45.78 -27.61
CA PRO J 74 13.39 46.60 -28.60
C PRO J 74 12.45 47.04 -29.71
N THR J 75 12.72 48.22 -30.25
CA THR J 75 11.83 48.85 -31.23
C THR J 75 12.46 48.92 -32.61
N ASP J 76 11.59 49.14 -33.61
CA ASP J 76 12.06 49.35 -34.98
C ASP J 76 12.97 50.56 -35.10
N LYS J 77 12.70 51.62 -34.31
CA LYS J 77 13.55 52.80 -34.35
C LYS J 77 14.95 52.49 -33.83
N ASN J 78 15.03 51.67 -32.77
CA ASN J 78 16.33 51.21 -32.32
C ASN J 78 17.07 50.52 -33.45
N VAL J 79 16.36 49.70 -34.24
CA VAL J 79 17.04 48.95 -35.29
C VAL J 79 17.51 49.89 -36.39
N ALA J 80 16.69 50.88 -36.77
CA ALA J 80 17.13 51.82 -37.79
C ALA J 80 18.38 52.58 -37.31
N GLU J 81 18.36 53.09 -36.08
CA GLU J 81 19.51 53.78 -35.52
C GLU J 81 20.75 52.88 -35.44
N GLY J 82 20.53 51.61 -35.11
CA GLY J 82 21.64 50.68 -35.03
C GLY J 82 22.25 50.40 -36.37
N LEU J 83 21.41 50.24 -37.40
CA LEU J 83 21.91 50.04 -38.74
C LEU J 83 22.69 51.26 -39.21
N GLU J 84 22.19 52.45 -38.85
CA GLU J 84 22.88 53.69 -39.19
C GLU J 84 24.26 53.74 -38.57
N ALA J 85 24.37 53.39 -37.28
CA ALA J 85 25.68 53.37 -36.62
C ALA J 85 26.59 52.33 -37.27
N TYR J 86 26.08 51.09 -37.44
CA TYR J 86 26.80 50.02 -38.13
C TYR J 86 27.39 50.48 -39.45
N ASN J 87 26.64 51.27 -40.21
CA ASN J 87 27.09 51.73 -41.52
C ASN J 87 28.06 52.90 -41.39
N ALA J 88 27.81 53.81 -40.44
CA ALA J 88 28.69 54.97 -40.31
C ALA J 88 30.09 54.53 -39.89
N GLU J 89 30.19 53.51 -39.04
CA GLU J 89 31.47 53.03 -38.54
C GLU J 89 32.08 51.90 -39.35
N ASN J 90 31.56 51.58 -40.53
CA ASN J 90 32.16 50.55 -41.37
C ASN J 90 32.40 49.26 -40.57
N CYS J 91 31.34 48.75 -39.96
CA CYS J 91 31.45 47.50 -39.22
C CYS J 91 31.10 46.34 -40.14
N ASP J 92 31.77 45.21 -39.93
CA ASP J 92 31.44 44.03 -40.70
C ASP J 92 30.89 42.90 -39.85
N SER J 93 30.76 43.11 -38.53
CA SER J 93 30.17 42.08 -37.67
C SER J 93 29.45 42.74 -36.49
N ILE J 94 28.70 41.92 -35.75
CA ILE J 94 27.96 42.35 -34.58
C ILE J 94 28.21 41.39 -33.42
N VAL J 95 28.41 41.95 -32.23
CA VAL J 95 28.46 41.17 -31.01
C VAL J 95 27.38 41.73 -30.10
N THR J 96 26.44 40.87 -29.71
CA THR J 96 25.38 41.25 -28.77
C THR J 96 25.77 40.87 -27.36
N LEU J 97 25.55 41.80 -26.43
CA LEU J 97 25.85 41.61 -25.02
C LEU J 97 24.64 42.01 -24.19
N GLY J 98 24.02 41.06 -23.50
CA GLY J 98 22.88 41.39 -22.67
C GLY J 98 21.77 40.36 -22.67
N GLY J 99 20.53 40.82 -22.58
CA GLY J 99 19.39 39.94 -22.59
C GLY J 99 18.78 39.81 -23.96
N GLY J 100 17.52 39.35 -23.98
CA GLY J 100 16.86 39.09 -25.25
C GLY J 100 16.71 40.33 -26.10
N SER J 101 16.57 41.49 -25.46
CA SER J 101 16.41 42.74 -26.21
C SER J 101 17.66 43.02 -27.04
N SER J 102 18.84 42.81 -26.45
CA SER J 102 20.08 43.06 -27.18
C SER J 102 20.29 42.03 -28.27
N HIS J 103 19.97 40.76 -28.00
CA HIS J 103 20.12 39.73 -29.00
C HIS J 103 19.24 40.00 -30.21
N ASP J 104 17.98 40.36 -29.96
CA ASP J 104 17.05 40.56 -31.07
C ASP J 104 17.38 41.83 -31.85
N ALA J 105 17.78 42.91 -31.16
CA ALA J 105 18.24 44.09 -31.87
C ALA J 105 19.44 43.79 -32.76
N GLY J 106 20.44 43.11 -32.21
CA GLY J 106 21.62 42.75 -32.99
C GLY J 106 21.29 41.87 -34.17
N LYS J 107 20.41 40.89 -33.96
CA LYS J 107 20.01 40.03 -35.06
C LYS J 107 19.36 40.85 -36.17
N ALA J 108 18.52 41.81 -35.81
CA ALA J 108 17.83 42.60 -36.83
C ALA J 108 18.82 43.44 -37.63
N ILE J 109 19.74 44.13 -36.95
CA ILE J 109 20.75 44.89 -37.70
C ILE J 109 21.52 43.97 -38.62
N ALA J 110 21.91 42.79 -38.14
CA ALA J 110 22.72 41.89 -38.96
C ALA J 110 21.94 41.36 -40.16
N LEU J 111 20.64 41.12 -40.00
CA LEU J 111 19.79 40.65 -41.10
C LEU J 111 19.60 41.74 -42.16
N VAL J 112 19.27 42.97 -41.73
CA VAL J 112 19.03 44.06 -42.68
C VAL J 112 20.30 44.41 -43.46
N ALA J 113 21.48 44.27 -42.85
CA ALA J 113 22.71 44.56 -43.58
C ALA J 113 22.96 43.60 -44.74
N ALA J 114 22.23 42.47 -44.80
CA ALA J 114 22.36 41.46 -45.85
C ALA J 114 21.12 41.31 -46.72
N ASN J 115 19.97 41.83 -46.28
CA ASN J 115 18.67 41.72 -46.94
C ASN J 115 18.06 43.05 -47.38
N GLY J 116 18.60 44.19 -46.91
CA GLY J 116 18.13 45.52 -47.22
C GLY J 116 16.90 46.11 -46.55
N GLY J 117 15.67 45.87 -47.02
CA GLY J 117 14.40 46.35 -46.43
C GLY J 117 14.39 47.07 -45.09
N LYS J 118 13.36 46.83 -44.29
CA LYS J 118 13.27 47.40 -42.94
C LYS J 118 12.81 46.22 -42.09
N ILE J 119 13.09 46.22 -40.79
CA ILE J 119 12.73 45.06 -39.99
C ILE J 119 11.27 44.62 -40.16
N HIS J 120 10.34 45.56 -40.40
CA HIS J 120 8.92 45.22 -40.53
C HIS J 120 8.65 44.25 -41.67
N ASP J 121 9.37 44.40 -42.79
CA ASP J 121 9.12 43.55 -43.95
C ASP J 121 9.36 42.08 -43.60
N TYR J 122 10.06 41.79 -42.48
CA TYR J 122 10.40 40.42 -42.19
C TYR J 122 9.54 39.80 -41.06
N GLU J 123 8.47 40.47 -40.64
CA GLU J 123 7.54 39.89 -39.67
C GLU J 123 6.88 38.65 -40.28
N GLY J 124 6.99 37.50 -39.60
CA GLY J 124 6.46 36.26 -40.15
C GLY J 124 7.40 35.05 -40.11
N VAL J 125 7.30 34.15 -41.09
CA VAL J 125 8.03 32.87 -41.08
C VAL J 125 8.90 32.81 -42.33
N ASP J 126 10.22 32.70 -42.12
CA ASP J 126 11.23 32.47 -43.18
C ASP J 126 10.97 33.42 -44.35
N VAL J 127 10.78 34.67 -44.01
CA VAL J 127 10.48 35.75 -44.96
C VAL J 127 11.72 36.46 -45.51
N SER J 128 12.78 35.67 -45.78
CA SER J 128 14.02 36.31 -46.17
C SER J 128 14.88 35.28 -46.95
N LYS J 129 15.81 35.82 -47.76
CA LYS J 129 16.71 35.08 -48.64
C LYS J 129 18.15 35.02 -48.21
N GLU J 130 18.63 35.99 -47.44
CA GLU J 130 20.05 35.87 -47.25
C GLU J 130 20.42 35.73 -45.79
N PRO J 131 21.50 34.99 -45.51
CA PRO J 131 21.98 34.88 -44.13
C PRO J 131 22.52 36.22 -43.64
N MET J 132 22.46 36.40 -42.32
CA MET J 132 22.87 37.65 -41.70
C MET J 132 24.40 37.72 -41.57
N VAL J 133 24.91 38.90 -41.27
CA VAL J 133 26.35 39.09 -41.13
C VAL J 133 26.82 38.35 -39.87
N PRO J 134 28.09 37.95 -39.78
CA PRO J 134 28.57 37.23 -38.60
C PRO J 134 28.23 37.91 -37.28
N LEU J 135 27.75 37.11 -36.33
CA LEU J 135 27.29 37.55 -35.03
C LEU J 135 27.62 36.52 -33.95
N ILE J 136 28.21 36.99 -32.85
CA ILE J 136 28.43 36.21 -31.64
C ILE J 136 27.55 36.80 -30.54
N ALA J 137 26.78 35.95 -29.85
CA ALA J 137 25.82 36.39 -28.85
C ALA J 137 26.26 36.01 -27.44
N ILE J 138 26.39 37.00 -26.57
CA ILE J 138 26.76 36.81 -25.16
C ILE J 138 25.54 37.05 -24.28
N ASN J 139 25.05 35.99 -23.66
CA ASN J 139 23.79 36.03 -22.92
C ASN J 139 24.07 36.32 -21.44
N THR J 140 23.32 37.27 -20.86
CA THR J 140 23.50 37.69 -19.47
C THR J 140 22.23 37.56 -18.63
N THR J 141 21.13 37.08 -19.19
CA THR J 141 19.92 36.77 -18.45
C THR J 141 19.62 35.29 -18.55
N ALA J 142 18.91 34.75 -17.57
CA ALA J 142 18.58 33.35 -17.60
C ALA J 142 17.12 33.21 -18.05
N GLY J 143 16.96 33.60 -19.31
CA GLY J 143 15.72 33.48 -20.05
C GLY J 143 16.01 33.75 -21.51
N THR J 144 14.93 33.90 -22.27
CA THR J 144 14.80 34.06 -23.71
C THR J 144 15.48 32.97 -24.52
N GLY J 145 16.78 32.75 -24.29
CA GLY J 145 17.41 31.80 -25.17
C GLY J 145 17.75 32.32 -26.55
N SER J 146 17.53 33.62 -26.81
CA SER J 146 17.71 34.12 -28.17
C SER J 146 19.12 33.98 -28.70
N GLU J 147 20.13 33.82 -27.84
CA GLU J 147 21.47 33.57 -28.36
C GLU J 147 21.58 32.27 -29.17
N LEU J 148 20.53 31.43 -29.21
CA LEU J 148 20.58 30.17 -29.93
C LEU J 148 19.46 29.99 -30.94
N THR J 149 18.48 30.88 -30.97
CA THR J 149 17.23 30.69 -31.69
C THR J 149 17.26 31.45 -33.02
N LYS J 150 16.28 31.11 -33.87
CA LYS J 150 16.04 31.82 -35.10
C LYS J 150 14.87 32.81 -34.97
N PHE J 151 14.67 33.36 -33.77
CA PHE J 151 13.58 34.28 -33.46
C PHE J 151 14.16 35.64 -33.10
N THR J 152 13.60 36.71 -33.67
CA THR J 152 13.86 38.05 -33.19
C THR J 152 12.56 38.84 -33.08
N ILE J 153 12.29 39.36 -31.88
CA ILE J 153 11.05 40.06 -31.56
C ILE J 153 11.37 41.54 -31.50
N ILE J 154 10.95 42.27 -32.53
CA ILE J 154 11.18 43.71 -32.65
C ILE J 154 9.80 44.36 -32.57
N THR J 155 9.72 45.48 -31.85
CA THR J 155 8.43 46.12 -31.62
C THR J 155 8.11 47.10 -32.73
N ASP J 156 6.97 46.91 -33.37
CA ASP J 156 6.36 47.95 -34.20
C ASP J 156 5.69 48.95 -33.27
N THR J 157 6.29 50.13 -33.12
CA THR J 157 5.78 51.13 -32.19
C THR J 157 4.43 51.69 -32.63
N GLU J 158 4.12 51.63 -33.93
CA GLU J 158 2.84 52.18 -34.35
C GLU J 158 1.68 51.20 -34.25
N ARG J 159 1.80 49.94 -34.69
CA ARG J 159 0.67 49.09 -34.35
C ARG J 159 0.69 48.69 -32.88
N LYS J 160 1.79 49.02 -32.17
CA LYS J 160 2.00 48.64 -30.77
C LYS J 160 1.94 47.12 -30.59
N VAL J 161 2.67 46.42 -31.48
CA VAL J 161 2.68 44.97 -31.59
C VAL J 161 4.12 44.48 -31.63
N LYS J 162 4.48 43.56 -30.73
CA LYS J 162 5.80 42.92 -30.76
C LYS J 162 5.83 41.87 -31.86
N MET J 163 6.40 42.25 -33.01
CA MET J 163 6.50 41.41 -34.20
C MET J 163 7.51 40.28 -34.04
N ALA J 164 7.16 39.11 -34.55
CA ALA J 164 8.00 37.91 -34.48
C ALA J 164 8.58 37.58 -35.85
N ILE J 165 9.88 37.78 -36.04
CA ILE J 165 10.57 37.38 -37.28
C ILE J 165 11.24 36.05 -36.99
N VAL J 166 10.70 34.96 -37.56
CA VAL J 166 11.22 33.61 -37.39
C VAL J 166 11.84 33.18 -38.72
N ASP J 167 13.16 33.33 -38.84
CA ASP J 167 13.86 33.08 -40.10
C ASP J 167 15.17 32.37 -39.81
N LYS J 168 15.45 31.25 -40.52
CA LYS J 168 16.71 30.53 -40.28
C LYS J 168 17.92 31.42 -40.48
N HIS J 169 17.78 32.54 -41.14
CA HIS J 169 18.95 33.35 -41.44
C HIS J 169 19.41 34.20 -40.27
N VAL J 170 18.73 34.19 -39.12
CA VAL J 170 19.15 34.96 -37.96
C VAL J 170 19.68 34.09 -36.82
N THR J 171 19.95 32.81 -37.06
CA THR J 171 20.64 31.97 -36.08
C THR J 171 22.07 32.50 -35.87
N PRO J 172 22.44 32.88 -34.65
CA PRO J 172 23.79 33.41 -34.42
C PRO J 172 24.88 32.45 -34.87
N THR J 173 26.05 33.02 -35.19
CA THR J 173 27.17 32.20 -35.61
C THR J 173 27.73 31.40 -34.44
N LEU J 174 27.85 32.06 -33.29
CA LEU J 174 28.38 31.41 -32.10
C LEU J 174 27.69 32.03 -30.88
N SER J 175 27.52 31.23 -29.84
CA SER J 175 26.85 31.66 -28.62
C SER J 175 27.77 31.44 -27.42
N ILE J 176 27.66 32.35 -26.45
CA ILE J 176 28.39 32.31 -25.20
C ILE J 176 27.43 32.56 -24.04
N ASN J 177 27.37 31.61 -23.11
CA ASN J 177 26.49 31.66 -21.95
C ASN J 177 27.31 31.64 -20.65
N ASP J 178 27.83 32.80 -20.24
CA ASP J 178 28.68 32.89 -19.06
C ASP J 178 27.84 33.21 -17.83
N PRO J 179 27.67 32.26 -16.89
CA PRO J 179 26.83 32.54 -15.72
C PRO J 179 27.40 33.60 -14.81
N GLU J 180 28.68 33.93 -14.94
CA GLU J 180 29.24 34.98 -14.10
C GLU J 180 28.63 36.33 -14.45
N LEU J 181 28.13 36.48 -15.67
CA LEU J 181 27.48 37.70 -16.12
C LEU J 181 26.01 37.79 -15.72
N MET J 182 25.45 36.73 -15.12
CA MET J 182 24.04 36.70 -14.77
C MET J 182 23.83 36.94 -13.28
N VAL J 183 24.92 36.96 -12.51
CA VAL J 183 24.86 37.14 -11.06
C VAL J 183 24.25 38.49 -10.69
N GLY J 184 24.38 39.49 -11.56
CA GLY J 184 23.92 40.81 -11.22
C GLY J 184 22.45 41.07 -11.42
N MET J 185 21.70 40.11 -11.94
CA MET J 185 20.26 40.26 -12.10
C MET J 185 19.58 40.48 -10.76
N PRO J 186 18.83 41.58 -10.59
CA PRO J 186 18.02 41.79 -9.37
C PRO J 186 16.94 40.72 -9.26
N PRO J 187 16.36 40.49 -8.09
CA PRO J 187 15.40 39.38 -7.94
C PRO J 187 14.22 39.41 -8.93
N SER J 188 13.62 40.58 -9.19
CA SER J 188 12.49 40.63 -10.11
C SER J 188 12.90 40.24 -11.54
N LEU J 189 14.09 40.66 -11.96
CA LEU J 189 14.55 40.28 -13.29
C LEU J 189 14.85 38.78 -13.37
N THR J 190 15.47 38.21 -12.32
CA THR J 190 15.69 36.77 -12.26
C THR J 190 14.38 36.02 -12.39
N ALA J 191 13.36 36.47 -11.68
CA ALA J 191 12.07 35.80 -11.71
C ALA J 191 11.44 35.90 -13.10
N ALA J 192 11.47 37.10 -13.70
CA ALA J 192 10.81 37.28 -15.00
C ALA J 192 11.49 36.48 -16.09
N THR J 193 12.82 36.52 -16.16
CA THR J 193 13.51 35.74 -17.18
C THR J 193 13.35 34.23 -16.94
N GLY J 194 13.40 33.79 -15.68
CA GLY J 194 13.22 32.37 -15.41
C GLY J 194 11.83 31.89 -15.77
N LEU J 195 10.82 32.72 -15.51
CA LEU J 195 9.48 32.30 -15.86
C LEU J 195 9.25 32.40 -17.36
N ASP J 196 10.02 33.25 -18.05
CA ASP J 196 9.99 33.23 -19.50
C ASP J 196 10.62 31.94 -20.04
N ALA J 197 11.66 31.44 -19.38
CA ALA J 197 12.24 30.17 -19.81
C ALA J 197 11.29 29.02 -19.54
N LEU J 198 10.61 29.04 -18.38
CA LEU J 198 9.62 28.01 -18.08
C LEU J 198 8.48 28.05 -19.09
N THR J 199 8.03 29.25 -19.48
CA THR J 199 7.01 29.33 -20.50
C THR J 199 7.50 28.73 -21.82
N HIS J 200 8.76 28.99 -22.15
CA HIS J 200 9.32 28.41 -23.36
C HIS J 200 9.24 26.89 -23.31
N ALA J 201 9.66 26.31 -22.18
CA ALA J 201 9.68 24.85 -22.11
C ALA J 201 8.28 24.26 -22.13
N ILE J 202 7.32 24.88 -21.42
CA ILE J 202 5.98 24.32 -21.38
C ILE J 202 5.30 24.43 -22.75
N GLU J 203 5.38 25.61 -23.40
CA GLU J 203 4.76 25.75 -24.70
C GLU J 203 5.45 24.89 -25.75
N ALA J 204 6.75 24.67 -25.63
CA ALA J 204 7.42 23.75 -26.55
C ALA J 204 6.96 22.32 -26.31
N TYR J 205 6.73 21.95 -25.04
CA TYR J 205 6.30 20.59 -24.73
C TYR J 205 4.90 20.29 -25.22
N VAL J 206 3.99 21.26 -25.15
CA VAL J 206 2.62 21.01 -25.60
C VAL J 206 2.37 21.49 -27.01
N SER J 207 3.40 22.03 -27.67
CA SER J 207 3.23 22.55 -29.02
C SER J 207 2.95 21.42 -30.00
N THR J 208 2.20 21.78 -31.05
CA THR J 208 1.91 20.86 -32.14
C THR J 208 3.13 20.55 -32.99
N GLY J 209 4.22 21.31 -32.81
CA GLY J 209 5.43 21.05 -33.56
C GLY J 209 6.50 20.34 -32.77
N ALA J 210 6.11 19.73 -31.65
CA ALA J 210 7.05 18.99 -30.83
C ALA J 210 7.57 17.75 -31.54
N THR J 211 8.82 17.40 -31.26
CA THR J 211 9.49 16.21 -31.75
C THR J 211 10.09 15.52 -30.55
N PRO J 212 10.50 14.25 -30.70
CA PRO J 212 11.19 13.58 -29.57
C PRO J 212 12.40 14.33 -29.03
N ILE J 213 13.11 15.10 -29.87
CA ILE J 213 14.28 15.86 -29.43
C ILE J 213 13.89 17.05 -28.55
N THR J 214 12.97 17.87 -29.06
CA THR J 214 12.47 19.03 -28.30
C THR J 214 11.84 18.62 -26.98
N ASP J 215 11.16 17.47 -26.95
CA ASP J 215 10.58 17.00 -25.69
C ASP J 215 11.67 16.74 -24.66
N ALA J 216 12.74 16.04 -25.05
CA ALA J 216 13.82 15.76 -24.12
C ALA J 216 14.33 17.07 -23.50
N LEU J 217 14.59 18.06 -24.35
CA LEU J 217 15.16 19.31 -23.83
C LEU J 217 14.15 20.07 -22.96
N ALA J 218 12.87 20.09 -23.34
CA ALA J 218 11.88 20.84 -22.58
C ALA J 218 11.65 20.21 -21.21
N ILE J 219 11.60 18.88 -21.15
CA ILE J 219 11.42 18.22 -19.86
C ILE J 219 12.58 18.54 -18.93
N GLN J 220 13.82 18.44 -19.44
CA GLN J 220 14.93 18.76 -18.56
C GLN J 220 14.85 20.19 -18.07
N ALA J 221 14.49 21.10 -18.96
CA ALA J 221 14.41 22.51 -18.58
C ALA J 221 13.39 22.70 -17.46
N ILE J 222 12.21 22.10 -17.60
CA ILE J 222 11.16 22.26 -16.59
C ILE J 222 11.65 21.73 -15.25
N LYS J 223 12.27 20.55 -15.25
CA LYS J 223 12.73 19.97 -13.99
C LYS J 223 13.76 20.88 -13.33
N ILE J 224 14.66 21.46 -14.12
CA ILE J 224 15.68 22.30 -13.50
C ILE J 224 15.07 23.60 -12.97
N ILE J 225 14.15 24.20 -13.73
CA ILE J 225 13.56 25.46 -13.29
C ILE J 225 12.81 25.26 -11.99
N SER J 226 12.05 24.16 -11.89
CA SER J 226 11.27 23.88 -10.69
C SER J 226 12.13 23.84 -9.43
N LYS J 227 13.38 23.40 -9.56
CA LYS J 227 14.25 23.25 -8.40
C LYS J 227 15.08 24.50 -8.13
N TYR J 228 15.60 25.14 -9.18
CA TYR J 228 16.60 26.19 -9.02
C TYR J 228 16.12 27.63 -9.22
N LEU J 229 15.03 27.87 -9.94
CA LEU J 229 14.60 29.25 -10.12
C LEU J 229 14.27 29.95 -8.81
N PRO J 230 13.50 29.34 -7.90
CA PRO J 230 13.21 30.01 -6.62
C PRO J 230 14.48 30.30 -5.83
N ARG J 231 15.48 29.43 -5.96
CA ARG J 231 16.73 29.66 -5.24
C ARG J 231 17.48 30.86 -5.81
N ALA J 232 17.45 31.03 -7.14
CA ALA J 232 18.10 32.16 -7.79
C ALA J 232 17.36 33.46 -7.53
N VAL J 233 16.06 33.38 -7.33
CA VAL J 233 15.32 34.58 -6.99
C VAL J 233 15.58 34.98 -5.54
N ALA J 234 15.72 34.00 -4.64
CA ALA J 234 15.92 34.32 -3.24
C ALA J 234 17.33 34.80 -2.91
N ASN J 235 18.34 34.29 -3.63
CA ASN J 235 19.72 34.74 -3.42
C ASN J 235 20.45 34.69 -4.77
N GLY J 236 20.66 35.87 -5.34
CA GLY J 236 21.31 35.94 -6.65
C GLY J 236 22.78 35.59 -6.67
N LYS J 237 23.40 35.43 -5.49
CA LYS J 237 24.80 34.99 -5.39
C LYS J 237 24.93 33.50 -5.22
N ASP J 238 23.82 32.77 -5.23
CA ASP J 238 23.91 31.31 -5.25
C ASP J 238 24.40 30.89 -6.63
N ILE J 239 25.69 30.57 -6.70
CA ILE J 239 26.34 30.31 -7.97
C ILE J 239 25.79 29.02 -8.58
N GLU J 240 25.53 28.01 -7.75
CA GLU J 240 25.00 26.77 -8.29
C GLU J 240 23.65 27.01 -8.98
N ALA J 241 22.77 27.78 -8.33
CA ALA J 241 21.48 28.08 -8.91
C ALA J 241 21.65 28.86 -10.21
N ARG J 242 22.62 29.78 -10.26
CA ARG J 242 22.82 30.56 -11.47
C ARG J 242 23.28 29.68 -12.62
N GLU J 243 24.18 28.73 -12.35
CA GLU J 243 24.66 27.85 -13.41
C GLU J 243 23.55 26.94 -13.91
N GLN J 244 22.73 26.43 -12.98
CA GLN J 244 21.63 25.57 -13.38
C GLN J 244 20.60 26.36 -14.18
N MET J 245 20.37 27.62 -13.83
CA MET J 245 19.46 28.45 -14.63
C MET J 245 20.03 28.78 -16.00
N ALA J 246 21.35 28.92 -16.13
CA ALA J 246 21.89 29.12 -17.47
C ALA J 246 21.69 27.87 -18.33
N PHE J 247 21.92 26.70 -17.75
CA PHE J 247 21.63 25.46 -18.49
C PHE J 247 20.15 25.34 -18.84
N ALA J 248 19.27 25.66 -17.88
CA ALA J 248 17.84 25.52 -18.11
C ALA J 248 17.33 26.47 -19.18
N GLN J 249 17.79 27.74 -19.15
CA GLN J 249 17.40 28.69 -20.18
C GLN J 249 17.85 28.21 -21.55
N SER J 250 19.06 27.64 -21.63
CA SER J 250 19.52 27.17 -22.93
C SER J 250 18.72 25.96 -23.40
N LEU J 251 18.38 25.05 -22.47
CA LEU J 251 17.54 23.91 -22.84
C LEU J 251 16.20 24.39 -23.39
N ALA J 252 15.59 25.37 -22.70
CA ALA J 252 14.27 25.85 -23.12
C ALA J 252 14.34 26.57 -24.45
N GLY J 253 15.42 27.33 -24.70
CA GLY J 253 15.59 27.97 -25.99
C GLY J 253 15.72 26.96 -27.11
N MET J 254 16.59 25.97 -26.93
CA MET J 254 16.70 24.92 -27.93
C MET J 254 15.37 24.24 -28.18
N ALA J 255 14.56 24.07 -27.13
CA ALA J 255 13.29 23.35 -27.31
C ALA J 255 12.27 24.16 -28.11
N PHE J 256 11.99 25.40 -27.70
CA PHE J 256 10.94 26.15 -28.39
C PHE J 256 11.38 26.58 -29.78
N ASN J 257 12.68 26.86 -29.95
CA ASN J 257 13.20 27.26 -31.25
C ASN J 257 12.85 26.26 -32.34
N ASN J 258 12.79 24.98 -32.01
CA ASN J 258 12.60 23.95 -33.02
C ASN J 258 11.24 23.27 -32.93
N ALA J 259 10.44 23.60 -31.92
CA ALA J 259 9.10 23.04 -31.76
C ALA J 259 8.01 24.08 -31.98
N GLY J 260 8.17 25.28 -31.43
CA GLY J 260 7.17 26.31 -31.49
C GLY J 260 6.74 26.73 -30.10
N LEU J 261 5.99 27.84 -30.05
CA LEU J 261 5.45 28.30 -28.78
C LEU J 261 3.94 28.24 -28.81
N GLY J 262 3.25 29.23 -28.22
CA GLY J 262 1.80 29.21 -28.26
C GLY J 262 1.11 30.50 -27.89
N TYR J 263 -0.11 30.39 -27.37
CA TYR J 263 -0.90 31.59 -27.09
C TYR J 263 -0.42 32.38 -25.87
N VAL J 264 0.40 31.79 -25.00
CA VAL J 264 1.00 32.58 -23.93
C VAL J 264 1.82 33.68 -24.57
N HIS J 265 2.69 33.30 -25.51
CA HIS J 265 3.54 34.28 -26.16
C HIS J 265 2.73 35.17 -27.09
N ALA J 266 1.73 34.62 -27.78
CA ALA J 266 0.91 35.42 -28.69
C ALA J 266 0.20 36.54 -27.96
N ILE J 267 -0.30 36.28 -26.76
CA ILE J 267 -0.97 37.33 -26.00
C ILE J 267 0.05 38.22 -25.30
N ALA J 268 1.14 37.63 -24.81
CA ALA J 268 2.17 38.42 -24.12
C ALA J 268 2.80 39.45 -25.03
N HIS J 269 2.97 39.13 -26.33
CA HIS J 269 3.57 40.09 -27.24
C HIS J 269 2.68 41.31 -27.39
N GLN J 270 1.37 41.11 -27.27
CA GLN J 270 0.46 42.24 -27.39
C GLN J 270 0.42 43.04 -26.11
N LEU J 271 0.42 42.38 -24.95
CA LEU J 271 0.45 43.17 -23.73
C LEU J 271 1.75 43.95 -23.58
N GLY J 272 2.88 43.39 -24.04
CA GLY J 272 4.13 44.11 -23.97
C GLY J 272 4.32 45.18 -25.01
N GLY J 273 3.78 44.96 -26.22
CA GLY J 273 3.78 45.99 -27.24
C GLY J 273 2.81 47.12 -26.96
N PHE J 274 1.76 46.86 -26.19
CA PHE J 274 0.77 47.88 -25.88
C PHE J 274 1.15 48.70 -24.65
N TYR J 275 1.70 48.06 -23.63
CA TYR J 275 1.93 48.69 -22.34
C TYR J 275 3.38 48.64 -21.89
N ASN J 276 4.28 48.07 -22.70
CA ASN J 276 5.70 47.98 -22.39
C ASN J 276 5.97 47.26 -21.07
N PHE J 277 5.09 46.33 -20.72
CA PHE J 277 5.32 45.48 -19.56
C PHE J 277 6.52 44.57 -19.84
N PRO J 278 7.19 44.08 -18.81
CA PRO J 278 8.27 43.10 -19.01
C PRO J 278 7.75 41.80 -19.62
N HIS J 279 8.47 41.30 -20.63
CA HIS J 279 8.04 40.11 -21.35
C HIS J 279 7.79 38.93 -20.42
N GLY J 280 8.75 38.67 -19.52
CA GLY J 280 8.60 37.54 -18.64
C GLY J 280 7.46 37.69 -17.67
N VAL J 281 7.16 38.93 -17.26
CA VAL J 281 6.02 39.16 -16.38
C VAL J 281 4.71 38.89 -17.12
N CYS J 282 4.61 39.33 -18.38
CA CYS J 282 3.43 39.00 -19.16
C CYS J 282 3.25 37.49 -19.30
N ASN J 283 4.34 36.79 -19.62
CA ASN J 283 4.26 35.34 -19.75
C ASN J 283 3.84 34.69 -18.45
N ALA J 284 4.38 35.15 -17.31
CA ALA J 284 4.05 34.53 -16.04
C ALA J 284 2.59 34.78 -15.66
N VAL J 285 2.08 35.97 -15.96
CA VAL J 285 0.68 36.24 -15.66
C VAL J 285 -0.21 35.38 -16.55
N LEU J 286 0.18 35.21 -17.81
CA LEU J 286 -0.71 34.52 -18.73
C LEU J 286 -0.63 33.00 -18.65
N LEU J 287 0.53 32.45 -18.26
CA LEU J 287 0.77 31.00 -18.29
C LEU J 287 -0.35 30.13 -17.71
N PRO J 288 -0.82 30.35 -16.47
CA PRO J 288 -1.91 29.48 -15.95
C PRO J 288 -3.18 29.50 -16.78
N TYR J 289 -3.55 30.66 -17.33
CA TYR J 289 -4.82 30.78 -18.04
C TYR J 289 -4.75 30.09 -19.39
N VAL J 290 -3.62 30.20 -20.07
CA VAL J 290 -3.50 29.53 -21.36
C VAL J 290 -3.36 28.04 -21.13
N CYS J 291 -2.70 27.63 -20.05
CA CYS J 291 -2.64 26.20 -19.73
C CYS J 291 -4.03 25.64 -19.44
N ARG J 292 -4.83 26.37 -18.65
CA ARG J 292 -6.20 25.95 -18.40
C ARG J 292 -6.96 25.79 -19.69
N PHE J 293 -6.87 26.79 -20.58
CA PHE J 293 -7.57 26.69 -21.86
C PHE J 293 -7.06 25.52 -22.68
N ASN J 294 -5.76 25.24 -22.63
CA ASN J 294 -5.21 24.19 -23.47
C ASN J 294 -5.42 22.79 -22.92
N LEU J 295 -5.93 22.68 -21.68
CA LEU J 295 -5.90 21.40 -20.96
C LEU J 295 -6.46 20.24 -21.76
N ILE J 296 -7.65 20.43 -22.36
CA ILE J 296 -8.32 19.32 -23.04
C ILE J 296 -7.57 18.81 -24.27
N SER J 297 -6.61 19.56 -24.80
CA SER J 297 -5.87 19.10 -25.97
C SER J 297 -4.63 18.29 -25.65
N LYS J 298 -3.99 18.55 -24.50
CA LYS J 298 -2.73 17.91 -24.13
C LYS J 298 -2.74 17.56 -22.65
N VAL J 299 -3.80 16.88 -22.21
CA VAL J 299 -4.01 16.64 -20.78
C VAL J 299 -2.95 15.69 -20.22
N GLU J 300 -2.51 14.75 -21.05
CA GLU J 300 -1.50 13.78 -20.68
C GLU J 300 -0.17 14.46 -20.42
N ARG J 301 0.12 15.45 -21.26
CA ARG J 301 1.37 16.16 -21.15
C ARG J 301 1.34 17.17 -20.02
N TYR J 302 0.18 17.78 -19.75
CA TYR J 302 0.10 18.64 -18.58
C TYR J 302 0.19 17.85 -17.28
N ALA J 303 -0.33 16.62 -17.24
CA ALA J 303 -0.11 15.79 -16.06
C ALA J 303 1.38 15.47 -15.89
N GLU J 304 2.06 15.21 -17.01
CA GLU J 304 3.50 14.99 -16.92
C GLU J 304 4.20 16.27 -16.48
N ILE J 305 3.71 17.42 -16.94
CA ILE J 305 4.31 18.69 -16.54
C ILE J 305 4.17 18.84 -15.03
N ALA J 306 3.02 18.41 -14.51
CA ALA J 306 2.76 18.45 -13.07
C ALA J 306 3.78 17.65 -12.30
N ALA J 307 4.14 16.49 -12.84
CA ALA J 307 5.18 15.69 -12.20
C ALA J 307 6.56 16.37 -12.30
N PHE J 308 6.89 16.92 -13.47
CA PHE J 308 8.16 17.63 -13.60
C PHE J 308 8.25 18.80 -12.63
N LEU J 309 7.12 19.38 -12.26
CA LEU J 309 7.07 20.52 -11.35
C LEU J 309 7.05 20.10 -9.90
N GLY J 310 7.23 18.81 -9.62
CA GLY J 310 7.36 18.31 -8.27
C GLY J 310 6.09 17.85 -7.58
N GLU J 311 4.95 17.87 -8.26
CA GLU J 311 3.69 17.53 -7.63
C GLU J 311 3.51 16.03 -7.54
N ASN J 312 2.79 15.60 -6.52
CA ASN J 312 2.43 14.20 -6.38
C ASN J 312 1.14 13.91 -7.12
N VAL J 313 1.19 12.93 -8.01
CA VAL J 313 0.05 12.61 -8.86
C VAL J 313 -0.45 11.19 -8.56
N ASP J 314 -0.08 10.64 -7.41
CA ASP J 314 -0.42 9.26 -7.08
C ASP J 314 -1.92 9.11 -6.89
N GLY J 315 -2.51 8.13 -7.58
CA GLY J 315 -3.93 7.90 -7.36
C GLY J 315 -4.85 8.90 -8.00
N LEU J 316 -4.36 9.65 -8.98
CA LEU J 316 -5.14 10.71 -9.61
C LEU J 316 -5.41 10.37 -11.06
N SER J 317 -6.56 10.79 -11.53
CA SER J 317 -6.84 10.71 -12.95
C SER J 317 -5.91 11.65 -13.70
N THR J 318 -5.70 11.38 -14.98
CA THR J 318 -4.87 12.29 -15.78
C THR J 318 -5.39 13.71 -15.66
N TYR J 319 -6.71 13.87 -15.55
CA TYR J 319 -7.30 15.20 -15.45
C TYR J 319 -6.91 15.89 -14.15
N ASP J 320 -6.99 15.18 -13.01
CA ASP J 320 -6.63 15.80 -11.74
C ASP J 320 -5.14 16.13 -11.69
N ALA J 321 -4.29 15.31 -12.31
CA ALA J 321 -2.87 15.61 -12.36
C ALA J 321 -2.58 16.84 -13.23
N ALA J 322 -3.28 16.94 -14.35
CA ALA J 322 -3.13 18.10 -15.20
C ALA J 322 -3.60 19.36 -14.48
N GLU J 323 -4.61 19.25 -13.63
CA GLU J 323 -5.05 20.44 -12.91
C GLU J 323 -4.02 20.81 -11.85
N LYS J 324 -3.37 19.79 -11.28
CA LYS J 324 -2.31 20.00 -10.30
C LYS J 324 -1.12 20.73 -10.91
N ALA J 325 -0.92 20.61 -12.23
CA ALA J 325 0.19 21.35 -12.85
C ALA J 325 -0.10 22.84 -12.88
N ILE J 326 -1.31 23.21 -13.25
CA ILE J 326 -1.71 24.61 -13.23
C ILE J 326 -1.63 25.18 -11.82
N LYS J 327 -2.05 24.41 -10.82
CA LYS J 327 -1.92 24.96 -9.47
C LYS J 327 -0.46 25.14 -9.08
N ALA J 328 0.42 24.25 -9.56
CA ALA J 328 1.84 24.42 -9.23
C ALA J 328 2.41 25.65 -9.93
N ILE J 329 1.98 25.93 -11.17
CA ILE J 329 2.41 27.15 -11.85
C ILE J 329 1.93 28.38 -11.10
N GLU J 330 0.67 28.38 -10.65
CA GLU J 330 0.15 29.55 -9.94
C GLU J 330 0.89 29.74 -8.62
N ARG J 331 1.21 28.65 -7.92
CA ARG J 331 1.92 28.78 -6.65
C ARG J 331 3.33 29.31 -6.87
N MET J 332 4.01 28.83 -7.92
CA MET J 332 5.34 29.35 -8.20
C MET J 332 5.29 30.81 -8.53
N ALA J 333 4.33 31.20 -9.36
CA ALA J 333 4.17 32.59 -9.74
C ALA J 333 3.88 33.46 -8.52
N LYS J 334 3.12 32.92 -7.58
CA LYS J 334 2.80 33.65 -6.36
C LYS J 334 4.04 33.80 -5.50
N ASP J 335 4.89 32.76 -5.47
CA ASP J 335 6.10 32.74 -4.67
C ASP J 335 7.20 33.65 -5.18
N LEU J 336 7.20 34.03 -6.45
CA LEU J 336 8.21 34.91 -6.99
C LEU J 336 7.72 36.35 -7.10
N ASN J 337 6.65 36.69 -6.37
CA ASN J 337 6.13 38.05 -6.30
C ASN J 337 5.81 38.52 -7.71
N ILE J 338 5.17 37.65 -8.47
CA ILE J 338 4.70 37.97 -9.81
C ILE J 338 3.28 38.53 -9.69
N PRO J 339 2.95 39.66 -10.33
CA PRO J 339 1.58 40.20 -10.25
C PRO J 339 0.51 39.16 -10.61
N LYS J 340 -0.64 39.21 -9.93
CA LYS J 340 -1.73 38.25 -10.20
C LYS J 340 -2.42 38.51 -11.55
N GLY J 341 -2.51 39.78 -11.98
CA GLY J 341 -3.16 40.21 -13.20
C GLY J 341 -2.57 41.44 -13.86
N PHE J 342 -3.22 41.92 -14.91
CA PHE J 342 -2.67 43.03 -15.68
C PHE J 342 -3.25 44.39 -15.27
N LYS J 343 -4.42 44.40 -14.62
CA LYS J 343 -5.08 45.65 -14.25
C LYS J 343 -4.26 46.44 -13.24
N GLU J 344 -3.60 45.75 -12.31
CA GLU J 344 -2.78 46.41 -11.30
C GLU J 344 -1.56 47.10 -11.91
N LEU J 345 -1.15 46.74 -13.12
CA LEU J 345 -0.02 47.37 -13.80
C LEU J 345 -0.41 48.55 -14.68
N GLY J 346 -1.70 48.69 -15.00
CA GLY J 346 -2.14 49.86 -15.74
C GLY J 346 -2.95 49.50 -16.97
N ALA J 347 -3.26 48.23 -17.13
CA ALA J 347 -4.06 47.83 -18.27
C ALA J 347 -5.51 48.29 -18.10
N LYS J 348 -6.13 48.58 -19.21
CA LYS J 348 -7.46 49.16 -19.38
C LYS J 348 -8.33 48.18 -20.13
N GLU J 349 -9.57 48.15 -19.70
CA GLU J 349 -10.54 47.20 -20.20
C GLU J 349 -10.81 47.39 -21.68
N GLU J 350 -10.76 48.64 -22.11
CA GLU J 350 -11.10 49.09 -23.44
C GLU J 350 -10.16 48.56 -24.51
N ASP J 351 -9.05 47.92 -24.12
CA ASP J 351 -8.11 47.40 -25.11
C ASP J 351 -8.21 45.90 -25.33
N ILE J 352 -8.93 45.15 -24.48
CA ILE J 352 -8.89 43.68 -24.60
C ILE J 352 -9.19 43.24 -26.03
N GLU J 353 -10.20 43.82 -26.68
CA GLU J 353 -10.53 43.34 -28.03
C GLU J 353 -9.37 43.43 -28.99
N THR J 354 -8.73 44.61 -29.04
CA THR J 354 -7.58 44.79 -29.92
C THR J 354 -6.45 43.87 -29.55
N LEU J 355 -6.17 43.77 -28.25
CA LEU J 355 -5.09 42.89 -27.80
C LEU J 355 -5.31 41.47 -28.31
N ALA J 356 -6.56 41.02 -28.18
CA ALA J 356 -6.92 39.67 -28.61
C ALA J 356 -6.79 39.55 -30.11
N LYS J 357 -7.23 40.61 -30.82
CA LYS J 357 -7.21 40.58 -32.27
C LYS J 357 -5.78 40.43 -32.76
N ASN J 358 -4.85 41.18 -32.13
CA ASN J 358 -3.45 41.10 -32.56
C ASN J 358 -2.86 39.75 -32.23
N ALA J 359 -3.34 39.16 -31.13
CA ALA J 359 -2.84 37.85 -30.74
C ALA J 359 -3.18 36.78 -31.77
N MET J 360 -4.31 36.88 -32.46
CA MET J 360 -4.57 35.81 -33.40
C MET J 360 -3.73 35.89 -34.67
N LYS J 361 -2.93 36.95 -34.84
CA LYS J 361 -2.10 37.11 -36.03
C LYS J 361 -0.63 36.81 -35.79
N ASP J 362 -0.22 36.62 -34.54
CA ASP J 362 1.15 36.30 -34.20
C ASP J 362 1.53 34.89 -34.64
N ALA J 363 2.80 34.72 -35.03
CA ALA J 363 3.27 33.44 -35.53
C ALA J 363 3.33 32.39 -34.43
N CYS J 364 3.53 32.81 -33.19
CA CYS J 364 3.57 31.87 -32.06
C CYS J 364 2.26 31.13 -31.91
N ALA J 365 1.14 31.69 -32.41
CA ALA J 365 -0.16 31.02 -32.30
C ALA J 365 -0.31 29.78 -33.18
N LEU J 366 0.47 29.61 -34.26
CA LEU J 366 0.22 28.44 -35.10
C LEU J 366 0.50 27.12 -34.41
N THR J 367 1.37 27.10 -33.40
CA THR J 367 1.73 25.81 -32.83
C THR J 367 1.00 25.52 -31.51
N ASN J 368 0.12 26.41 -31.07
CA ASN J 368 -0.69 26.12 -29.90
C ASN J 368 -1.56 24.89 -30.16
N PRO J 369 -1.65 23.97 -29.21
CA PRO J 369 -2.41 22.71 -29.44
C PRO J 369 -3.92 22.85 -29.58
N ARG J 370 -4.53 23.85 -28.95
CA ARG J 370 -5.96 24.11 -29.09
C ARG J 370 -6.14 25.33 -29.98
N LYS J 371 -6.98 25.20 -30.98
CA LYS J 371 -7.18 26.26 -31.94
C LYS J 371 -8.34 27.13 -31.46
N PRO J 372 -8.12 28.35 -31.04
CA PRO J 372 -9.19 29.10 -30.41
C PRO J 372 -10.02 29.94 -31.38
N LYS J 373 -11.10 30.48 -30.83
CA LYS J 373 -11.95 31.48 -31.41
C LYS J 373 -11.66 32.79 -30.70
N LEU J 374 -12.01 33.90 -31.35
CA LEU J 374 -11.72 35.21 -30.80
C LEU J 374 -12.21 35.44 -29.38
N GLU J 375 -13.46 35.04 -29.11
CA GLU J 375 -13.99 35.25 -27.78
C GLU J 375 -13.17 34.51 -26.73
N GLU J 376 -12.63 33.34 -27.09
CA GLU J 376 -11.91 32.59 -26.09
C GLU J 376 -10.58 33.28 -25.79
N VAL J 377 -9.95 33.87 -26.81
CA VAL J 377 -8.75 34.69 -26.57
C VAL J 377 -9.08 35.91 -25.71
N ILE J 378 -10.23 36.54 -25.99
CA ILE J 378 -10.69 37.68 -25.20
C ILE J 378 -10.93 37.27 -23.76
N GLN J 379 -11.53 36.10 -23.58
CA GLN J 379 -11.82 35.59 -22.24
C GLN J 379 -10.51 35.39 -21.48
N ILE J 380 -9.52 34.77 -22.14
CA ILE J 380 -8.21 34.58 -21.52
C ILE J 380 -7.66 35.91 -21.05
N ILE J 381 -7.82 36.97 -21.85
CA ILE J 381 -7.22 38.24 -21.44
C ILE J 381 -7.97 38.81 -20.23
N LYS J 382 -9.31 38.84 -20.26
CA LYS J 382 -10.03 39.31 -19.06
C LYS J 382 -9.66 38.48 -17.83
N ASN J 383 -9.48 37.18 -18.00
CA ASN J 383 -9.14 36.34 -16.87
C ASN J 383 -7.79 36.78 -16.35
N ALA J 384 -6.89 37.14 -17.24
CA ALA J 384 -5.58 37.55 -16.78
C ALA J 384 -5.63 39.00 -16.31
N MET J 385 -6.77 39.65 -16.46
CA MET J 385 -6.96 41.02 -15.99
C MET J 385 -7.15 41.02 -14.48
N LEU J 386 -8.17 40.29 -14.01
CA LEU J 386 -8.53 40.08 -12.59
C LEU J 386 -8.00 41.12 -11.59
MN MN K . 10.15 -22.85 35.37
NA NA L . 15.08 -23.94 39.29
MN MN M . -11.96 6.48 41.22
MN MN N . -41.61 -7.71 9.07
MN MN O . -20.56 -38.06 4.61
MN MN P . 41.08 3.18 13.32
MN MN Q . 19.34 32.69 20.29
MN MN R . -27.93 9.49 -31.24
MN MN S . -8.02 -21.79 -36.66
MN MN T . 29.89 3.97 -31.43
MN MN U . 9.77 34.54 -24.46
#